data_8GIZ
#
_entry.id   8GIZ
#
_cell.length_a   1.00
_cell.length_b   1.00
_cell.length_c   1.00
_cell.angle_alpha   90.00
_cell.angle_beta   90.00
_cell.angle_gamma   90.00
#
_symmetry.space_group_name_H-M   'P 1'
#
loop_
_entity.id
_entity.type
_entity.pdbx_description
1 polymer 'DNA polymerase III subunit delta'
2 polymer 'DNA polymerase III subunit tau'
3 polymer "DNA polymerase III subunit delta'"
4 polymer 'DNA polymerase III subunit psi'
5 polymer 'Beta sliding clamp'
6 non-polymer 'PHOSPHOTHIOPHOSPHORIC ACID-ADENYLATE ESTER'
7 non-polymer 'MAGNESIUM ION'
8 non-polymer 'ZINC ION'
#
loop_
_entity_poly.entity_id
_entity_poly.type
_entity_poly.pdbx_seq_one_letter_code
_entity_poly.pdbx_strand_id
1 'polypeptide(L)'
;MIRLYPEQLRAQLNEGLRAAYLLLGNDPLLLQESQDAVRQVAAAQGFEEHHTFSIDPNTDWNAIFSLCQAMSLFASRQTL
LLLLPENGPNAAINEQLLTLTGLLHDDLLLIVRGNKLSKAQENAAWFTALANRSVQVTCQTPEQAQLPRWVAARAKQLNL
ELDDAANQVLCYCYEGNLLALAQALERLSLLWPDGKLTLPRVEQAVNDAAHFTPFHWVDALLMGKSKRALHILQQLRLEG
SEPVILLRTLQRELLLLVNLKRQSAHTPLRALFDKHRVWQNRRGMMGEALNRLSQTQLRQAVQLLTRTELTLKQDYGQSV
WAELEGLSLLLCHKPLADVFIDG
;
A
2 'polypeptide(L)'
;MSYQVLARKWRPQTFADVVGQEHVLTALANGLSLGRIHHAYLFSGTRGVGKTSIARLLAKGLNCETGITATPCGVCDNCR
EIEQGRFVDLIEIDAASRTKVEDTRDLLDNVQYAPARGRFKVYLIDEVHMLSRHSFNALLKTLEEPPEHVKFLLATTDPQ
KLPVTILSRCLQFHLKALDVEQIRHQLEHILNEEHIAHEPRALQLLARAAEGSLRDALSLTDQAIASGDGQVSTQAVSAM
LGTLDDDQALSLVEAMVEANGERVMALINEAAARGIEWEALLVEMLGLLHRIAMVQLSPAALGNDMAAIELRMRELARTI
PPTDIQLYYQTLLIGRKELPYAPDRRMGVEMTLLRALAFHPRMPLPEPEVPRQSFAPVAPTAVMTPTQVPPQPQSAPQQA
PTVPLPETTSQVLAARQQLQRVQGATKAKKE
;
B,C,D
3 'polypeptide(L)'
;MRWYPWLRPDFEKLVASYQAGRGHHALLIQALPGMGDDALIYALSRYLLCQQPQGHKSCGHCRGCQLMQAGTHPDYYTLA
PEKGKNTLGVDAVREVTEKLNEHARLGGAKVVWVTDAALLTDAAANALLKTLEEPPAETWFFLATREPERLLATLRSRCR
LHYLAPPPEQYAVTWLSREVTMSQDALLAALRLSAGSPGAALALFQGDNWQARETLCQALAYSVPSGDWYSLLAALNHEQ
APARLHWLATLLMDALKRHHGAAQVTNVDVPGLVAELANHLSPSRLQAILGDVCHIREQLMSVTGINRELLITDLLLRIE
HYLQPGVVLPVPHL
;
E
4 'polypeptide(L)'
;MTSRRDWQLQQLGITQWSLRRPGALQGEIAIAIPAHVRLVMVANDLPALTDPLVSDVLRALTVSPDQVLQLTPEKIAMLP
QGSHCNSWRLGTDEPLSLEGAQVASPALTDLRANPTARAALWQQICTYEHDFFPRND
;
F
5 'polypeptide(L)'
;MKFTVEREHLLKPLQQVSGPLGGRPTLPILGNLLLQVADGTLSLTGTDLEMEMVARVALVQPHEPGATTVPARKFFDICR
GLPEGAEIAVQLEGERMLVRSGRSRFSLSTLPAADFPNLDDWQSEVEFTLPQATMKRLIEATQFSMAHQDVRYYLNGMLF
ETEGEELRTVATDGHRLAVCSMPIGQSLPSHSVIVPRKGVIELMRMLDGGDNPLRVQIGSNNIRAHVGDFIFTSKLVDGR
FPDYRRVLPKNPDKHLEAGCDLLKQAFARAAILSNEKFRGVRLYVSENQLKITANNPEQEEAEEILDVTYSGAEMEIGFN
VSYVLDVLNALKCENVRMMLTDSVSSVQIEDAASQSAAYVVMPMRL
;
H,I
#
loop_
_chem_comp.id
_chem_comp.type
_chem_comp.name
_chem_comp.formula
AGS non-polymer 'PHOSPHOTHIOPHOSPHORIC ACID-ADENYLATE ESTER' 'C10 H16 N5 O12 P3 S'
MG non-polymer 'MAGNESIUM ION' 'Mg 2'
ZN non-polymer 'ZINC ION' 'Zn 2'
#
# COMPACT_ATOMS: atom_id res chain seq x y z
N MET A 1 2.61 41.00 35.28
CA MET A 1 3.11 39.67 35.74
C MET A 1 2.05 38.94 36.54
N ILE A 2 0.78 39.20 36.22
CA ILE A 2 -0.34 38.73 37.02
C ILE A 2 -0.86 37.43 36.43
N ARG A 3 -0.86 36.37 37.22
CA ARG A 3 -1.44 35.09 36.81
C ARG A 3 -2.89 35.05 37.27
N LEU A 4 -3.81 34.88 36.32
CA LEU A 4 -5.24 34.94 36.57
C LEU A 4 -5.93 33.73 35.96
N TYR A 5 -7.25 33.69 36.08
CA TYR A 5 -8.08 32.63 35.54
C TYR A 5 -9.21 33.23 34.71
N PRO A 6 -9.72 32.49 33.72
CA PRO A 6 -10.78 33.07 32.87
C PRO A 6 -12.05 33.41 33.64
N GLU A 7 -12.31 32.74 34.76
CA GLU A 7 -13.53 33.02 35.52
C GLU A 7 -13.55 34.45 36.03
N GLN A 8 -12.42 34.94 36.51
CA GLN A 8 -12.30 36.29 37.06
C GLN A 8 -11.64 37.26 36.10
N LEU A 9 -11.48 36.89 34.84
CA LEU A 9 -10.82 37.78 33.88
C LEU A 9 -11.71 38.94 33.50
N ARG A 10 -13.04 38.78 33.58
CA ARG A 10 -13.94 39.86 33.21
C ARG A 10 -13.73 41.08 34.09
N ALA A 11 -13.58 40.87 35.40
CA ALA A 11 -13.32 41.99 36.30
C ALA A 11 -11.99 42.66 35.97
N GLN A 12 -10.97 41.86 35.67
CA GLN A 12 -9.66 42.44 35.34
C GLN A 12 -9.75 43.29 34.08
N LEU A 13 -10.50 42.84 33.07
CA LEU A 13 -10.70 43.64 31.88
C LEU A 13 -11.49 44.91 32.20
N ASN A 14 -12.53 44.79 33.03
CA ASN A 14 -13.38 45.93 33.33
C ASN A 14 -12.59 47.02 34.05
N GLU A 15 -11.76 46.65 35.03
CA GLU A 15 -11.00 47.65 35.75
C GLU A 15 -10.00 48.37 34.85
N GLY A 16 -9.59 47.75 33.76
CA GLY A 16 -8.69 48.38 32.81
C GLY A 16 -7.95 47.40 31.95
N LEU A 17 -7.84 47.69 30.65
CA LEU A 17 -7.14 46.81 29.73
C LEU A 17 -5.63 46.90 29.96
N ARG A 18 -4.93 45.83 29.59
CA ARG A 18 -3.49 45.73 29.75
C ARG A 18 -2.82 45.66 28.39
N ALA A 19 -1.56 46.10 28.35
CA ALA A 19 -0.84 46.17 27.08
C ALA A 19 -0.68 44.78 26.47
N ALA A 20 -0.33 43.78 27.29
CA ALA A 20 -0.01 42.45 26.82
C ALA A 20 -0.97 41.43 27.42
N TYR A 21 -1.45 40.52 26.59
CA TYR A 21 -2.28 39.40 27.01
C TYR A 21 -1.75 38.12 26.38
N LEU A 22 -1.88 37.01 27.10
CA LEU A 22 -1.49 35.71 26.59
C LEU A 22 -2.28 34.63 27.31
N LEU A 23 -2.94 33.78 26.55
CA LEU A 23 -3.75 32.69 27.08
C LEU A 23 -2.99 31.38 26.92
N LEU A 24 -2.63 30.76 28.05
CA LEU A 24 -1.85 29.54 28.06
C LEU A 24 -2.65 28.43 28.71
N GLY A 25 -2.72 27.29 28.07
CA GLY A 25 -3.44 26.15 28.59
C GLY A 25 -3.82 25.18 27.49
N ASN A 26 -4.68 24.23 27.87
CA ASN A 26 -5.14 23.20 26.95
C ASN A 26 -6.66 23.15 26.80
N ASP A 27 -7.41 23.77 27.71
CA ASP A 27 -8.86 23.72 27.65
C ASP A 27 -9.34 24.54 26.45
N PRO A 28 -10.10 23.97 25.50
CA PRO A 28 -10.52 24.77 24.35
C PRO A 28 -11.60 25.78 24.68
N LEU A 29 -12.62 25.38 25.44
CA LEU A 29 -13.72 26.29 25.75
C LEU A 29 -13.25 27.48 26.57
N LEU A 30 -12.42 27.24 27.58
CA LEU A 30 -11.94 28.34 28.41
C LEU A 30 -11.12 29.32 27.59
N LEU A 31 -10.22 28.81 26.75
CA LEU A 31 -9.43 29.68 25.89
C LEU A 31 -10.33 30.48 24.95
N GLN A 32 -11.31 29.81 24.34
CA GLN A 32 -12.18 30.50 23.39
C GLN A 32 -12.98 31.59 24.06
N GLU A 33 -13.55 31.31 25.23
CA GLU A 33 -14.37 32.31 25.90
C GLU A 33 -13.51 33.47 26.41
N SER A 34 -12.30 33.18 26.91
CA SER A 34 -11.41 34.25 27.32
C SER A 34 -11.04 35.14 26.14
N GLN A 35 -10.73 34.52 24.99
CA GLN A 35 -10.41 35.29 23.79
C GLN A 35 -11.59 36.15 23.38
N ASP A 36 -12.80 35.58 23.38
CA ASP A 36 -13.98 36.34 22.98
C ASP A 36 -14.24 37.50 23.92
N ALA A 37 -14.09 37.27 25.23
CA ALA A 37 -14.30 38.35 26.19
C ALA A 37 -13.29 39.47 26.00
N VAL A 38 -12.02 39.12 25.82
CA VAL A 38 -10.99 40.13 25.61
C VAL A 38 -11.27 40.91 24.33
N ARG A 39 -11.63 40.22 23.25
CA ARG A 39 -11.90 40.90 21.99
C ARG A 39 -13.11 41.81 22.11
N GLN A 40 -14.16 41.36 22.80
CA GLN A 40 -15.34 42.20 22.96
C GLN A 40 -15.03 43.44 23.80
N VAL A 41 -14.25 43.28 24.87
CA VAL A 41 -13.87 44.44 25.68
C VAL A 41 -13.04 45.41 24.86
N ALA A 42 -12.12 44.87 24.04
CA ALA A 42 -11.32 45.73 23.17
C ALA A 42 -12.20 46.49 22.18
N ALA A 43 -13.17 45.80 21.58
CA ALA A 43 -14.06 46.45 20.62
C ALA A 43 -14.87 47.54 21.31
N ALA A 44 -15.36 47.28 22.52
CA ALA A 44 -16.07 48.31 23.27
C ALA A 44 -15.15 49.49 23.56
N GLN A 45 -13.88 49.22 23.87
CA GLN A 45 -12.92 50.29 24.10
C GLN A 45 -12.70 51.12 22.84
N GLY A 46 -12.85 50.50 21.67
CA GLY A 46 -12.71 51.20 20.41
C GLY A 46 -11.67 50.61 19.47
N PHE A 47 -11.39 49.32 19.61
CA PHE A 47 -10.45 48.63 18.74
C PHE A 47 -11.24 47.85 17.69
N GLU A 48 -11.04 48.19 16.42
CA GLU A 48 -11.81 47.59 15.33
C GLU A 48 -11.05 46.51 14.57
N GLU A 49 -9.73 46.45 14.70
CA GLU A 49 -8.93 45.50 13.96
C GLU A 49 -8.63 44.28 14.83
N HIS A 50 -8.76 43.09 14.23
CA HIS A 50 -8.67 41.82 14.93
C HIS A 50 -7.76 40.86 14.17
N HIS A 51 -6.56 41.34 13.80
CA HIS A 51 -5.67 40.53 12.98
C HIS A 51 -5.26 39.27 13.73
N THR A 52 -5.22 38.15 12.99
CA THR A 52 -4.85 36.86 13.56
C THR A 52 -3.78 36.22 12.69
N PHE A 53 -2.77 35.63 13.34
CA PHE A 53 -1.68 34.97 12.64
C PHE A 53 -1.33 33.68 13.37
N SER A 54 -0.80 32.71 12.63
CA SER A 54 -0.35 31.44 13.17
C SER A 54 1.17 31.36 13.06
N ILE A 55 1.83 31.14 14.18
CA ILE A 55 3.30 31.05 14.19
C ILE A 55 3.71 29.73 13.59
N ASP A 56 4.60 29.79 12.59
CA ASP A 56 5.09 28.62 11.90
C ASP A 56 6.28 29.02 11.03
N PRO A 57 7.32 28.18 10.91
CA PRO A 57 8.46 28.56 10.07
C PRO A 57 8.08 28.87 8.63
N ASN A 58 7.07 28.18 8.09
CA ASN A 58 6.64 28.47 6.72
C ASN A 58 6.08 29.88 6.61
N THR A 59 5.32 30.32 7.61
CA THR A 59 4.71 31.63 7.58
C THR A 59 5.78 32.72 7.64
N ASP A 60 5.52 33.84 6.97
CA ASP A 60 6.44 34.97 6.94
C ASP A 60 6.16 35.89 8.11
N TRP A 61 6.92 36.99 8.18
CA TRP A 61 6.77 37.98 9.25
C TRP A 61 6.75 39.42 8.75
N ASN A 62 6.99 39.66 7.45
CA ASN A 62 6.99 41.02 6.95
C ASN A 62 5.63 41.68 7.12
N ALA A 63 4.56 40.93 6.85
CA ALA A 63 3.22 41.48 7.06
C ALA A 63 2.99 41.83 8.52
N ILE A 64 3.42 40.95 9.43
CA ILE A 64 3.25 41.22 10.86
C ILE A 64 3.99 42.48 11.26
N PHE A 65 5.25 42.62 10.80
CA PHE A 65 6.02 43.81 11.13
C PHE A 65 5.36 45.06 10.57
N SER A 66 4.90 45.01 9.31
CA SER A 66 4.28 46.18 8.71
C SER A 66 3.01 46.57 9.46
N LEU A 67 2.20 45.59 9.84
CA LEU A 67 0.95 45.90 10.54
C LEU A 67 1.21 46.39 11.96
N CYS A 68 2.26 45.90 12.62
CA CYS A 68 2.57 46.38 13.96
C CYS A 68 3.21 47.76 13.93
N GLN A 69 3.92 48.09 12.85
CA GLN A 69 4.50 49.42 12.68
C GLN A 69 3.59 50.39 11.94
N ALA A 70 2.38 49.97 11.59
CA ALA A 70 1.45 50.83 10.87
C ALA A 70 0.07 50.73 11.51
N MET A 71 -0.67 51.83 11.46
CA MET A 71 -2.03 51.88 11.98
C MET A 71 -2.98 51.31 10.93
N SER A 72 -4.28 51.54 11.11
CA SER A 72 -5.30 51.17 10.14
C SER A 72 -5.83 52.43 9.46
N LEU A 73 -6.11 52.32 8.17
CA LEU A 73 -6.56 53.49 7.42
C LEU A 73 -7.89 54.02 7.94
N PHE A 74 -8.82 53.11 8.26
CA PHE A 74 -10.14 53.48 8.75
C PHE A 74 -10.37 52.99 10.18
N ALA A 75 -9.30 52.84 10.96
CA ALA A 75 -9.40 52.43 12.35
C ALA A 75 -8.09 52.79 13.04
N SER A 76 -7.98 52.43 14.32
CA SER A 76 -6.78 52.71 15.08
C SER A 76 -6.68 51.74 16.24
N ARG A 77 -5.46 51.62 16.79
CA ARG A 77 -5.19 50.77 17.94
C ARG A 77 -5.59 49.32 17.64
N GLN A 78 -4.87 48.74 16.68
CA GLN A 78 -5.16 47.39 16.23
C GLN A 78 -4.98 46.39 17.36
N THR A 79 -5.43 45.16 17.10
CA THR A 79 -5.23 44.03 18.00
C THR A 79 -4.70 42.87 17.18
N LEU A 80 -3.68 42.18 17.69
CA LEU A 80 -3.03 41.08 16.98
C LEU A 80 -3.02 39.84 17.87
N LEU A 81 -3.43 38.72 17.28
CA LEU A 81 -3.46 37.43 17.94
C LEU A 81 -2.43 36.50 17.29
N LEU A 82 -1.69 35.78 18.13
CA LEU A 82 -0.67 34.85 17.69
C LEU A 82 -1.02 33.45 18.19
N LEU A 83 -1.14 32.51 17.27
CA LEU A 83 -1.46 31.12 17.60
C LEU A 83 -0.14 30.34 17.65
N LEU A 84 0.32 30.05 18.86
CA LEU A 84 1.58 29.34 19.02
C LEU A 84 1.45 27.91 18.50
N PRO A 85 2.53 27.31 18.02
CA PRO A 85 2.47 25.91 17.58
C PRO A 85 2.28 24.97 18.76
N GLU A 86 1.72 23.80 18.46
CA GLU A 86 1.38 22.86 19.52
C GLU A 86 2.63 22.39 20.28
N ASN A 87 3.72 22.10 19.56
CA ASN A 87 4.93 21.64 20.23
C ASN A 87 5.52 22.72 21.13
N GLY A 88 5.51 23.97 20.67
CA GLY A 88 6.02 25.09 21.44
C GLY A 88 7.04 25.89 20.67
N PRO A 89 7.36 27.09 21.16
CA PRO A 89 8.35 27.92 20.47
C PRO A 89 9.72 27.24 20.41
N ASN A 90 10.41 27.45 19.28
CA ASN A 90 11.79 27.03 19.10
C ASN A 90 12.68 28.26 19.03
N ALA A 91 13.97 28.04 18.75
CA ALA A 91 14.93 29.14 18.77
C ALA A 91 14.54 30.25 17.80
N ALA A 92 14.16 29.88 16.58
CA ALA A 92 13.72 30.88 15.61
C ALA A 92 12.47 31.61 16.10
N ILE A 93 11.53 30.86 16.68
CA ILE A 93 10.32 31.49 17.22
C ILE A 93 10.68 32.38 18.41
N ASN A 94 11.65 31.96 19.21
CA ASN A 94 12.10 32.82 20.32
C ASN A 94 12.67 34.13 19.80
N GLU A 95 13.49 34.06 18.75
CA GLU A 95 14.03 35.28 18.15
C GLU A 95 12.91 36.16 17.61
N GLN A 96 11.92 35.56 16.95
CA GLN A 96 10.81 36.33 16.42
C GLN A 96 10.02 36.98 17.54
N LEU A 97 9.78 36.27 18.64
CA LEU A 97 9.00 36.82 19.74
C LEU A 97 9.75 37.97 20.43
N LEU A 98 11.06 37.81 20.66
CA LEU A 98 11.80 38.91 21.27
C LEU A 98 11.89 40.11 20.32
N THR A 99 11.97 39.86 19.00
CA THR A 99 11.91 40.97 18.06
C THR A 99 10.57 41.69 18.15
N LEU A 100 9.47 40.94 18.22
CA LEU A 100 8.16 41.56 18.36
C LEU A 100 8.07 42.38 19.63
N THR A 101 8.60 41.84 20.74
CA THR A 101 8.61 42.59 21.99
C THR A 101 9.46 43.85 21.87
N GLY A 102 10.51 43.80 21.05
CA GLY A 102 11.37 44.97 20.91
C GLY A 102 10.65 46.18 20.36
N LEU A 103 9.88 45.97 19.29
CA LEU A 103 9.14 47.06 18.64
C LEU A 103 7.66 47.04 18.98
N LEU A 104 7.28 46.33 20.04
CA LEU A 104 5.87 46.32 20.46
C LEU A 104 5.42 47.73 20.81
N HIS A 105 4.20 48.07 20.38
CA HIS A 105 3.64 49.40 20.57
C HIS A 105 2.39 49.30 21.44
N ASP A 106 2.14 50.35 22.23
CA ASP A 106 1.03 50.33 23.17
C ASP A 106 -0.30 50.20 22.45
N ASP A 107 -0.46 50.89 21.32
CA ASP A 107 -1.73 50.86 20.61
C ASP A 107 -2.08 49.45 20.15
N LEU A 108 -1.08 48.61 19.90
CA LEU A 108 -1.32 47.22 19.54
C LEU A 108 -1.64 46.41 20.79
N LEU A 109 -2.73 45.62 20.72
CA LEU A 109 -3.14 44.75 21.81
C LEU A 109 -2.71 43.32 21.46
N LEU A 110 -1.76 42.79 22.22
CA LEU A 110 -1.17 41.49 21.92
C LEU A 110 -1.94 40.40 22.65
N ILE A 111 -2.33 39.36 21.90
CA ILE A 111 -2.96 38.17 22.46
C ILE A 111 -2.21 36.96 21.93
N VAL A 112 -1.97 35.98 22.80
CA VAL A 112 -1.25 34.77 22.45
C VAL A 112 -2.05 33.57 22.93
N ARG A 113 -2.25 32.60 22.03
CA ARG A 113 -2.99 31.38 22.36
C ARG A 113 -2.17 30.16 21.93
N GLY A 114 -2.16 29.15 22.79
CA GLY A 114 -1.43 27.94 22.50
C GLY A 114 -1.32 27.07 23.73
N ASN A 115 -0.67 25.92 23.54
CA ASN A 115 -0.47 24.99 24.64
C ASN A 115 0.40 25.64 25.72
N LYS A 116 0.13 25.27 26.97
CA LYS A 116 0.86 25.86 28.09
C LYS A 116 2.35 25.55 27.98
N LEU A 117 3.17 26.58 28.18
CA LEU A 117 4.61 26.43 28.06
C LEU A 117 5.16 25.64 29.24
N SER A 118 6.33 25.04 29.03
CA SER A 118 6.99 24.24 30.05
C SER A 118 7.92 25.12 30.88
N LYS A 119 8.52 24.53 31.92
CA LYS A 119 9.43 25.27 32.78
C LYS A 119 10.62 25.80 31.99
N ALA A 120 11.21 24.96 31.13
CA ALA A 120 12.32 25.42 30.31
C ALA A 120 11.87 26.52 29.36
N GLN A 121 10.69 26.37 28.77
CA GLN A 121 10.16 27.39 27.87
C GLN A 121 9.59 28.59 28.62
N GLU A 122 9.32 28.45 29.92
CA GLU A 122 8.75 29.55 30.68
C GLU A 122 9.70 30.74 30.73
N ASN A 123 10.98 30.48 30.99
CA ASN A 123 11.97 31.55 31.07
C ASN A 123 12.44 31.92 29.66
N ALA A 124 12.43 33.21 29.36
CA ALA A 124 12.86 33.70 28.06
C ALA A 124 13.00 35.21 28.13
N ALA A 125 13.73 35.75 27.15
CA ALA A 125 13.96 37.20 27.11
C ALA A 125 12.66 37.95 26.88
N TRP A 126 11.87 37.54 25.89
CA TRP A 126 10.62 38.23 25.62
C TRP A 126 9.64 38.09 26.78
N PHE A 127 9.61 36.91 27.40
CA PHE A 127 8.72 36.70 28.55
C PHE A 127 9.10 37.62 29.70
N THR A 128 10.39 37.71 30.01
CA THR A 128 10.84 38.61 31.07
C THR A 128 10.54 40.05 30.73
N ALA A 129 10.77 40.45 29.48
CA ALA A 129 10.49 41.83 29.09
C ALA A 129 9.00 42.16 29.22
N LEU A 130 8.13 41.24 28.81
CA LEU A 130 6.69 41.47 28.93
C LEU A 130 6.20 41.34 30.36
N ALA A 131 6.98 40.70 31.24
CA ALA A 131 6.53 40.49 32.61
C ALA A 131 6.15 41.81 33.29
N ASN A 132 6.78 42.92 32.90
CA ASN A 132 6.44 44.20 33.50
C ASN A 132 4.97 44.55 33.28
N ARG A 133 4.40 44.12 32.16
CA ARG A 133 3.02 44.44 31.81
C ARG A 133 2.30 43.22 31.24
N SER A 134 2.56 42.04 31.80
CA SER A 134 2.01 40.79 31.30
C SER A 134 0.99 40.24 32.28
N VAL A 135 -0.21 39.95 31.77
CA VAL A 135 -1.24 39.24 32.51
C VAL A 135 -1.50 37.93 31.78
N GLN A 136 -1.20 36.82 32.43
CA GLN A 136 -1.32 35.50 31.84
C GLN A 136 -2.48 34.76 32.49
N VAL A 137 -3.40 34.26 31.67
CA VAL A 137 -4.60 33.59 32.14
C VAL A 137 -4.39 32.09 31.97
N THR A 138 -4.26 31.38 33.10
CA THR A 138 -4.16 29.92 33.04
C THR A 138 -5.45 29.35 32.49
N CYS A 139 -5.32 28.41 31.55
CA CYS A 139 -6.45 27.87 30.80
C CYS A 139 -6.37 26.35 30.73
N GLN A 140 -6.05 25.72 31.86
CA GLN A 140 -5.98 24.26 31.90
C GLN A 140 -7.37 23.67 32.06
N THR A 141 -7.54 22.46 31.54
CA THR A 141 -8.82 21.76 31.68
C THR A 141 -8.95 21.21 33.10
N PRO A 142 -10.04 21.49 33.81
CA PRO A 142 -10.16 21.00 35.18
C PRO A 142 -10.17 19.48 35.24
N GLU A 143 -9.62 18.94 36.33
CA GLU A 143 -9.55 17.51 36.52
C GLU A 143 -10.95 16.94 36.75
N GLN A 144 -11.03 15.60 36.78
CA GLN A 144 -12.31 14.94 37.03
C GLN A 144 -12.90 15.38 38.37
N ALA A 145 -12.06 15.53 39.39
CA ALA A 145 -12.54 16.00 40.68
C ALA A 145 -13.06 17.43 40.58
N GLN A 146 -12.39 18.27 39.79
CA GLN A 146 -12.80 19.66 39.63
C GLN A 146 -13.94 19.83 38.62
N LEU A 147 -14.24 18.80 37.83
CA LEU A 147 -15.29 18.91 36.83
C LEU A 147 -16.67 19.17 37.44
N PRO A 148 -17.13 18.42 38.45
CA PRO A 148 -18.50 18.67 38.94
C PRO A 148 -18.71 20.09 39.45
N ARG A 149 -17.74 20.64 40.19
CA ARG A 149 -17.89 22.02 40.67
C ARG A 149 -17.93 23.00 39.49
N TRP A 150 -17.08 22.77 38.48
CA TRP A 150 -17.05 23.67 37.33
C TRP A 150 -18.38 23.65 36.59
N VAL A 151 -18.94 22.46 36.36
CA VAL A 151 -20.21 22.38 35.63
C VAL A 151 -21.34 22.94 36.48
N ALA A 152 -21.30 22.75 37.79
CA ALA A 152 -22.31 23.36 38.65
C ALA A 152 -22.27 24.88 38.58
N ALA A 153 -21.06 25.45 38.62
CA ALA A 153 -20.94 26.89 38.49
C ALA A 153 -21.42 27.37 37.13
N ARG A 154 -21.08 26.62 36.07
CA ARG A 154 -21.53 26.99 34.73
C ARG A 154 -23.05 27.00 34.64
N ALA A 155 -23.69 25.97 35.21
CA ALA A 155 -25.15 25.91 35.17
C ALA A 155 -25.77 27.03 35.99
N LYS A 156 -25.20 27.33 37.17
CA LYS A 156 -25.74 28.41 37.98
C LYS A 156 -25.62 29.75 37.27
N GLN A 157 -24.50 29.98 36.57
CA GLN A 157 -24.36 31.21 35.79
C GLN A 157 -25.42 31.29 34.70
N LEU A 158 -25.91 30.16 34.22
CA LEU A 158 -26.93 30.10 33.19
C LEU A 158 -28.34 30.07 33.77
N ASN A 159 -28.49 30.24 35.08
CA ASN A 159 -29.79 30.25 35.76
C ASN A 159 -30.52 28.92 35.61
N LEU A 160 -29.79 27.83 35.45
CA LEU A 160 -30.38 26.50 35.40
C LEU A 160 -30.31 25.85 36.79
N GLU A 161 -31.00 24.72 36.92
CA GLU A 161 -31.02 23.94 38.15
C GLU A 161 -30.58 22.52 37.83
N LEU A 162 -29.46 22.10 38.43
CA LEU A 162 -28.91 20.76 38.24
C LEU A 162 -28.85 20.05 39.58
N ASP A 163 -29.27 18.80 39.60
CA ASP A 163 -29.14 17.96 40.78
C ASP A 163 -27.86 17.13 40.68
N ASP A 164 -27.59 16.33 41.70
CA ASP A 164 -26.37 15.52 41.71
C ASP A 164 -26.35 14.55 40.54
N ALA A 165 -27.49 13.90 40.27
CA ALA A 165 -27.53 12.92 39.18
C ALA A 165 -27.24 13.58 37.84
N ALA A 166 -27.84 14.73 37.57
CA ALA A 166 -27.59 15.41 36.30
C ALA A 166 -26.14 15.85 36.18
N ASN A 167 -25.57 16.36 37.27
CA ASN A 167 -24.16 16.76 37.25
C ASN A 167 -23.27 15.56 36.94
N GLN A 168 -23.55 14.42 37.58
CA GLN A 168 -22.75 13.23 37.33
C GLN A 168 -22.89 12.76 35.88
N VAL A 169 -24.11 12.81 35.34
CA VAL A 169 -24.33 12.40 33.95
C VAL A 169 -23.55 13.31 33.01
N LEU A 170 -23.63 14.62 33.23
CA LEU A 170 -22.91 15.56 32.38
C LEU A 170 -21.40 15.33 32.46
N CYS A 171 -20.89 15.10 33.68
CA CYS A 171 -19.46 14.84 33.83
C CYS A 171 -19.06 13.57 33.09
N TYR A 172 -19.87 12.51 33.21
CA TYR A 172 -19.55 11.26 32.54
C TYR A 172 -19.56 11.40 31.02
N CYS A 173 -20.57 12.10 30.49
CA CYS A 173 -20.75 12.17 29.04
C CYS A 173 -19.73 13.08 28.37
N TYR A 174 -19.26 14.12 29.05
CA TYR A 174 -18.41 15.15 28.46
C TYR A 174 -17.17 15.38 29.31
N GLU A 175 -16.52 14.28 29.72
CA GLU A 175 -15.29 14.36 30.49
C GLU A 175 -14.16 14.79 29.56
N GLY A 176 -13.54 15.93 29.86
CA GLY A 176 -12.48 16.45 29.03
C GLY A 176 -12.94 17.12 27.75
N ASN A 177 -14.25 17.30 27.57
CA ASN A 177 -14.83 17.91 26.38
C ASN A 177 -15.75 19.06 26.80
N LEU A 178 -15.23 19.94 27.66
CA LEU A 178 -16.06 20.96 28.27
C LEU A 178 -16.77 21.83 27.24
N LEU A 179 -16.20 21.96 26.04
CA LEU A 179 -16.89 22.68 24.98
C LEU A 179 -18.21 22.02 24.64
N ALA A 180 -18.20 20.71 24.44
CA ALA A 180 -19.44 19.97 24.23
C ALA A 180 -20.34 20.03 25.45
N LEU A 181 -19.76 20.08 26.65
CA LEU A 181 -20.56 20.20 27.86
C LEU A 181 -21.34 21.51 27.87
N ALA A 182 -20.68 22.62 27.56
CA ALA A 182 -21.37 23.91 27.51
C ALA A 182 -22.40 23.94 26.41
N GLN A 183 -22.09 23.36 25.25
CA GLN A 183 -23.06 23.30 24.17
C GLN A 183 -24.29 22.50 24.60
N ALA A 184 -24.08 21.39 25.30
CA ALA A 184 -25.20 20.59 25.81
C ALA A 184 -26.01 21.36 26.83
N LEU A 185 -25.34 22.12 27.70
CA LEU A 185 -26.06 22.95 28.65
C LEU A 185 -26.94 23.96 27.93
N GLU A 186 -26.41 24.61 26.90
CA GLU A 186 -27.20 25.56 26.13
C GLU A 186 -28.38 24.87 25.47
N ARG A 187 -28.16 23.69 24.89
CA ARG A 187 -29.25 22.97 24.24
C ARG A 187 -30.33 22.60 25.23
N LEU A 188 -29.95 22.13 26.42
CA LEU A 188 -30.93 21.78 27.43
C LEU A 188 -31.69 23.01 27.91
N SER A 189 -30.99 24.14 28.06
CA SER A 189 -31.67 25.37 28.45
C SER A 189 -32.70 25.77 27.40
N LEU A 190 -32.35 25.66 26.12
CA LEU A 190 -33.32 25.97 25.07
C LEU A 190 -34.49 25.00 25.08
N LEU A 191 -34.22 23.72 25.29
CA LEU A 191 -35.29 22.72 25.23
C LEU A 191 -36.30 22.92 26.34
N TRP A 192 -35.84 23.20 27.56
CA TRP A 192 -36.70 23.33 28.74
C TRP A 192 -36.52 24.72 29.34
N PRO A 193 -37.33 25.70 28.94
CA PRO A 193 -37.17 27.05 29.50
C PRO A 193 -37.40 27.12 31.00
N ASP A 194 -38.09 26.14 31.60
CA ASP A 194 -38.38 26.20 33.03
C ASP A 194 -37.10 26.28 33.85
N GLY A 195 -36.01 25.68 33.36
CA GLY A 195 -34.74 25.73 34.04
C GLY A 195 -34.47 24.58 35.00
N LYS A 196 -35.47 23.75 35.28
CA LYS A 196 -35.30 22.59 36.15
C LYS A 196 -34.94 21.39 35.29
N LEU A 197 -33.72 20.90 35.44
CA LEU A 197 -33.19 19.79 34.65
C LEU A 197 -32.99 18.60 35.58
N THR A 198 -33.97 17.69 35.58
CA THR A 198 -33.88 16.47 36.38
C THR A 198 -33.13 15.39 35.60
N LEU A 199 -32.96 14.24 36.21
CA LEU A 199 -32.18 13.17 35.58
C LEU A 199 -32.78 12.73 34.26
N PRO A 200 -34.08 12.47 34.14
CA PRO A 200 -34.63 12.15 32.80
C PRO A 200 -34.39 13.24 31.78
N ARG A 201 -34.51 14.51 32.19
CA ARG A 201 -34.35 15.62 31.27
C ARG A 201 -32.97 15.60 30.63
N VAL A 202 -31.93 15.51 31.46
CA VAL A 202 -30.56 15.52 30.92
C VAL A 202 -30.27 14.22 30.18
N GLU A 203 -30.69 13.08 30.75
CA GLU A 203 -30.30 11.80 30.16
C GLU A 203 -30.95 11.56 28.80
N GLN A 204 -32.13 12.16 28.56
CA GLN A 204 -32.80 11.94 27.29
C GLN A 204 -32.25 12.83 26.17
N ALA A 205 -31.36 13.77 26.48
CA ALA A 205 -30.83 14.70 25.48
C ALA A 205 -29.33 14.91 25.67
N VAL A 206 -28.60 13.83 25.90
CA VAL A 206 -27.15 13.87 26.00
C VAL A 206 -26.56 12.71 25.20
N ASN A 207 -25.28 12.84 24.86
CA ASN A 207 -24.56 11.82 24.13
C ASN A 207 -23.15 11.69 24.71
N ASP A 208 -22.58 10.49 24.56
CA ASP A 208 -21.23 10.22 25.06
C ASP A 208 -20.23 10.77 24.05
N ALA A 209 -19.63 11.91 24.38
CA ALA A 209 -18.67 12.57 23.50
C ALA A 209 -17.44 13.02 24.28
N ALA A 210 -17.03 12.26 25.28
CA ALA A 210 -15.86 12.60 26.07
C ALA A 210 -14.58 12.31 25.29
N HIS A 211 -13.53 13.06 25.63
CA HIS A 211 -12.21 12.86 25.06
C HIS A 211 -11.21 12.63 26.19
N PHE A 212 -10.26 11.71 25.95
CA PHE A 212 -9.31 11.31 26.97
C PHE A 212 -7.92 11.21 26.36
N THR A 213 -6.97 10.82 27.20
CA THR A 213 -5.59 10.56 26.81
C THR A 213 -5.16 9.25 27.46
N PRO A 214 -4.13 8.59 26.91
CA PRO A 214 -3.69 7.33 27.51
C PRO A 214 -3.27 7.45 28.96
N PHE A 215 -2.74 8.60 29.37
CA PHE A 215 -2.41 8.80 30.77
C PHE A 215 -3.65 8.69 31.64
N HIS A 216 -4.78 9.22 31.16
CA HIS A 216 -6.03 9.08 31.90
C HIS A 216 -6.41 7.61 32.05
N TRP A 217 -6.21 6.82 31.00
CA TRP A 217 -6.53 5.40 31.10
C TRP A 217 -5.63 4.69 32.11
N VAL A 218 -4.33 5.01 32.09
CA VAL A 218 -3.43 4.39 33.06
C VAL A 218 -3.82 4.80 34.47
N ASP A 219 -4.19 6.07 34.66
CA ASP A 219 -4.65 6.52 35.97
C ASP A 219 -5.90 5.77 36.41
N ALA A 220 -6.84 5.57 35.48
CA ALA A 220 -8.05 4.82 35.81
C ALA A 220 -7.72 3.40 36.23
N LEU A 221 -6.81 2.75 35.51
CA LEU A 221 -6.42 1.40 35.89
C LEU A 221 -5.77 1.38 37.26
N LEU A 222 -4.92 2.38 37.55
CA LEU A 222 -4.30 2.46 38.87
C LEU A 222 -5.36 2.60 39.96
N MET A 223 -6.35 3.48 39.74
CA MET A 223 -7.41 3.63 40.72
C MET A 223 -8.22 2.35 40.86
N GLY A 224 -8.51 1.68 39.74
CA GLY A 224 -9.19 0.41 39.75
C GLY A 224 -10.66 0.44 39.43
N LYS A 225 -11.19 1.56 38.94
CA LYS A 225 -12.60 1.65 38.59
C LYS A 225 -12.80 1.05 37.19
N SER A 226 -13.45 -0.11 37.14
CA SER A 226 -13.60 -0.82 35.87
C SER A 226 -14.42 -0.02 34.87
N LYS A 227 -15.51 0.62 35.33
CA LYS A 227 -16.39 1.33 34.42
C LYS A 227 -15.64 2.46 33.71
N ARG A 228 -14.86 3.23 34.47
CA ARG A 228 -14.12 4.33 33.87
C ARG A 228 -13.08 3.82 32.89
N ALA A 229 -12.38 2.75 33.22
CA ALA A 229 -11.37 2.19 32.32
C ALA A 229 -12.01 1.73 31.02
N LEU A 230 -13.15 1.02 31.11
CA LEU A 230 -13.82 0.57 29.91
C LEU A 230 -14.32 1.75 29.08
N HIS A 231 -14.87 2.78 29.75
CA HIS A 231 -15.36 3.95 29.02
C HIS A 231 -14.23 4.66 28.29
N ILE A 232 -13.09 4.86 28.96
CA ILE A 232 -11.99 5.55 28.32
C ILE A 232 -11.41 4.72 27.18
N LEU A 233 -11.35 3.39 27.35
CA LEU A 233 -10.91 2.54 26.26
C LEU A 233 -11.85 2.65 25.06
N GLN A 234 -13.15 2.67 25.32
CA GLN A 234 -14.11 2.85 24.23
C GLN A 234 -13.90 4.17 23.53
N GLN A 235 -13.71 5.25 24.29
CA GLN A 235 -13.53 6.56 23.68
C GLN A 235 -12.26 6.60 22.83
N LEU A 236 -11.16 6.04 23.35
CA LEU A 236 -9.92 6.03 22.59
C LEU A 236 -10.06 5.18 21.32
N ARG A 237 -10.76 4.05 21.42
CA ARG A 237 -10.98 3.22 20.24
C ARG A 237 -11.79 3.97 19.19
N LEU A 238 -12.84 4.67 19.61
CA LEU A 238 -13.64 5.42 18.65
C LEU A 238 -12.86 6.60 18.07
N GLU A 239 -11.95 7.18 18.84
CA GLU A 239 -11.12 8.27 18.34
C GLU A 239 -10.09 7.81 17.32
N GLY A 240 -9.90 6.50 17.16
CA GLY A 240 -8.92 5.98 16.22
C GLY A 240 -7.50 5.94 16.73
N SER A 241 -7.27 6.22 18.01
CA SER A 241 -5.92 6.18 18.55
C SER A 241 -5.36 4.78 18.46
N GLU A 242 -4.11 4.68 17.99
CA GLU A 242 -3.47 3.39 17.85
C GLU A 242 -3.13 2.81 19.23
N PRO A 243 -3.15 1.48 19.37
CA PRO A 243 -2.90 0.88 20.68
C PRO A 243 -1.44 0.85 21.10
N VAL A 244 -0.51 1.20 20.21
CA VAL A 244 0.91 1.12 20.55
C VAL A 244 1.24 2.09 21.68
N ILE A 245 0.75 3.33 21.58
CA ILE A 245 1.04 4.32 22.61
C ILE A 245 0.40 3.93 23.93
N LEU A 246 -0.82 3.38 23.89
CA LEU A 246 -1.45 2.90 25.11
C LEU A 246 -0.62 1.80 25.74
N LEU A 247 -0.14 0.86 24.92
CA LEU A 247 0.66 -0.24 25.45
C LEU A 247 1.95 0.27 26.07
N ARG A 248 2.62 1.22 25.42
CA ARG A 248 3.86 1.76 25.97
C ARG A 248 3.60 2.50 27.29
N THR A 249 2.56 3.32 27.34
CA THR A 249 2.24 4.06 28.56
C THR A 249 1.92 3.10 29.70
N LEU A 250 1.13 2.06 29.40
CA LEU A 250 0.84 1.05 30.42
C LEU A 250 2.10 0.33 30.86
N GLN A 251 2.98 0.02 29.91
CA GLN A 251 4.19 -0.74 30.21
C GLN A 251 5.10 0.04 31.16
N ARG A 252 5.24 1.34 30.94
CA ARG A 252 6.11 2.13 31.81
C ARG A 252 5.67 2.02 33.27
N GLU A 253 4.38 2.27 33.52
CA GLU A 253 3.89 2.21 34.90
C GLU A 253 3.90 0.78 35.43
N LEU A 254 3.65 -0.21 34.58
CA LEU A 254 3.70 -1.60 35.03
C LEU A 254 5.10 -1.96 35.50
N LEU A 255 6.12 -1.59 34.72
CA LEU A 255 7.49 -1.87 35.13
C LEU A 255 7.85 -1.13 36.41
N LEU A 256 7.42 0.13 36.53
CA LEU A 256 7.67 0.88 37.76
C LEU A 256 7.05 0.18 38.96
N LEU A 257 5.79 -0.26 38.81
CA LEU A 257 5.11 -0.94 39.92
C LEU A 257 5.81 -2.25 40.26
N VAL A 258 6.22 -3.01 39.25
CA VAL A 258 6.89 -4.28 39.51
C VAL A 258 8.19 -4.04 40.27
N ASN A 259 8.97 -3.05 39.83
CA ASN A 259 10.24 -2.76 40.49
C ASN A 259 10.00 -2.32 41.93
N LEU A 260 9.03 -1.44 42.16
CA LEU A 260 8.74 -0.98 43.51
C LEU A 260 8.31 -2.14 44.40
N LYS A 261 7.40 -2.98 43.91
CA LYS A 261 6.90 -4.09 44.71
C LYS A 261 8.02 -5.06 45.06
N ARG A 262 8.89 -5.36 44.09
CA ARG A 262 9.94 -6.34 44.35
C ARG A 262 11.01 -5.77 45.27
N GLN A 263 11.33 -4.49 45.14
CA GLN A 263 12.37 -3.87 45.95
C GLN A 263 11.85 -3.26 47.24
N SER A 264 10.55 -3.35 47.51
CA SER A 264 9.96 -2.82 48.73
C SER A 264 9.95 -3.83 49.87
N ALA A 265 10.52 -5.02 49.67
CA ALA A 265 10.50 -6.04 50.72
C ALA A 265 11.26 -5.57 51.95
N HIS A 266 12.42 -4.94 51.76
CA HIS A 266 13.26 -4.50 52.86
C HIS A 266 13.76 -3.07 52.68
N THR A 267 13.05 -2.26 51.89
CA THR A 267 13.45 -0.88 51.65
C THR A 267 12.27 0.05 51.91
N PRO A 268 12.47 1.17 52.60
CA PRO A 268 11.37 2.11 52.80
C PRO A 268 10.85 2.65 51.48
N LEU A 269 9.53 2.87 51.42
CA LEU A 269 8.93 3.40 50.21
C LEU A 269 9.42 4.82 49.93
N ARG A 270 9.63 5.62 50.97
CA ARG A 270 10.02 7.01 50.77
C ARG A 270 11.34 7.12 50.04
N ALA A 271 12.33 6.29 50.42
CA ALA A 271 13.62 6.33 49.75
C ALA A 271 13.49 5.97 48.27
N LEU A 272 12.70 4.94 47.96
CA LEU A 272 12.51 4.54 46.58
C LEU A 272 11.84 5.66 45.78
N PHE A 273 10.81 6.29 46.35
CA PHE A 273 10.14 7.37 45.65
C PHE A 273 11.08 8.54 45.41
N ASP A 274 11.88 8.89 46.42
CA ASP A 274 12.83 9.98 46.25
C ASP A 274 13.86 9.66 45.17
N LYS A 275 14.38 8.43 45.17
CA LYS A 275 15.37 8.04 44.16
C LYS A 275 14.76 8.08 42.76
N HIS A 276 13.53 7.59 42.61
CA HIS A 276 12.90 7.55 41.29
C HIS A 276 12.44 8.92 40.82
N ARG A 277 12.36 9.91 41.70
CA ARG A 277 12.01 11.28 41.31
C ARG A 277 10.67 11.33 40.60
N VAL A 278 9.69 10.56 41.10
CA VAL A 278 8.36 10.52 40.50
C VAL A 278 7.56 11.73 40.97
N TRP A 279 6.43 11.99 40.32
CA TRP A 279 5.61 13.14 40.67
C TRP A 279 5.14 13.04 42.12
N GLN A 280 5.19 14.17 42.82
CA GLN A 280 4.77 14.18 44.22
C GLN A 280 3.29 13.83 44.35
N ASN A 281 2.46 14.34 43.43
CA ASN A 281 1.03 14.03 43.48
C ASN A 281 0.75 12.55 43.26
N ARG A 282 1.68 11.82 42.64
CA ARG A 282 1.49 10.40 42.32
C ARG A 282 2.03 9.47 43.41
N ARG A 283 2.62 10.00 44.49
CA ARG A 283 3.15 9.13 45.54
C ARG A 283 2.04 8.31 46.18
N GLY A 284 0.95 8.98 46.60
CA GLY A 284 -0.16 8.26 47.20
C GLY A 284 -0.83 7.31 46.22
N MET A 285 -0.93 7.72 44.96
CA MET A 285 -1.53 6.85 43.95
C MET A 285 -0.70 5.58 43.76
N MET A 286 0.62 5.73 43.69
CA MET A 286 1.49 4.57 43.57
C MET A 286 1.40 3.68 44.80
N GLY A 287 1.33 4.28 45.99
CA GLY A 287 1.15 3.47 47.19
C GLY A 287 -0.15 2.69 47.17
N GLU A 288 -1.23 3.34 46.74
CA GLU A 288 -2.52 2.65 46.66
C GLU A 288 -2.47 1.52 45.64
N ALA A 289 -1.85 1.75 44.49
CA ALA A 289 -1.72 0.70 43.49
C ALA A 289 -0.91 -0.47 44.03
N LEU A 290 0.19 -0.16 44.74
CA LEU A 290 1.05 -1.21 45.26
C LEU A 290 0.34 -2.05 46.32
N ASN A 291 -0.36 -1.40 47.25
CA ASN A 291 -1.04 -2.14 48.31
C ASN A 291 -2.36 -2.75 47.87
N ARG A 292 -2.88 -2.33 46.71
CA ARG A 292 -4.13 -2.90 46.21
C ARG A 292 -3.93 -4.29 45.62
N LEU A 293 -2.75 -4.56 45.05
CA LEU A 293 -2.46 -5.84 44.42
C LEU A 293 -1.12 -6.37 44.94
N SER A 294 -1.03 -7.69 45.03
CA SER A 294 0.16 -8.36 45.54
C SER A 294 0.96 -8.93 44.38
N GLN A 295 2.07 -9.59 44.72
CA GLN A 295 2.97 -10.12 43.69
C GLN A 295 2.31 -11.22 42.86
N THR A 296 1.22 -11.81 43.34
CA THR A 296 0.49 -12.75 42.50
C THR A 296 0.00 -12.08 41.24
N GLN A 297 -0.46 -10.84 41.34
CA GLN A 297 -0.66 -9.99 40.17
C GLN A 297 0.66 -9.31 39.84
N LEU A 298 0.65 -8.48 38.79
CA LEU A 298 1.83 -7.86 38.20
C LEU A 298 2.75 -8.88 37.53
N ARG A 299 2.38 -10.16 37.50
CA ARG A 299 3.10 -11.19 36.78
C ARG A 299 2.32 -11.67 35.56
N GLN A 300 1.06 -12.06 35.74
CA GLN A 300 0.21 -12.34 34.59
C GLN A 300 -0.06 -11.08 33.79
N ALA A 301 0.02 -9.90 34.42
CA ALA A 301 -0.17 -8.65 33.67
C ALA A 301 0.95 -8.44 32.66
N VAL A 302 2.20 -8.67 33.08
CA VAL A 302 3.33 -8.49 32.16
C VAL A 302 3.28 -9.50 31.03
N GLN A 303 2.98 -10.77 31.35
CA GLN A 303 2.86 -11.79 30.32
C GLN A 303 1.73 -11.46 29.37
N LEU A 304 0.61 -10.97 29.89
CA LEU A 304 -0.50 -10.56 29.04
C LEU A 304 -0.10 -9.41 28.12
N LEU A 305 0.65 -8.44 28.65
CA LEU A 305 1.11 -7.33 27.82
C LEU A 305 2.03 -7.82 26.70
N THR A 306 2.95 -8.73 27.02
CA THR A 306 3.83 -9.28 26.00
C THR A 306 3.03 -10.03 24.94
N ARG A 307 2.06 -10.83 25.36
CA ARG A 307 1.20 -11.53 24.40
C ARG A 307 0.45 -10.55 23.53
N THR A 308 -0.04 -9.46 24.12
CA THR A 308 -0.75 -8.44 23.35
C THR A 308 0.16 -7.83 22.29
N GLU A 309 1.38 -7.49 22.67
CA GLU A 309 2.31 -6.91 21.70
C GLU A 309 2.62 -7.89 20.58
N LEU A 310 2.84 -9.16 20.92
CA LEU A 310 3.13 -10.16 19.90
C LEU A 310 1.96 -10.32 18.94
N THR A 311 0.75 -10.51 19.48
CA THR A 311 -0.42 -10.65 18.63
C THR A 311 -0.71 -9.37 17.84
N LEU A 312 -0.21 -8.23 18.30
CA LEU A 312 -0.41 -6.98 17.58
C LEU A 312 0.51 -6.88 16.38
N LYS A 313 1.81 -6.99 16.60
CA LYS A 313 2.79 -6.72 15.55
C LYS A 313 3.31 -7.98 14.87
N GLN A 314 2.70 -9.14 15.12
CA GLN A 314 3.02 -10.36 14.39
C GLN A 314 1.81 -10.90 13.65
N ASP A 315 0.66 -11.03 14.31
CA ASP A 315 -0.55 -11.47 13.64
C ASP A 315 -1.27 -10.34 12.93
N TYR A 316 -1.07 -9.09 13.37
CA TYR A 316 -1.68 -7.92 12.74
C TYR A 316 -3.20 -8.05 12.69
N GLY A 317 -3.78 -8.52 13.80
CA GLY A 317 -5.22 -8.66 13.91
C GLY A 317 -5.88 -7.37 14.37
N GLN A 318 -7.18 -7.50 14.70
CA GLN A 318 -7.98 -6.37 15.15
C GLN A 318 -8.56 -6.58 16.54
N SER A 319 -8.21 -7.67 17.21
CA SER A 319 -8.70 -7.97 18.55
C SER A 319 -7.80 -7.38 19.64
N VAL A 320 -7.00 -6.37 19.31
CA VAL A 320 -6.10 -5.78 20.30
C VAL A 320 -6.90 -5.08 21.39
N TRP A 321 -8.02 -4.45 21.03
CA TRP A 321 -8.83 -3.75 22.02
C TRP A 321 -9.43 -4.72 23.04
N ALA A 322 -9.82 -5.91 22.60
CA ALA A 322 -10.33 -6.91 23.53
C ALA A 322 -9.26 -7.29 24.55
N GLU A 323 -8.03 -7.49 24.09
CA GLU A 323 -6.94 -7.80 25.02
C GLU A 323 -6.67 -6.63 25.95
N LEU A 324 -6.75 -5.40 25.43
CA LEU A 324 -6.52 -4.23 26.27
C LEU A 324 -7.56 -4.13 27.38
N GLU A 325 -8.84 -4.33 27.05
CA GLU A 325 -9.87 -4.26 28.09
C GLU A 325 -9.77 -5.44 29.04
N GLY A 326 -9.36 -6.61 28.56
CA GLY A 326 -9.11 -7.71 29.47
C GLY A 326 -8.01 -7.39 30.47
N LEU A 327 -6.92 -6.80 30.00
CA LEU A 327 -5.84 -6.39 30.90
C LEU A 327 -6.32 -5.30 31.85
N SER A 328 -7.15 -4.39 31.36
CA SER A 328 -7.72 -3.36 32.22
C SER A 328 -8.50 -3.97 33.38
N LEU A 329 -9.38 -4.93 33.07
CA LEU A 329 -10.13 -5.60 34.12
C LEU A 329 -9.21 -6.40 35.03
N LEU A 330 -8.14 -6.97 34.48
CA LEU A 330 -7.19 -7.71 35.31
C LEU A 330 -6.52 -6.80 36.33
N LEU A 331 -6.09 -5.61 35.91
CA LEU A 331 -5.40 -4.71 36.83
C LEU A 331 -6.30 -4.25 37.97
N CYS A 332 -7.61 -4.30 37.79
CA CYS A 332 -8.52 -4.01 38.89
C CYS A 332 -8.65 -5.21 39.82
N HIS A 333 -9.30 -5.00 40.96
CA HIS A 333 -9.51 -6.07 41.94
C HIS A 333 -10.56 -7.03 41.39
N LYS A 334 -10.13 -7.86 40.45
CA LYS A 334 -10.99 -8.81 39.77
C LYS A 334 -10.34 -10.19 39.78
N PRO A 335 -11.15 -11.28 39.70
CA PRO A 335 -10.56 -12.62 39.71
C PRO A 335 -9.64 -12.85 38.51
N LEU A 336 -10.18 -12.71 37.30
CA LEU A 336 -9.44 -12.84 36.05
C LEU A 336 -8.53 -14.08 36.08
N ALA A 337 -9.18 -15.24 36.06
CA ALA A 337 -8.47 -16.51 36.02
C ALA A 337 -7.35 -16.54 34.99
N ASP A 338 -7.44 -15.72 33.94
CA ASP A 338 -6.44 -15.53 32.90
C ASP A 338 -6.46 -16.67 31.87
N VAL A 339 -7.30 -17.68 32.06
CA VAL A 339 -7.42 -18.74 31.06
C VAL A 339 -7.98 -18.18 29.76
N PHE A 340 -8.94 -17.26 29.86
CA PHE A 340 -9.49 -16.62 28.67
C PHE A 340 -8.45 -15.76 27.99
N ILE A 341 -7.72 -14.96 28.77
CA ILE A 341 -6.77 -14.00 28.21
C ILE A 341 -5.46 -14.65 27.80
N ASP A 342 -5.24 -15.91 28.15
CA ASP A 342 -3.99 -16.61 27.83
C ASP A 342 -2.78 -15.86 28.39
N GLY A 343 -2.93 -15.33 29.60
CA GLY A 343 -1.86 -14.61 30.25
C GLY A 343 -0.61 -15.45 30.40
N SER B 2 -39.60 1.94 -13.15
CA SER B 2 -38.78 1.71 -11.96
C SER B 2 -39.60 1.95 -10.69
N TYR B 3 -40.61 2.80 -10.79
CA TYR B 3 -41.47 3.16 -9.66
C TYR B 3 -40.68 3.77 -8.51
N GLN B 4 -39.52 4.37 -8.82
CA GLN B 4 -38.68 4.97 -7.79
C GLN B 4 -38.30 3.95 -6.73
N VAL B 5 -37.68 4.41 -5.65
CA VAL B 5 -37.35 3.56 -4.51
C VAL B 5 -37.85 4.25 -3.25
N LEU B 6 -38.11 3.45 -2.22
CA LEU B 6 -38.73 3.98 -1.01
C LEU B 6 -37.85 5.01 -0.33
N ALA B 7 -36.55 4.76 -0.27
CA ALA B 7 -35.64 5.71 0.38
C ALA B 7 -35.67 7.06 -0.34
N ARG B 8 -35.65 7.04 -1.67
CA ARG B 8 -35.69 8.29 -2.42
C ARG B 8 -37.06 8.94 -2.35
N LYS B 9 -38.13 8.14 -2.54
CA LYS B 9 -39.48 8.71 -2.55
C LYS B 9 -39.84 9.31 -1.19
N TRP B 10 -39.50 8.61 -0.11
CA TRP B 10 -39.97 8.98 1.23
C TRP B 10 -38.93 9.79 2.00
N ARG B 11 -38.16 10.61 1.31
CA ARG B 11 -37.36 11.60 1.99
C ARG B 11 -38.30 12.59 2.69
N PRO B 12 -38.06 12.93 3.96
CA PRO B 12 -38.98 13.84 4.65
C PRO B 12 -38.88 15.25 4.11
N GLN B 13 -39.91 15.71 3.41
CA GLN B 13 -39.92 17.02 2.78
C GLN B 13 -40.42 18.12 3.72
N THR B 14 -40.82 17.79 4.94
CA THR B 14 -41.21 18.79 5.93
C THR B 14 -40.79 18.31 7.30
N PHE B 15 -40.64 19.26 8.22
CA PHE B 15 -40.26 18.91 9.59
C PHE B 15 -41.32 18.03 10.25
N ALA B 16 -42.59 18.22 9.90
CA ALA B 16 -43.66 17.48 10.56
C ALA B 16 -43.51 15.99 10.33
N ASP B 17 -43.07 15.57 9.14
CA ASP B 17 -42.98 14.17 8.77
C ASP B 17 -41.59 13.60 9.00
N VAL B 18 -40.89 14.07 10.03
CA VAL B 18 -39.59 13.55 10.42
C VAL B 18 -39.80 12.61 11.61
N VAL B 19 -39.33 11.38 11.48
CA VAL B 19 -39.50 10.37 12.51
C VAL B 19 -38.37 10.48 13.52
N GLY B 20 -38.73 10.58 14.80
CA GLY B 20 -37.72 10.66 15.83
C GLY B 20 -36.98 11.99 15.78
N GLN B 21 -35.84 12.02 16.48
CA GLN B 21 -35.01 13.22 16.54
C GLN B 21 -35.81 14.41 17.02
N GLU B 22 -36.66 14.20 18.03
CA GLU B 22 -37.56 15.25 18.49
C GLU B 22 -36.79 16.44 19.05
N HIS B 23 -35.71 16.18 19.79
CA HIS B 23 -34.95 17.28 20.38
C HIS B 23 -34.30 18.14 19.31
N VAL B 24 -33.68 17.51 18.31
CA VAL B 24 -33.06 18.28 17.23
C VAL B 24 -34.12 19.06 16.46
N LEU B 25 -35.26 18.42 16.18
CA LEU B 25 -36.32 19.09 15.46
C LEU B 25 -36.82 20.32 16.22
N THR B 26 -37.03 20.18 17.53
CA THR B 26 -37.49 21.30 18.32
C THR B 26 -36.46 22.42 18.37
N ALA B 27 -35.17 22.06 18.52
CA ALA B 27 -34.13 23.08 18.55
C ALA B 27 -34.08 23.84 17.23
N LEU B 28 -34.13 23.12 16.10
CA LEU B 28 -34.09 23.79 14.81
C LEU B 28 -35.33 24.66 14.61
N ALA B 29 -36.49 24.17 15.01
CA ALA B 29 -37.71 24.98 14.86
C ALA B 29 -37.63 26.24 15.68
N ASN B 30 -37.13 26.15 16.92
CA ASN B 30 -36.98 27.34 17.74
C ASN B 30 -35.99 28.32 17.13
N GLY B 31 -34.86 27.79 16.63
CA GLY B 31 -33.87 28.67 16.02
C GLY B 31 -34.41 29.38 14.80
N LEU B 32 -35.18 28.67 13.97
CA LEU B 32 -35.73 29.29 12.76
C LEU B 32 -36.82 30.31 13.11
N SER B 33 -37.66 29.99 14.10
CA SER B 33 -38.74 30.91 14.47
C SER B 33 -38.18 32.18 15.10
N LEU B 34 -37.26 32.03 16.06
CA LEU B 34 -36.71 33.19 16.75
C LEU B 34 -35.75 33.98 15.86
N GLY B 35 -35.34 33.45 14.72
CA GLY B 35 -34.44 34.15 13.83
C GLY B 35 -32.97 34.03 14.19
N ARG B 36 -32.64 33.31 15.27
CA ARG B 36 -31.25 33.13 15.67
C ARG B 36 -30.71 31.87 14.97
N ILE B 37 -29.75 32.07 14.07
CA ILE B 37 -29.14 30.99 13.31
C ILE B 37 -27.65 31.02 13.58
N HIS B 38 -27.10 29.87 13.96
CA HIS B 38 -25.67 29.78 14.21
C HIS B 38 -24.89 29.73 12.89
N HIS B 39 -23.59 30.00 13.00
CA HIS B 39 -22.74 30.02 11.81
C HIS B 39 -22.66 28.65 11.15
N ALA B 40 -22.52 27.59 11.95
CA ALA B 40 -22.35 26.25 11.42
C ALA B 40 -23.15 25.25 12.25
N TYR B 41 -23.64 24.21 11.58
CA TYR B 41 -24.39 23.14 12.20
C TYR B 41 -23.72 21.81 11.88
N LEU B 42 -23.69 20.91 12.88
CA LEU B 42 -23.04 19.62 12.77
C LEU B 42 -24.06 18.54 13.14
N PHE B 43 -24.56 17.82 12.14
CA PHE B 43 -25.45 16.71 12.35
C PHE B 43 -24.64 15.41 12.36
N SER B 44 -24.64 14.71 13.48
CA SER B 44 -23.88 13.48 13.65
C SER B 44 -24.80 12.36 14.12
N GLY B 45 -24.25 11.16 14.20
CA GLY B 45 -25.00 10.00 14.61
C GLY B 45 -24.56 8.74 13.88
N THR B 46 -25.52 8.02 13.32
CA THR B 46 -25.27 6.82 12.54
C THR B 46 -25.87 6.99 11.15
N ARG B 47 -25.83 5.92 10.36
CA ARG B 47 -26.36 5.97 9.01
C ARG B 47 -27.86 5.77 8.99
N GLY B 48 -28.52 6.40 8.02
CA GLY B 48 -29.94 6.22 7.84
C GLY B 48 -30.79 6.69 9.00
N VAL B 49 -30.48 7.86 9.56
CA VAL B 49 -31.27 8.42 10.64
C VAL B 49 -31.84 9.79 10.31
N GLY B 50 -31.36 10.47 9.27
CA GLY B 50 -31.95 11.71 8.83
C GLY B 50 -31.00 12.91 8.89
N LYS B 51 -29.69 12.65 9.00
CA LYS B 51 -28.74 13.76 9.04
C LYS B 51 -28.81 14.58 7.76
N THR B 52 -28.68 13.91 6.61
CA THR B 52 -28.79 14.61 5.33
C THR B 52 -30.20 15.15 5.13
N SER B 53 -31.22 14.37 5.50
CA SER B 53 -32.59 14.82 5.34
C SER B 53 -32.86 16.05 6.18
N ILE B 54 -32.42 16.05 7.44
CA ILE B 54 -32.64 17.20 8.31
C ILE B 54 -31.83 18.40 7.82
N ALA B 55 -30.62 18.16 7.32
CA ALA B 55 -29.82 19.27 6.79
C ALA B 55 -30.52 19.90 5.59
N ARG B 56 -31.07 19.09 4.69
CA ARG B 56 -31.78 19.63 3.54
C ARG B 56 -33.05 20.34 3.96
N LEU B 57 -33.75 19.82 4.97
CA LEU B 57 -34.92 20.51 5.50
C LEU B 57 -34.54 21.89 6.04
N LEU B 58 -33.44 21.95 6.80
CA LEU B 58 -32.98 23.24 7.31
C LEU B 58 -32.60 24.18 6.17
N ALA B 59 -31.95 23.65 5.14
CA ALA B 59 -31.56 24.49 4.01
C ALA B 59 -32.77 25.06 3.30
N LYS B 60 -33.79 24.23 3.05
CA LYS B 60 -34.96 24.71 2.32
C LYS B 60 -35.83 25.63 3.17
N GLY B 61 -35.85 25.41 4.50
CA GLY B 61 -36.57 26.33 5.37
C GLY B 61 -35.85 27.63 5.63
N LEU B 62 -34.53 27.66 5.45
CA LEU B 62 -33.76 28.88 5.67
C LEU B 62 -33.74 29.77 4.44
N ASN B 63 -33.93 29.19 3.25
CA ASN B 63 -33.93 29.94 2.00
C ASN B 63 -35.31 29.96 1.33
N CYS B 64 -36.36 29.65 2.08
CA CYS B 64 -37.70 29.63 1.52
C CYS B 64 -38.12 31.04 1.10
N GLU B 65 -38.93 31.11 0.05
CA GLU B 65 -39.41 32.40 -0.43
C GLU B 65 -40.18 33.16 0.65
N THR B 66 -40.89 32.43 1.51
CA THR B 66 -41.63 33.09 2.58
C THR B 66 -40.69 33.81 3.55
N GLY B 67 -39.58 33.17 3.90
CA GLY B 67 -38.61 33.72 4.82
C GLY B 67 -37.99 32.63 5.65
N ILE B 68 -37.37 33.02 6.75
CA ILE B 68 -36.75 32.06 7.66
C ILE B 68 -37.85 31.49 8.54
N THR B 69 -38.42 30.36 8.11
CA THR B 69 -39.54 29.74 8.79
C THR B 69 -39.21 28.28 9.12
N ALA B 70 -39.76 27.81 10.24
CA ALA B 70 -39.58 26.44 10.67
C ALA B 70 -40.52 25.46 9.97
N THR B 71 -41.47 25.97 9.17
CA THR B 71 -42.43 25.14 8.45
C THR B 71 -42.41 25.56 6.98
N PRO B 72 -41.41 25.11 6.22
CA PRO B 72 -41.33 25.52 4.82
C PRO B 72 -42.58 25.09 4.04
N CYS B 73 -42.98 25.94 3.09
CA CYS B 73 -44.20 25.68 2.33
C CYS B 73 -44.10 24.38 1.55
N GLY B 74 -42.96 24.13 0.92
CA GLY B 74 -42.79 22.96 0.08
C GLY B 74 -43.28 23.12 -1.34
N VAL B 75 -43.80 24.29 -1.71
CA VAL B 75 -44.35 24.51 -3.04
C VAL B 75 -43.69 25.68 -3.77
N CYS B 76 -42.92 26.51 -3.08
CA CYS B 76 -42.27 27.63 -3.74
C CYS B 76 -41.11 27.12 -4.60
N ASP B 77 -40.51 28.04 -5.36
CA ASP B 77 -39.42 27.66 -6.25
C ASP B 77 -38.24 27.09 -5.48
N ASN B 78 -37.86 27.73 -4.37
CA ASN B 78 -36.70 27.28 -3.62
C ASN B 78 -36.93 25.90 -3.01
N CYS B 79 -38.09 25.70 -2.38
CA CYS B 79 -38.38 24.41 -1.76
C CYS B 79 -38.43 23.30 -2.80
N ARG B 80 -39.10 23.55 -3.92
CA ARG B 80 -39.18 22.53 -4.97
C ARG B 80 -37.80 22.22 -5.54
N GLU B 81 -36.98 23.26 -5.76
CA GLU B 81 -35.65 23.03 -6.29
C GLU B 81 -34.80 22.22 -5.32
N ILE B 82 -34.90 22.52 -4.02
CA ILE B 82 -34.15 21.75 -3.02
C ILE B 82 -34.63 20.30 -3.02
N GLU B 83 -35.94 20.09 -3.08
CA GLU B 83 -36.46 18.72 -3.09
C GLU B 83 -35.97 17.96 -4.31
N GLN B 84 -35.94 18.62 -5.47
CA GLN B 84 -35.39 18.00 -6.67
C GLN B 84 -33.87 17.88 -6.63
N GLY B 85 -33.21 18.49 -5.64
CA GLY B 85 -31.77 18.40 -5.53
C GLY B 85 -31.02 19.08 -6.65
N ARG B 86 -31.48 20.25 -7.09
CA ARG B 86 -30.81 21.00 -8.15
C ARG B 86 -30.80 22.49 -7.86
N PHE B 87 -30.75 22.86 -6.57
CA PHE B 87 -30.70 24.27 -6.19
C PHE B 87 -29.26 24.76 -6.26
N VAL B 88 -29.06 25.88 -6.96
CA VAL B 88 -27.70 26.36 -7.23
C VAL B 88 -26.99 26.70 -5.92
N ASP B 89 -27.68 27.36 -4.99
CA ASP B 89 -27.03 27.78 -3.75
C ASP B 89 -26.83 26.62 -2.79
N LEU B 90 -27.60 25.54 -2.92
CA LEU B 90 -27.37 24.35 -2.11
C LEU B 90 -26.13 23.64 -2.61
N ILE B 91 -24.98 23.94 -2.01
CA ILE B 91 -23.69 23.44 -2.49
C ILE B 91 -23.36 22.22 -1.64
N GLU B 92 -23.69 21.05 -2.17
CA GLU B 92 -23.40 19.78 -1.51
C GLU B 92 -22.03 19.30 -1.95
N ILE B 93 -21.12 19.14 -0.99
CA ILE B 93 -19.77 18.69 -1.26
C ILE B 93 -19.43 17.55 -0.30
N ASP B 94 -18.46 16.73 -0.71
CA ASP B 94 -17.99 15.60 0.07
C ASP B 94 -16.50 15.75 0.34
N ALA B 95 -16.11 15.52 1.59
CA ALA B 95 -14.70 15.57 1.96
C ALA B 95 -13.90 14.43 1.34
N ALA B 96 -14.56 13.44 0.76
CA ALA B 96 -13.85 12.31 0.15
C ALA B 96 -12.90 12.80 -0.93
N SER B 97 -13.43 13.38 -2.01
CA SER B 97 -12.66 13.76 -3.17
C SER B 97 -12.32 15.24 -3.20
N ARG B 98 -12.51 15.95 -2.10
CA ARG B 98 -12.24 17.38 -2.03
C ARG B 98 -11.34 17.73 -0.85
N THR B 99 -10.47 16.80 -0.46
CA THR B 99 -9.45 17.07 0.55
C THR B 99 -8.20 17.71 -0.03
N LYS B 100 -8.12 17.86 -1.35
CA LYS B 100 -6.96 18.45 -1.97
C LYS B 100 -6.81 19.91 -1.57
N VAL B 101 -5.56 20.37 -1.53
CA VAL B 101 -5.31 21.77 -1.20
C VAL B 101 -5.94 22.69 -2.23
N GLU B 102 -5.82 22.34 -3.51
CA GLU B 102 -6.39 23.17 -4.57
C GLU B 102 -7.91 23.25 -4.44
N ASP B 103 -8.57 22.12 -4.20
CA ASP B 103 -10.03 22.12 -4.10
C ASP B 103 -10.50 22.91 -2.89
N THR B 104 -9.82 22.74 -1.74
CA THR B 104 -10.19 23.50 -0.56
C THR B 104 -9.99 24.99 -0.78
N ARG B 105 -8.89 25.38 -1.44
CA ARG B 105 -8.66 26.78 -1.74
C ARG B 105 -9.74 27.33 -2.66
N ASP B 106 -10.14 26.55 -3.67
CA ASP B 106 -11.20 26.98 -4.56
C ASP B 106 -12.51 27.16 -3.81
N LEU B 107 -12.84 26.24 -2.90
CA LEU B 107 -14.05 26.36 -2.11
C LEU B 107 -14.00 27.61 -1.24
N LEU B 108 -12.86 27.86 -0.59
CA LEU B 108 -12.73 29.05 0.26
C LEU B 108 -12.89 30.32 -0.57
N ASP B 109 -12.29 30.34 -1.76
CA ASP B 109 -12.42 31.52 -2.62
C ASP B 109 -13.87 31.71 -3.06
N ASN B 110 -14.56 30.63 -3.40
CA ASN B 110 -15.94 30.74 -3.85
C ASN B 110 -16.89 31.10 -2.72
N VAL B 111 -16.51 30.86 -1.47
CA VAL B 111 -17.39 31.19 -0.36
C VAL B 111 -17.75 32.67 -0.35
N GLN B 112 -16.78 33.53 -0.68
CA GLN B 112 -17.00 34.97 -0.55
C GLN B 112 -18.13 35.46 -1.45
N TYR B 113 -18.35 34.80 -2.58
CA TYR B 113 -19.36 35.25 -3.54
C TYR B 113 -20.76 35.15 -2.93
N ALA B 114 -21.62 36.10 -3.29
CA ALA B 114 -22.98 36.13 -2.78
C ALA B 114 -23.81 35.02 -3.40
N PRO B 115 -24.88 34.60 -2.73
CA PRO B 115 -25.76 33.57 -3.31
C PRO B 115 -26.42 34.04 -4.59
N ALA B 116 -26.67 33.10 -5.49
CA ALA B 116 -27.27 33.43 -6.78
C ALA B 116 -28.73 33.85 -6.60
N ARG B 117 -29.56 32.96 -6.05
CA ARG B 117 -30.97 33.26 -5.86
C ARG B 117 -31.49 32.80 -4.50
N GLY B 118 -30.60 32.53 -3.55
CA GLY B 118 -30.98 32.08 -2.22
C GLY B 118 -30.65 33.11 -1.17
N ARG B 119 -31.44 33.12 -0.10
CA ARG B 119 -31.17 34.03 1.01
C ARG B 119 -29.84 33.70 1.67
N PHE B 120 -29.52 32.41 1.80
CA PHE B 120 -28.25 31.96 2.35
C PHE B 120 -27.62 30.96 1.38
N LYS B 121 -26.29 30.98 1.30
CA LYS B 121 -25.53 30.02 0.49
C LYS B 121 -25.09 28.89 1.41
N VAL B 122 -25.94 27.87 1.53
CA VAL B 122 -25.67 26.78 2.46
C VAL B 122 -24.68 25.80 1.84
N TYR B 123 -23.67 25.43 2.61
CA TYR B 123 -22.69 24.42 2.21
C TYR B 123 -22.95 23.15 3.01
N LEU B 124 -23.45 22.12 2.33
CA LEU B 124 -23.78 20.84 2.97
C LEU B 124 -22.58 19.91 2.79
N ILE B 125 -21.63 20.02 3.70
CA ILE B 125 -20.44 19.18 3.68
C ILE B 125 -20.77 17.85 4.37
N ASP B 126 -20.26 16.75 3.81
CA ASP B 126 -20.52 15.41 4.30
C ASP B 126 -19.21 14.73 4.67
N GLU B 127 -19.25 13.92 5.72
CA GLU B 127 -18.08 13.19 6.20
C GLU B 127 -16.92 14.13 6.48
N VAL B 128 -17.19 15.17 7.29
CA VAL B 128 -16.19 16.17 7.60
C VAL B 128 -15.00 15.58 8.35
N HIS B 129 -15.18 14.42 8.99
CA HIS B 129 -14.09 13.82 9.76
C HIS B 129 -12.93 13.40 8.86
N MET B 130 -13.13 13.32 7.55
CA MET B 130 -12.08 12.91 6.62
C MET B 130 -11.24 14.07 6.12
N LEU B 131 -11.60 15.31 6.43
CA LEU B 131 -10.82 16.44 5.95
C LEU B 131 -9.39 16.37 6.49
N SER B 132 -8.43 16.68 5.61
CA SER B 132 -7.04 16.71 6.02
C SER B 132 -6.80 17.86 6.99
N ARG B 133 -5.60 17.87 7.58
CA ARG B 133 -5.26 18.91 8.54
C ARG B 133 -5.31 20.29 7.88
N HIS B 134 -4.77 20.43 6.67
CA HIS B 134 -4.83 21.70 5.97
C HIS B 134 -6.27 22.11 5.70
N SER B 135 -7.07 21.18 5.18
CA SER B 135 -8.47 21.48 4.91
C SER B 135 -9.23 21.80 6.20
N PHE B 136 -8.93 21.05 7.27
CA PHE B 136 -9.59 21.30 8.54
C PHE B 136 -9.25 22.69 9.07
N ASN B 137 -7.98 23.10 8.98
CA ASN B 137 -7.59 24.43 9.43
C ASN B 137 -8.25 25.51 8.57
N ALA B 138 -8.31 25.29 7.25
CA ALA B 138 -8.98 26.25 6.39
C ALA B 138 -10.46 26.39 6.75
N LEU B 139 -11.12 25.26 7.03
CA LEU B 139 -12.52 25.30 7.44
C LEU B 139 -12.68 26.06 8.74
N LEU B 140 -11.79 25.81 9.71
CA LEU B 140 -11.86 26.53 10.97
C LEU B 140 -11.67 28.03 10.76
N LYS B 141 -10.71 28.43 9.94
CA LYS B 141 -10.46 29.85 9.72
C LYS B 141 -11.66 30.51 9.05
N THR B 142 -12.26 29.85 8.05
CA THR B 142 -13.40 30.46 7.38
C THR B 142 -14.65 30.45 8.26
N LEU B 143 -14.74 29.50 9.20
CA LEU B 143 -15.85 29.48 10.15
C LEU B 143 -15.64 30.44 11.31
N GLU B 144 -14.43 30.94 11.51
CA GLU B 144 -14.18 31.88 12.59
C GLU B 144 -15.07 33.11 12.46
N GLU B 145 -15.25 33.62 11.25
CA GLU B 145 -16.09 34.80 11.00
C GLU B 145 -16.62 34.73 9.58
N PRO B 146 -17.63 33.90 9.33
CA PRO B 146 -18.18 33.78 7.98
C PRO B 146 -18.97 35.02 7.61
N PRO B 147 -19.15 35.28 6.31
CA PRO B 147 -20.08 36.34 5.91
C PRO B 147 -21.51 35.99 6.29
N GLU B 148 -22.32 37.04 6.50
CA GLU B 148 -23.69 36.84 6.97
C GLU B 148 -24.55 36.05 5.99
N HIS B 149 -24.16 35.98 4.71
CA HIS B 149 -24.98 35.36 3.69
C HIS B 149 -24.67 33.89 3.46
N VAL B 150 -23.70 33.32 4.19
CA VAL B 150 -23.28 31.94 3.98
C VAL B 150 -23.63 31.12 5.21
N LYS B 151 -23.82 29.82 5.00
CA LYS B 151 -24.13 28.90 6.08
C LYS B 151 -23.45 27.56 5.78
N PHE B 152 -23.12 26.83 6.85
CA PHE B 152 -22.45 25.54 6.75
C PHE B 152 -23.26 24.51 7.52
N LEU B 153 -23.66 23.45 6.83
CA LEU B 153 -24.41 22.34 7.42
C LEU B 153 -23.56 21.09 7.32
N LEU B 154 -22.73 20.85 8.33
CA LEU B 154 -21.85 19.70 8.34
C LEU B 154 -22.62 18.44 8.73
N ALA B 155 -22.30 17.33 8.08
CA ALA B 155 -22.96 16.05 8.33
C ALA B 155 -21.89 14.96 8.40
N THR B 156 -21.45 14.64 9.62
CA THR B 156 -20.45 13.62 9.85
C THR B 156 -21.11 12.37 10.42
N THR B 157 -20.29 11.36 10.71
CA THR B 157 -20.77 10.12 11.28
C THR B 157 -19.92 9.63 12.45
N ASP B 158 -18.77 10.23 12.70
CA ASP B 158 -17.89 9.83 13.80
C ASP B 158 -17.26 11.08 14.40
N PRO B 159 -17.99 11.81 15.24
CA PRO B 159 -17.45 13.06 15.79
C PRO B 159 -16.18 12.87 16.60
N GLN B 160 -15.92 11.67 17.12
CA GLN B 160 -14.70 11.46 17.91
C GLN B 160 -13.47 11.78 17.08
N LYS B 161 -13.51 11.49 15.78
CA LYS B 161 -12.39 11.87 14.91
C LYS B 161 -12.24 13.38 14.85
N LEU B 162 -13.35 14.11 14.78
CA LEU B 162 -13.31 15.56 14.69
C LEU B 162 -12.80 16.15 16.01
N PRO B 163 -11.73 16.94 16.01
CA PRO B 163 -11.35 17.65 17.24
C PRO B 163 -12.38 18.70 17.60
N VAL B 164 -12.45 19.00 18.90
CA VAL B 164 -13.45 19.94 19.42
C VAL B 164 -13.27 21.35 18.88
N THR B 165 -12.16 21.64 18.19
CA THR B 165 -11.99 22.97 17.62
C THR B 165 -13.13 23.32 16.68
N ILE B 166 -13.56 22.36 15.85
CA ILE B 166 -14.69 22.60 14.96
C ILE B 166 -15.94 22.91 15.78
N LEU B 167 -16.11 22.21 16.91
CA LEU B 167 -17.24 22.49 17.79
C LEU B 167 -17.14 23.87 18.42
N SER B 168 -15.94 24.44 18.49
CA SER B 168 -15.78 25.76 19.10
C SER B 168 -16.55 26.84 18.35
N ARG B 169 -16.85 26.62 17.06
CA ARG B 169 -17.61 27.57 16.26
C ARG B 169 -18.81 26.93 15.58
N CYS B 170 -19.19 25.73 15.98
CA CYS B 170 -20.28 25.00 15.34
C CYS B 170 -21.20 24.43 16.40
N LEU B 171 -22.50 24.37 16.07
CA LEU B 171 -23.52 23.85 16.97
C LEU B 171 -23.86 22.41 16.55
N GLN B 172 -23.75 21.48 17.49
CA GLN B 172 -23.91 20.06 17.19
C GLN B 172 -25.30 19.59 17.60
N PHE B 173 -25.86 18.71 16.79
CA PHE B 173 -27.19 18.13 17.01
C PHE B 173 -27.15 16.62 16.80
N HIS B 174 -26.21 15.96 17.48
CA HIS B 174 -26.03 14.51 17.33
C HIS B 174 -27.35 13.76 17.43
N LEU B 175 -27.70 13.06 16.35
CA LEU B 175 -28.91 12.26 16.31
C LEU B 175 -28.73 10.97 17.12
N LYS B 176 -29.85 10.29 17.34
CA LYS B 176 -29.87 9.04 18.09
C LYS B 176 -30.58 7.97 17.27
N ALA B 177 -30.33 6.71 17.63
CA ALA B 177 -30.98 5.60 16.97
C ALA B 177 -32.50 5.73 17.07
N LEU B 178 -33.18 5.46 15.97
CA LEU B 178 -34.62 5.67 15.89
C LEU B 178 -35.41 4.70 16.77
N ASP B 179 -34.79 3.65 17.31
CA ASP B 179 -35.48 2.67 18.12
C ASP B 179 -36.44 1.84 17.28
N VAL B 180 -36.80 0.65 17.77
CA VAL B 180 -37.56 -0.29 16.96
C VAL B 180 -38.96 0.24 16.68
N GLU B 181 -39.62 0.83 17.68
CA GLU B 181 -41.02 1.20 17.52
C GLU B 181 -41.20 2.27 16.45
N GLN B 182 -40.34 3.29 16.46
CA GLN B 182 -40.47 4.36 15.46
C GLN B 182 -40.24 3.82 14.06
N ILE B 183 -39.23 2.97 13.89
CA ILE B 183 -38.95 2.40 12.57
C ILE B 183 -40.13 1.56 12.11
N ARG B 184 -40.69 0.75 13.00
CA ARG B 184 -41.82 -0.09 12.62
C ARG B 184 -43.02 0.77 12.22
N HIS B 185 -43.29 1.83 12.98
CA HIS B 185 -44.41 2.69 12.65
C HIS B 185 -44.20 3.38 11.30
N GLN B 186 -42.97 3.85 11.05
CA GLN B 186 -42.70 4.51 9.77
C GLN B 186 -42.85 3.52 8.61
N LEU B 187 -42.36 2.30 8.79
CA LEU B 187 -42.52 1.28 7.75
C LEU B 187 -43.99 0.99 7.50
N GLU B 188 -44.78 0.87 8.58
CA GLU B 188 -46.20 0.62 8.42
C GLU B 188 -46.87 1.75 7.66
N HIS B 189 -46.54 3.00 8.00
CA HIS B 189 -47.13 4.14 7.31
C HIS B 189 -46.74 4.14 5.83
N ILE B 190 -45.47 3.87 5.54
CA ILE B 190 -45.02 3.87 4.15
C ILE B 190 -45.74 2.78 3.37
N LEU B 191 -45.84 1.58 3.92
CA LEU B 191 -46.49 0.48 3.22
C LEU B 191 -47.97 0.76 3.01
N ASN B 192 -48.66 1.30 4.02
CA ASN B 192 -50.07 1.61 3.87
C ASN B 192 -50.28 2.69 2.83
N GLU B 193 -49.42 3.72 2.82
CA GLU B 193 -49.58 4.80 1.85
C GLU B 193 -49.38 4.32 0.42
N GLU B 194 -48.67 3.21 0.22
CA GLU B 194 -48.41 2.66 -1.10
C GLU B 194 -49.33 1.49 -1.43
N HIS B 195 -50.33 1.21 -0.60
CA HIS B 195 -51.26 0.11 -0.83
C HIS B 195 -50.51 -1.22 -0.96
N ILE B 196 -49.63 -1.48 0.00
CA ILE B 196 -48.79 -2.68 0.02
C ILE B 196 -49.27 -3.56 1.17
N ALA B 197 -49.63 -4.80 0.86
CA ALA B 197 -50.05 -5.73 1.88
C ALA B 197 -48.86 -6.17 2.73
N HIS B 198 -49.10 -6.34 4.02
CA HIS B 198 -48.03 -6.74 4.94
C HIS B 198 -48.65 -7.31 6.20
N GLU B 199 -47.82 -8.06 6.95
CA GLU B 199 -48.21 -8.62 8.23
C GLU B 199 -47.44 -7.92 9.36
N PRO B 200 -48.05 -7.78 10.54
CA PRO B 200 -47.35 -7.06 11.62
C PRO B 200 -46.03 -7.70 12.03
N ARG B 201 -45.97 -9.04 12.02
CA ARG B 201 -44.73 -9.71 12.41
C ARG B 201 -43.61 -9.42 11.42
N ALA B 202 -43.95 -9.33 10.13
CA ALA B 202 -42.93 -8.98 9.13
C ALA B 202 -42.38 -7.58 9.40
N LEU B 203 -43.25 -6.64 9.70
CA LEU B 203 -42.80 -5.28 10.02
C LEU B 203 -41.92 -5.29 11.27
N GLN B 204 -42.31 -6.06 12.28
CA GLN B 204 -41.49 -6.16 13.50
C GLN B 204 -40.11 -6.71 13.17
N LEU B 205 -40.05 -7.77 12.35
CA LEU B 205 -38.77 -8.34 11.99
C LEU B 205 -37.91 -7.35 11.22
N LEU B 206 -38.51 -6.63 10.27
CA LEU B 206 -37.76 -5.64 9.51
C LEU B 206 -37.23 -4.54 10.42
N ALA B 207 -38.06 -4.05 11.33
CA ALA B 207 -37.63 -2.99 12.24
C ALA B 207 -36.48 -3.48 13.13
N ARG B 208 -36.59 -4.70 13.64
CA ARG B 208 -35.54 -5.22 14.52
C ARG B 208 -34.25 -5.45 13.74
N ALA B 209 -34.36 -5.88 12.49
CA ALA B 209 -33.17 -6.11 11.68
C ALA B 209 -32.52 -4.81 11.20
N ALA B 210 -33.29 -3.73 11.10
CA ALA B 210 -32.72 -2.47 10.63
C ALA B 210 -31.59 -2.00 11.53
N GLU B 211 -31.64 -2.31 12.82
CA GLU B 211 -30.59 -1.94 13.77
C GLU B 211 -30.47 -0.42 13.86
N GLY B 212 -31.60 0.23 14.15
CA GLY B 212 -31.60 1.67 14.36
C GLY B 212 -31.18 2.47 13.15
N SER B 213 -31.69 2.12 11.96
CA SER B 213 -31.37 2.84 10.74
C SER B 213 -32.57 2.76 9.82
N LEU B 214 -33.23 3.89 9.56
CA LEU B 214 -34.42 3.87 8.73
C LEU B 214 -34.09 3.51 7.29
N ARG B 215 -32.93 3.96 6.79
CA ARG B 215 -32.54 3.61 5.42
C ARG B 215 -32.36 2.10 5.28
N ASP B 216 -31.76 1.46 6.28
CA ASP B 216 -31.62 0.02 6.26
C ASP B 216 -32.99 -0.66 6.24
N ALA B 217 -33.93 -0.14 7.03
CA ALA B 217 -35.27 -0.70 7.04
C ALA B 217 -35.93 -0.56 5.67
N LEU B 218 -35.77 0.59 5.02
CA LEU B 218 -36.36 0.78 3.70
C LEU B 218 -35.75 -0.17 2.69
N SER B 219 -34.43 -0.34 2.72
CA SER B 219 -33.79 -1.28 1.80
C SER B 219 -34.27 -2.70 2.07
N LEU B 220 -34.39 -3.09 3.33
CA LEU B 220 -34.82 -4.44 3.66
C LEU B 220 -36.26 -4.68 3.21
N THR B 221 -37.15 -3.70 3.40
CA THR B 221 -38.52 -3.91 2.95
C THR B 221 -38.62 -3.90 1.43
N ASP B 222 -37.76 -3.14 0.75
CA ASP B 222 -37.71 -3.24 -0.70
C ASP B 222 -37.27 -4.64 -1.14
N GLN B 223 -36.28 -5.21 -0.45
CA GLN B 223 -35.88 -6.58 -0.73
C GLN B 223 -37.02 -7.55 -0.48
N ALA B 224 -37.78 -7.33 0.60
CA ALA B 224 -38.91 -8.19 0.90
C ALA B 224 -39.96 -8.11 -0.19
N ILE B 225 -40.23 -6.90 -0.69
CA ILE B 225 -41.17 -6.74 -1.79
C ILE B 225 -40.67 -7.49 -3.02
N ALA B 226 -39.38 -7.36 -3.33
CA ALA B 226 -38.82 -8.06 -4.48
C ALA B 226 -39.00 -9.57 -4.34
N SER B 227 -38.56 -10.12 -3.20
CA SER B 227 -38.69 -11.56 -2.99
C SER B 227 -40.12 -11.96 -2.69
N GLY B 228 -40.89 -11.08 -2.07
CA GLY B 228 -42.28 -11.36 -1.76
C GLY B 228 -43.24 -11.20 -2.91
N ASP B 229 -42.77 -10.72 -4.06
CA ASP B 229 -43.60 -10.54 -5.25
C ASP B 229 -44.73 -9.55 -4.96
N GLY B 230 -44.33 -8.33 -4.60
CA GLY B 230 -45.30 -7.27 -4.36
C GLY B 230 -46.10 -7.41 -3.10
N GLN B 231 -45.61 -8.18 -2.12
CA GLN B 231 -46.34 -8.37 -0.87
C GLN B 231 -45.38 -8.88 0.18
N VAL B 232 -45.26 -8.15 1.28
CA VAL B 232 -44.39 -8.55 2.38
C VAL B 232 -45.12 -9.59 3.22
N SER B 233 -44.46 -10.72 3.48
CA SER B 233 -45.02 -11.78 4.28
C SER B 233 -43.97 -12.28 5.27
N THR B 234 -44.44 -12.92 6.34
CA THR B 234 -43.54 -13.36 7.39
C THR B 234 -42.52 -14.36 6.86
N GLN B 235 -42.98 -15.34 6.06
CA GLN B 235 -42.05 -16.34 5.55
C GLN B 235 -41.00 -15.71 4.64
N ALA B 236 -41.42 -14.77 3.79
CA ALA B 236 -40.48 -14.14 2.86
C ALA B 236 -39.39 -13.37 3.61
N VAL B 237 -39.81 -12.55 4.58
CA VAL B 237 -38.83 -11.75 5.32
C VAL B 237 -37.94 -12.64 6.17
N SER B 238 -38.50 -13.70 6.76
CA SER B 238 -37.69 -14.61 7.56
C SER B 238 -36.65 -15.30 6.69
N ALA B 239 -37.04 -15.75 5.50
CA ALA B 239 -36.08 -16.38 4.58
C ALA B 239 -35.02 -15.39 4.16
N MET B 240 -35.40 -14.16 3.85
CA MET B 240 -34.41 -13.15 3.46
C MET B 240 -33.42 -12.90 4.59
N LEU B 241 -33.91 -12.77 5.82
CA LEU B 241 -33.01 -12.58 6.95
C LEU B 241 -32.08 -13.78 7.11
N GLY B 242 -32.62 -14.99 7.02
CA GLY B 242 -31.76 -16.17 7.12
C GLY B 242 -30.67 -16.19 6.09
N THR B 243 -31.00 -15.81 4.85
CA THR B 243 -29.98 -15.73 3.81
C THR B 243 -28.95 -14.65 4.13
N LEU B 244 -29.41 -13.50 4.64
CA LEU B 244 -28.52 -12.38 4.90
C LEU B 244 -27.86 -12.42 6.27
N ASP B 245 -28.35 -13.26 7.19
CA ASP B 245 -27.78 -13.30 8.53
C ASP B 245 -26.33 -13.75 8.48
N ASP B 246 -25.47 -13.07 9.24
CA ASP B 246 -24.05 -13.38 9.31
C ASP B 246 -23.60 -13.49 10.76
N ASP B 247 -24.51 -13.84 11.66
CA ASP B 247 -24.21 -14.02 13.07
C ASP B 247 -24.05 -15.50 13.42
N GLN B 248 -23.47 -16.29 12.51
CA GLN B 248 -23.34 -17.72 12.74
C GLN B 248 -22.50 -18.03 13.97
N ALA B 249 -21.52 -17.17 14.28
CA ALA B 249 -20.66 -17.42 15.42
C ALA B 249 -21.46 -17.41 16.73
N LEU B 250 -22.33 -16.41 16.90
CA LEU B 250 -23.11 -16.33 18.13
C LEU B 250 -24.07 -17.50 18.26
N SER B 251 -24.73 -17.87 17.17
CA SER B 251 -25.64 -19.02 17.21
C SER B 251 -24.89 -20.29 17.53
N LEU B 252 -23.69 -20.47 16.96
CA LEU B 252 -22.88 -21.63 17.26
C LEU B 252 -22.49 -21.65 18.73
N VAL B 253 -22.13 -20.49 19.28
CA VAL B 253 -21.79 -20.42 20.70
C VAL B 253 -22.99 -20.80 21.57
N GLU B 254 -24.17 -20.31 21.20
CA GLU B 254 -25.38 -20.67 21.95
C GLU B 254 -25.61 -22.18 21.89
N ALA B 255 -25.52 -22.76 20.69
CA ALA B 255 -25.75 -24.19 20.55
C ALA B 255 -24.74 -25.00 21.37
N MET B 256 -23.48 -24.57 21.35
CA MET B 256 -22.45 -25.23 22.15
C MET B 256 -22.77 -25.11 23.64
N VAL B 257 -23.27 -23.95 24.06
CA VAL B 257 -23.64 -23.75 25.46
C VAL B 257 -24.73 -24.73 25.86
N GLU B 258 -25.77 -24.86 25.03
CA GLU B 258 -26.88 -25.76 25.34
C GLU B 258 -26.63 -27.19 24.87
N ALA B 259 -25.47 -27.48 24.29
CA ALA B 259 -25.11 -28.84 23.87
C ALA B 259 -26.14 -29.42 22.91
N ASN B 260 -26.51 -28.61 21.92
CA ASN B 260 -27.46 -29.02 20.87
C ASN B 260 -26.64 -29.40 19.64
N GLY B 261 -26.31 -30.68 19.54
CA GLY B 261 -25.43 -31.13 18.46
C GLY B 261 -26.03 -30.92 17.09
N GLU B 262 -27.30 -31.26 16.91
CA GLU B 262 -27.93 -31.09 15.61
C GLU B 262 -28.00 -29.61 15.23
N ARG B 263 -28.22 -28.73 16.21
CA ARG B 263 -28.19 -27.31 15.92
C ARG B 263 -26.81 -26.87 15.47
N VAL B 264 -25.76 -27.38 16.11
CA VAL B 264 -24.40 -27.03 15.71
C VAL B 264 -24.14 -27.50 14.29
N MET B 265 -24.57 -28.71 13.95
CA MET B 265 -24.38 -29.21 12.59
C MET B 265 -25.14 -28.35 11.58
N ALA B 266 -26.37 -27.99 11.89
CA ALA B 266 -27.15 -27.16 10.98
C ALA B 266 -26.50 -25.79 10.79
N LEU B 267 -26.02 -25.18 11.87
CA LEU B 267 -25.37 -23.88 11.77
C LEU B 267 -24.08 -23.98 10.97
N ILE B 268 -23.31 -25.05 11.15
CA ILE B 268 -22.09 -25.23 10.38
C ILE B 268 -22.42 -25.39 8.90
N ASN B 269 -23.48 -26.14 8.58
CA ASN B 269 -23.91 -26.27 7.20
C ASN B 269 -24.31 -24.92 6.62
N GLU B 270 -25.04 -24.12 7.39
CA GLU B 270 -25.43 -22.79 6.92
C GLU B 270 -24.20 -21.92 6.67
N ALA B 271 -23.23 -21.97 7.58
CA ALA B 271 -22.00 -21.19 7.38
C ALA B 271 -21.26 -21.66 6.13
N ALA B 272 -21.22 -22.96 5.90
CA ALA B 272 -20.60 -23.49 4.68
C ALA B 272 -21.33 -22.97 3.44
N ALA B 273 -22.66 -22.93 3.49
CA ALA B 273 -23.41 -22.34 2.40
C ALA B 273 -23.05 -20.87 2.23
N ARG B 274 -22.92 -20.14 3.33
CA ARG B 274 -22.43 -18.77 3.26
C ARG B 274 -20.99 -18.72 2.77
N GLY B 275 -20.22 -19.78 3.00
CA GLY B 275 -18.84 -19.83 2.54
C GLY B 275 -17.92 -18.86 3.26
N ILE B 276 -18.11 -18.68 4.56
CA ILE B 276 -17.23 -17.82 5.34
C ILE B 276 -15.93 -18.56 5.64
N GLU B 277 -14.85 -17.80 5.78
CA GLU B 277 -13.57 -18.39 6.14
C GLU B 277 -13.68 -19.09 7.48
N TRP B 278 -13.20 -20.34 7.54
CA TRP B 278 -13.38 -21.15 8.74
C TRP B 278 -12.52 -20.65 9.88
N GLU B 279 -11.26 -20.28 9.61
CA GLU B 279 -10.43 -19.70 10.66
C GLU B 279 -11.01 -18.38 11.15
N ALA B 280 -11.58 -17.59 10.24
CA ALA B 280 -12.25 -16.36 10.65
C ALA B 280 -13.43 -16.67 11.56
N LEU B 281 -14.20 -17.71 11.24
CA LEU B 281 -15.32 -18.09 12.09
C LEU B 281 -14.83 -18.52 13.48
N LEU B 282 -13.74 -19.29 13.53
CA LEU B 282 -13.20 -19.70 14.82
C LEU B 282 -12.72 -18.50 15.62
N VAL B 283 -12.08 -17.54 14.96
CA VAL B 283 -11.62 -16.33 15.66
C VAL B 283 -12.81 -15.54 16.18
N GLU B 284 -13.87 -15.44 15.38
CA GLU B 284 -15.06 -14.72 15.81
C GLU B 284 -15.69 -15.39 17.02
N MET B 285 -15.79 -16.72 17.01
CA MET B 285 -16.34 -17.43 18.15
C MET B 285 -15.47 -17.25 19.39
N LEU B 286 -14.15 -17.29 19.22
CA LEU B 286 -13.25 -17.07 20.34
C LEU B 286 -13.42 -15.68 20.91
N GLY B 287 -13.58 -14.68 20.05
CA GLY B 287 -13.82 -13.32 20.52
C GLY B 287 -15.14 -13.19 21.26
N LEU B 288 -16.17 -13.87 20.75
CA LEU B 288 -17.46 -13.86 21.45
C LEU B 288 -17.34 -14.48 22.84
N LEU B 289 -16.61 -15.60 22.94
CA LEU B 289 -16.41 -16.22 24.24
C LEU B 289 -15.64 -15.29 25.18
N HIS B 290 -14.62 -14.61 24.66
CA HIS B 290 -13.87 -13.67 25.47
C HIS B 290 -14.76 -12.54 25.96
N ARG B 291 -15.62 -12.02 25.07
CA ARG B 291 -16.54 -10.96 25.46
C ARG B 291 -17.52 -11.44 26.51
N ILE B 292 -18.00 -12.68 26.38
CA ILE B 292 -18.90 -13.23 27.40
C ILE B 292 -18.18 -13.31 28.74
N ALA B 293 -16.93 -13.78 28.74
CA ALA B 293 -16.19 -13.86 29.99
C ALA B 293 -16.01 -12.49 30.62
N MET B 294 -15.67 -11.49 29.82
CA MET B 294 -15.48 -10.15 30.36
C MET B 294 -16.79 -9.57 30.88
N VAL B 295 -17.90 -9.81 30.18
CA VAL B 295 -19.19 -9.35 30.65
C VAL B 295 -19.52 -9.98 32.00
N GLN B 296 -19.25 -11.29 32.13
CA GLN B 296 -19.43 -11.93 33.42
C GLN B 296 -18.57 -11.27 34.49
N LEU B 297 -17.31 -10.95 34.14
CA LEU B 297 -16.44 -10.28 35.09
C LEU B 297 -16.98 -8.90 35.47
N SER B 298 -17.47 -8.14 34.49
CA SER B 298 -17.99 -6.81 34.73
C SER B 298 -19.12 -6.53 33.75
N PRO B 299 -20.30 -6.13 34.20
CA PRO B 299 -21.38 -5.85 33.24
C PRO B 299 -21.04 -4.78 32.22
N ALA B 300 -20.23 -3.79 32.60
CA ALA B 300 -19.91 -2.70 31.69
C ALA B 300 -19.03 -3.13 30.53
N ALA B 301 -18.47 -4.33 30.56
CA ALA B 301 -17.56 -4.77 29.51
C ALA B 301 -18.22 -4.81 28.14
N LEU B 302 -19.55 -4.91 28.09
CA LEU B 302 -20.26 -4.95 26.82
C LEU B 302 -20.46 -3.53 26.33
N GLY B 303 -19.66 -3.12 25.35
CA GLY B 303 -19.76 -1.77 24.84
C GLY B 303 -21.06 -1.55 24.07
N ASN B 304 -21.48 -0.29 24.02
CA ASN B 304 -22.70 0.08 23.31
C ASN B 304 -22.54 0.05 21.80
N ASP B 305 -21.32 -0.15 21.29
CA ASP B 305 -21.10 -0.18 19.85
C ASP B 305 -21.96 -1.25 19.19
N MET B 306 -22.25 -2.34 19.89
CA MET B 306 -23.12 -3.40 19.40
C MET B 306 -24.39 -3.45 20.24
N ALA B 307 -25.54 -3.58 19.57
CA ALA B 307 -26.82 -3.65 20.26
C ALA B 307 -27.75 -4.72 19.70
N ALA B 308 -27.50 -5.28 18.53
CA ALA B 308 -28.37 -6.31 18.00
C ALA B 308 -28.29 -7.60 18.81
N ILE B 309 -27.12 -7.90 19.36
CA ILE B 309 -26.90 -9.14 20.11
C ILE B 309 -26.69 -8.84 21.60
N GLU B 310 -27.15 -7.69 22.07
CA GLU B 310 -26.95 -7.33 23.47
C GLU B 310 -27.67 -8.30 24.39
N LEU B 311 -28.95 -8.57 24.11
CA LEU B 311 -29.72 -9.47 24.97
C LEU B 311 -29.15 -10.87 24.96
N ARG B 312 -28.77 -11.37 23.78
CA ARG B 312 -28.20 -12.71 23.69
C ARG B 312 -26.90 -12.80 24.48
N MET B 313 -26.03 -11.79 24.34
CA MET B 313 -24.77 -11.78 25.08
C MET B 313 -25.03 -11.76 26.58
N ARG B 314 -25.99 -10.92 27.02
CA ARG B 314 -26.26 -10.81 28.45
C ARG B 314 -26.80 -12.12 29.01
N GLU B 315 -27.76 -12.74 28.32
CA GLU B 315 -28.32 -13.99 28.82
C GLU B 315 -27.27 -15.08 28.85
N LEU B 316 -26.43 -15.17 27.81
CA LEU B 316 -25.37 -16.18 27.81
C LEU B 316 -24.39 -15.93 28.95
N ALA B 317 -24.03 -14.67 29.19
CA ALA B 317 -23.09 -14.37 30.26
C ALA B 317 -23.66 -14.75 31.62
N ARG B 318 -24.92 -14.41 31.88
CA ARG B 318 -25.49 -14.69 33.20
C ARG B 318 -25.78 -16.18 33.39
N THR B 319 -26.06 -16.91 32.31
CA THR B 319 -26.46 -18.31 32.46
C THR B 319 -25.26 -19.22 32.74
N ILE B 320 -24.31 -19.28 31.82
CA ILE B 320 -23.22 -20.25 31.91
C ILE B 320 -22.28 -19.86 33.04
N PRO B 321 -21.64 -20.81 33.72
CA PRO B 321 -20.69 -20.47 34.77
C PRO B 321 -19.33 -20.14 34.18
N PRO B 322 -18.42 -19.58 34.98
CA PRO B 322 -17.07 -19.28 34.45
C PRO B 322 -16.33 -20.51 33.96
N THR B 323 -16.50 -21.66 34.62
CA THR B 323 -15.75 -22.84 34.24
C THR B 323 -16.13 -23.32 32.84
N ASP B 324 -17.41 -23.33 32.53
CA ASP B 324 -17.86 -23.82 31.23
C ASP B 324 -17.34 -22.91 30.10
N ILE B 325 -17.42 -21.61 30.29
CA ILE B 325 -16.91 -20.68 29.27
C ILE B 325 -15.40 -20.82 29.15
N GLN B 326 -14.70 -21.05 30.26
CA GLN B 326 -13.27 -21.30 30.20
C GLN B 326 -12.97 -22.53 29.36
N LEU B 327 -13.70 -23.61 29.59
CA LEU B 327 -13.48 -24.83 28.83
C LEU B 327 -13.75 -24.61 27.34
N TYR B 328 -14.84 -23.91 27.03
CA TYR B 328 -15.14 -23.60 25.63
C TYR B 328 -14.02 -22.80 25.00
N TYR B 329 -13.52 -21.78 25.71
CA TYR B 329 -12.45 -20.97 25.15
C TYR B 329 -11.19 -21.78 24.90
N GLN B 330 -10.82 -22.62 25.86
CA GLN B 330 -9.61 -23.44 25.68
C GLN B 330 -9.76 -24.41 24.51
N THR B 331 -10.93 -25.06 24.41
CA THR B 331 -11.14 -25.99 23.32
C THR B 331 -11.11 -25.28 21.97
N LEU B 332 -11.73 -24.11 21.87
CA LEU B 332 -11.72 -23.38 20.62
C LEU B 332 -10.32 -22.91 20.27
N LEU B 333 -9.53 -22.50 21.27
CA LEU B 333 -8.15 -22.10 21.00
C LEU B 333 -7.34 -23.28 20.47
N ILE B 334 -7.50 -24.46 21.08
CA ILE B 334 -6.78 -25.64 20.60
C ILE B 334 -7.22 -25.98 19.18
N GLY B 335 -8.52 -25.91 18.92
CA GLY B 335 -9.01 -26.21 17.59
C GLY B 335 -8.46 -25.24 16.55
N ARG B 336 -8.42 -23.95 16.88
CA ARG B 336 -7.85 -22.97 15.96
C ARG B 336 -6.38 -23.24 15.71
N LYS B 337 -5.64 -23.59 16.76
CA LYS B 337 -4.21 -23.85 16.59
C LYS B 337 -3.98 -25.07 15.70
N GLU B 338 -4.78 -26.12 15.86
CA GLU B 338 -4.58 -27.35 15.09
C GLU B 338 -5.34 -27.35 13.76
N LEU B 339 -6.11 -26.31 13.47
CA LEU B 339 -6.85 -26.26 12.20
C LEU B 339 -5.97 -26.42 10.98
N PRO B 340 -4.79 -25.81 10.87
CA PRO B 340 -4.01 -25.95 9.63
C PRO B 340 -3.68 -27.40 9.30
N TYR B 341 -3.48 -28.25 10.31
CA TYR B 341 -3.12 -29.64 10.10
C TYR B 341 -4.33 -30.57 10.08
N ALA B 342 -5.55 -30.03 10.20
CA ALA B 342 -6.73 -30.85 10.11
C ALA B 342 -6.91 -31.35 8.68
N PRO B 343 -7.63 -32.47 8.49
CA PRO B 343 -7.87 -32.95 7.13
C PRO B 343 -8.55 -31.93 6.25
N ASP B 344 -9.43 -31.11 6.82
CA ASP B 344 -10.09 -30.04 6.08
C ASP B 344 -10.47 -28.95 7.06
N ARG B 345 -10.59 -27.72 6.55
CA ARG B 345 -10.99 -26.61 7.41
C ARG B 345 -12.39 -26.85 7.97
N ARG B 346 -13.32 -27.29 7.12
CA ARG B 346 -14.65 -27.65 7.57
C ARG B 346 -14.58 -28.77 8.61
N MET B 347 -13.79 -29.81 8.32
CA MET B 347 -13.66 -30.93 9.25
C MET B 347 -13.02 -30.48 10.55
N GLY B 348 -12.01 -29.60 10.47
CA GLY B 348 -11.40 -29.09 11.68
C GLY B 348 -12.37 -28.32 12.54
N VAL B 349 -13.19 -27.46 11.92
CA VAL B 349 -14.18 -26.70 12.67
C VAL B 349 -15.18 -27.64 13.33
N GLU B 350 -15.67 -28.62 12.57
CA GLU B 350 -16.63 -29.56 13.14
C GLU B 350 -16.02 -30.34 14.30
N MET B 351 -14.77 -30.77 14.16
CA MET B 351 -14.12 -31.54 15.21
C MET B 351 -13.95 -30.70 16.47
N THR B 352 -13.49 -29.45 16.33
CA THR B 352 -13.31 -28.63 17.52
C THR B 352 -14.64 -28.29 18.16
N LEU B 353 -15.69 -28.07 17.36
CA LEU B 353 -17.02 -27.84 17.93
C LEU B 353 -17.50 -29.06 18.71
N LEU B 354 -17.33 -30.26 18.15
CA LEU B 354 -17.73 -31.47 18.86
C LEU B 354 -16.95 -31.62 20.15
N ARG B 355 -15.64 -31.38 20.10
CA ARG B 355 -14.82 -31.49 21.30
C ARG B 355 -15.28 -30.51 22.37
N ALA B 356 -15.59 -29.28 21.97
CA ALA B 356 -16.03 -28.28 22.95
C ALA B 356 -17.38 -28.65 23.55
N LEU B 357 -18.32 -29.14 22.73
CA LEU B 357 -19.67 -29.35 23.21
C LEU B 357 -19.86 -30.67 23.94
N ALA B 358 -19.02 -31.68 23.66
CA ALA B 358 -19.25 -33.00 24.25
C ALA B 358 -17.97 -33.69 24.71
N PHE B 359 -16.89 -32.95 24.98
CA PHE B 359 -15.66 -33.54 25.46
C PHE B 359 -14.96 -32.58 26.40
N HIS B 360 -13.82 -33.00 26.92
CA HIS B 360 -13.01 -32.20 27.83
C HIS B 360 -11.57 -32.70 27.80
N PRO B 361 -10.57 -31.81 27.71
CA PRO B 361 -9.20 -32.30 27.60
C PRO B 361 -8.61 -32.67 28.94
N ARG B 362 -7.86 -33.77 28.97
CA ARG B 362 -7.17 -34.20 30.18
C ARG B 362 -6.03 -33.23 30.48
N MET B 363 -6.16 -32.49 31.58
CA MET B 363 -5.18 -31.47 31.90
C MET B 363 -3.89 -32.11 32.40
N PRO B 364 -2.75 -31.43 32.25
CA PRO B 364 -1.48 -31.98 32.73
C PRO B 364 -1.39 -31.95 34.25
N LEU B 365 -0.50 -32.78 34.78
CA LEU B 365 -0.29 -32.89 36.21
C LEU B 365 1.11 -32.41 36.56
N PRO B 366 1.27 -31.44 37.47
CA PRO B 366 2.63 -31.03 37.88
C PRO B 366 3.27 -32.03 38.82
N GLU B 367 3.90 -33.06 38.27
CA GLU B 367 4.47 -34.12 39.09
C GLU B 367 5.45 -33.53 40.10
N PRO B 368 5.43 -33.99 41.36
CA PRO B 368 6.37 -33.43 42.34
C PRO B 368 7.82 -33.66 41.93
N GLU B 369 8.67 -32.69 42.29
CA GLU B 369 10.09 -32.77 42.00
C GLU B 369 10.80 -33.67 43.02
N TYR C 3 -12.96 -26.46 -28.31
CA TYR C 3 -11.63 -26.04 -27.91
C TYR C 3 -11.70 -24.96 -26.83
N GLN C 4 -12.78 -24.19 -26.83
CA GLN C 4 -12.93 -23.12 -25.86
C GLN C 4 -13.12 -23.68 -24.46
N VAL C 5 -12.68 -22.91 -23.47
CA VAL C 5 -12.73 -23.37 -22.09
C VAL C 5 -14.18 -23.59 -21.67
N LEU C 6 -14.39 -24.58 -20.81
CA LEU C 6 -15.74 -24.91 -20.36
C LEU C 6 -16.37 -23.75 -19.59
N ALA C 7 -15.59 -23.09 -18.73
CA ALA C 7 -16.13 -21.99 -17.94
C ALA C 7 -16.65 -20.87 -18.84
N ARG C 8 -15.86 -20.49 -19.85
CA ARG C 8 -16.28 -19.40 -20.73
C ARG C 8 -17.41 -19.84 -21.65
N LYS C 9 -17.30 -21.03 -22.23
CA LYS C 9 -18.30 -21.47 -23.19
C LYS C 9 -19.66 -21.66 -22.53
N TRP C 10 -19.69 -22.25 -21.33
CA TRP C 10 -20.93 -22.59 -20.65
C TRP C 10 -21.34 -21.52 -19.64
N ARG C 11 -20.98 -20.27 -19.88
CA ARG C 11 -21.47 -19.19 -19.04
C ARG C 11 -22.98 -19.03 -19.24
N PRO C 12 -23.76 -18.75 -18.19
CA PRO C 12 -25.21 -18.64 -18.38
C PRO C 12 -25.57 -17.53 -19.35
N GLN C 13 -26.59 -17.79 -20.17
CA GLN C 13 -27.11 -16.80 -21.10
C GLN C 13 -28.57 -16.48 -20.84
N THR C 14 -29.18 -17.10 -19.83
CA THR C 14 -30.56 -16.79 -19.44
C THR C 14 -30.73 -17.19 -17.99
N PHE C 15 -31.79 -16.68 -17.37
CA PHE C 15 -32.01 -16.93 -15.95
C PHE C 15 -32.21 -18.42 -15.67
N ALA C 16 -32.75 -19.16 -16.63
CA ALA C 16 -32.96 -20.59 -16.43
C ALA C 16 -31.63 -21.33 -16.32
N ASP C 17 -30.63 -20.92 -17.10
CA ASP C 17 -29.36 -21.63 -17.12
C ASP C 17 -28.64 -21.60 -15.78
N VAL C 18 -28.97 -20.65 -14.91
CA VAL C 18 -28.29 -20.55 -13.62
C VAL C 18 -28.74 -21.69 -12.72
N VAL C 19 -27.78 -22.41 -12.16
CA VAL C 19 -28.04 -23.52 -11.24
C VAL C 19 -27.88 -23.01 -9.82
N GLY C 20 -28.86 -23.30 -8.97
CA GLY C 20 -28.82 -22.82 -7.60
C GLY C 20 -29.11 -21.33 -7.53
N GLN C 21 -28.83 -20.77 -6.35
CA GLN C 21 -29.07 -19.36 -6.08
C GLN C 21 -30.51 -18.99 -6.40
N GLU C 22 -31.44 -19.84 -5.96
CA GLU C 22 -32.85 -19.65 -6.32
C GLU C 22 -33.39 -18.35 -5.76
N HIS C 23 -32.99 -17.99 -4.54
CA HIS C 23 -33.58 -16.83 -3.87
C HIS C 23 -33.26 -15.54 -4.62
N VAL C 24 -31.99 -15.34 -4.99
CA VAL C 24 -31.61 -14.11 -5.67
C VAL C 24 -32.23 -14.07 -7.06
N LEU C 25 -32.24 -15.20 -7.76
CA LEU C 25 -32.85 -15.24 -9.08
C LEU C 25 -34.33 -14.90 -9.02
N THR C 26 -35.04 -15.46 -8.05
CA THR C 26 -36.47 -15.15 -7.90
C THR C 26 -36.67 -13.68 -7.55
N ALA C 27 -35.86 -13.15 -6.65
CA ALA C 27 -36.00 -11.74 -6.27
C ALA C 27 -35.78 -10.83 -7.46
N LEU C 28 -34.72 -11.08 -8.23
CA LEU C 28 -34.44 -10.25 -9.40
C LEU C 28 -35.53 -10.38 -10.45
N ALA C 29 -36.01 -11.60 -10.70
CA ALA C 29 -37.06 -11.79 -11.69
C ALA C 29 -38.33 -11.05 -11.28
N ASN C 30 -38.71 -11.16 -10.01
CA ASN C 30 -39.89 -10.45 -9.53
C ASN C 30 -39.71 -8.94 -9.62
N GLY C 31 -38.52 -8.45 -9.27
CA GLY C 31 -38.28 -7.02 -9.37
C GLY C 31 -38.39 -6.51 -10.79
N LEU C 32 -37.80 -7.26 -11.74
CA LEU C 32 -37.89 -6.86 -13.14
C LEU C 32 -39.32 -6.93 -13.66
N SER C 33 -40.06 -7.97 -13.29
CA SER C 33 -41.42 -8.12 -13.80
C SER C 33 -42.34 -7.06 -13.23
N LEU C 34 -42.31 -6.84 -11.92
CA LEU C 34 -43.17 -5.84 -11.30
C LEU C 34 -42.74 -4.42 -11.65
N GLY C 35 -41.52 -4.23 -12.15
CA GLY C 35 -41.02 -2.91 -12.45
C GLY C 35 -40.44 -2.17 -11.27
N ARG C 36 -40.39 -2.78 -10.08
CA ARG C 36 -39.85 -2.13 -8.89
C ARG C 36 -38.35 -2.41 -8.85
N ILE C 37 -37.61 -1.70 -9.69
CA ILE C 37 -36.18 -1.91 -9.86
C ILE C 37 -35.43 -0.91 -9.00
N HIS C 38 -34.51 -1.42 -8.17
CA HIS C 38 -33.65 -0.56 -7.38
C HIS C 38 -32.47 -0.09 -8.21
N HIS C 39 -31.81 0.96 -7.74
CA HIS C 39 -30.72 1.61 -8.47
C HIS C 39 -29.34 1.15 -8.03
N ALA C 40 -29.25 0.17 -7.13
CA ALA C 40 -27.95 -0.28 -6.64
C ALA C 40 -28.11 -1.68 -6.06
N TYR C 41 -27.51 -2.67 -6.74
CA TYR C 41 -27.53 -4.05 -6.30
C TYR C 41 -26.12 -4.49 -5.95
N LEU C 42 -25.96 -5.09 -4.77
CA LEU C 42 -24.70 -5.66 -4.34
C LEU C 42 -24.83 -7.17 -4.34
N PHE C 43 -23.85 -7.85 -4.93
CA PHE C 43 -23.81 -9.31 -4.99
C PHE C 43 -22.62 -9.80 -4.18
N SER C 44 -22.84 -10.80 -3.34
CA SER C 44 -21.80 -11.34 -2.49
C SER C 44 -21.84 -12.86 -2.52
N GLY C 45 -20.73 -13.47 -2.13
CA GLY C 45 -20.61 -14.92 -2.13
C GLY C 45 -19.15 -15.32 -2.20
N THR C 46 -18.93 -16.58 -2.55
CA THR C 46 -17.60 -17.11 -2.74
C THR C 46 -17.24 -17.13 -4.22
N ARG C 47 -15.98 -17.44 -4.50
CA ARG C 47 -15.49 -17.48 -5.86
C ARG C 47 -16.31 -18.45 -6.71
N GLY C 48 -16.57 -18.04 -7.95
CA GLY C 48 -17.19 -18.93 -8.93
C GLY C 48 -18.63 -19.27 -8.69
N VAL C 49 -19.28 -18.69 -7.69
CA VAL C 49 -20.68 -19.03 -7.41
C VAL C 49 -21.60 -18.51 -8.51
N GLY C 50 -21.24 -17.41 -9.17
CA GLY C 50 -22.05 -16.87 -10.24
C GLY C 50 -22.45 -15.42 -10.05
N LYS C 51 -21.66 -14.66 -9.29
CA LYS C 51 -21.95 -13.25 -9.11
C LYS C 51 -21.93 -12.51 -10.44
N THR C 52 -20.85 -12.66 -11.20
CA THR C 52 -20.73 -11.95 -12.48
C THR C 52 -21.75 -12.46 -13.48
N SER C 53 -22.03 -13.76 -13.48
CA SER C 53 -23.03 -14.30 -14.40
C SER C 53 -24.40 -13.68 -14.14
N ILE C 54 -24.80 -13.59 -12.87
CA ILE C 54 -26.10 -13.01 -12.54
C ILE C 54 -26.10 -11.53 -12.86
N ALA C 55 -25.00 -10.83 -12.59
CA ALA C 55 -24.93 -9.41 -12.91
C ALA C 55 -25.10 -9.17 -14.40
N ARG C 56 -24.43 -9.98 -15.23
CA ARG C 56 -24.55 -9.81 -16.67
C ARG C 56 -25.94 -10.19 -17.16
N LEU C 57 -26.56 -11.21 -16.55
CA LEU C 57 -27.93 -11.54 -16.91
C LEU C 57 -28.89 -10.40 -16.58
N LEU C 58 -28.69 -9.77 -15.42
CA LEU C 58 -29.52 -8.62 -15.07
C LEU C 58 -29.29 -7.46 -16.05
N ALA C 59 -28.03 -7.23 -16.43
CA ALA C 59 -27.75 -6.19 -17.40
C ALA C 59 -28.42 -6.48 -18.74
N LYS C 60 -28.40 -7.74 -19.17
CA LYS C 60 -29.10 -8.11 -20.40
C LYS C 60 -30.60 -7.86 -20.26
N GLY C 61 -31.18 -8.21 -19.12
CA GLY C 61 -32.60 -8.00 -18.92
C GLY C 61 -32.98 -6.52 -18.96
N LEU C 62 -32.17 -5.67 -18.34
CA LEU C 62 -32.47 -4.25 -18.30
C LEU C 62 -32.38 -3.62 -19.68
N ASN C 63 -31.35 -3.96 -20.45
CA ASN C 63 -31.05 -3.29 -21.71
C ASN C 63 -31.60 -4.03 -22.92
N CYS C 64 -32.40 -5.08 -22.72
CA CYS C 64 -32.90 -5.85 -23.85
C CYS C 64 -33.76 -4.97 -24.75
N GLU C 65 -33.67 -5.21 -26.06
CA GLU C 65 -34.40 -4.40 -27.02
C GLU C 65 -35.90 -4.55 -26.82
N THR C 66 -36.37 -5.76 -26.57
CA THR C 66 -37.81 -5.98 -26.40
C THR C 66 -38.37 -5.26 -25.19
N GLY C 67 -37.52 -4.86 -24.24
CA GLY C 67 -37.93 -4.16 -23.05
C GLY C 67 -37.31 -4.75 -21.81
N ILE C 68 -37.67 -4.17 -20.67
CA ILE C 68 -37.18 -4.64 -19.38
C ILE C 68 -37.99 -5.87 -19.00
N THR C 69 -37.32 -7.02 -18.93
CA THR C 69 -37.98 -8.27 -18.60
C THR C 69 -37.01 -9.17 -17.86
N ALA C 70 -37.57 -10.15 -17.15
CA ALA C 70 -36.78 -11.14 -16.44
C ALA C 70 -36.39 -12.32 -17.33
N THR C 71 -36.82 -12.33 -18.59
CA THR C 71 -36.50 -13.39 -19.54
C THR C 71 -36.00 -12.73 -20.83
N PRO C 72 -34.77 -12.24 -20.84
CA PRO C 72 -34.25 -11.60 -22.05
C PRO C 72 -34.25 -12.54 -23.23
N CYS C 73 -34.52 -11.98 -24.42
CA CYS C 73 -34.64 -12.80 -25.62
C CYS C 73 -33.34 -13.54 -25.92
N GLY C 74 -32.21 -12.86 -25.80
CA GLY C 74 -30.93 -13.44 -26.14
C GLY C 74 -30.56 -13.36 -27.60
N VAL C 75 -31.36 -12.68 -28.42
CA VAL C 75 -31.11 -12.61 -29.85
C VAL C 75 -30.95 -11.18 -30.36
N CYS C 76 -31.49 -10.18 -29.67
CA CYS C 76 -31.35 -8.81 -30.13
C CYS C 76 -29.90 -8.35 -29.97
N ASP C 77 -29.60 -7.19 -30.58
CA ASP C 77 -28.22 -6.73 -30.64
C ASP C 77 -27.63 -6.52 -29.25
N ASN C 78 -28.41 -5.93 -28.33
CA ASN C 78 -27.90 -5.70 -26.98
C ASN C 78 -27.55 -7.01 -26.29
N CYS C 79 -28.41 -8.03 -26.42
CA CYS C 79 -28.13 -9.31 -25.78
C CYS C 79 -26.87 -9.94 -26.32
N ARG C 80 -26.70 -9.93 -27.66
CA ARG C 80 -25.50 -10.51 -28.24
C ARG C 80 -24.25 -9.75 -27.81
N GLU C 81 -24.32 -8.42 -27.81
CA GLU C 81 -23.16 -7.63 -27.41
C GLU C 81 -22.77 -7.90 -25.97
N ILE C 82 -23.76 -7.98 -25.08
CA ILE C 82 -23.46 -8.27 -23.67
C ILE C 82 -22.90 -9.67 -23.53
N GLU C 83 -23.41 -10.62 -24.31
CA GLU C 83 -22.90 -11.98 -24.27
C GLU C 83 -21.43 -12.02 -24.67
N GLN C 84 -21.07 -11.28 -25.72
CA GLN C 84 -19.69 -11.23 -26.18
C GLN C 84 -18.82 -10.31 -25.34
N GLY C 85 -19.40 -9.59 -24.38
CA GLY C 85 -18.62 -8.67 -23.57
C GLY C 85 -18.20 -7.41 -24.29
N ARG C 86 -18.92 -7.03 -25.34
CA ARG C 86 -18.60 -5.85 -26.15
C ARG C 86 -19.79 -4.89 -26.17
N PHE C 87 -20.43 -4.70 -25.02
CA PHE C 87 -21.56 -3.79 -24.90
C PHE C 87 -21.06 -2.46 -24.33
N VAL C 88 -21.30 -1.38 -25.08
CA VAL C 88 -20.72 -0.08 -24.72
C VAL C 88 -21.27 0.41 -23.39
N ASP C 89 -22.59 0.27 -23.16
CA ASP C 89 -23.19 0.83 -21.96
C ASP C 89 -22.85 0.03 -20.71
N LEU C 90 -22.67 -1.28 -20.85
CA LEU C 90 -22.30 -2.13 -19.72
C LEU C 90 -20.84 -1.86 -19.37
N ILE C 91 -20.61 -0.99 -18.39
CA ILE C 91 -19.27 -0.58 -18.02
C ILE C 91 -18.75 -1.57 -16.98
N GLU C 92 -17.87 -2.47 -17.40
CA GLU C 92 -17.25 -3.44 -16.51
C GLU C 92 -15.99 -2.81 -15.92
N ILE C 93 -16.06 -2.43 -14.66
CA ILE C 93 -14.98 -1.74 -13.96
C ILE C 93 -14.39 -2.66 -12.91
N ASP C 94 -13.09 -2.49 -12.66
CA ASP C 94 -12.39 -3.23 -11.63
C ASP C 94 -12.00 -2.26 -10.51
N ALA C 95 -12.36 -2.63 -9.28
CA ALA C 95 -12.07 -1.74 -8.15
C ALA C 95 -10.58 -1.52 -7.99
N ALA C 96 -9.78 -2.57 -8.13
CA ALA C 96 -8.34 -2.43 -7.97
C ALA C 96 -7.72 -1.55 -9.05
N SER C 97 -8.31 -1.56 -10.26
CA SER C 97 -7.77 -0.72 -11.32
C SER C 97 -7.85 0.74 -10.97
N ARG C 98 -8.95 1.17 -10.35
CA ARG C 98 -9.15 2.54 -9.91
C ARG C 98 -9.49 2.52 -8.42
N THR C 99 -8.45 2.52 -7.59
CA THR C 99 -8.62 2.49 -6.14
C THR C 99 -8.51 3.87 -5.50
N LYS C 100 -7.72 4.76 -6.08
CA LYS C 100 -7.56 6.10 -5.52
C LYS C 100 -8.84 6.91 -5.74
N VAL C 101 -9.00 7.95 -4.92
CA VAL C 101 -10.19 8.78 -4.98
C VAL C 101 -10.28 9.49 -6.32
N GLU C 102 -9.14 9.89 -6.87
CA GLU C 102 -9.14 10.63 -8.13
C GLU C 102 -9.71 9.79 -9.27
N ASP C 103 -9.32 8.52 -9.34
CA ASP C 103 -9.79 7.66 -10.42
C ASP C 103 -11.30 7.44 -10.35
N THR C 104 -11.83 7.20 -9.14
CA THR C 104 -13.27 7.02 -9.02
C THR C 104 -14.02 8.32 -9.28
N ARG C 105 -13.44 9.47 -8.91
CA ARG C 105 -14.08 10.74 -9.26
C ARG C 105 -14.12 10.92 -10.77
N ASP C 106 -13.04 10.55 -11.46
CA ASP C 106 -13.05 10.60 -12.92
C ASP C 106 -14.12 9.67 -13.49
N LEU C 107 -14.26 8.48 -12.90
CA LEU C 107 -15.31 7.57 -13.34
C LEU C 107 -16.69 8.18 -13.17
N LEU C 108 -16.93 8.81 -12.02
CA LEU C 108 -18.25 9.38 -11.76
C LEU C 108 -18.53 10.65 -12.54
N ASP C 109 -17.48 11.31 -13.04
CA ASP C 109 -17.69 12.54 -13.81
C ASP C 109 -18.54 12.29 -15.05
N ASN C 110 -18.43 11.11 -15.65
CA ASN C 110 -19.14 10.79 -16.90
C ASN C 110 -20.47 10.08 -16.65
N VAL C 111 -20.88 9.94 -15.40
CA VAL C 111 -22.12 9.22 -15.10
C VAL C 111 -23.32 9.99 -15.63
N GLN C 112 -23.26 11.32 -15.61
CA GLN C 112 -24.44 12.13 -15.95
C GLN C 112 -24.84 11.94 -17.41
N TYR C 113 -23.89 11.65 -18.29
CA TYR C 113 -24.20 11.57 -19.71
C TYR C 113 -25.15 10.41 -20.00
N ALA C 114 -25.99 10.60 -21.00
CA ALA C 114 -27.00 9.60 -21.32
C ALA C 114 -26.35 8.35 -21.94
N PRO C 115 -26.99 7.19 -21.84
CA PRO C 115 -26.42 5.98 -22.43
C PRO C 115 -26.39 6.07 -23.95
N ALA C 116 -25.39 5.41 -24.53
CA ALA C 116 -25.17 5.43 -25.97
C ALA C 116 -26.37 4.86 -26.72
N ARG C 117 -26.69 3.60 -26.49
CA ARG C 117 -27.82 2.95 -27.16
C ARG C 117 -28.69 2.19 -26.17
N GLY C 118 -28.09 1.64 -25.11
CA GLY C 118 -28.85 0.91 -24.13
C GLY C 118 -29.76 1.82 -23.33
N ARG C 119 -30.81 1.21 -22.76
CA ARG C 119 -31.79 1.96 -21.98
C ARG C 119 -31.25 2.37 -20.62
N PHE C 120 -30.19 1.72 -20.14
CA PHE C 120 -29.56 2.08 -18.88
C PHE C 120 -28.05 2.02 -19.05
N LYS C 121 -27.34 2.84 -18.27
CA LYS C 121 -25.89 2.83 -18.24
C LYS C 121 -25.44 1.99 -17.05
N VAL C 122 -25.53 0.67 -17.23
CA VAL C 122 -25.23 -0.26 -16.14
C VAL C 122 -23.74 -0.23 -15.83
N TYR C 123 -23.41 -0.11 -14.55
CA TYR C 123 -22.04 -0.21 -14.06
C TYR C 123 -21.90 -1.52 -13.30
N LEU C 124 -20.83 -2.26 -13.55
CA LEU C 124 -20.55 -3.53 -12.89
C LEU C 124 -19.14 -3.44 -12.33
N ILE C 125 -19.04 -3.18 -11.03
CA ILE C 125 -17.75 -3.06 -10.35
C ILE C 125 -17.40 -4.41 -9.74
N ASP C 126 -16.21 -4.90 -10.06
CA ASP C 126 -15.75 -6.20 -9.57
C ASP C 126 -14.86 -6.00 -8.34
N GLU C 127 -15.11 -6.82 -7.31
CA GLU C 127 -14.34 -6.75 -6.07
C GLU C 127 -14.38 -5.34 -5.49
N VAL C 128 -15.61 -4.82 -5.33
CA VAL C 128 -15.79 -3.45 -4.88
C VAL C 128 -15.15 -3.20 -3.52
N HIS C 129 -14.94 -4.24 -2.73
CA HIS C 129 -14.35 -4.06 -1.40
C HIS C 129 -12.92 -3.52 -1.49
N MET C 130 -12.28 -3.61 -2.65
CA MET C 130 -10.92 -3.12 -2.78
C MET C 130 -10.85 -1.60 -2.83
N LEU C 131 -11.97 -0.93 -3.08
CA LEU C 131 -11.97 0.54 -3.11
C LEU C 131 -11.59 1.09 -1.74
N SER C 132 -10.88 2.21 -1.76
CA SER C 132 -10.48 2.86 -0.51
C SER C 132 -11.69 3.48 0.16
N ARG C 133 -11.51 3.85 1.44
CA ARG C 133 -12.59 4.46 2.19
C ARG C 133 -13.02 5.78 1.55
N HIS C 134 -12.06 6.58 1.09
CA HIS C 134 -12.40 7.82 0.41
C HIS C 134 -13.18 7.56 -0.86
N SER C 135 -12.80 6.53 -1.62
CA SER C 135 -13.55 6.19 -2.82
C SER C 135 -14.98 5.80 -2.48
N PHE C 136 -15.16 5.02 -1.42
CA PHE C 136 -16.52 4.65 -0.99
C PHE C 136 -17.32 5.88 -0.62
N ASN C 137 -16.72 6.80 0.14
CA ASN C 137 -17.44 8.00 0.55
C ASN C 137 -17.82 8.85 -0.65
N ALA C 138 -16.92 8.99 -1.62
CA ALA C 138 -17.25 9.72 -2.83
C ALA C 138 -18.37 9.04 -3.60
N LEU C 139 -18.38 7.70 -3.61
CA LEU C 139 -19.40 6.96 -4.32
C LEU C 139 -20.74 7.00 -3.60
N LEU C 140 -20.75 7.32 -2.31
CA LEU C 140 -22.00 7.32 -1.54
C LEU C 140 -23.04 8.24 -2.17
N LYS C 141 -22.65 9.46 -2.53
CA LYS C 141 -23.62 10.43 -3.02
C LYS C 141 -24.29 9.96 -4.30
N THR C 142 -23.50 9.42 -5.23
CA THR C 142 -24.10 8.91 -6.46
C THR C 142 -24.92 7.64 -6.21
N LEU C 143 -24.51 6.83 -5.23
CA LEU C 143 -25.28 5.63 -4.92
C LEU C 143 -26.64 5.98 -4.35
N GLU C 144 -26.72 7.02 -3.52
CA GLU C 144 -27.99 7.39 -2.91
C GLU C 144 -28.96 7.92 -3.96
N GLU C 145 -28.50 8.83 -4.81
CA GLU C 145 -29.34 9.50 -5.81
C GLU C 145 -28.66 9.49 -7.16
N PRO C 146 -28.58 8.32 -7.80
CA PRO C 146 -27.99 8.25 -9.14
C PRO C 146 -28.97 8.75 -10.19
N PRO C 147 -28.49 9.08 -11.39
CA PRO C 147 -29.42 9.46 -12.47
C PRO C 147 -30.37 8.32 -12.79
N GLU C 148 -31.56 8.68 -13.26
CA GLU C 148 -32.60 7.70 -13.52
C GLU C 148 -32.17 6.64 -14.53
N HIS C 149 -31.20 6.95 -15.39
CA HIS C 149 -30.74 6.04 -16.42
C HIS C 149 -29.44 5.32 -16.04
N VAL C 150 -29.12 5.26 -14.75
CA VAL C 150 -27.87 4.70 -14.26
C VAL C 150 -28.19 3.61 -13.24
N LYS C 151 -27.53 2.46 -13.39
CA LYS C 151 -27.67 1.35 -12.45
C LYS C 151 -26.28 0.88 -12.03
N PHE C 152 -26.13 0.60 -10.73
CA PHE C 152 -24.89 0.09 -10.17
C PHE C 152 -25.07 -1.37 -9.78
N LEU C 153 -24.10 -2.20 -10.17
CA LEU C 153 -24.10 -3.63 -9.85
C LEU C 153 -22.75 -3.93 -9.19
N LEU C 154 -22.67 -3.73 -7.88
CA LEU C 154 -21.45 -4.02 -7.15
C LEU C 154 -21.31 -5.52 -6.93
N ALA C 155 -20.06 -5.95 -6.75
CA ALA C 155 -19.76 -7.36 -6.51
C ALA C 155 -18.48 -7.48 -5.70
N THR C 156 -18.49 -8.38 -4.74
CA THR C 156 -17.32 -8.60 -3.89
C THR C 156 -17.46 -9.95 -3.19
N THR C 157 -16.33 -10.63 -3.02
CA THR C 157 -16.34 -11.90 -2.29
C THR C 157 -16.47 -11.69 -0.78
N ASP C 158 -16.00 -10.56 -0.27
CA ASP C 158 -16.03 -10.25 1.16
C ASP C 158 -16.91 -9.03 1.39
N PRO C 159 -18.18 -9.19 1.78
CA PRO C 159 -19.05 -8.03 1.98
C PRO C 159 -18.86 -7.33 3.31
N GLN C 160 -18.16 -7.95 4.27
CA GLN C 160 -18.00 -7.33 5.58
C GLN C 160 -17.05 -6.14 5.56
N LYS C 161 -16.22 -6.03 4.52
CA LYS C 161 -15.29 -4.90 4.43
C LYS C 161 -15.97 -3.61 4.01
N LEU C 162 -17.15 -3.69 3.40
CA LEU C 162 -17.80 -2.50 2.90
C LEU C 162 -18.28 -1.63 4.05
N PRO C 163 -18.30 -0.31 3.89
CA PRO C 163 -18.87 0.56 4.93
C PRO C 163 -20.37 0.29 5.10
N VAL C 164 -20.84 0.52 6.33
CA VAL C 164 -22.26 0.31 6.61
C VAL C 164 -23.12 1.19 5.73
N THR C 165 -22.66 2.40 5.41
CA THR C 165 -23.42 3.29 4.54
C THR C 165 -23.61 2.67 3.16
N ILE C 166 -22.55 2.10 2.59
CA ILE C 166 -22.65 1.44 1.30
C ILE C 166 -23.64 0.29 1.36
N LEU C 167 -23.57 -0.52 2.42
CA LEU C 167 -24.48 -1.64 2.56
C LEU C 167 -25.93 -1.17 2.63
N SER C 168 -26.18 -0.10 3.39
CA SER C 168 -27.55 0.40 3.53
C SER C 168 -28.05 1.08 2.27
N ARG C 169 -27.15 1.57 1.42
CA ARG C 169 -27.57 2.27 0.21
C ARG C 169 -27.93 1.35 -0.94
N CYS C 170 -27.71 0.04 -0.80
CA CYS C 170 -27.92 -0.89 -1.91
C CYS C 170 -28.61 -2.15 -1.41
N LEU C 171 -29.30 -2.82 -2.33
CA LEU C 171 -29.96 -4.08 -2.03
C LEU C 171 -28.92 -5.21 -2.06
N GLN C 172 -28.78 -5.91 -0.95
CA GLN C 172 -27.78 -6.96 -0.83
C GLN C 172 -28.35 -8.31 -1.26
N PHE C 173 -27.52 -9.09 -1.93
CA PHE C 173 -27.87 -10.46 -2.31
C PHE C 173 -26.64 -11.33 -2.10
N HIS C 174 -26.67 -12.16 -1.06
CA HIS C 174 -25.52 -13.00 -0.71
C HIS C 174 -25.71 -14.37 -1.37
N LEU C 175 -24.96 -14.61 -2.43
CA LEU C 175 -25.03 -15.90 -3.11
C LEU C 175 -24.42 -16.99 -2.22
N LYS C 176 -25.08 -18.13 -2.17
CA LYS C 176 -24.67 -19.25 -1.34
C LYS C 176 -23.84 -20.23 -2.15
N ALA C 177 -22.87 -20.86 -1.47
CA ALA C 177 -22.06 -21.87 -2.11
C ALA C 177 -22.95 -22.99 -2.63
N LEU C 178 -22.73 -23.39 -3.89
CA LEU C 178 -23.58 -24.39 -4.51
C LEU C 178 -23.41 -25.75 -3.84
N ASP C 179 -24.50 -26.49 -3.76
CA ASP C 179 -24.47 -27.82 -3.16
C ASP C 179 -23.68 -28.78 -4.04
N VAL C 180 -23.11 -29.82 -3.40
CA VAL C 180 -22.34 -30.81 -4.13
C VAL C 180 -23.21 -31.48 -5.19
N GLU C 181 -24.46 -31.79 -4.85
CA GLU C 181 -25.36 -32.41 -5.82
C GLU C 181 -25.61 -31.50 -7.00
N GLN C 182 -25.79 -30.20 -6.75
CA GLN C 182 -26.00 -29.25 -7.84
C GLN C 182 -24.77 -29.20 -8.75
N ILE C 183 -23.57 -29.18 -8.16
CA ILE C 183 -22.35 -29.16 -8.97
C ILE C 183 -22.27 -30.43 -9.83
N ARG C 184 -22.56 -31.58 -9.23
CA ARG C 184 -22.50 -32.83 -9.97
C ARG C 184 -23.52 -32.82 -11.12
N HIS C 185 -24.72 -32.33 -10.85
CA HIS C 185 -25.75 -32.29 -11.89
C HIS C 185 -25.33 -31.37 -13.03
N GLN C 186 -24.76 -30.21 -12.71
CA GLN C 186 -24.30 -29.29 -13.75
C GLN C 186 -23.19 -29.92 -14.57
N LEU C 187 -22.23 -30.58 -13.92
CA LEU C 187 -21.16 -31.24 -14.65
C LEU C 187 -21.71 -32.32 -15.57
N GLU C 188 -22.63 -33.13 -15.07
CA GLU C 188 -23.24 -34.16 -15.90
C GLU C 188 -23.95 -33.56 -17.10
N HIS C 189 -24.69 -32.47 -16.87
CA HIS C 189 -25.44 -31.85 -17.97
C HIS C 189 -24.50 -31.32 -19.04
N ILE C 190 -23.45 -30.60 -18.63
CA ILE C 190 -22.54 -30.03 -19.63
C ILE C 190 -21.80 -31.14 -20.38
N LEU C 191 -21.37 -32.19 -19.67
CA LEU C 191 -20.68 -33.27 -20.34
C LEU C 191 -21.59 -33.99 -21.32
N ASN C 192 -22.86 -34.21 -20.93
CA ASN C 192 -23.81 -34.82 -21.85
C ASN C 192 -24.03 -33.94 -23.07
N GLU C 193 -24.12 -32.63 -22.88
CA GLU C 193 -24.31 -31.72 -24.00
C GLU C 193 -23.10 -31.74 -24.93
N GLU C 194 -21.90 -31.90 -24.37
CA GLU C 194 -20.69 -31.94 -25.19
C GLU C 194 -20.39 -33.32 -25.75
N HIS C 195 -21.24 -34.32 -25.48
CA HIS C 195 -21.04 -35.68 -25.99
C HIS C 195 -19.70 -36.25 -25.53
N ILE C 196 -19.56 -36.37 -24.21
CA ILE C 196 -18.34 -36.85 -23.58
C ILE C 196 -18.70 -37.97 -22.63
N ALA C 197 -17.97 -39.09 -22.71
CA ALA C 197 -18.19 -40.20 -21.79
C ALA C 197 -17.74 -39.83 -20.40
N HIS C 198 -18.53 -40.23 -19.39
CA HIS C 198 -18.21 -39.94 -18.00
C HIS C 198 -18.79 -41.04 -17.13
N GLU C 199 -18.24 -41.14 -15.91
CA GLU C 199 -18.69 -42.13 -14.94
C GLU C 199 -19.20 -41.43 -13.68
N PRO C 200 -20.22 -41.97 -13.02
CA PRO C 200 -20.76 -41.28 -11.83
C PRO C 200 -19.72 -41.04 -10.75
N ARG C 201 -18.82 -41.98 -10.51
CA ARG C 201 -17.83 -41.81 -9.46
C ARG C 201 -16.89 -40.65 -9.78
N ALA C 202 -16.52 -40.50 -11.04
CA ALA C 202 -15.66 -39.38 -11.42
C ALA C 202 -16.36 -38.04 -11.17
N LEU C 203 -17.65 -37.96 -11.51
CA LEU C 203 -18.39 -36.73 -11.25
C LEU C 203 -18.49 -36.46 -9.76
N GLN C 204 -18.73 -37.50 -8.96
CA GLN C 204 -18.78 -37.31 -7.51
C GLN C 204 -17.44 -36.80 -6.97
N LEU C 205 -16.34 -37.38 -7.45
CA LEU C 205 -15.02 -36.92 -7.00
C LEU C 205 -14.77 -35.48 -7.40
N LEU C 206 -15.13 -35.10 -8.63
CA LEU C 206 -14.94 -33.72 -9.06
C LEU C 206 -15.79 -32.76 -8.23
N ALA C 207 -17.04 -33.13 -7.96
CA ALA C 207 -17.91 -32.27 -7.17
C ALA C 207 -17.37 -32.12 -5.75
N ARG C 208 -16.87 -33.20 -5.16
CA ARG C 208 -16.24 -33.10 -3.85
C ARG C 208 -15.02 -32.20 -3.89
N ALA C 209 -14.21 -32.31 -4.95
CA ALA C 209 -13.03 -31.47 -5.07
C ALA C 209 -13.39 -30.00 -5.14
N ALA C 210 -14.43 -29.67 -5.90
CA ALA C 210 -14.92 -28.30 -5.98
C ALA C 210 -15.84 -28.05 -4.79
N GLU C 211 -15.34 -27.30 -3.80
CA GLU C 211 -16.07 -27.12 -2.55
C GLU C 211 -17.46 -26.55 -2.79
N GLY C 212 -17.52 -25.31 -3.27
CA GLY C 212 -18.78 -24.70 -3.64
C GLY C 212 -18.68 -23.82 -4.87
N SER C 213 -17.49 -23.78 -5.46
CA SER C 213 -17.22 -22.93 -6.62
C SER C 213 -17.36 -23.78 -7.87
N LEU C 214 -18.43 -23.51 -8.64
CA LEU C 214 -18.65 -24.26 -9.87
C LEU C 214 -17.54 -24.01 -10.88
N ARG C 215 -16.88 -22.86 -10.82
CA ARG C 215 -15.77 -22.59 -11.72
C ARG C 215 -14.61 -23.56 -11.46
N ASP C 216 -14.32 -23.85 -10.19
CA ASP C 216 -13.32 -24.85 -9.88
C ASP C 216 -13.74 -26.22 -10.38
N ALA C 217 -15.03 -26.54 -10.28
CA ALA C 217 -15.52 -27.80 -10.81
C ALA C 217 -15.29 -27.88 -12.31
N LEU C 218 -15.57 -26.81 -13.05
CA LEU C 218 -15.36 -26.82 -14.49
C LEU C 218 -13.87 -26.92 -14.83
N SER C 219 -13.01 -26.21 -14.09
CA SER C 219 -11.58 -26.30 -14.34
C SER C 219 -11.07 -27.72 -14.10
N LEU C 220 -11.49 -28.33 -13.00
CA LEU C 220 -11.07 -29.70 -12.71
C LEU C 220 -11.61 -30.66 -13.75
N THR C 221 -12.85 -30.43 -14.23
CA THR C 221 -13.39 -31.28 -15.28
C THR C 221 -12.57 -31.17 -16.56
N ASP C 222 -12.16 -29.95 -16.92
CA ASP C 222 -11.33 -29.78 -18.10
C ASP C 222 -9.98 -30.47 -17.93
N GLN C 223 -9.38 -30.33 -16.74
CA GLN C 223 -8.10 -31.00 -16.49
C GLN C 223 -8.24 -32.51 -16.56
N ALA C 224 -9.36 -33.05 -16.05
CA ALA C 224 -9.60 -34.49 -16.14
C ALA C 224 -9.82 -34.91 -17.59
N ILE C 225 -10.50 -34.07 -18.37
CA ILE C 225 -10.66 -34.35 -19.79
C ILE C 225 -9.30 -34.47 -20.46
N ALA C 226 -8.40 -33.52 -20.15
CA ALA C 226 -7.06 -33.57 -20.70
C ALA C 226 -6.33 -34.84 -20.27
N SER C 227 -6.40 -35.17 -18.98
CA SER C 227 -5.68 -36.34 -18.48
C SER C 227 -6.19 -37.63 -19.09
N GLY C 228 -7.51 -37.77 -19.21
CA GLY C 228 -8.13 -38.97 -19.74
C GLY C 228 -8.24 -39.04 -21.24
N ASP C 229 -7.71 -38.05 -21.97
CA ASP C 229 -7.74 -38.04 -23.43
C ASP C 229 -9.18 -38.04 -23.94
N GLY C 230 -9.92 -37.00 -23.57
CA GLY C 230 -11.26 -36.79 -24.07
C GLY C 230 -12.35 -37.54 -23.33
N GLN C 231 -12.03 -38.23 -22.24
CA GLN C 231 -13.03 -38.95 -21.46
C GLN C 231 -12.75 -38.74 -19.99
N VAL C 232 -13.82 -38.80 -19.19
CA VAL C 232 -13.76 -38.59 -17.75
C VAL C 232 -13.95 -39.94 -17.09
N SER C 233 -12.85 -40.63 -16.80
CA SER C 233 -12.88 -41.93 -16.16
C SER C 233 -12.55 -41.79 -14.67
N THR C 234 -13.11 -42.71 -13.87
CA THR C 234 -12.89 -42.65 -12.43
C THR C 234 -11.41 -42.79 -12.09
N GLN C 235 -10.72 -43.70 -12.77
CA GLN C 235 -9.30 -43.90 -12.50
C GLN C 235 -8.50 -42.64 -12.82
N ALA C 236 -8.79 -41.98 -13.94
CA ALA C 236 -8.06 -40.78 -14.32
C ALA C 236 -8.27 -39.67 -13.29
N VAL C 237 -9.53 -39.46 -12.88
CA VAL C 237 -9.81 -38.42 -11.90
C VAL C 237 -9.15 -38.74 -10.57
N SER C 238 -9.21 -40.00 -10.14
CA SER C 238 -8.58 -40.38 -8.88
C SER C 238 -7.08 -40.14 -8.92
N ALA C 239 -6.44 -40.51 -10.04
CA ALA C 239 -5.00 -40.28 -10.17
C ALA C 239 -4.67 -38.80 -10.17
N MET C 240 -5.45 -38.00 -10.90
CA MET C 240 -5.17 -36.56 -10.97
C MET C 240 -5.33 -35.91 -9.60
N LEU C 241 -6.40 -36.26 -8.88
CA LEU C 241 -6.64 -35.68 -7.57
C LEU C 241 -5.66 -36.19 -6.52
N GLY C 242 -5.01 -37.32 -6.77
CA GLY C 242 -4.11 -37.89 -5.79
C GLY C 242 -4.80 -38.43 -4.56
N THR C 243 -6.09 -38.74 -4.65
CA THR C 243 -6.87 -39.27 -3.54
C THR C 243 -7.18 -40.74 -3.84
N LEU C 244 -6.56 -41.63 -3.08
CA LEU C 244 -6.82 -43.05 -3.24
C LEU C 244 -8.27 -43.36 -2.87
N ASP C 245 -8.71 -44.55 -3.26
CA ASP C 245 -10.08 -44.96 -2.99
C ASP C 245 -10.33 -45.01 -1.49
N ASP C 246 -11.54 -44.63 -1.08
CA ASP C 246 -11.90 -44.62 0.33
C ASP C 246 -11.81 -46.02 0.94
N ASP C 247 -11.95 -47.07 0.13
CA ASP C 247 -11.92 -48.43 0.67
C ASP C 247 -10.57 -48.74 1.29
N GLN C 248 -9.48 -48.31 0.64
CA GLN C 248 -8.15 -48.60 1.18
C GLN C 248 -7.93 -47.90 2.51
N ALA C 249 -8.33 -46.62 2.62
CA ALA C 249 -8.19 -45.92 3.89
C ALA C 249 -9.08 -46.54 4.96
N LEU C 250 -10.28 -46.98 4.58
CA LEU C 250 -11.16 -47.63 5.54
C LEU C 250 -10.54 -48.92 6.06
N SER C 251 -9.94 -49.71 5.17
CA SER C 251 -9.25 -50.92 5.61
C SER C 251 -8.05 -50.58 6.50
N LEU C 252 -7.35 -49.51 6.17
CA LEU C 252 -6.22 -49.08 7.00
C LEU C 252 -6.67 -48.76 8.42
N VAL C 253 -7.75 -47.97 8.54
CA VAL C 253 -8.22 -47.63 9.88
C VAL C 253 -8.78 -48.84 10.60
N GLU C 254 -9.43 -49.76 9.87
CA GLU C 254 -9.91 -50.98 10.50
C GLU C 254 -8.75 -51.82 11.04
N ALA C 255 -7.65 -51.91 10.29
CA ALA C 255 -6.47 -52.59 10.80
C ALA C 255 -5.89 -51.86 12.01
N MET C 256 -5.87 -50.53 11.96
CA MET C 256 -5.31 -49.76 13.07
C MET C 256 -6.09 -49.99 14.36
N VAL C 257 -7.43 -49.96 14.28
CA VAL C 257 -8.25 -50.14 15.47
C VAL C 257 -8.13 -51.58 15.98
N GLU C 258 -8.04 -52.54 15.07
CA GLU C 258 -7.92 -53.94 15.46
C GLU C 258 -6.59 -54.26 16.10
N ALA C 259 -5.61 -53.36 16.04
CA ALA C 259 -4.30 -53.52 16.66
C ALA C 259 -3.47 -54.61 15.99
N ASN C 260 -3.77 -54.96 14.75
CA ASN C 260 -2.98 -55.93 13.98
C ASN C 260 -2.10 -55.14 13.01
N GLY C 261 -0.82 -55.01 13.35
CA GLY C 261 0.08 -54.21 12.54
C GLY C 261 0.49 -54.84 11.23
N GLU C 262 0.33 -56.16 11.10
CA GLU C 262 0.69 -56.81 9.85
C GLU C 262 -0.16 -56.28 8.69
N ARG C 263 -1.47 -56.14 8.91
CA ARG C 263 -2.33 -55.59 7.88
C ARG C 263 -1.95 -54.15 7.56
N VAL C 264 -1.59 -53.37 8.58
CA VAL C 264 -1.19 -51.99 8.36
C VAL C 264 0.05 -51.94 7.46
N MET C 265 1.04 -52.78 7.78
CA MET C 265 2.26 -52.83 6.97
C MET C 265 1.94 -53.24 5.54
N ALA C 266 1.09 -54.26 5.37
CA ALA C 266 0.73 -54.70 4.02
C ALA C 266 0.04 -53.59 3.24
N LEU C 267 -0.89 -52.87 3.89
CA LEU C 267 -1.61 -51.81 3.20
C LEU C 267 -0.69 -50.66 2.81
N ILE C 268 0.23 -50.27 3.70
CA ILE C 268 1.14 -49.18 3.34
C ILE C 268 2.09 -49.63 2.24
N ASN C 269 2.51 -50.90 2.24
CA ASN C 269 3.34 -51.39 1.16
C ASN C 269 2.59 -51.35 -0.16
N GLU C 270 1.31 -51.74 -0.16
CA GLU C 270 0.51 -51.67 -1.37
C GLU C 270 0.35 -50.23 -1.84
N ALA C 271 0.14 -49.31 -0.91
CA ALA C 271 0.04 -47.89 -1.27
C ALA C 271 1.34 -47.39 -1.88
N ALA C 272 2.48 -47.79 -1.31
CA ALA C 272 3.76 -47.40 -1.87
C ALA C 272 3.93 -47.94 -3.28
N ALA C 273 3.54 -49.20 -3.49
CA ALA C 273 3.59 -49.76 -4.84
C ALA C 273 2.70 -48.99 -5.79
N ARG C 274 1.51 -48.59 -5.33
CA ARG C 274 0.62 -47.77 -6.14
C ARG C 274 1.23 -46.41 -6.48
N GLY C 275 2.16 -45.92 -5.67
CA GLY C 275 2.77 -44.63 -5.92
C GLY C 275 1.84 -43.48 -5.58
N ILE C 276 1.48 -43.35 -4.30
CA ILE C 276 0.57 -42.32 -3.82
C ILE C 276 1.28 -41.56 -2.71
N GLU C 277 1.21 -40.23 -2.77
CA GLU C 277 1.84 -39.41 -1.75
C GLU C 277 1.30 -39.77 -0.38
N TRP C 278 2.20 -39.86 0.61
CA TRP C 278 1.82 -40.36 1.92
C TRP C 278 0.94 -39.38 2.68
N GLU C 279 1.18 -38.08 2.51
CA GLU C 279 0.37 -37.09 3.22
C GLU C 279 -1.09 -37.19 2.82
N ALA C 280 -1.37 -37.52 1.55
CA ALA C 280 -2.74 -37.73 1.13
C ALA C 280 -3.36 -38.91 1.86
N LEU C 281 -2.60 -39.99 2.03
CA LEU C 281 -3.10 -41.14 2.79
C LEU C 281 -3.42 -40.75 4.23
N LEU C 282 -2.52 -39.99 4.86
CA LEU C 282 -2.76 -39.56 6.23
C LEU C 282 -4.00 -38.68 6.31
N VAL C 283 -4.17 -37.77 5.34
CA VAL C 283 -5.34 -36.89 5.33
C VAL C 283 -6.60 -37.71 5.17
N GLU C 284 -6.58 -38.74 4.32
CA GLU C 284 -7.74 -39.59 4.14
C GLU C 284 -8.08 -40.34 5.43
N MET C 285 -7.05 -40.83 6.13
CA MET C 285 -7.31 -41.51 7.40
C MET C 285 -7.94 -40.54 8.40
N LEU C 286 -7.43 -39.31 8.47
CA LEU C 286 -7.99 -38.32 9.37
C LEU C 286 -9.43 -38.00 9.00
N GLY C 287 -9.71 -37.90 7.70
CA GLY C 287 -11.08 -37.64 7.27
C GLY C 287 -12.02 -38.77 7.65
N LEU C 288 -11.56 -40.01 7.51
CA LEU C 288 -12.37 -41.16 7.92
C LEU C 288 -12.64 -41.13 9.42
N LEU C 289 -11.61 -40.83 10.21
CA LEU C 289 -11.82 -40.74 11.66
C LEU C 289 -12.81 -39.63 12.02
N HIS C 290 -12.69 -38.48 11.35
CA HIS C 290 -13.62 -37.39 11.61
C HIS C 290 -15.04 -37.77 11.22
N ARG C 291 -15.20 -38.47 10.10
CA ARG C 291 -16.53 -38.92 9.69
C ARG C 291 -17.11 -39.88 10.72
N ILE C 292 -16.29 -40.79 11.25
CA ILE C 292 -16.78 -41.71 12.28
C ILE C 292 -17.21 -40.93 13.51
N ALA C 293 -16.41 -39.93 13.92
CA ALA C 293 -16.77 -39.13 15.08
C ALA C 293 -18.08 -38.38 14.86
N MET C 294 -18.27 -37.81 13.67
CA MET C 294 -19.51 -37.12 13.37
C MET C 294 -20.70 -38.09 13.39
N VAL C 295 -20.51 -39.29 12.85
CA VAL C 295 -21.57 -40.29 12.88
C VAL C 295 -21.94 -40.62 14.32
N GLN C 296 -20.92 -40.71 15.20
CA GLN C 296 -21.21 -40.92 16.61
C GLN C 296 -22.00 -39.75 17.18
N LEU C 297 -21.63 -38.52 16.81
CA LEU C 297 -22.36 -37.35 17.29
C LEU C 297 -23.81 -37.36 16.82
N SER C 298 -24.02 -37.51 15.52
CA SER C 298 -25.35 -37.48 14.92
C SER C 298 -25.48 -38.61 13.92
N PRO C 299 -26.69 -39.11 13.70
CA PRO C 299 -26.84 -40.25 12.78
C PRO C 299 -26.66 -39.88 11.33
N ALA C 300 -27.22 -38.76 10.89
CA ALA C 300 -27.15 -38.34 9.49
C ALA C 300 -25.98 -37.37 9.30
N ALA C 301 -24.77 -37.94 9.35
CA ALA C 301 -23.54 -37.18 9.17
C ALA C 301 -22.76 -37.59 7.93
N LEU C 302 -23.24 -38.58 7.17
CA LEU C 302 -22.56 -39.06 5.98
C LEU C 302 -23.41 -38.75 4.76
N GLY C 303 -22.80 -38.14 3.76
CA GLY C 303 -23.50 -37.83 2.53
C GLY C 303 -23.74 -39.06 1.68
N ASN C 304 -24.61 -38.89 0.68
CA ASN C 304 -24.93 -39.99 -0.22
C ASN C 304 -23.71 -40.46 -1.01
N ASP C 305 -22.72 -39.59 -1.21
CA ASP C 305 -21.54 -39.98 -1.97
C ASP C 305 -20.81 -41.13 -1.29
N MET C 306 -20.78 -41.12 0.04
CA MET C 306 -20.17 -42.21 0.82
C MET C 306 -21.15 -43.33 1.11
N ALA C 307 -22.37 -43.26 0.57
CA ALA C 307 -23.38 -44.28 0.87
C ALA C 307 -22.86 -45.68 0.59
N ALA C 308 -22.07 -45.84 -0.48
CA ALA C 308 -21.57 -47.16 -0.85
C ALA C 308 -20.83 -47.83 0.29
N ILE C 309 -20.20 -47.05 1.17
CA ILE C 309 -19.47 -47.57 2.32
C ILE C 309 -20.07 -47.09 3.63
N GLU C 310 -21.33 -46.66 3.62
CA GLU C 310 -21.93 -46.11 4.83
C GLU C 310 -22.08 -47.19 5.90
N LEU C 311 -22.69 -48.33 5.54
CA LEU C 311 -22.99 -49.36 6.52
C LEU C 311 -21.74 -49.77 7.30
N ARG C 312 -20.68 -50.13 6.57
CA ARG C 312 -19.42 -50.49 7.21
C ARG C 312 -18.97 -49.39 8.16
N MET C 313 -19.01 -48.13 7.70
CA MET C 313 -18.62 -47.02 8.55
C MET C 313 -19.43 -47.02 9.85
N ARG C 314 -20.75 -47.22 9.73
CA ARG C 314 -21.59 -47.19 10.91
C ARG C 314 -21.13 -48.21 11.94
N GLU C 315 -20.67 -49.38 11.48
CA GLU C 315 -20.18 -50.39 12.41
C GLU C 315 -19.06 -49.81 13.26
N LEU C 316 -18.09 -49.13 12.63
CA LEU C 316 -16.99 -48.55 13.38
C LEU C 316 -17.51 -47.54 14.40
N ALA C 317 -18.62 -46.87 14.11
CA ALA C 317 -19.19 -45.94 15.08
C ALA C 317 -19.70 -46.68 16.30
N ARG C 318 -20.35 -47.84 16.10
CA ARG C 318 -20.95 -48.56 17.22
C ARG C 318 -19.89 -49.26 18.06
N THR C 319 -18.93 -49.94 17.42
CA THR C 319 -17.96 -50.72 18.17
C THR C 319 -16.93 -49.84 18.85
N ILE C 320 -16.44 -48.82 18.14
CA ILE C 320 -15.33 -48.02 18.65
C ILE C 320 -15.88 -46.95 19.60
N PRO C 321 -15.39 -46.86 20.84
CA PRO C 321 -15.82 -45.77 21.71
C PRO C 321 -15.45 -44.42 21.13
N PRO C 322 -15.93 -43.32 21.74
CA PRO C 322 -15.57 -41.99 21.23
C PRO C 322 -14.19 -41.53 21.69
N THR C 323 -13.82 -41.91 22.91
CA THR C 323 -12.54 -41.46 23.46
C THR C 323 -11.37 -41.98 22.63
N ASP C 324 -11.40 -43.26 22.25
CA ASP C 324 -10.29 -43.79 21.45
C ASP C 324 -10.36 -43.28 20.01
N ILE C 325 -11.56 -42.94 19.52
CA ILE C 325 -11.65 -42.27 18.22
C ILE C 325 -10.91 -40.94 18.28
N GLN C 326 -11.14 -40.18 19.34
CA GLN C 326 -10.42 -38.91 19.51
C GLN C 326 -8.93 -39.14 19.66
N LEU C 327 -8.54 -40.20 20.38
CA LEU C 327 -7.12 -40.51 20.53
C LEU C 327 -6.47 -40.79 19.18
N TYR C 328 -7.12 -41.61 18.35
CA TYR C 328 -6.58 -41.91 17.03
C TYR C 328 -6.52 -40.66 16.16
N TYR C 329 -7.58 -39.84 16.21
CA TYR C 329 -7.58 -38.61 15.43
C TYR C 329 -6.42 -37.72 15.83
N GLN C 330 -6.20 -37.56 17.15
CA GLN C 330 -5.11 -36.71 17.62
C GLN C 330 -3.77 -37.29 17.23
N THR C 331 -3.61 -38.61 17.32
CA THR C 331 -2.33 -39.23 16.94
C THR C 331 -2.03 -38.99 15.47
N LEU C 332 -3.02 -39.21 14.60
CA LEU C 332 -2.81 -38.98 13.18
C LEU C 332 -2.54 -37.51 12.90
N LEU C 333 -3.25 -36.61 13.58
CA LEU C 333 -3.02 -35.18 13.35
C LEU C 333 -1.62 -34.77 13.76
N ILE C 334 -1.15 -35.25 14.91
CA ILE C 334 0.20 -34.89 15.35
C ILE C 334 1.23 -35.52 14.43
N GLY C 335 0.97 -36.72 13.91
CA GLY C 335 1.87 -37.31 12.93
C GLY C 335 1.96 -36.47 11.67
N ARG C 336 0.80 -35.99 11.18
CA ARG C 336 0.82 -35.08 10.04
C ARG C 336 1.56 -33.79 10.36
N LYS C 337 1.47 -33.35 11.61
CA LYS C 337 2.24 -32.18 12.04
C LYS C 337 3.73 -32.44 11.92
N GLU C 338 4.16 -33.67 12.20
CA GLU C 338 5.56 -34.06 12.19
C GLU C 338 6.04 -34.57 10.84
N LEU C 339 5.15 -34.74 9.88
CA LEU C 339 5.54 -35.35 8.61
C LEU C 339 6.62 -34.55 7.88
N PRO C 340 6.53 -33.22 7.76
CA PRO C 340 7.57 -32.50 7.01
C PRO C 340 8.97 -32.70 7.56
N TYR C 341 9.13 -32.82 8.87
CA TYR C 341 10.44 -32.94 9.48
C TYR C 341 10.90 -34.38 9.63
N ALA C 342 10.10 -35.35 9.20
CA ALA C 342 10.50 -36.74 9.28
C ALA C 342 11.60 -37.03 8.25
N PRO C 343 12.44 -38.04 8.50
CA PRO C 343 13.45 -38.38 7.49
C PRO C 343 12.86 -38.73 6.14
N ASP C 344 11.70 -39.39 6.11
CA ASP C 344 11.05 -39.74 4.87
C ASP C 344 9.54 -39.74 5.09
N ARG C 345 8.80 -39.46 4.03
CA ARG C 345 7.34 -39.44 4.13
C ARG C 345 6.81 -40.82 4.52
N ARG C 346 7.33 -41.86 3.86
CA ARG C 346 6.99 -43.23 4.26
C ARG C 346 7.39 -43.48 5.70
N MET C 347 8.59 -43.06 6.10
CA MET C 347 9.02 -43.25 7.47
C MET C 347 8.13 -42.50 8.44
N GLY C 348 7.74 -41.27 8.09
CA GLY C 348 6.88 -40.51 8.97
C GLY C 348 5.53 -41.18 9.17
N VAL C 349 4.91 -41.64 8.09
CA VAL C 349 3.61 -42.30 8.20
C VAL C 349 3.75 -43.61 8.97
N GLU C 350 4.81 -44.36 8.71
CA GLU C 350 5.01 -45.61 9.46
C GLU C 350 5.16 -45.33 10.94
N MET C 351 5.91 -44.30 11.31
CA MET C 351 6.09 -44.00 12.72
C MET C 351 4.80 -43.49 13.36
N THR C 352 3.99 -42.74 12.61
CA THR C 352 2.69 -42.32 13.14
C THR C 352 1.79 -43.52 13.39
N LEU C 353 1.75 -44.46 12.44
CA LEU C 353 0.95 -45.67 12.65
C LEU C 353 1.48 -46.49 13.81
N LEU C 354 2.79 -46.54 13.99
CA LEU C 354 3.37 -47.24 15.13
C LEU C 354 3.04 -46.53 16.44
N ARG C 355 2.97 -45.20 16.42
CA ARG C 355 2.47 -44.48 17.60
C ARG C 355 1.04 -44.90 17.92
N ALA C 356 0.19 -44.96 16.89
CA ALA C 356 -1.20 -45.34 17.10
C ALA C 356 -1.31 -46.74 17.68
N LEU C 357 -0.52 -47.68 17.15
CA LEU C 357 -0.59 -49.06 17.63
C LEU C 357 -0.01 -49.19 19.03
N ALA C 358 1.11 -48.53 19.32
CA ALA C 358 1.75 -48.66 20.62
C ALA C 358 0.85 -48.15 21.73
N PHE C 359 0.19 -47.01 21.52
CA PHE C 359 -0.73 -46.44 22.49
C PHE C 359 -2.17 -46.88 22.26
N HIS C 360 -2.37 -48.05 21.64
CA HIS C 360 -3.72 -48.53 21.40
C HIS C 360 -4.39 -48.84 22.75
N PRO C 361 -5.57 -48.26 23.04
CA PRO C 361 -6.17 -48.47 24.36
C PRO C 361 -6.61 -49.91 24.61
N ARG C 362 -7.40 -50.47 23.69
CA ARG C 362 -7.95 -51.81 23.91
C ARG C 362 -6.83 -52.87 23.95
N MET C 363 -5.94 -52.83 22.96
CA MET C 363 -4.90 -53.85 22.80
C MET C 363 -3.56 -53.15 22.62
N PRO C 364 -2.95 -52.67 23.71
CA PRO C 364 -1.64 -52.03 23.59
C PRO C 364 -0.60 -53.00 23.06
N LEU C 365 0.37 -52.46 22.32
CA LEU C 365 1.47 -53.27 21.81
C LEU C 365 2.26 -53.82 23.00
N PRO C 366 2.82 -55.03 22.88
CA PRO C 366 3.51 -55.61 24.03
C PRO C 366 4.62 -54.72 24.56
N GLU C 367 4.73 -54.68 25.89
CA GLU C 367 5.69 -53.80 26.57
C GLU C 367 6.81 -54.62 27.20
N PRO C 368 7.82 -55.00 26.43
CA PRO C 368 8.93 -55.78 27.02
C PRO C 368 9.80 -54.93 27.95
N GLU C 369 9.67 -55.16 29.25
CA GLU C 369 10.38 -54.40 30.29
C GLU C 369 10.62 -52.93 29.91
N SER D 2 31.12 -22.45 -24.16
CA SER D 2 31.28 -22.01 -22.78
C SER D 2 30.76 -23.06 -21.81
N TYR D 3 31.52 -23.29 -20.74
CA TYR D 3 31.12 -24.27 -19.74
C TYR D 3 29.83 -23.83 -19.05
N GLN D 4 28.96 -24.80 -18.79
CA GLN D 4 27.71 -24.57 -18.08
C GLN D 4 27.54 -25.64 -17.01
N VAL D 5 26.85 -25.28 -15.93
CA VAL D 5 26.61 -26.24 -14.86
C VAL D 5 25.64 -27.32 -15.35
N LEU D 6 25.63 -28.45 -14.64
CA LEU D 6 24.80 -29.57 -15.05
C LEU D 6 23.32 -29.19 -15.07
N ALA D 7 22.90 -28.31 -14.16
CA ALA D 7 21.50 -27.87 -14.17
C ALA D 7 21.15 -27.18 -15.48
N ARG D 8 22.02 -26.29 -15.95
CA ARG D 8 21.77 -25.61 -17.22
C ARG D 8 22.04 -26.52 -18.40
N LYS D 9 23.08 -27.36 -18.32
CA LYS D 9 23.41 -28.24 -19.43
C LYS D 9 22.29 -29.22 -19.73
N TRP D 10 21.71 -29.81 -18.68
CA TRP D 10 20.76 -30.91 -18.83
C TRP D 10 19.33 -30.48 -18.61
N ARG D 11 19.01 -29.22 -18.89
CA ARG D 11 17.62 -28.79 -18.85
C ARG D 11 16.84 -29.55 -19.94
N PRO D 12 15.72 -30.19 -19.61
CA PRO D 12 14.98 -30.93 -20.64
C PRO D 12 14.61 -30.05 -21.81
N GLN D 13 14.72 -30.61 -23.02
CA GLN D 13 14.35 -29.92 -24.24
C GLN D 13 13.18 -30.59 -24.96
N THR D 14 12.64 -31.67 -24.41
CA THR D 14 11.49 -32.35 -24.98
C THR D 14 10.67 -32.96 -23.85
N PHE D 15 9.43 -33.34 -24.17
CA PHE D 15 8.57 -33.96 -23.18
C PHE D 15 9.04 -35.34 -22.76
N ALA D 16 10.00 -35.94 -23.47
CA ALA D 16 10.54 -37.23 -23.10
C ALA D 16 11.76 -37.12 -22.19
N ASP D 17 12.48 -36.00 -22.23
CA ASP D 17 13.66 -35.84 -21.39
C ASP D 17 13.31 -35.58 -19.93
N VAL D 18 12.07 -35.15 -19.66
CA VAL D 18 11.66 -34.86 -18.28
C VAL D 18 11.42 -36.17 -17.55
N VAL D 19 11.88 -36.23 -16.30
CA VAL D 19 11.75 -37.42 -15.46
C VAL D 19 10.61 -37.19 -14.47
N GLY D 20 9.75 -38.18 -14.33
CA GLY D 20 8.65 -38.09 -13.40
C GLY D 20 7.55 -37.16 -13.91
N GLN D 21 6.63 -36.85 -13.00
CA GLN D 21 5.49 -35.99 -13.30
C GLN D 21 4.75 -36.48 -14.54
N GLU D 22 4.47 -37.78 -14.57
CA GLU D 22 3.85 -38.39 -15.74
C GLU D 22 2.46 -37.82 -16.00
N HIS D 23 1.68 -37.59 -14.93
CA HIS D 23 0.30 -37.18 -15.11
C HIS D 23 0.19 -35.81 -15.79
N VAL D 24 0.96 -34.84 -15.30
CA VAL D 24 0.86 -33.49 -15.86
C VAL D 24 1.35 -33.48 -17.29
N LEU D 25 2.42 -34.21 -17.58
CA LEU D 25 2.93 -34.27 -18.96
C LEU D 25 1.91 -34.92 -19.88
N THR D 26 1.27 -36.00 -19.42
CA THR D 26 0.25 -36.65 -20.23
C THR D 26 -0.92 -35.70 -20.48
N ALA D 27 -1.35 -34.97 -19.44
CA ALA D 27 -2.45 -34.04 -19.61
C ALA D 27 -2.10 -32.95 -20.62
N LEU D 28 -0.90 -32.39 -20.51
CA LEU D 28 -0.48 -31.35 -21.45
C LEU D 28 -0.42 -31.88 -22.87
N ALA D 29 0.16 -33.06 -23.06
CA ALA D 29 0.27 -33.63 -24.39
C ALA D 29 -1.10 -33.90 -24.99
N ASN D 30 -2.01 -34.47 -24.18
CA ASN D 30 -3.35 -34.75 -24.68
C ASN D 30 -4.10 -33.47 -25.03
N GLY D 31 -3.95 -32.42 -24.19
CA GLY D 31 -4.60 -31.16 -24.51
C GLY D 31 -4.07 -30.55 -25.79
N LEU D 32 -2.75 -30.59 -25.97
CA LEU D 32 -2.18 -30.06 -27.20
C LEU D 32 -2.64 -30.85 -28.42
N SER D 33 -2.68 -32.18 -28.29
CA SER D 33 -3.11 -33.01 -29.42
C SER D 33 -4.57 -32.77 -29.78
N LEU D 34 -5.44 -32.69 -28.77
CA LEU D 34 -6.87 -32.53 -29.00
C LEU D 34 -7.26 -31.09 -29.32
N GLY D 35 -6.37 -30.13 -29.10
CA GLY D 35 -6.69 -28.73 -29.30
C GLY D 35 -7.43 -28.07 -28.16
N ARG D 36 -7.74 -28.81 -27.10
CA ARG D 36 -8.42 -28.25 -25.93
C ARG D 36 -7.33 -27.68 -25.01
N ILE D 37 -6.95 -26.44 -25.28
CA ILE D 37 -5.87 -25.77 -24.55
C ILE D 37 -6.48 -24.65 -23.71
N HIS D 38 -6.13 -24.61 -22.43
CA HIS D 38 -6.60 -23.56 -21.54
C HIS D 38 -5.72 -22.33 -21.69
N HIS D 39 -6.16 -21.22 -21.10
CA HIS D 39 -5.46 -19.95 -21.14
C HIS D 39 -4.75 -19.62 -19.83
N ALA D 40 -4.65 -20.58 -18.90
CA ALA D 40 -4.05 -20.31 -17.61
C ALA D 40 -3.58 -21.65 -17.03
N TYR D 41 -2.26 -21.85 -16.99
CA TYR D 41 -1.64 -23.05 -16.45
C TYR D 41 -0.82 -22.67 -15.24
N LEU D 42 -1.30 -23.02 -14.05
CA LEU D 42 -0.57 -22.81 -12.81
C LEU D 42 0.12 -24.12 -12.43
N PHE D 43 1.40 -24.03 -12.10
CA PHE D 43 2.20 -25.18 -11.69
C PHE D 43 2.57 -25.01 -10.23
N SER D 44 2.20 -25.98 -9.40
CA SER D 44 2.45 -25.93 -7.96
C SER D 44 3.27 -27.14 -7.55
N GLY D 45 4.30 -26.90 -6.75
CA GLY D 45 5.16 -27.97 -6.30
C GLY D 45 6.40 -27.42 -5.64
N THR D 46 7.19 -28.34 -5.09
CA THR D 46 8.42 -27.95 -4.42
C THR D 46 9.49 -27.55 -5.43
N ARG D 47 10.54 -26.92 -4.93
CA ARG D 47 11.62 -26.45 -5.79
C ARG D 47 12.32 -27.63 -6.48
N GLY D 48 12.85 -27.35 -7.66
CA GLY D 48 13.63 -28.33 -8.40
C GLY D 48 12.84 -29.55 -8.84
N VAL D 49 11.65 -29.33 -9.40
CA VAL D 49 10.81 -30.43 -9.90
C VAL D 49 10.43 -30.26 -11.36
N GLY D 50 10.74 -29.13 -11.98
CA GLY D 50 10.50 -28.95 -13.40
C GLY D 50 9.41 -27.94 -13.71
N LYS D 51 9.24 -26.93 -12.86
CA LYS D 51 8.30 -25.86 -13.15
C LYS D 51 8.68 -25.13 -14.42
N THR D 52 9.84 -24.47 -14.40
CA THR D 52 10.28 -23.70 -15.55
C THR D 52 10.49 -24.60 -16.76
N SER D 53 11.03 -25.80 -16.56
CA SER D 53 11.27 -26.70 -17.67
C SER D 53 9.98 -27.05 -18.38
N ILE D 54 8.96 -27.46 -17.62
CA ILE D 54 7.68 -27.85 -18.22
C ILE D 54 7.01 -26.64 -18.86
N ALA D 55 7.10 -25.47 -18.21
CA ALA D 55 6.51 -24.27 -18.79
C ALA D 55 7.15 -23.93 -20.13
N ARG D 56 8.48 -23.99 -20.21
CA ARG D 56 9.17 -23.69 -21.45
C ARG D 56 8.85 -24.73 -22.52
N LEU D 57 8.74 -26.01 -22.13
CA LEU D 57 8.37 -27.03 -23.10
C LEU D 57 6.97 -26.77 -23.66
N LEU D 58 6.02 -26.40 -22.79
CA LEU D 58 4.69 -26.08 -23.26
C LEU D 58 4.70 -24.87 -24.19
N ALA D 59 5.49 -23.85 -23.83
CA ALA D 59 5.60 -22.68 -24.69
C ALA D 59 6.16 -23.06 -26.07
N LYS D 60 7.18 -23.91 -26.09
CA LYS D 60 7.74 -24.36 -27.36
C LYS D 60 6.70 -25.12 -28.17
N GLY D 61 5.95 -26.01 -27.51
CA GLY D 61 4.92 -26.75 -28.21
C GLY D 61 3.86 -25.85 -28.82
N LEU D 62 3.45 -24.82 -28.07
CA LEU D 62 2.45 -23.90 -28.58
C LEU D 62 2.98 -23.05 -29.72
N ASN D 63 4.24 -22.61 -29.63
CA ASN D 63 4.82 -21.66 -30.56
C ASN D 63 5.59 -22.31 -31.71
N CYS D 64 5.59 -23.64 -31.80
CA CYS D 64 6.33 -24.29 -32.86
C CYS D 64 5.77 -23.90 -34.22
N GLU D 65 6.67 -23.74 -35.19
CA GLU D 65 6.26 -23.30 -36.52
C GLU D 65 5.52 -24.38 -37.29
N THR D 66 5.61 -25.64 -36.86
CA THR D 66 4.92 -26.74 -37.51
C THR D 66 3.54 -27.00 -36.92
N GLY D 67 2.90 -25.98 -36.35
CA GLY D 67 1.62 -26.16 -35.70
C GLY D 67 1.78 -26.55 -34.24
N ILE D 68 0.64 -26.63 -33.56
CA ILE D 68 0.63 -27.00 -32.15
C ILE D 68 0.96 -28.48 -32.05
N THR D 69 2.12 -28.80 -31.49
CA THR D 69 2.62 -30.16 -31.41
C THR D 69 2.83 -30.55 -29.96
N ALA D 70 2.49 -31.80 -29.63
CA ALA D 70 2.66 -32.27 -28.26
C ALA D 70 4.13 -32.27 -27.85
N THR D 71 5.01 -32.73 -28.74
CA THR D 71 6.45 -32.76 -28.49
C THR D 71 7.15 -31.81 -29.45
N PRO D 72 7.56 -30.63 -29.01
CA PRO D 72 8.21 -29.69 -29.95
C PRO D 72 9.51 -30.26 -30.48
N CYS D 73 9.78 -29.97 -31.76
CA CYS D 73 11.00 -30.48 -32.39
C CYS D 73 12.25 -29.89 -31.74
N GLY D 74 12.22 -28.60 -31.43
CA GLY D 74 13.36 -27.94 -30.83
C GLY D 74 14.39 -27.40 -31.80
N VAL D 75 14.06 -27.34 -33.10
CA VAL D 75 15.00 -26.89 -34.12
C VAL D 75 14.51 -25.68 -34.90
N CYS D 76 13.24 -25.32 -34.81
CA CYS D 76 12.75 -24.16 -35.52
C CYS D 76 13.44 -22.90 -35.03
N ASP D 77 13.24 -21.80 -35.77
CA ASP D 77 13.75 -20.51 -35.31
C ASP D 77 13.12 -20.13 -33.97
N ASN D 78 11.78 -20.19 -33.90
CA ASN D 78 11.11 -19.89 -32.63
C ASN D 78 11.46 -20.91 -31.56
N CYS D 79 11.52 -22.19 -31.92
CA CYS D 79 11.90 -23.21 -30.93
C CYS D 79 13.27 -22.93 -30.36
N ARG D 80 14.25 -22.65 -31.23
CA ARG D 80 15.60 -22.39 -30.76
C ARG D 80 15.67 -21.11 -29.94
N GLU D 81 14.93 -20.07 -30.35
CA GLU D 81 14.90 -18.83 -29.59
C GLU D 81 14.34 -19.06 -28.19
N ILE D 82 13.26 -19.83 -28.08
CA ILE D 82 12.70 -20.15 -26.78
C ILE D 82 13.71 -20.93 -25.95
N GLU D 83 14.38 -21.91 -26.58
CA GLU D 83 15.40 -22.67 -25.87
C GLU D 83 16.52 -21.77 -25.36
N GLN D 84 16.84 -20.71 -26.11
CA GLN D 84 17.88 -19.76 -25.73
C GLN D 84 17.36 -18.57 -24.94
N GLY D 85 16.05 -18.53 -24.64
CA GLY D 85 15.48 -17.40 -23.94
C GLY D 85 15.49 -16.12 -24.72
N ARG D 86 15.25 -16.20 -26.04
CA ARG D 86 15.24 -15.04 -26.91
C ARG D 86 13.85 -14.69 -27.45
N PHE D 87 12.90 -15.62 -27.39
CA PHE D 87 11.62 -15.43 -28.05
C PHE D 87 10.88 -14.26 -27.42
N VAL D 88 10.54 -13.27 -28.25
CA VAL D 88 9.90 -12.06 -27.75
C VAL D 88 8.50 -12.36 -27.24
N ASP D 89 7.76 -13.22 -27.94
CA ASP D 89 6.40 -13.54 -27.53
C ASP D 89 6.33 -14.33 -26.23
N LEU D 90 7.46 -14.87 -25.76
CA LEU D 90 7.52 -15.55 -24.47
C LEU D 90 8.10 -14.56 -23.46
N ILE D 91 7.22 -13.84 -22.78
CA ILE D 91 7.64 -12.83 -21.81
C ILE D 91 7.75 -13.51 -20.45
N GLU D 92 8.98 -13.64 -19.95
CA GLU D 92 9.24 -14.21 -18.64
C GLU D 92 9.25 -13.08 -17.63
N ILE D 93 8.26 -13.07 -16.74
CA ILE D 93 8.08 -12.01 -15.75
C ILE D 93 8.37 -12.58 -14.37
N ASP D 94 9.07 -11.79 -13.56
CA ASP D 94 9.33 -12.11 -12.17
C ASP D 94 8.30 -11.38 -11.32
N ALA D 95 7.51 -12.14 -10.54
CA ALA D 95 6.45 -11.53 -9.75
C ALA D 95 7.00 -10.56 -8.71
N ALA D 96 8.09 -10.96 -8.04
CA ALA D 96 8.63 -10.13 -6.97
C ALA D 96 9.12 -8.78 -7.50
N SER D 97 9.78 -8.79 -8.66
CA SER D 97 10.27 -7.54 -9.22
C SER D 97 9.13 -6.65 -9.71
N ARG D 98 8.16 -7.24 -10.40
CA ARG D 98 7.08 -6.48 -11.02
C ARG D 98 5.85 -6.44 -10.12
N THR D 99 6.04 -5.92 -8.91
CA THR D 99 4.95 -5.74 -7.96
C THR D 99 4.34 -4.34 -8.00
N LYS D 100 5.03 -3.37 -8.61
CA LYS D 100 4.53 -2.01 -8.63
C LYS D 100 3.32 -1.90 -9.55
N VAL D 101 2.53 -0.85 -9.32
CA VAL D 101 1.27 -0.68 -10.04
C VAL D 101 1.52 -0.52 -11.54
N GLU D 102 2.50 0.31 -11.92
CA GLU D 102 2.74 0.54 -13.33
C GLU D 102 3.12 -0.75 -14.05
N ASP D 103 3.85 -1.64 -13.38
CA ASP D 103 4.25 -2.90 -14.02
C ASP D 103 3.04 -3.71 -14.44
N THR D 104 2.11 -3.96 -13.51
CA THR D 104 0.92 -4.73 -13.86
C THR D 104 0.04 -3.98 -14.84
N ARG D 105 -0.04 -2.65 -14.70
CA ARG D 105 -0.86 -1.86 -15.62
C ARG D 105 -0.38 -2.00 -17.05
N ASP D 106 0.94 -1.93 -17.28
CA ASP D 106 1.46 -2.14 -18.62
C ASP D 106 1.37 -3.61 -19.03
N LEU D 107 1.41 -4.53 -18.05
CA LEU D 107 1.26 -5.94 -18.35
C LEU D 107 -0.11 -6.23 -18.96
N LEU D 108 -1.17 -5.63 -18.39
CA LEU D 108 -2.51 -5.86 -18.90
C LEU D 108 -2.91 -4.88 -20.00
N ASP D 109 -2.07 -3.90 -20.32
CA ASP D 109 -2.35 -2.98 -21.41
C ASP D 109 -1.79 -3.44 -22.74
N ASN D 110 -0.69 -4.19 -22.72
CA ASN D 110 -0.06 -4.65 -23.95
C ASN D 110 -0.59 -5.99 -24.43
N VAL D 111 -1.59 -6.56 -23.75
CA VAL D 111 -2.16 -7.83 -24.18
C VAL D 111 -2.84 -7.68 -25.53
N GLN D 112 -3.46 -6.52 -25.79
CA GLN D 112 -4.20 -6.35 -27.03
C GLN D 112 -3.30 -6.44 -28.26
N TYR D 113 -2.04 -6.04 -28.14
CA TYR D 113 -1.13 -6.11 -29.28
C TYR D 113 -0.91 -7.56 -29.68
N ALA D 114 -0.92 -7.80 -30.99
CA ALA D 114 -0.76 -9.15 -31.51
C ALA D 114 0.66 -9.64 -31.25
N PRO D 115 0.87 -10.95 -31.21
CA PRO D 115 2.23 -11.48 -31.01
C PRO D 115 3.16 -11.03 -32.12
N ALA D 116 4.41 -10.73 -31.75
CA ALA D 116 5.38 -10.27 -32.73
C ALA D 116 5.75 -11.38 -33.72
N ARG D 117 6.10 -12.55 -33.21
CA ARG D 117 6.59 -13.65 -34.05
C ARG D 117 5.66 -14.86 -34.01
N GLY D 118 5.38 -15.41 -32.83
CA GLY D 118 4.62 -16.64 -32.72
C GLY D 118 3.13 -16.41 -32.87
N ARG D 119 2.38 -17.49 -32.65
CA ARG D 119 0.93 -17.44 -32.69
C ARG D 119 0.31 -17.18 -31.32
N PHE D 120 1.09 -17.30 -30.24
CA PHE D 120 0.61 -17.01 -28.89
C PHE D 120 1.65 -16.16 -28.17
N LYS D 121 1.17 -15.14 -27.46
CA LYS D 121 2.02 -14.27 -26.65
C LYS D 121 2.06 -14.81 -25.23
N VAL D 122 2.91 -15.83 -25.04
CA VAL D 122 2.97 -16.52 -23.76
C VAL D 122 3.52 -15.59 -22.69
N TYR D 123 2.87 -15.57 -21.53
CA TYR D 123 3.31 -14.83 -20.36
C TYR D 123 3.66 -15.84 -19.26
N LEU D 124 4.95 -16.04 -19.03
CA LEU D 124 5.43 -16.97 -18.01
C LEU D 124 5.74 -16.16 -16.76
N ILE D 125 4.80 -16.13 -15.82
CA ILE D 125 4.95 -15.39 -14.58
C ILE D 125 5.48 -16.36 -13.53
N ASP D 126 6.62 -16.03 -12.92
CA ASP D 126 7.25 -16.89 -11.94
C ASP D 126 6.88 -16.44 -10.54
N GLU D 127 6.84 -17.40 -9.61
CA GLU D 127 6.48 -17.20 -8.21
C GLU D 127 5.32 -16.20 -8.09
N VAL D 128 4.20 -16.56 -8.71
CA VAL D 128 3.05 -15.67 -8.76
C VAL D 128 2.56 -15.27 -7.38
N HIS D 129 2.87 -16.06 -6.35
CA HIS D 129 2.39 -15.74 -5.01
C HIS D 129 2.99 -14.46 -4.46
N MET D 130 4.04 -13.91 -5.08
CA MET D 130 4.66 -12.68 -4.62
C MET D 130 3.93 -11.42 -5.09
N LEU D 131 3.02 -11.54 -6.05
CA LEU D 131 2.29 -10.37 -6.53
C LEU D 131 1.38 -9.83 -5.43
N SER D 132 1.14 -8.52 -5.49
CA SER D 132 0.26 -7.88 -4.52
C SER D 132 -1.20 -8.24 -4.78
N ARG D 133 -2.03 -8.01 -3.76
CA ARG D 133 -3.45 -8.33 -3.89
C ARG D 133 -4.10 -7.51 -4.99
N HIS D 134 -3.74 -6.23 -5.08
CA HIS D 134 -4.27 -5.39 -6.15
C HIS D 134 -3.87 -5.91 -7.52
N SER D 135 -2.66 -6.46 -7.62
CA SER D 135 -2.23 -7.05 -8.89
C SER D 135 -3.14 -8.21 -9.28
N PHE D 136 -3.44 -9.10 -8.34
CA PHE D 136 -4.34 -10.20 -8.63
C PHE D 136 -5.73 -9.68 -9.01
N ASN D 137 -6.23 -8.69 -8.28
CA ASN D 137 -7.55 -8.16 -8.56
C ASN D 137 -7.61 -7.57 -9.97
N ALA D 138 -6.58 -6.83 -10.36
CA ALA D 138 -6.55 -6.26 -11.70
C ALA D 138 -6.42 -7.34 -12.77
N LEU D 139 -5.66 -8.40 -12.48
CA LEU D 139 -5.42 -9.44 -13.47
C LEU D 139 -6.53 -10.48 -13.54
N LEU D 140 -7.51 -10.43 -12.63
CA LEU D 140 -8.61 -11.39 -12.70
C LEU D 140 -9.31 -11.35 -14.06
N LYS D 141 -9.59 -10.14 -14.55
CA LYS D 141 -10.31 -10.02 -15.82
C LYS D 141 -9.51 -10.65 -16.96
N THR D 142 -8.21 -10.38 -17.02
CA THR D 142 -7.38 -10.99 -18.05
C THR D 142 -7.34 -12.50 -17.91
N LEU D 143 -7.22 -13.00 -16.68
CA LEU D 143 -7.16 -14.44 -16.45
C LEU D 143 -8.48 -15.13 -16.74
N GLU D 144 -9.58 -14.39 -16.77
CA GLU D 144 -10.89 -14.99 -17.01
C GLU D 144 -11.19 -15.13 -18.51
N GLU D 145 -11.20 -14.02 -19.22
CA GLU D 145 -11.54 -13.98 -20.64
C GLU D 145 -10.48 -13.20 -21.42
N PRO D 146 -9.29 -13.74 -21.57
CA PRO D 146 -8.25 -13.06 -22.35
C PRO D 146 -8.51 -13.20 -23.83
N PRO D 147 -7.86 -12.39 -24.67
CA PRO D 147 -7.97 -12.60 -26.12
C PRO D 147 -7.35 -13.93 -26.52
N GLU D 148 -7.75 -14.42 -27.69
CA GLU D 148 -7.30 -15.73 -28.15
C GLU D 148 -5.93 -15.68 -28.80
N HIS D 149 -5.00 -14.93 -28.19
CA HIS D 149 -3.62 -14.93 -28.65
C HIS D 149 -2.63 -14.92 -27.49
N VAL D 150 -3.08 -15.06 -26.25
CA VAL D 150 -2.21 -14.95 -25.08
C VAL D 150 -2.52 -16.10 -24.14
N LYS D 151 -1.46 -16.72 -23.61
CA LYS D 151 -1.57 -17.78 -22.63
C LYS D 151 -0.75 -17.40 -21.42
N PHE D 152 -1.33 -17.55 -20.23
CA PHE D 152 -0.65 -17.23 -18.98
C PHE D 152 -0.12 -18.52 -18.37
N LEU D 153 1.18 -18.57 -18.13
CA LEU D 153 1.82 -19.70 -17.46
C LEU D 153 2.30 -19.23 -16.09
N LEU D 154 1.74 -19.80 -15.04
CA LEU D 154 1.98 -19.38 -13.67
C LEU D 154 2.76 -20.46 -12.94
N ALA D 155 3.78 -20.05 -12.20
CA ALA D 155 4.60 -20.96 -11.40
C ALA D 155 4.73 -20.42 -9.99
N THR D 156 4.44 -21.26 -9.01
CA THR D 156 4.53 -20.84 -7.61
C THR D 156 4.94 -22.04 -6.77
N THR D 157 5.80 -21.80 -5.78
CA THR D 157 6.22 -22.87 -4.88
C THR D 157 5.05 -23.39 -4.07
N ASP D 158 4.20 -22.49 -3.56
CA ASP D 158 3.04 -22.86 -2.75
C ASP D 158 1.81 -22.20 -3.36
N PRO D 159 0.79 -22.97 -3.76
CA PRO D 159 -0.38 -22.34 -4.40
C PRO D 159 -1.41 -21.77 -3.44
N GLN D 160 -1.44 -22.23 -2.19
CA GLN D 160 -2.50 -21.80 -1.28
C GLN D 160 -2.43 -20.31 -1.00
N LYS D 161 -1.23 -19.71 -1.05
CA LYS D 161 -1.10 -18.29 -0.75
C LYS D 161 -1.79 -17.42 -1.80
N LEU D 162 -2.00 -17.92 -3.01
CA LEU D 162 -2.66 -17.12 -4.02
C LEU D 162 -4.13 -16.94 -3.67
N PRO D 163 -4.76 -15.86 -4.15
CA PRO D 163 -6.20 -15.70 -3.91
C PRO D 163 -6.99 -16.85 -4.50
N VAL D 164 -8.08 -17.21 -3.82
CA VAL D 164 -8.90 -18.33 -4.27
C VAL D 164 -9.42 -18.11 -5.68
N THR D 165 -9.66 -16.85 -6.06
CA THR D 165 -10.11 -16.57 -7.42
C THR D 165 -9.07 -16.98 -8.44
N ILE D 166 -7.79 -16.71 -8.15
CA ILE D 166 -6.72 -17.09 -9.07
C ILE D 166 -6.70 -18.60 -9.27
N LEU D 167 -6.79 -19.35 -8.16
CA LEU D 167 -6.84 -20.80 -8.26
C LEU D 167 -8.06 -21.25 -9.05
N SER D 168 -9.17 -20.53 -8.90
CA SER D 168 -10.39 -20.88 -9.64
C SER D 168 -10.20 -20.71 -11.13
N ARG D 169 -9.51 -19.65 -11.55
CA ARG D 169 -9.39 -19.32 -12.96
C ARG D 169 -8.19 -19.99 -13.65
N CYS D 170 -7.44 -20.82 -12.94
CA CYS D 170 -6.24 -21.44 -13.47
C CYS D 170 -6.32 -22.96 -13.35
N LEU D 171 -5.76 -23.66 -14.34
CA LEU D 171 -5.62 -25.11 -14.27
C LEU D 171 -4.38 -25.46 -13.46
N GLN D 172 -4.58 -26.14 -12.34
CA GLN D 172 -3.50 -26.42 -11.40
C GLN D 172 -2.88 -27.77 -11.69
N PHE D 173 -1.56 -27.80 -11.86
CA PHE D 173 -0.79 -29.01 -12.06
C PHE D 173 0.15 -29.17 -10.88
N HIS D 174 -0.03 -30.25 -10.11
CA HIS D 174 0.76 -30.50 -8.91
C HIS D 174 1.94 -31.37 -9.30
N LEU D 175 3.12 -30.76 -9.39
CA LEU D 175 4.34 -31.49 -9.73
C LEU D 175 4.80 -32.27 -8.51
N LYS D 176 4.68 -33.59 -8.58
CA LYS D 176 5.06 -34.43 -7.45
C LYS D 176 6.55 -34.37 -7.23
N ALA D 177 6.95 -34.33 -5.95
CA ALA D 177 8.36 -34.37 -5.63
C ALA D 177 8.99 -35.66 -6.13
N LEU D 178 10.10 -35.55 -6.83
CA LEU D 178 10.73 -36.72 -7.42
C LEU D 178 11.26 -37.65 -6.34
N ASP D 179 11.00 -38.95 -6.52
CA ASP D 179 11.42 -39.94 -5.54
C ASP D 179 12.92 -40.22 -5.67
N VAL D 180 13.43 -40.98 -4.71
CA VAL D 180 14.86 -41.28 -4.69
C VAL D 180 15.27 -42.07 -5.92
N GLU D 181 14.43 -43.04 -6.34
CA GLU D 181 14.77 -43.85 -7.49
C GLU D 181 14.88 -43.02 -8.77
N GLN D 182 13.93 -42.10 -8.97
CA GLN D 182 13.98 -41.26 -10.16
C GLN D 182 15.22 -40.38 -10.17
N ILE D 183 15.56 -39.79 -9.02
CA ILE D 183 16.74 -38.94 -8.94
C ILE D 183 17.99 -39.76 -9.21
N ARG D 184 18.07 -40.95 -8.63
CA ARG D 184 19.24 -41.80 -8.85
C ARG D 184 19.37 -42.17 -10.33
N HIS D 185 18.26 -42.54 -10.96
CA HIS D 185 18.31 -42.90 -12.38
C HIS D 185 18.75 -41.71 -13.24
N GLN D 186 18.21 -40.53 -12.95
CA GLN D 186 18.58 -39.36 -13.74
C GLN D 186 20.05 -39.02 -13.55
N LEU D 187 20.54 -39.08 -12.31
CA LEU D 187 21.96 -38.81 -12.07
C LEU D 187 22.84 -39.83 -12.76
N GLU D 188 22.46 -41.10 -12.72
CA GLU D 188 23.23 -42.13 -13.40
C GLU D 188 23.29 -41.87 -14.89
N HIS D 189 22.14 -41.53 -15.49
CA HIS D 189 22.12 -41.25 -16.93
C HIS D 189 22.99 -40.04 -17.26
N ILE D 190 22.89 -38.98 -16.45
CA ILE D 190 23.67 -37.77 -16.73
C ILE D 190 25.16 -38.06 -16.63
N LEU D 191 25.57 -38.78 -15.58
CA LEU D 191 27.00 -39.08 -15.42
C LEU D 191 27.51 -39.99 -16.52
N ASN D 192 26.70 -40.97 -16.94
CA ASN D 192 27.10 -41.83 -18.04
C ASN D 192 27.25 -41.03 -19.33
N GLU D 193 26.31 -40.13 -19.60
CA GLU D 193 26.40 -39.30 -20.80
C GLU D 193 27.52 -38.28 -20.71
N GLU D 194 27.98 -37.96 -19.50
CA GLU D 194 29.06 -37.00 -19.28
C GLU D 194 30.43 -37.66 -19.21
N HIS D 195 30.50 -38.98 -19.36
CA HIS D 195 31.76 -39.72 -19.31
C HIS D 195 32.47 -39.50 -17.97
N ILE D 196 31.71 -39.64 -16.89
CA ILE D 196 32.23 -39.51 -15.53
C ILE D 196 31.92 -40.80 -14.79
N ALA D 197 32.95 -41.39 -14.18
CA ALA D 197 32.76 -42.59 -13.39
C ALA D 197 31.98 -42.28 -12.12
N HIS D 198 31.17 -43.24 -11.69
CA HIS D 198 30.30 -43.06 -10.54
C HIS D 198 30.07 -44.40 -9.86
N GLU D 199 29.95 -44.37 -8.51
CA GLU D 199 29.66 -45.57 -7.73
C GLU D 199 28.18 -45.59 -7.32
N PRO D 200 27.55 -46.77 -7.24
CA PRO D 200 26.14 -46.81 -6.83
C PRO D 200 25.89 -46.19 -5.47
N ARG D 201 26.80 -46.39 -4.51
CA ARG D 201 26.62 -45.82 -3.19
C ARG D 201 26.61 -44.30 -3.24
N ALA D 202 27.50 -43.71 -4.04
CA ALA D 202 27.54 -42.26 -4.16
C ALA D 202 26.24 -41.73 -4.76
N LEU D 203 25.74 -42.38 -5.81
CA LEU D 203 24.48 -41.94 -6.42
C LEU D 203 23.33 -42.06 -5.43
N GLN D 204 23.28 -43.16 -4.67
CA GLN D 204 22.22 -43.32 -3.68
C GLN D 204 22.30 -42.23 -2.62
N LEU D 205 23.50 -41.92 -2.13
CA LEU D 205 23.64 -40.88 -1.12
C LEU D 205 23.22 -39.51 -1.66
N LEU D 206 23.63 -39.20 -2.90
CA LEU D 206 23.26 -37.92 -3.49
C LEU D 206 21.75 -37.82 -3.68
N ALA D 207 21.13 -38.90 -4.16
CA ALA D 207 19.67 -38.89 -4.33
C ALA D 207 18.97 -38.72 -2.99
N ARG D 208 19.47 -39.39 -1.94
CA ARG D 208 18.88 -39.25 -0.62
C ARG D 208 19.00 -37.82 -0.12
N ALA D 209 20.16 -37.20 -0.31
CA ALA D 209 20.36 -35.83 0.12
C ALA D 209 19.65 -34.81 -0.76
N ALA D 210 19.18 -35.22 -1.95
CA ALA D 210 18.49 -34.30 -2.83
C ALA D 210 17.20 -33.79 -2.20
N GLU D 211 16.60 -34.57 -1.30
CA GLU D 211 15.35 -34.19 -0.64
C GLU D 211 14.24 -33.92 -1.66
N GLY D 212 14.21 -34.73 -2.71
CA GLY D 212 13.13 -34.70 -3.67
C GLY D 212 13.28 -33.70 -4.80
N SER D 213 14.31 -32.87 -4.79
CA SER D 213 14.53 -31.86 -5.81
C SER D 213 15.72 -32.25 -6.67
N LEU D 214 15.50 -32.30 -7.99
CA LEU D 214 16.55 -32.73 -8.90
C LEU D 214 17.61 -31.65 -9.13
N ARG D 215 17.22 -30.37 -9.09
CA ARG D 215 18.23 -29.32 -9.21
C ARG D 215 19.21 -29.38 -8.04
N ASP D 216 18.71 -29.63 -6.84
CA ASP D 216 19.59 -29.80 -5.70
C ASP D 216 20.51 -31.00 -5.88
N ALA D 217 19.97 -32.08 -6.46
CA ALA D 217 20.80 -33.24 -6.73
C ALA D 217 21.93 -32.90 -7.70
N LEU D 218 21.62 -32.15 -8.76
CA LEU D 218 22.65 -31.75 -9.71
C LEU D 218 23.68 -30.83 -9.06
N SER D 219 23.21 -29.91 -8.21
CA SER D 219 24.15 -29.02 -7.51
C SER D 219 25.09 -29.82 -6.60
N LEU D 220 24.54 -30.80 -5.88
CA LEU D 220 25.38 -31.65 -5.04
C LEU D 220 26.37 -32.45 -5.87
N THR D 221 25.92 -32.94 -7.04
CA THR D 221 26.83 -33.67 -7.91
C THR D 221 27.96 -32.78 -8.39
N ASP D 222 27.65 -31.54 -8.76
CA ASP D 222 28.69 -30.60 -9.17
C ASP D 222 29.65 -30.31 -8.04
N GLN D 223 29.13 -30.15 -6.82
CA GLN D 223 29.99 -29.92 -5.66
C GLN D 223 30.93 -31.10 -5.44
N ALA D 224 30.40 -32.33 -5.56
CA ALA D 224 31.24 -33.51 -5.40
C ALA D 224 32.28 -33.58 -6.50
N ILE D 225 31.90 -33.23 -7.73
CA ILE D 225 32.85 -33.24 -8.84
C ILE D 225 33.98 -32.26 -8.56
N ALA D 226 33.65 -31.05 -8.11
CA ALA D 226 34.68 -30.06 -7.82
C ALA D 226 35.58 -30.53 -6.69
N SER D 227 34.98 -31.04 -5.62
CA SER D 227 35.77 -31.53 -4.49
C SER D 227 36.39 -32.89 -4.75
N GLY D 228 35.73 -33.72 -5.57
CA GLY D 228 36.18 -35.09 -5.79
C GLY D 228 37.12 -35.23 -6.97
N ASP D 229 37.93 -34.20 -7.24
CA ASP D 229 38.92 -34.18 -8.31
C ASP D 229 38.36 -34.80 -9.60
N GLY D 230 37.15 -34.38 -9.94
CA GLY D 230 36.48 -34.89 -11.13
C GLY D 230 36.14 -36.36 -11.05
N GLN D 231 35.70 -36.83 -9.89
CA GLN D 231 35.37 -38.24 -9.70
C GLN D 231 34.28 -38.34 -8.65
N VAL D 232 33.18 -39.01 -9.00
CA VAL D 232 32.07 -39.22 -8.06
C VAL D 232 32.39 -40.51 -7.31
N SER D 233 33.20 -40.37 -6.26
CA SER D 233 33.59 -41.50 -5.43
C SER D 233 32.79 -41.51 -4.14
N THR D 234 32.57 -42.71 -3.61
CA THR D 234 31.79 -42.85 -2.38
C THR D 234 32.43 -42.10 -1.23
N GLN D 235 33.76 -42.23 -1.07
CA GLN D 235 34.44 -41.55 0.02
C GLN D 235 34.33 -40.04 -0.12
N ALA D 236 34.51 -39.52 -1.34
CA ALA D 236 34.43 -38.08 -1.54
C ALA D 236 33.03 -37.56 -1.24
N VAL D 237 32.00 -38.27 -1.71
CA VAL D 237 30.63 -37.83 -1.45
C VAL D 237 30.32 -37.89 0.04
N SER D 238 30.78 -38.95 0.71
CA SER D 238 30.56 -39.06 2.15
C SER D 238 31.23 -37.91 2.90
N ALA D 239 32.46 -37.58 2.54
CA ALA D 239 33.16 -36.48 3.18
C ALA D 239 32.45 -35.16 2.93
N MET D 240 32.01 -34.94 1.68
CA MET D 240 31.32 -33.70 1.34
C MET D 240 30.01 -33.57 2.12
N LEU D 241 29.25 -34.66 2.21
CA LEU D 241 27.93 -34.65 2.81
C LEU D 241 27.94 -34.89 4.31
N GLY D 242 29.09 -35.23 4.89
CA GLY D 242 29.16 -35.48 6.32
C GLY D 242 28.29 -36.64 6.77
N THR D 243 28.31 -37.74 6.03
CA THR D 243 27.52 -38.91 6.36
C THR D 243 28.33 -39.87 7.22
N LEU D 244 27.77 -40.26 8.37
CA LEU D 244 28.47 -41.16 9.26
C LEU D 244 28.62 -42.54 8.64
N ASP D 245 27.52 -43.11 8.15
CA ASP D 245 27.48 -44.45 7.58
C ASP D 245 28.33 -45.44 8.38
N ASP D 246 28.27 -45.33 9.70
CA ASP D 246 29.07 -46.17 10.59
C ASP D 246 28.23 -46.51 11.82
N ASP D 247 28.87 -47.10 12.83
CA ASP D 247 28.20 -47.49 14.06
C ASP D 247 28.17 -46.39 15.10
N GLN D 248 28.71 -45.21 14.79
CA GLN D 248 28.68 -44.12 15.76
C GLN D 248 27.25 -43.71 16.09
N ALA D 249 26.38 -43.63 15.08
CA ALA D 249 25.00 -43.26 15.33
C ALA D 249 24.30 -44.28 16.22
N LEU D 250 24.50 -45.56 15.95
CA LEU D 250 23.85 -46.59 16.77
C LEU D 250 24.39 -46.56 18.20
N SER D 251 25.70 -46.39 18.37
CA SER D 251 26.27 -46.32 19.70
C SER D 251 25.71 -45.13 20.46
N LEU D 252 25.58 -43.98 19.79
CA LEU D 252 25.03 -42.81 20.44
C LEU D 252 23.57 -43.00 20.80
N VAL D 253 22.79 -43.67 19.94
CA VAL D 253 21.40 -43.96 20.26
C VAL D 253 21.31 -44.88 21.46
N GLU D 254 22.16 -45.91 21.51
CA GLU D 254 22.17 -46.81 22.65
C GLU D 254 22.51 -46.07 23.94
N ALA D 255 23.51 -45.19 23.89
CA ALA D 255 23.86 -44.39 25.06
C ALA D 255 22.69 -43.51 25.48
N MET D 256 22.03 -42.87 24.51
CA MET D 256 20.90 -42.01 24.82
C MET D 256 19.79 -42.80 25.52
N VAL D 257 19.48 -43.99 25.00
CA VAL D 257 18.42 -44.79 25.61
C VAL D 257 18.82 -45.26 27.01
N GLU D 258 20.10 -45.59 27.19
CA GLU D 258 20.60 -46.07 28.46
C GLU D 258 21.07 -44.95 29.38
N ALA D 259 20.52 -43.74 29.20
CA ALA D 259 20.95 -42.58 29.98
C ALA D 259 22.45 -42.36 29.79
N ASN D 260 23.24 -42.55 30.84
CA ASN D 260 24.71 -42.46 30.76
C ASN D 260 25.14 -41.21 29.99
N GLY D 261 24.83 -40.05 30.57
CA GLY D 261 25.06 -38.80 29.88
C GLY D 261 26.51 -38.59 29.48
N GLU D 262 27.45 -39.12 30.25
CA GLU D 262 28.86 -38.94 29.93
C GLU D 262 29.20 -39.56 28.58
N ARG D 263 28.66 -40.73 28.28
CA ARG D 263 28.93 -41.36 26.99
C ARG D 263 28.37 -40.53 25.85
N VAL D 264 27.15 -40.00 26.00
CA VAL D 264 26.55 -39.18 24.95
C VAL D 264 27.38 -37.93 24.74
N MET D 265 27.81 -37.29 25.83
CA MET D 265 28.62 -36.08 25.69
C MET D 265 29.96 -36.38 25.01
N ALA D 266 30.61 -37.48 25.39
CA ALA D 266 31.87 -37.84 24.74
C ALA D 266 31.68 -38.13 23.26
N LEU D 267 30.60 -38.84 22.92
CA LEU D 267 30.32 -39.13 21.51
C LEU D 267 30.10 -37.84 20.73
N ILE D 268 29.33 -36.91 21.29
CA ILE D 268 29.08 -35.65 20.60
C ILE D 268 30.37 -34.85 20.46
N ASN D 269 31.20 -34.85 21.50
CA ASN D 269 32.45 -34.10 21.44
C ASN D 269 33.36 -34.65 20.34
N GLU D 270 33.51 -35.98 20.28
CA GLU D 270 34.37 -36.55 19.25
C GLU D 270 33.77 -36.37 17.86
N ALA D 271 32.44 -36.44 17.74
CA ALA D 271 31.80 -36.20 16.46
C ALA D 271 32.05 -34.77 15.99
N ALA D 272 31.95 -33.80 16.90
CA ALA D 272 32.27 -32.42 16.55
C ALA D 272 33.73 -32.28 16.16
N ALA D 273 34.62 -32.98 16.87
CA ALA D 273 36.03 -32.94 16.52
C ALA D 273 36.26 -33.46 15.11
N ARG D 274 35.59 -34.54 14.73
CA ARG D 274 35.70 -35.05 13.37
C ARG D 274 34.97 -34.20 12.35
N GLY D 275 34.12 -33.27 12.80
CA GLY D 275 33.47 -32.34 11.89
C GLY D 275 32.45 -32.98 10.97
N ILE D 276 31.35 -33.47 11.54
CA ILE D 276 30.29 -34.11 10.78
C ILE D 276 29.11 -33.15 10.66
N GLU D 277 28.13 -33.53 9.84
CA GLU D 277 26.90 -32.78 9.69
C GLU D 277 25.91 -33.23 10.75
N TRP D 278 25.39 -32.28 11.54
CA TRP D 278 24.53 -32.62 12.65
C TRP D 278 23.13 -33.05 12.19
N GLU D 279 22.62 -32.41 11.14
CA GLU D 279 21.34 -32.83 10.59
C GLU D 279 21.41 -34.27 10.11
N ALA D 280 22.55 -34.65 9.52
CA ALA D 280 22.73 -36.05 9.12
C ALA D 280 22.70 -36.97 10.32
N LEU D 281 23.32 -36.57 11.43
CA LEU D 281 23.30 -37.38 12.64
C LEU D 281 21.87 -37.55 13.16
N LEU D 282 21.10 -36.47 13.18
CA LEU D 282 19.71 -36.57 13.64
C LEU D 282 18.89 -37.46 12.71
N VAL D 283 19.10 -37.34 11.40
CA VAL D 283 18.38 -38.19 10.46
C VAL D 283 18.74 -39.65 10.67
N GLU D 284 20.02 -39.93 10.91
CA GLU D 284 20.44 -41.31 11.16
C GLU D 284 19.81 -41.86 12.43
N MET D 285 19.78 -41.05 13.49
CA MET D 285 19.12 -41.49 14.72
C MET D 285 17.64 -41.76 14.49
N LEU D 286 16.97 -40.88 13.74
CA LEU D 286 15.56 -41.10 13.45
C LEU D 286 15.34 -42.39 12.67
N GLY D 287 16.19 -42.65 11.68
CA GLY D 287 16.09 -43.88 10.93
C GLY D 287 16.29 -45.10 11.81
N LEU D 288 17.28 -45.04 12.71
CA LEU D 288 17.52 -46.17 13.61
C LEU D 288 16.33 -46.41 14.53
N LEU D 289 15.76 -45.34 15.08
CA LEU D 289 14.61 -45.49 15.96
C LEU D 289 13.41 -46.06 15.21
N HIS D 290 13.19 -45.59 13.99
CA HIS D 290 12.11 -46.14 13.18
C HIS D 290 12.34 -47.62 12.89
N ARG D 291 13.58 -48.00 12.59
CA ARG D 291 13.87 -49.40 12.34
C ARG D 291 13.65 -50.25 13.58
N ILE D 292 14.03 -49.72 14.75
CA ILE D 292 13.79 -50.43 16.00
C ILE D 292 12.30 -50.65 16.21
N ALA D 293 11.50 -49.61 15.97
CA ALA D 293 10.05 -49.75 16.10
C ALA D 293 9.52 -50.79 15.13
N MET D 294 10.00 -50.76 13.89
CA MET D 294 9.53 -51.71 12.88
C MET D 294 9.83 -53.15 13.30
N VAL D 295 11.06 -53.39 13.76
CA VAL D 295 11.41 -54.75 14.17
C VAL D 295 10.62 -55.16 15.41
N GLN D 296 10.32 -54.22 16.31
CA GLN D 296 9.44 -54.54 17.43
C GLN D 296 8.07 -54.97 16.93
N LEU D 297 7.55 -54.29 15.91
CA LEU D 297 6.28 -54.71 15.32
C LEU D 297 6.44 -56.00 14.53
N SER D 298 7.47 -56.08 13.69
CA SER D 298 7.70 -57.23 12.83
C SER D 298 9.19 -57.52 12.70
N PRO D 299 9.72 -58.57 13.35
CA PRO D 299 11.16 -58.82 13.27
C PRO D 299 11.67 -59.03 11.86
N ALA D 300 10.82 -59.50 10.93
CA ALA D 300 11.26 -59.78 9.58
C ALA D 300 11.56 -58.52 8.77
N ALA D 301 11.22 -57.33 9.27
CA ALA D 301 11.38 -56.09 8.54
C ALA D 301 12.77 -55.48 8.67
N LEU D 302 13.77 -56.28 9.02
CA LEU D 302 15.14 -55.80 9.19
C LEU D 302 16.01 -56.36 8.07
N GLY D 303 16.80 -55.49 7.45
CA GLY D 303 17.68 -55.90 6.37
C GLY D 303 18.97 -56.52 6.88
N ASN D 304 19.82 -56.90 5.92
CA ASN D 304 21.11 -57.51 6.22
C ASN D 304 22.26 -56.52 6.21
N ASP D 305 22.04 -55.30 5.71
CA ASP D 305 23.11 -54.31 5.69
C ASP D 305 23.63 -54.02 7.08
N MET D 306 22.75 -54.03 8.08
CA MET D 306 23.12 -53.84 9.47
C MET D 306 23.43 -55.15 10.19
N ALA D 307 23.82 -56.18 9.43
CA ALA D 307 24.05 -57.49 10.05
C ALA D 307 25.14 -57.42 11.11
N ALA D 308 26.21 -56.68 10.85
CA ALA D 308 27.29 -56.56 11.83
C ALA D 308 26.79 -55.98 13.14
N ILE D 309 25.71 -55.19 13.10
CA ILE D 309 25.12 -54.61 14.30
C ILE D 309 23.73 -55.18 14.55
N GLU D 310 23.45 -56.38 14.03
CA GLU D 310 22.12 -56.96 14.16
C GLU D 310 21.76 -57.21 15.61
N LEU D 311 22.51 -58.09 16.28
CA LEU D 311 22.14 -58.53 17.63
C LEU D 311 21.95 -57.36 18.57
N ARG D 312 22.92 -56.45 18.62
CA ARG D 312 22.80 -55.28 19.46
C ARG D 312 21.52 -54.52 19.15
N MET D 313 21.27 -54.26 17.86
CA MET D 313 20.01 -53.63 17.49
C MET D 313 18.82 -54.45 17.97
N ARG D 314 18.87 -55.77 17.74
CA ARG D 314 17.80 -56.63 18.24
C ARG D 314 17.61 -56.46 19.74
N GLU D 315 18.72 -56.32 20.47
CA GLU D 315 18.61 -56.13 21.92
C GLU D 315 17.71 -54.94 22.23
N LEU D 316 17.90 -53.83 21.53
CA LEU D 316 17.04 -52.67 21.75
C LEU D 316 15.58 -53.04 21.49
N ALA D 317 15.32 -53.73 20.38
CA ALA D 317 13.96 -54.15 20.09
C ALA D 317 13.38 -55.02 21.19
N ARG D 318 14.23 -55.70 21.95
CA ARG D 318 13.78 -56.53 23.06
C ARG D 318 13.77 -55.77 24.38
N THR D 319 14.49 -54.66 24.48
CA THR D 319 14.65 -53.96 25.75
C THR D 319 13.82 -52.68 25.85
N ILE D 320 13.65 -51.95 24.75
CA ILE D 320 12.97 -50.67 24.78
C ILE D 320 11.49 -50.89 24.48
N PRO D 321 10.57 -50.47 25.36
CA PRO D 321 9.15 -50.58 25.02
C PRO D 321 8.81 -49.65 23.87
N PRO D 322 7.78 -49.96 23.07
CA PRO D 322 7.46 -49.11 21.93
C PRO D 322 7.18 -47.66 22.30
N THR D 323 6.56 -47.42 23.45
CA THR D 323 6.24 -46.05 23.85
C THR D 323 7.51 -45.23 24.04
N ASP D 324 8.53 -45.82 24.66
CA ASP D 324 9.79 -45.11 24.82
C ASP D 324 10.44 -44.81 23.47
N ILE D 325 10.35 -45.76 22.53
CA ILE D 325 10.87 -45.51 21.19
C ILE D 325 10.16 -44.32 20.56
N GLN D 326 8.83 -44.26 20.70
CA GLN D 326 8.09 -43.13 20.17
C GLN D 326 8.50 -41.82 20.84
N LEU D 327 8.72 -41.85 22.15
CA LEU D 327 9.16 -40.65 22.85
C LEU D 327 10.51 -40.17 22.33
N TYR D 328 11.45 -41.09 22.16
CA TYR D 328 12.78 -40.71 21.66
C TYR D 328 12.67 -40.16 20.24
N TYR D 329 11.86 -40.79 19.39
CA TYR D 329 11.68 -40.29 18.04
C TYR D 329 11.07 -38.89 18.05
N GLN D 330 10.09 -38.66 18.92
CA GLN D 330 9.48 -37.33 19.01
C GLN D 330 10.51 -36.29 19.45
N THR D 331 11.32 -36.61 20.44
CA THR D 331 12.33 -35.66 20.89
C THR D 331 13.33 -35.36 19.79
N LEU D 332 13.75 -36.39 19.05
CA LEU D 332 14.69 -36.17 17.96
C LEU D 332 14.08 -35.33 16.86
N LEU D 333 12.81 -35.54 16.54
CA LEU D 333 12.16 -34.70 15.54
C LEU D 333 12.05 -33.25 16.03
N ILE D 334 11.73 -33.06 17.30
CA ILE D 334 11.66 -31.70 17.85
C ILE D 334 13.02 -31.02 17.72
N GLY D 335 14.09 -31.75 18.04
CA GLY D 335 15.42 -31.21 17.84
C GLY D 335 15.70 -30.88 16.38
N ARG D 336 15.26 -31.75 15.48
CA ARG D 336 15.42 -31.49 14.05
C ARG D 336 14.76 -30.19 13.64
N LYS D 337 13.54 -29.95 14.13
CA LYS D 337 12.82 -28.74 13.76
C LYS D 337 13.54 -27.49 14.25
N GLU D 338 14.04 -27.51 15.49
CA GLU D 338 14.63 -26.34 16.11
C GLU D 338 16.13 -26.25 15.92
N LEU D 339 16.75 -27.21 15.24
CA LEU D 339 18.20 -27.15 15.05
C LEU D 339 18.63 -25.90 14.28
N PRO D 340 17.99 -25.51 13.18
CA PRO D 340 18.42 -24.28 12.51
C PRO D 340 18.31 -23.04 13.39
N TYR D 341 17.30 -22.97 14.26
CA TYR D 341 17.03 -21.78 15.05
C TYR D 341 17.80 -21.74 16.36
N ALA D 342 18.52 -22.80 16.71
CA ALA D 342 19.28 -22.81 17.95
C ALA D 342 20.47 -21.85 17.83
N PRO D 343 21.02 -21.41 18.97
CA PRO D 343 22.21 -20.54 18.90
C PRO D 343 23.36 -21.17 18.13
N ASP D 344 23.56 -22.47 18.30
CA ASP D 344 24.57 -23.22 17.57
C ASP D 344 24.02 -24.59 17.24
N ARG D 345 24.56 -25.19 16.18
CA ARG D 345 24.16 -26.55 15.83
C ARG D 345 24.52 -27.53 16.96
N ARG D 346 25.72 -27.39 17.52
CA ARG D 346 26.11 -28.24 18.63
C ARG D 346 25.19 -28.05 19.82
N MET D 347 24.84 -26.80 20.14
CA MET D 347 23.93 -26.55 21.26
C MET D 347 22.57 -27.18 21.00
N GLY D 348 22.05 -27.06 19.78
CA GLY D 348 20.77 -27.67 19.48
C GLY D 348 20.80 -29.19 19.64
N VAL D 349 21.85 -29.82 19.11
CA VAL D 349 21.95 -31.28 19.22
C VAL D 349 22.07 -31.70 20.68
N GLU D 350 22.90 -30.99 21.46
CA GLU D 350 23.08 -31.35 22.85
C GLU D 350 21.78 -31.17 23.63
N MET D 351 21.04 -30.09 23.37
CA MET D 351 19.76 -29.89 24.04
C MET D 351 18.79 -31.01 23.69
N THR D 352 18.72 -31.39 22.42
CA THR D 352 17.82 -32.47 22.02
C THR D 352 18.19 -33.76 22.72
N LEU D 353 19.49 -34.09 22.75
CA LEU D 353 19.91 -35.35 23.34
C LEU D 353 19.69 -35.35 24.85
N LEU D 354 19.92 -34.23 25.52
CA LEU D 354 19.66 -34.17 26.96
C LEU D 354 18.17 -34.26 27.25
N ARG D 355 17.33 -33.63 26.42
CA ARG D 355 15.89 -33.77 26.60
C ARG D 355 15.46 -35.23 26.45
N ALA D 356 16.00 -35.90 25.43
CA ALA D 356 15.70 -37.32 25.27
C ALA D 356 16.21 -38.13 26.45
N LEU D 357 17.37 -37.76 26.99
CA LEU D 357 17.93 -38.45 28.15
C LEU D 357 17.01 -38.31 29.36
N ALA D 358 16.38 -37.15 29.51
CA ALA D 358 15.46 -36.94 30.62
C ALA D 358 14.38 -38.02 30.64
N PHE D 359 13.89 -38.41 29.46
CA PHE D 359 12.92 -39.49 29.39
C PHE D 359 13.56 -40.82 29.80
N HIS D 360 12.82 -41.62 30.55
CA HIS D 360 13.26 -42.95 30.95
C HIS D 360 12.06 -43.70 31.51
N PRO D 361 12.14 -45.04 31.57
CA PRO D 361 11.03 -45.83 32.13
C PRO D 361 10.69 -45.43 33.56
N MET E 1 38.59 -6.36 7.08
CA MET E 1 38.64 -7.84 7.02
C MET E 1 40.07 -8.35 7.16
N ARG E 2 40.22 -9.60 7.57
CA ARG E 2 41.53 -10.21 7.76
C ARG E 2 41.54 -11.60 7.12
N TRP E 3 42.71 -12.00 6.64
CA TRP E 3 42.91 -13.32 6.04
C TRP E 3 43.52 -14.23 7.09
N TYR E 4 42.70 -15.13 7.63
CA TYR E 4 43.17 -16.04 8.67
C TYR E 4 43.92 -17.23 8.06
N PRO E 5 44.87 -17.83 8.78
CA PRO E 5 45.64 -18.93 8.20
C PRO E 5 44.78 -20.09 7.73
N TRP E 6 43.71 -20.42 8.45
CA TRP E 6 42.92 -21.60 8.11
C TRP E 6 42.15 -21.43 6.80
N LEU E 7 42.14 -20.22 6.23
CA LEU E 7 41.57 -20.03 4.91
C LEU E 7 42.49 -20.51 3.79
N ARG E 8 43.74 -20.87 4.10
CA ARG E 8 44.67 -21.27 3.05
C ARG E 8 44.20 -22.49 2.27
N PRO E 9 43.84 -23.62 2.91
CA PRO E 9 43.49 -24.81 2.12
C PRO E 9 42.25 -24.63 1.27
N ASP E 10 41.14 -24.25 1.92
CA ASP E 10 39.86 -24.16 1.22
C ASP E 10 39.96 -23.25 0.00
N PHE E 11 40.53 -22.05 0.18
CA PHE E 11 40.76 -21.17 -0.96
C PHE E 11 41.53 -21.89 -2.06
N GLU E 12 42.65 -22.50 -1.70
CA GLU E 12 43.47 -23.21 -2.68
C GLU E 12 42.65 -24.27 -3.41
N LYS E 13 41.64 -24.83 -2.74
CA LYS E 13 40.76 -25.77 -3.41
C LYS E 13 39.80 -25.05 -4.35
N LEU E 14 39.09 -24.04 -3.84
CA LEU E 14 38.05 -23.39 -4.64
C LEU E 14 38.63 -22.79 -5.92
N VAL E 15 39.73 -22.04 -5.78
CA VAL E 15 40.36 -21.43 -6.95
C VAL E 15 40.72 -22.49 -7.96
N ALA E 16 41.10 -23.68 -7.51
CA ALA E 16 41.45 -24.74 -8.45
C ALA E 16 40.32 -25.02 -9.42
N SER E 17 39.08 -25.04 -8.93
CA SER E 17 37.95 -25.21 -9.83
C SER E 17 37.96 -24.11 -10.89
N TYR E 18 38.10 -22.85 -10.46
CA TYR E 18 38.18 -21.75 -11.40
C TYR E 18 39.42 -21.83 -12.28
N GLN E 19 40.48 -22.52 -11.81
CA GLN E 19 41.63 -22.71 -12.67
C GLN E 19 41.29 -23.59 -13.87
N ALA E 20 40.34 -24.50 -13.71
CA ALA E 20 39.95 -25.41 -14.77
C ALA E 20 38.79 -24.89 -15.62
N GLY E 21 38.24 -23.72 -15.27
CA GLY E 21 37.10 -23.20 -16.00
C GLY E 21 35.78 -23.83 -15.66
N ARG E 22 35.75 -24.73 -14.67
CA ARG E 22 34.53 -25.43 -14.27
C ARG E 22 33.93 -24.85 -12.99
N GLY E 23 34.38 -23.67 -12.57
CA GLY E 23 33.85 -23.08 -11.34
C GLY E 23 32.36 -22.82 -11.44
N HIS E 24 31.68 -23.01 -10.31
CA HIS E 24 30.25 -22.80 -10.25
C HIS E 24 29.95 -21.31 -10.18
N HIS E 25 28.98 -20.86 -11.00
CA HIS E 25 28.67 -19.44 -11.05
C HIS E 25 28.16 -18.94 -9.71
N ALA E 26 27.30 -19.70 -9.05
CA ALA E 26 26.74 -19.32 -7.75
C ALA E 26 27.42 -20.12 -6.66
N LEU E 27 28.08 -19.42 -5.74
CA LEU E 27 28.79 -20.03 -4.62
C LEU E 27 28.22 -19.49 -3.32
N LEU E 28 27.84 -20.39 -2.42
CA LEU E 28 27.28 -20.03 -1.12
C LEU E 28 28.22 -20.56 -0.04
N ILE E 29 28.85 -19.64 0.69
CA ILE E 29 29.79 -20.00 1.74
C ILE E 29 29.03 -20.09 3.05
N GLN E 30 29.02 -21.28 3.65
CA GLN E 30 28.41 -21.51 4.96
C GLN E 30 29.53 -21.43 6.00
N ALA E 31 29.70 -20.24 6.57
CA ALA E 31 30.76 -19.99 7.54
C ALA E 31 30.18 -19.26 8.74
N LEU E 32 30.65 -19.64 9.93
CA LEU E 32 30.24 -18.96 11.15
C LEU E 32 30.89 -17.58 11.23
N PRO E 33 30.36 -16.69 12.06
CA PRO E 33 31.01 -15.39 12.25
C PRO E 33 32.44 -15.57 12.74
N GLY E 34 33.33 -14.70 12.27
CA GLY E 34 34.72 -14.77 12.64
C GLY E 34 35.55 -15.74 11.83
N MET E 35 34.94 -16.49 10.92
CA MET E 35 35.69 -17.43 10.09
C MET E 35 36.38 -16.77 8.91
N GLY E 36 36.17 -15.47 8.70
CA GLY E 36 36.81 -14.77 7.60
C GLY E 36 36.35 -15.21 6.23
N ASP E 37 35.06 -15.52 6.08
CA ASP E 37 34.53 -15.85 4.76
C ASP E 37 34.58 -14.63 3.84
N ASP E 38 34.49 -13.43 4.40
CA ASP E 38 34.59 -12.22 3.58
C ASP E 38 35.97 -12.14 2.92
N ALA E 39 37.02 -12.47 3.67
CA ALA E 39 38.36 -12.48 3.08
C ALA E 39 38.47 -13.51 1.95
N LEU E 40 37.87 -14.68 2.16
CA LEU E 40 37.89 -15.70 1.10
C LEU E 40 37.18 -15.21 -0.15
N ILE E 41 36.01 -14.58 0.03
CA ILE E 41 35.27 -14.07 -1.13
C ILE E 41 36.07 -12.98 -1.83
N TYR E 42 36.71 -12.11 -1.05
CA TYR E 42 37.51 -11.05 -1.64
C TYR E 42 38.67 -11.62 -2.44
N ALA E 43 39.34 -12.64 -1.90
CA ALA E 43 40.45 -13.26 -2.62
C ALA E 43 39.98 -13.92 -3.90
N LEU E 44 38.83 -14.61 -3.84
CA LEU E 44 38.29 -15.22 -5.05
C LEU E 44 37.95 -14.18 -6.10
N SER E 45 37.33 -13.07 -5.68
CA SER E 45 37.00 -12.00 -6.63
C SER E 45 38.27 -11.40 -7.22
N ARG E 46 39.30 -11.20 -6.40
CA ARG E 46 40.56 -10.67 -6.90
C ARG E 46 41.16 -11.60 -7.95
N TYR E 47 41.15 -12.91 -7.68
CA TYR E 47 41.67 -13.85 -8.66
C TYR E 47 40.86 -13.80 -9.95
N LEU E 48 39.53 -13.77 -9.83
CA LEU E 48 38.69 -13.77 -11.02
C LEU E 48 38.91 -12.52 -11.86
N LEU E 49 39.08 -11.37 -11.21
CA LEU E 49 39.22 -10.10 -11.91
C LEU E 49 40.65 -9.79 -12.34
N CYS E 50 41.61 -10.62 -11.97
CA CYS E 50 42.99 -10.38 -12.39
C CYS E 50 43.14 -10.65 -13.87
N GLN E 51 43.77 -9.72 -14.58
CA GLN E 51 43.93 -9.87 -16.03
C GLN E 51 44.98 -10.91 -16.39
N GLN E 52 46.09 -10.95 -15.63
CA GLN E 52 47.20 -11.85 -15.90
C GLN E 52 47.57 -12.59 -14.62
N PRO E 53 46.70 -13.45 -14.12
CA PRO E 53 47.01 -14.20 -12.90
C PRO E 53 48.16 -15.18 -13.13
N GLN E 54 48.92 -15.41 -12.05
CA GLN E 54 50.02 -16.37 -12.07
C GLN E 54 49.80 -17.36 -10.92
N GLY E 55 49.85 -18.64 -11.24
CA GLY E 55 49.56 -19.64 -10.22
C GLY E 55 48.15 -19.44 -9.68
N HIS E 56 48.04 -19.38 -8.36
CA HIS E 56 46.78 -19.11 -7.69
C HIS E 56 46.61 -17.64 -7.33
N LYS E 57 47.63 -17.02 -6.74
CA LYS E 57 47.54 -15.61 -6.37
C LYS E 57 47.50 -14.73 -7.60
N SER E 58 46.86 -13.57 -7.44
CA SER E 58 46.82 -12.58 -8.51
C SER E 58 48.17 -11.90 -8.65
N CYS E 59 48.42 -11.34 -9.83
CA CYS E 59 49.69 -10.66 -10.08
C CYS E 59 49.85 -9.45 -9.16
N GLY E 60 48.78 -8.69 -8.97
CA GLY E 60 48.81 -7.54 -8.09
C GLY E 60 49.18 -6.23 -8.76
N HIS E 61 49.50 -6.24 -10.06
CA HIS E 61 49.90 -5.03 -10.75
C HIS E 61 49.16 -4.79 -12.06
N CYS E 62 48.32 -5.73 -12.51
CA CYS E 62 47.54 -5.49 -13.72
C CYS E 62 46.43 -4.48 -13.43
N ARG E 63 45.68 -4.12 -14.48
CA ARG E 63 44.64 -3.11 -14.31
C ARG E 63 43.59 -3.57 -13.32
N GLY E 64 43.18 -4.83 -13.40
CA GLY E 64 42.20 -5.34 -12.45
C GLY E 64 42.68 -5.25 -11.01
N CYS E 65 43.94 -5.62 -10.77
CA CYS E 65 44.46 -5.53 -9.40
C CYS E 65 44.53 -4.09 -8.93
N GLN E 66 44.94 -3.17 -9.78
CA GLN E 66 44.99 -1.76 -9.39
C GLN E 66 43.59 -1.24 -9.06
N LEU E 67 42.60 -1.59 -9.87
CA LEU E 67 41.23 -1.16 -9.57
C LEU E 67 40.72 -1.79 -8.28
N MET E 68 41.04 -3.06 -8.04
CA MET E 68 40.64 -3.69 -6.78
C MET E 68 41.26 -2.98 -5.59
N GLN E 69 42.54 -2.63 -5.68
CA GLN E 69 43.18 -1.89 -4.61
C GLN E 69 42.51 -0.52 -4.42
N ALA E 70 42.18 0.15 -5.52
CA ALA E 70 41.46 1.41 -5.43
C ALA E 70 39.99 1.21 -5.08
N GLY E 71 39.46 0.01 -5.26
CA GLY E 71 38.06 -0.24 -4.94
C GLY E 71 37.10 0.53 -5.82
N THR E 72 37.39 0.62 -7.12
CA THR E 72 36.53 1.33 -8.07
C THR E 72 36.39 0.57 -9.37
N HIS E 73 36.49 -0.76 -9.33
CA HIS E 73 36.41 -1.54 -10.54
C HIS E 73 35.02 -1.41 -11.15
N PRO E 74 34.89 -1.16 -12.46
CA PRO E 74 33.54 -1.03 -13.03
C PRO E 74 32.71 -2.29 -12.84
N ASP E 75 33.35 -3.45 -12.89
CA ASP E 75 32.70 -4.71 -12.56
C ASP E 75 32.65 -4.83 -11.04
N TYR E 76 32.49 -6.05 -10.55
CA TYR E 76 32.49 -6.30 -9.11
C TYR E 76 31.39 -5.50 -8.43
N TYR E 77 30.15 -5.76 -8.80
CA TYR E 77 29.00 -5.05 -8.23
C TYR E 77 28.59 -5.78 -6.95
N THR E 78 28.96 -5.21 -5.81
CA THR E 78 28.69 -5.83 -4.52
C THR E 78 27.30 -5.44 -4.01
N LEU E 79 26.67 -6.36 -3.30
CA LEU E 79 25.38 -6.15 -2.64
C LEU E 79 25.57 -6.22 -1.14
N ALA E 80 25.06 -5.21 -0.43
CA ALA E 80 25.14 -5.18 1.02
C ALA E 80 24.01 -4.32 1.55
N PRO E 81 23.56 -4.54 2.78
CA PRO E 81 22.52 -3.68 3.35
C PRO E 81 23.05 -2.29 3.64
N GLU E 82 22.12 -1.33 3.70
CA GLU E 82 22.49 0.04 4.00
C GLU E 82 23.10 0.14 5.40
N LYS E 83 24.00 1.10 5.58
CA LYS E 83 24.69 1.23 6.85
C LYS E 83 23.70 1.51 7.98
N GLY E 84 22.70 2.36 7.73
CA GLY E 84 21.70 2.66 8.74
C GLY E 84 20.61 1.62 8.89
N LYS E 85 20.58 0.61 8.04
CA LYS E 85 19.59 -0.46 8.09
C LYS E 85 20.27 -1.78 8.37
N ASN E 86 19.47 -2.85 8.39
CA ASN E 86 19.97 -4.20 8.62
C ASN E 86 19.45 -5.21 7.60
N THR E 87 18.71 -4.77 6.58
CA THR E 87 18.18 -5.64 5.56
C THR E 87 18.44 -5.04 4.19
N LEU E 88 18.49 -5.90 3.17
CA LEU E 88 18.75 -5.49 1.81
C LEU E 88 17.45 -5.53 1.02
N GLY E 89 17.09 -4.40 0.40
CA GLY E 89 15.84 -4.29 -0.32
C GLY E 89 15.91 -4.86 -1.72
N VAL E 90 14.73 -4.91 -2.36
CA VAL E 90 14.65 -5.45 -3.71
C VAL E 90 15.20 -4.45 -4.73
N ASP E 91 15.20 -3.15 -4.40
CA ASP E 91 15.70 -2.16 -5.33
C ASP E 91 17.19 -2.33 -5.59
N ALA E 92 17.96 -2.62 -4.54
CA ALA E 92 19.40 -2.83 -4.71
C ALA E 92 19.67 -4.04 -5.61
N VAL E 93 18.95 -5.14 -5.37
CA VAL E 93 19.11 -6.32 -6.22
C VAL E 93 18.72 -6.00 -7.65
N ARG E 94 17.65 -5.23 -7.84
CA ARG E 94 17.22 -4.87 -9.18
C ARG E 94 18.29 -4.10 -9.92
N GLU E 95 18.84 -3.06 -9.29
CA GLU E 95 19.85 -2.24 -9.96
C GLU E 95 21.13 -3.04 -10.20
N VAL E 96 21.53 -3.89 -9.25
CA VAL E 96 22.73 -4.70 -9.47
C VAL E 96 22.51 -5.67 -10.63
N THR E 97 21.33 -6.28 -10.71
CA THR E 97 21.04 -7.19 -11.82
C THR E 97 21.06 -6.44 -13.14
N GLU E 98 20.48 -5.23 -13.17
CA GLU E 98 20.50 -4.43 -14.39
C GLU E 98 21.94 -4.13 -14.81
N LYS E 99 22.80 -3.77 -13.85
CA LYS E 99 24.19 -3.52 -14.19
C LYS E 99 24.87 -4.78 -14.73
N LEU E 100 24.63 -5.93 -14.08
CA LEU E 100 25.20 -7.18 -14.57
C LEU E 100 24.62 -7.61 -15.91
N ASN E 101 23.49 -7.04 -16.32
CA ASN E 101 22.81 -7.53 -17.52
C ASN E 101 23.62 -7.30 -18.79
N GLU E 102 24.65 -6.47 -18.75
CA GLU E 102 25.46 -6.14 -19.92
C GLU E 102 26.91 -6.58 -19.72
N HIS E 103 27.70 -6.46 -20.79
CA HIS E 103 29.07 -6.97 -20.78
C HIS E 103 29.94 -6.18 -19.82
N ALA E 104 31.05 -6.81 -19.42
CA ALA E 104 32.00 -6.16 -18.52
C ALA E 104 32.78 -5.09 -19.26
N ARG E 105 33.05 -3.98 -18.59
CA ARG E 105 33.81 -2.90 -19.21
C ARG E 105 35.22 -3.36 -19.54
N LEU E 106 35.88 -4.06 -18.62
CA LEU E 106 37.23 -4.55 -18.86
C LEU E 106 37.27 -5.74 -19.81
N GLY E 107 36.12 -6.32 -20.15
CA GLY E 107 36.08 -7.47 -21.02
C GLY E 107 36.40 -8.78 -20.35
N GLY E 108 36.60 -8.79 -19.03
CA GLY E 108 36.93 -10.01 -18.32
C GLY E 108 35.71 -10.69 -17.74
N ALA E 109 35.61 -10.73 -16.41
CA ALA E 109 34.52 -11.39 -15.72
C ALA E 109 33.87 -10.43 -14.74
N LYS E 110 32.57 -10.62 -14.52
CA LYS E 110 31.80 -9.81 -13.59
C LYS E 110 31.55 -10.61 -12.32
N VAL E 111 31.77 -9.98 -11.18
CA VAL E 111 31.64 -10.61 -9.87
C VAL E 111 30.55 -9.89 -9.09
N VAL E 112 29.74 -10.67 -8.36
CA VAL E 112 28.69 -10.14 -7.50
C VAL E 112 28.88 -10.75 -6.12
N TRP E 113 28.97 -9.90 -5.10
CA TRP E 113 29.16 -10.32 -3.72
C TRP E 113 27.93 -9.91 -2.92
N VAL E 114 27.25 -10.88 -2.35
CA VAL E 114 26.16 -10.63 -1.40
C VAL E 114 26.75 -10.79 0.00
N THR E 115 26.82 -9.69 0.76
CA THR E 115 27.52 -9.72 2.03
C THR E 115 26.90 -10.72 2.99
N ASP E 116 25.57 -10.77 3.05
CA ASP E 116 24.87 -11.72 3.92
C ASP E 116 23.51 -12.00 3.31
N ALA E 117 23.35 -13.19 2.73
CA ALA E 117 22.08 -13.57 2.14
C ALA E 117 20.98 -13.72 3.17
N ALA E 118 21.34 -13.93 4.44
CA ALA E 118 20.32 -14.03 5.48
C ALA E 118 19.54 -12.72 5.61
N LEU E 119 20.25 -11.59 5.58
CA LEU E 119 19.58 -10.28 5.63
C LEU E 119 18.79 -9.98 4.37
N LEU E 120 18.98 -10.74 3.30
CA LEU E 120 18.28 -10.49 2.05
C LEU E 120 16.78 -10.66 2.25
N THR E 121 16.01 -9.71 1.74
CA THR E 121 14.56 -9.76 1.85
C THR E 121 14.01 -10.87 0.96
N ASP E 122 12.81 -11.34 1.31
CA ASP E 122 12.18 -12.39 0.52
C ASP E 122 11.97 -11.94 -0.91
N ALA E 123 11.45 -10.72 -1.10
CA ALA E 123 11.29 -10.18 -2.44
C ALA E 123 12.65 -10.02 -3.13
N ALA E 124 13.65 -9.54 -2.40
CA ALA E 124 14.97 -9.38 -2.98
C ALA E 124 15.56 -10.71 -3.41
N ALA E 125 15.44 -11.73 -2.56
CA ALA E 125 15.95 -13.05 -2.91
C ALA E 125 15.21 -13.61 -4.12
N ASN E 126 13.89 -13.45 -4.15
CA ASN E 126 13.12 -13.96 -5.28
C ASN E 126 13.50 -13.25 -6.57
N ALA E 127 13.77 -11.95 -6.51
CA ALA E 127 14.26 -11.25 -7.69
C ALA E 127 15.63 -11.76 -8.11
N LEU E 128 16.51 -12.01 -7.14
CA LEU E 128 17.85 -12.51 -7.45
C LEU E 128 17.81 -13.91 -8.02
N LEU E 129 16.72 -14.66 -7.78
CA LEU E 129 16.66 -16.04 -8.25
C LEU E 129 16.86 -16.14 -9.75
N LYS E 130 16.23 -15.26 -10.53
CA LYS E 130 16.31 -15.36 -11.98
C LYS E 130 17.76 -15.21 -12.45
N THR E 131 18.43 -14.14 -12.03
CA THR E 131 19.81 -13.93 -12.44
C THR E 131 20.73 -15.01 -11.90
N LEU E 132 20.37 -15.62 -10.77
CA LEU E 132 21.18 -16.69 -10.22
C LEU E 132 21.00 -17.99 -10.99
N GLU E 133 19.83 -18.21 -11.58
CA GLU E 133 19.56 -19.44 -12.31
C GLU E 133 20.42 -19.52 -13.57
N GLU E 134 20.41 -18.47 -14.38
CA GLU E 134 21.13 -18.43 -15.65
C GLU E 134 21.91 -17.13 -15.76
N PRO E 135 22.99 -16.99 -14.99
CA PRO E 135 23.78 -15.75 -15.08
C PRO E 135 24.37 -15.60 -16.46
N PRO E 136 24.58 -14.37 -16.92
CA PRO E 136 25.28 -14.17 -18.19
C PRO E 136 26.68 -14.76 -18.15
N ALA E 137 27.29 -14.87 -19.32
CA ALA E 137 28.61 -15.46 -19.42
C ALA E 137 29.62 -14.67 -18.58
N GLU E 138 30.53 -15.40 -17.94
CA GLU E 138 31.58 -14.80 -17.12
C GLU E 138 30.99 -13.94 -16.01
N THR E 139 29.90 -14.41 -15.41
CA THR E 139 29.26 -13.78 -14.26
C THR E 139 29.34 -14.73 -13.09
N TRP E 140 29.87 -14.25 -11.96
CA TRP E 140 30.10 -15.08 -10.78
C TRP E 140 29.46 -14.43 -9.56
N PHE E 141 28.82 -15.26 -8.73
CA PHE E 141 28.18 -14.82 -7.51
C PHE E 141 28.87 -15.47 -6.31
N PHE E 142 28.99 -14.71 -5.22
CA PHE E 142 29.61 -15.18 -3.98
C PHE E 142 28.70 -14.77 -2.82
N LEU E 143 27.77 -15.66 -2.46
CA LEU E 143 26.88 -15.43 -1.34
C LEU E 143 27.56 -15.86 -0.03
N ALA E 144 26.95 -15.49 1.08
CA ALA E 144 27.46 -15.85 2.39
C ALA E 144 26.31 -15.86 3.39
N THR E 145 26.32 -16.83 4.29
CA THR E 145 25.30 -16.93 5.32
C THR E 145 25.78 -17.86 6.41
N ARG E 146 25.42 -17.56 7.66
CA ARG E 146 25.77 -18.42 8.78
C ARG E 146 24.95 -19.70 8.75
N GLU E 147 23.65 -19.58 8.52
CA GLU E 147 22.73 -20.72 8.52
C GLU E 147 22.01 -20.80 7.18
N PRO E 148 22.46 -21.66 6.26
CA PRO E 148 21.77 -21.73 4.96
C PRO E 148 20.32 -22.18 5.06
N GLU E 149 19.94 -22.84 6.15
CA GLU E 149 18.54 -23.24 6.31
C GLU E 149 17.62 -22.03 6.39
N ARG E 150 18.11 -20.92 6.95
CA ARG E 150 17.28 -19.72 7.06
C ARG E 150 16.96 -19.13 5.69
N LEU E 151 17.80 -19.39 4.69
CA LEU E 151 17.55 -18.89 3.35
C LEU E 151 16.39 -19.65 2.70
N LEU E 152 15.89 -19.09 1.61
CA LEU E 152 14.83 -19.74 0.86
C LEU E 152 15.32 -21.05 0.27
N ALA E 153 14.42 -22.02 0.14
CA ALA E 153 14.78 -23.31 -0.42
C ALA E 153 15.28 -23.16 -1.86
N THR E 154 14.60 -22.33 -2.66
CA THR E 154 14.99 -22.13 -4.04
C THR E 154 16.41 -21.55 -4.11
N LEU E 155 16.66 -20.49 -3.34
CA LEU E 155 17.96 -19.83 -3.40
C LEU E 155 19.09 -20.79 -3.00
N ARG E 156 18.88 -21.56 -1.95
CA ARG E 156 19.87 -22.56 -1.56
C ARG E 156 20.04 -23.59 -2.67
N SER E 157 18.96 -23.95 -3.35
CA SER E 157 19.05 -24.92 -4.44
C SER E 157 19.93 -24.41 -5.57
N ARG E 158 19.80 -23.13 -5.91
CA ARG E 158 20.57 -22.60 -7.04
C ARG E 158 22.07 -22.67 -6.77
N CYS E 159 22.48 -22.34 -5.55
CA CYS E 159 23.90 -22.16 -5.26
C CYS E 159 24.61 -23.49 -5.03
N ARG E 160 25.92 -23.48 -5.29
CA ARG E 160 26.80 -24.55 -4.85
C ARG E 160 27.29 -24.22 -3.45
N LEU E 161 27.05 -25.12 -2.51
CA LEU E 161 27.31 -24.84 -1.10
C LEU E 161 28.72 -25.32 -0.73
N HIS E 162 29.50 -24.43 -0.14
CA HIS E 162 30.83 -24.74 0.38
C HIS E 162 30.84 -24.43 1.87
N TYR E 163 31.13 -25.45 2.68
CA TYR E 163 31.14 -25.32 4.13
C TYR E 163 32.56 -25.05 4.60
N LEU E 164 32.77 -23.90 5.23
CA LEU E 164 34.08 -23.51 5.76
C LEU E 164 34.17 -23.99 7.21
N ALA E 165 34.70 -25.20 7.40
CA ALA E 165 34.79 -25.77 8.73
C ALA E 165 35.83 -25.00 9.56
N PRO E 166 35.64 -24.92 10.88
CA PRO E 166 36.61 -24.22 11.71
C PRO E 166 37.86 -25.04 11.91
N PRO E 167 38.93 -24.44 12.44
CA PRO E 167 40.17 -25.20 12.65
C PRO E 167 40.03 -26.15 13.82
N PRO E 168 41.05 -26.98 14.07
CA PRO E 168 41.05 -27.79 15.28
C PRO E 168 41.02 -26.92 16.53
N GLU E 169 40.44 -27.46 17.60
CA GLU E 169 40.29 -26.69 18.82
C GLU E 169 41.63 -26.23 19.36
N GLN E 170 42.63 -27.12 19.37
CA GLN E 170 43.95 -26.76 19.88
C GLN E 170 44.58 -25.68 19.02
N TYR E 171 44.42 -25.76 17.70
CA TYR E 171 44.99 -24.75 16.81
C TYR E 171 44.38 -23.38 17.09
N ALA E 172 43.06 -23.31 17.25
CA ALA E 172 42.42 -22.05 17.56
C ALA E 172 42.87 -21.53 18.92
N VAL E 173 43.01 -22.42 19.91
CA VAL E 173 43.43 -22.01 21.23
C VAL E 173 44.81 -21.37 21.18
N THR E 174 45.75 -22.04 20.49
CA THR E 174 47.11 -21.50 20.43
C THR E 174 47.17 -20.23 19.60
N TRP E 175 46.37 -20.14 18.53
CA TRP E 175 46.35 -18.90 17.75
C TRP E 175 45.85 -17.74 18.59
N LEU E 176 44.78 -17.94 19.35
CA LEU E 176 44.28 -16.87 20.22
C LEU E 176 45.29 -16.53 21.31
N SER E 177 45.96 -17.54 21.87
CA SER E 177 46.97 -17.29 22.89
C SER E 177 48.09 -16.44 22.33
N ARG E 178 48.54 -16.74 21.12
CA ARG E 178 49.56 -15.90 20.48
C ARG E 178 49.03 -14.51 20.20
N GLU E 179 47.72 -14.39 19.90
CA GLU E 179 47.15 -13.08 19.60
C GLU E 179 46.87 -12.28 20.87
N VAL E 180 46.06 -12.84 21.77
CA VAL E 180 45.63 -12.16 22.99
C VAL E 180 46.34 -12.79 24.17
N THR E 181 46.87 -11.95 25.06
CA THR E 181 47.56 -12.39 26.26
C THR E 181 46.53 -12.55 27.37
N MET E 182 46.02 -13.76 27.53
CA MET E 182 45.02 -14.05 28.55
C MET E 182 45.11 -15.53 28.91
N SER E 183 44.53 -15.87 30.06
CA SER E 183 44.57 -17.25 30.54
C SER E 183 43.96 -18.19 29.51
N GLN E 184 44.62 -19.34 29.31
CA GLN E 184 44.15 -20.31 28.33
C GLN E 184 42.73 -20.78 28.62
N ASP E 185 42.34 -20.81 29.90
CA ASP E 185 40.99 -21.21 30.24
C ASP E 185 39.97 -20.25 29.64
N ALA E 186 40.23 -18.95 29.73
CA ALA E 186 39.32 -17.96 29.14
C ALA E 186 39.27 -18.12 27.62
N LEU E 187 40.43 -18.38 26.99
CA LEU E 187 40.45 -18.57 25.55
C LEU E 187 39.61 -19.77 25.14
N LEU E 188 39.76 -20.89 25.85
CA LEU E 188 38.97 -22.07 25.54
C LEU E 188 37.50 -21.82 25.76
N ALA E 189 37.15 -21.12 26.84
CA ALA E 189 35.76 -20.80 27.10
C ALA E 189 35.17 -19.95 25.98
N ALA E 190 35.92 -18.96 25.51
CA ALA E 190 35.45 -18.12 24.43
C ALA E 190 35.30 -18.92 23.14
N LEU E 191 36.26 -19.80 22.85
CA LEU E 191 36.19 -20.60 21.63
C LEU E 191 34.97 -21.52 21.63
N ARG E 192 34.75 -22.22 22.76
CA ARG E 192 33.57 -23.06 22.85
C ARG E 192 32.29 -22.23 22.79
N LEU E 193 32.32 -21.04 23.40
CA LEU E 193 31.17 -20.15 23.37
C LEU E 193 30.86 -19.68 21.95
N SER E 194 31.91 -19.43 21.15
CA SER E 194 31.76 -18.95 19.78
C SER E 194 31.65 -20.10 18.78
N ALA E 195 31.19 -21.27 19.21
CA ALA E 195 31.06 -22.44 18.35
C ALA E 195 32.41 -22.86 17.79
N GLY E 196 33.48 -22.64 18.55
CA GLY E 196 34.81 -23.04 18.10
C GLY E 196 35.25 -22.37 16.83
N SER E 197 34.92 -21.08 16.67
CA SER E 197 35.30 -20.32 15.47
C SER E 197 36.21 -19.18 15.90
N PRO E 198 37.53 -19.33 15.80
CA PRO E 198 38.42 -18.22 16.17
C PRO E 198 38.15 -16.99 15.31
N GLY E 199 38.58 -15.84 15.83
CA GLY E 199 38.22 -14.57 15.23
C GLY E 199 36.98 -14.00 15.89
N ALA E 200 35.90 -14.77 15.91
CA ALA E 200 34.73 -14.36 16.67
C ALA E 200 35.05 -14.27 18.16
N ALA E 201 35.79 -15.27 18.69
CA ALA E 201 36.28 -15.17 20.06
C ALA E 201 37.24 -13.99 20.20
N LEU E 202 38.09 -13.78 19.20
CA LEU E 202 38.99 -12.63 19.23
C LEU E 202 38.21 -11.32 19.24
N ALA E 203 37.16 -11.24 18.42
CA ALA E 203 36.34 -10.03 18.41
C ALA E 203 35.66 -9.83 19.75
N LEU E 204 35.19 -10.92 20.37
CA LEU E 204 34.57 -10.82 21.69
C LEU E 204 35.58 -10.30 22.72
N PHE E 205 36.81 -10.79 22.68
CA PHE E 205 37.82 -10.32 23.60
C PHE E 205 38.15 -8.85 23.35
N GLN E 206 38.23 -8.44 22.09
CA GLN E 206 38.62 -7.07 21.77
C GLN E 206 37.65 -6.06 22.36
N GLY E 207 36.36 -6.32 22.24
CA GLY E 207 35.36 -5.42 22.78
C GLY E 207 35.16 -5.61 24.27
N ASP E 208 34.18 -4.87 24.79
CA ASP E 208 33.82 -4.97 26.21
C ASP E 208 32.89 -6.14 26.50
N ASN E 209 32.69 -7.04 25.54
CA ASN E 209 31.78 -8.16 25.75
C ASN E 209 32.25 -9.07 26.88
N TRP E 210 33.57 -9.21 27.06
CA TRP E 210 34.07 -10.07 28.13
C TRP E 210 33.69 -9.53 29.49
N GLN E 211 33.81 -8.21 29.69
CA GLN E 211 33.41 -7.63 30.97
C GLN E 211 31.92 -7.78 31.19
N ALA E 212 31.13 -7.64 30.12
CA ALA E 212 29.69 -7.87 30.24
C ALA E 212 29.39 -9.30 30.66
N ARG E 213 30.10 -10.27 30.07
CA ARG E 213 29.91 -11.66 30.46
C ARG E 213 30.28 -11.89 31.91
N GLU E 214 31.39 -11.29 32.36
CA GLU E 214 31.79 -11.44 33.76
C GLU E 214 30.74 -10.85 34.69
N THR E 215 30.21 -9.67 34.34
CA THR E 215 29.17 -9.06 35.16
C THR E 215 27.92 -9.92 35.20
N LEU E 216 27.53 -10.49 34.06
CA LEU E 216 26.36 -11.36 34.02
C LEU E 216 26.59 -12.60 34.87
N CYS E 217 27.79 -13.17 34.80
CA CYS E 217 28.09 -14.35 35.61
C CYS E 217 28.03 -14.03 37.10
N GLN E 218 28.58 -12.88 37.50
CA GLN E 218 28.52 -12.49 38.91
C GLN E 218 27.07 -12.27 39.34
N ALA E 219 26.27 -11.62 38.50
CA ALA E 219 24.87 -11.40 38.83
C ALA E 219 24.12 -12.72 38.98
N LEU E 220 24.38 -13.67 38.08
CA LEU E 220 23.71 -14.97 38.17
C LEU E 220 24.18 -15.73 39.41
N ALA E 221 25.46 -15.61 39.75
CA ALA E 221 25.96 -16.26 40.97
C ALA E 221 25.29 -15.69 42.20
N TYR E 222 25.08 -14.38 42.24
CA TYR E 222 24.36 -13.78 43.36
C TYR E 222 22.90 -14.21 43.36
N SER E 223 22.29 -14.33 42.18
CA SER E 223 20.86 -14.58 42.09
C SER E 223 20.50 -16.01 42.46
N VAL E 224 21.30 -16.98 42.00
CA VAL E 224 20.90 -18.39 42.14
C VAL E 224 20.64 -18.77 43.60
N PRO E 225 21.51 -18.44 44.56
CA PRO E 225 21.19 -18.78 45.95
C PRO E 225 19.99 -18.04 46.49
N SER E 226 19.98 -16.72 46.31
CA SER E 226 18.89 -15.90 46.84
C SER E 226 17.61 -16.09 46.05
N GLY E 227 17.70 -16.48 44.79
CA GLY E 227 16.54 -16.63 43.95
C GLY E 227 16.00 -15.34 43.34
N ASP E 228 16.67 -14.22 43.58
CA ASP E 228 16.24 -12.93 43.04
C ASP E 228 16.79 -12.78 41.62
N TRP E 229 16.13 -13.45 40.69
CA TRP E 229 16.57 -13.42 39.30
C TRP E 229 16.27 -12.09 38.63
N TYR E 230 15.38 -11.27 39.20
CA TYR E 230 15.03 -10.00 38.58
C TYR E 230 16.25 -9.11 38.44
N SER E 231 17.15 -9.13 39.43
CA SER E 231 18.36 -8.31 39.35
C SER E 231 19.17 -8.64 38.10
N LEU E 232 19.06 -9.87 37.60
CA LEU E 232 19.77 -10.24 36.38
C LEU E 232 19.45 -9.30 35.22
N LEU E 233 18.23 -8.74 35.22
CA LEU E 233 17.86 -7.79 34.17
C LEU E 233 18.88 -6.66 34.07
N ALA E 234 19.39 -6.20 35.21
CA ALA E 234 20.37 -5.11 35.19
C ALA E 234 21.57 -5.47 34.34
N ALA E 235 22.02 -6.72 34.41
CA ALA E 235 23.16 -7.19 33.63
C ALA E 235 22.75 -7.77 32.28
N LEU E 236 21.46 -7.76 31.95
CA LEU E 236 20.97 -8.34 30.71
C LEU E 236 20.38 -7.32 29.75
N ASN E 237 19.80 -6.25 30.25
CA ASN E 237 19.21 -5.22 29.39
C ASN E 237 20.32 -4.45 28.68
N HIS E 238 20.49 -4.71 27.38
CA HIS E 238 21.52 -4.05 26.60
C HIS E 238 21.25 -4.31 25.13
N GLU E 239 21.88 -3.51 24.27
CA GLU E 239 21.72 -3.69 22.83
C GLU E 239 22.23 -5.06 22.37
N GLN E 240 23.11 -5.68 23.14
CA GLN E 240 23.63 -7.02 22.84
C GLN E 240 22.89 -8.09 23.64
N ALA E 241 21.59 -7.89 23.85
CA ALA E 241 20.82 -8.86 24.62
C ALA E 241 20.89 -10.28 24.07
N PRO E 242 20.80 -10.51 22.76
CA PRO E 242 20.88 -11.90 22.27
C PRO E 242 22.18 -12.60 22.67
N ALA E 243 23.31 -11.89 22.65
CA ALA E 243 24.57 -12.51 23.07
C ALA E 243 24.54 -12.88 24.54
N ARG E 244 23.99 -11.99 25.39
CA ARG E 244 23.90 -12.29 26.81
C ARG E 244 22.97 -13.47 27.06
N LEU E 245 21.86 -13.54 26.32
CA LEU E 245 20.98 -14.70 26.43
C LEU E 245 21.69 -15.97 26.03
N HIS E 246 22.51 -15.91 24.98
CA HIS E 246 23.29 -17.07 24.58
C HIS E 246 24.27 -17.48 25.69
N TRP E 247 24.90 -16.50 26.33
CA TRP E 247 25.80 -16.81 27.44
C TRP E 247 25.06 -17.50 28.58
N LEU E 248 23.88 -16.98 28.93
CA LEU E 248 23.08 -17.60 29.98
C LEU E 248 22.66 -19.01 29.59
N ALA E 249 22.27 -19.21 28.32
CA ALA E 249 21.89 -20.53 27.86
C ALA E 249 23.06 -21.51 27.95
N THR E 250 24.26 -21.06 27.58
CA THR E 250 25.43 -21.92 27.69
C THR E 250 25.73 -22.26 29.14
N LEU E 251 25.57 -21.30 30.05
CA LEU E 251 25.77 -21.58 31.47
C LEU E 251 24.78 -22.63 31.97
N LEU E 252 23.50 -22.48 31.60
CA LEU E 252 22.50 -23.45 32.01
C LEU E 252 22.80 -24.82 31.42
N MET E 253 23.22 -24.86 30.15
CA MET E 253 23.56 -26.13 29.51
C MET E 253 24.73 -26.79 30.22
N ASP E 254 25.74 -26.00 30.60
CA ASP E 254 26.88 -26.56 31.32
C ASP E 254 26.44 -27.12 32.67
N ALA E 255 25.57 -26.41 33.37
CA ALA E 255 25.06 -26.93 34.65
C ALA E 255 24.30 -28.24 34.45
N LEU E 256 23.47 -28.29 33.41
CA LEU E 256 22.70 -29.51 33.15
C LEU E 256 23.61 -30.67 32.78
N LYS E 257 24.63 -30.41 31.96
CA LYS E 257 25.57 -31.47 31.61
C LYS E 257 26.34 -31.95 32.83
N ARG E 258 26.74 -31.02 33.71
CA ARG E 258 27.40 -31.41 34.94
C ARG E 258 26.49 -32.30 35.78
N HIS E 259 25.20 -31.96 35.84
CA HIS E 259 24.24 -32.83 36.53
C HIS E 259 24.23 -34.21 35.90
N HIS E 260 24.11 -34.29 34.59
CA HIS E 260 24.11 -35.58 33.89
C HIS E 260 25.48 -36.25 33.90
N GLY E 261 26.54 -35.52 34.24
CA GLY E 261 27.88 -36.08 34.23
C GLY E 261 28.59 -35.82 32.92
N ALA E 262 29.63 -35.01 32.95
CA ALA E 262 30.39 -34.67 31.75
C ALA E 262 31.79 -34.25 32.16
N ALA E 263 32.71 -34.33 31.19
CA ALA E 263 34.11 -33.99 31.42
C ALA E 263 34.48 -32.61 30.88
N GLN E 264 33.70 -32.06 29.95
CA GLN E 264 34.00 -30.76 29.35
C GLN E 264 32.75 -29.90 29.36
N VAL E 265 32.93 -28.61 29.60
CA VAL E 265 31.85 -27.64 29.61
C VAL E 265 32.30 -26.40 28.85
N THR E 266 31.33 -25.74 28.20
CA THR E 266 31.66 -24.55 27.41
C THR E 266 32.21 -23.44 28.31
N ASN E 267 31.60 -23.23 29.46
CA ASN E 267 32.03 -22.17 30.39
C ASN E 267 33.03 -22.75 31.41
N VAL E 268 34.17 -23.20 30.88
CA VAL E 268 35.19 -23.79 31.73
C VAL E 268 35.78 -22.77 32.69
N ASP E 269 35.72 -21.48 32.35
CA ASP E 269 36.35 -20.45 33.15
C ASP E 269 35.64 -20.20 34.48
N VAL E 270 34.45 -20.74 34.68
CA VAL E 270 33.68 -20.51 35.91
C VAL E 270 33.17 -21.84 36.45
N PRO E 271 34.04 -22.74 36.95
CA PRO E 271 33.52 -23.99 37.53
C PRO E 271 32.59 -23.77 38.69
N GLY E 272 32.85 -22.78 39.54
CA GLY E 272 32.04 -22.57 40.72
C GLY E 272 30.60 -22.19 40.38
N LEU E 273 30.43 -21.25 39.43
CA LEU E 273 29.09 -20.85 39.05
C LEU E 273 28.31 -22.01 38.46
N VAL E 274 28.95 -22.80 37.60
CA VAL E 274 28.27 -23.94 37.00
C VAL E 274 27.88 -24.94 38.08
N ALA E 275 28.77 -25.21 39.02
CA ALA E 275 28.48 -26.16 40.08
C ALA E 275 27.30 -25.68 40.92
N GLU E 276 27.30 -24.41 41.31
CA GLU E 276 26.22 -23.87 42.12
C GLU E 276 24.90 -23.92 41.36
N LEU E 277 24.91 -23.54 40.07
CA LEU E 277 23.70 -23.56 39.28
C LEU E 277 23.15 -24.98 39.15
N ALA E 278 24.03 -25.96 38.94
CA ALA E 278 23.58 -27.34 38.84
C ALA E 278 23.02 -27.85 40.16
N ASN E 279 23.66 -27.47 41.28
CA ASN E 279 23.22 -27.99 42.57
C ASN E 279 21.91 -27.37 43.01
N HIS E 280 21.71 -26.08 42.78
CA HIS E 280 20.55 -25.38 43.31
C HIS E 280 19.28 -25.54 42.46
N LEU E 281 19.38 -26.17 41.28
CA LEU E 281 18.23 -26.36 40.41
C LEU E 281 18.16 -27.81 39.96
N SER E 282 16.94 -28.31 39.82
CA SER E 282 16.70 -29.66 39.33
C SER E 282 16.80 -29.71 37.82
N PRO E 283 17.10 -30.89 37.24
CA PRO E 283 17.25 -30.96 35.79
C PRO E 283 16.03 -30.49 35.02
N SER E 284 14.82 -30.77 35.50
CA SER E 284 13.62 -30.31 34.82
C SER E 284 13.56 -28.79 34.81
N ARG E 285 13.88 -28.16 35.94
CA ARG E 285 13.88 -26.70 36.00
C ARG E 285 14.94 -26.12 35.07
N LEU E 286 16.13 -26.72 35.04
CA LEU E 286 17.17 -26.25 34.15
C LEU E 286 16.73 -26.35 32.69
N GLN E 287 16.12 -27.48 32.32
CA GLN E 287 15.66 -27.65 30.94
C GLN E 287 14.59 -26.62 30.59
N ALA E 288 13.64 -26.40 31.48
CA ALA E 288 12.58 -25.43 31.20
C ALA E 288 13.14 -24.03 31.05
N ILE E 289 14.04 -23.64 31.95
CA ILE E 289 14.61 -22.29 31.88
C ILE E 289 15.45 -22.13 30.62
N LEU E 290 16.23 -23.17 30.27
CA LEU E 290 17.04 -23.08 29.05
C LEU E 290 16.17 -22.96 27.81
N GLY E 291 15.11 -23.75 27.74
CA GLY E 291 14.21 -23.65 26.61
C GLY E 291 13.56 -22.27 26.52
N ASP E 292 13.12 -21.74 27.66
CA ASP E 292 12.52 -20.41 27.66
C ASP E 292 13.53 -19.35 27.21
N VAL E 293 14.76 -19.44 27.70
CA VAL E 293 15.78 -18.45 27.33
C VAL E 293 16.06 -18.52 25.84
N CYS E 294 16.19 -19.72 25.29
CA CYS E 294 16.45 -19.86 23.86
C CYS E 294 15.28 -19.32 23.04
N HIS E 295 14.04 -19.62 23.48
CA HIS E 295 12.88 -19.12 22.75
C HIS E 295 12.84 -17.60 22.76
N ILE E 296 13.11 -16.98 23.91
CA ILE E 296 13.08 -15.53 24.00
C ILE E 296 14.21 -14.91 23.18
N ARG E 297 15.38 -15.54 23.18
CA ARG E 297 16.47 -15.05 22.33
C ARG E 297 16.08 -15.11 20.86
N GLU E 298 15.45 -16.21 20.44
CA GLU E 298 14.99 -16.31 19.06
C GLU E 298 13.95 -15.24 18.74
N GLN E 299 13.04 -14.99 19.68
CA GLN E 299 12.05 -13.94 19.45
C GLN E 299 12.70 -12.57 19.31
N LEU E 300 13.68 -12.28 20.17
CA LEU E 300 14.37 -10.99 20.08
C LEU E 300 15.10 -10.86 18.74
N MET E 301 15.79 -11.92 18.32
CA MET E 301 16.55 -11.85 17.06
C MET E 301 15.62 -11.69 15.86
N SER E 302 14.61 -12.56 15.77
CA SER E 302 13.75 -12.57 14.59
C SER E 302 12.85 -11.33 14.54
N VAL E 303 12.21 -11.01 15.66
CA VAL E 303 11.26 -9.90 15.67
C VAL E 303 12.02 -8.58 15.64
N THR E 304 11.47 -7.61 14.90
CA THR E 304 12.09 -6.31 14.72
C THR E 304 11.37 -5.27 15.54
N GLY E 305 12.13 -4.50 16.33
CA GLY E 305 11.56 -3.45 17.13
C GLY E 305 10.84 -3.90 18.38
N ILE E 306 10.96 -5.17 18.75
CA ILE E 306 10.28 -5.66 19.94
C ILE E 306 10.84 -4.95 21.17
N ASN E 307 9.99 -4.69 22.14
CA ASN E 307 10.41 -4.01 23.36
C ASN E 307 11.33 -4.95 24.15
N ARG E 308 12.62 -4.63 24.14
CA ARG E 308 13.63 -5.53 24.71
C ARG E 308 13.39 -5.73 26.20
N GLU E 309 13.28 -4.63 26.96
CA GLU E 309 13.17 -4.75 28.41
C GLU E 309 11.89 -5.47 28.80
N LEU E 310 10.81 -5.26 28.05
CA LEU E 310 9.56 -5.93 28.36
C LEU E 310 9.71 -7.44 28.23
N LEU E 311 10.28 -7.90 27.12
CA LEU E 311 10.47 -9.34 26.95
C LEU E 311 11.43 -9.91 27.99
N ILE E 312 12.50 -9.18 28.30
CA ILE E 312 13.47 -9.69 29.27
C ILE E 312 12.82 -9.83 30.64
N THR E 313 12.08 -8.81 31.09
CA THR E 313 11.45 -8.89 32.40
C THR E 313 10.34 -9.93 32.43
N ASP E 314 9.62 -10.10 31.32
CA ASP E 314 8.64 -11.20 31.25
C ASP E 314 9.33 -12.54 31.41
N LEU E 315 10.48 -12.72 30.74
CA LEU E 315 11.23 -13.95 30.90
C LEU E 315 11.68 -14.16 32.34
N LEU E 316 12.17 -13.10 32.98
CA LEU E 316 12.61 -13.22 34.36
C LEU E 316 11.46 -13.59 35.28
N LEU E 317 10.30 -12.97 35.09
CA LEU E 317 9.15 -13.29 35.92
C LEU E 317 8.70 -14.73 35.70
N ARG E 318 8.68 -15.19 34.45
CA ARG E 318 8.30 -16.57 34.18
C ARG E 318 9.31 -17.54 34.81
N ILE E 319 10.60 -17.21 34.75
CA ILE E 319 11.61 -18.07 35.37
C ILE E 319 11.38 -18.14 36.88
N GLU E 320 11.12 -17.00 37.51
CA GLU E 320 10.82 -17.01 38.94
C GLU E 320 9.58 -17.84 39.23
N HIS E 321 8.58 -17.76 38.36
CA HIS E 321 7.37 -18.56 38.54
C HIS E 321 7.67 -20.04 38.48
N TYR E 322 8.55 -20.45 37.55
CA TYR E 322 8.88 -21.87 37.42
C TYR E 322 9.51 -22.41 38.70
N LEU E 323 10.39 -21.63 39.32
CA LEU E 323 11.06 -22.09 40.53
C LEU E 323 10.08 -22.41 41.65
N GLN E 324 8.89 -21.83 41.62
CA GLN E 324 7.92 -22.09 42.67
C GLN E 324 7.47 -23.55 42.60
N PRO E 325 7.45 -24.27 43.72
CA PRO E 325 7.06 -25.69 43.66
C PRO E 325 5.61 -25.88 43.26
N GLY E 326 5.35 -26.99 42.59
CA GLY E 326 4.00 -27.32 42.16
C GLY E 326 3.56 -26.68 40.87
N VAL E 327 4.42 -25.91 40.21
CA VAL E 327 4.07 -25.24 38.97
C VAL E 327 4.44 -26.13 37.81
N VAL E 328 3.49 -26.34 36.89
CA VAL E 328 3.73 -27.19 35.73
C VAL E 328 4.76 -26.52 34.83
N LEU E 329 5.79 -27.28 34.43
CA LEU E 329 6.86 -26.75 33.58
C LEU E 329 6.55 -27.06 32.12
N PRO E 330 6.52 -26.07 31.23
CA PRO E 330 6.25 -26.37 29.82
C PRO E 330 7.37 -27.18 29.20
N VAL E 331 7.01 -27.97 28.19
CA VAL E 331 7.96 -28.79 27.46
C VAL E 331 7.88 -28.44 25.98
N PRO E 332 9.00 -28.42 25.24
CA PRO E 332 8.93 -28.06 23.82
C PRO E 332 8.13 -29.08 23.03
N HIS E 333 7.41 -28.58 22.02
CA HIS E 333 6.62 -29.43 21.15
C HIS E 333 6.22 -28.68 19.88
N LEU E 334 6.54 -29.24 18.72
CA LEU E 334 6.21 -28.60 17.45
C LEU E 334 4.69 -28.48 17.30
N THR F 2 0.29 -38.55 35.80
CA THR F 2 -0.21 -39.63 36.63
C THR F 2 0.38 -40.97 36.20
N SER F 3 -0.32 -41.71 35.35
CA SER F 3 0.18 -42.99 34.87
C SER F 3 1.23 -42.78 33.80
N ARG F 4 1.99 -43.86 33.53
CA ARG F 4 2.99 -43.79 32.47
C ARG F 4 2.34 -43.51 31.12
N ARG F 5 1.21 -44.15 30.84
CA ARG F 5 0.51 -43.92 29.59
C ARG F 5 0.17 -42.45 29.41
N ASP F 6 -0.48 -41.85 30.41
CA ASP F 6 -0.90 -40.46 30.30
C ASP F 6 0.29 -39.53 30.20
N TRP F 7 1.34 -39.78 30.99
CA TRP F 7 2.52 -38.92 30.93
C TRP F 7 3.18 -38.98 29.57
N GLN F 8 3.32 -40.19 29.01
CA GLN F 8 3.93 -40.32 27.69
C GLN F 8 3.09 -39.63 26.63
N LEU F 9 1.76 -39.79 26.70
CA LEU F 9 0.89 -39.15 25.72
C LEU F 9 0.98 -37.62 25.84
N GLN F 10 1.07 -37.11 27.07
CA GLN F 10 1.25 -35.68 27.26
C GLN F 10 2.56 -35.20 26.65
N GLN F 11 3.64 -35.96 26.89
CA GLN F 11 4.94 -35.56 26.35
C GLN F 11 4.94 -35.61 24.83
N LEU F 12 4.16 -36.51 24.24
CA LEU F 12 4.04 -36.57 22.78
C LEU F 12 3.11 -35.52 22.22
N GLY F 13 2.42 -34.76 23.07
CA GLY F 13 1.50 -33.74 22.61
C GLY F 13 0.08 -34.23 22.37
N ILE F 14 -0.27 -35.42 22.83
CA ILE F 14 -1.61 -35.95 22.67
C ILE F 14 -2.50 -35.43 23.79
N THR F 15 -3.63 -34.84 23.43
CA THR F 15 -4.50 -34.20 24.41
C THR F 15 -5.27 -35.21 25.25
N GLN F 16 -5.64 -36.36 24.69
CA GLN F 16 -6.45 -37.35 25.39
C GLN F 16 -7.78 -36.74 25.82
N TRP F 17 -8.58 -36.34 24.83
CA TRP F 17 -9.89 -35.77 25.11
C TRP F 17 -10.78 -36.79 25.82
N SER F 18 -11.41 -36.37 26.90
CA SER F 18 -12.35 -37.18 27.64
C SER F 18 -13.78 -36.77 27.28
N LEU F 19 -14.74 -37.61 27.69
CA LEU F 19 -16.13 -37.39 27.31
C LEU F 19 -16.79 -36.33 28.18
N ARG F 20 -16.72 -36.49 29.50
CA ARG F 20 -17.27 -35.51 30.44
C ARG F 20 -18.79 -35.37 30.28
N ARG F 21 -19.23 -34.84 29.15
CA ARG F 21 -20.65 -34.57 28.92
C ARG F 21 -21.24 -35.57 27.93
N PRO F 22 -21.66 -36.76 28.36
CA PRO F 22 -22.37 -37.67 27.45
C PRO F 22 -23.78 -37.18 27.17
N GLY F 23 -24.55 -37.97 26.44
CA GLY F 23 -25.91 -37.61 26.07
C GLY F 23 -25.98 -36.78 24.80
N ALA F 24 -25.05 -35.84 24.64
CA ALA F 24 -24.98 -35.09 23.38
C ALA F 24 -24.74 -36.01 22.21
N LEU F 25 -24.00 -37.10 22.41
CA LEU F 25 -23.77 -38.09 21.38
C LEU F 25 -25.03 -38.92 21.18
N GLN F 26 -25.89 -38.53 20.24
CA GLN F 26 -27.17 -39.16 20.02
C GLN F 26 -27.31 -39.56 18.56
N GLY F 27 -28.17 -40.54 18.31
CA GLY F 27 -28.42 -41.05 16.97
C GLY F 27 -28.29 -42.57 16.93
N GLU F 28 -27.60 -43.06 15.91
CA GLU F 28 -27.36 -44.49 15.74
C GLU F 28 -26.08 -44.90 16.46
N ILE F 29 -26.08 -44.67 17.77
CA ILE F 29 -24.95 -44.97 18.65
C ILE F 29 -25.39 -46.05 19.62
N ALA F 30 -24.69 -47.18 19.61
CA ALA F 30 -25.02 -48.33 20.45
C ALA F 30 -23.75 -48.87 21.10
N ILE F 31 -22.92 -47.96 21.62
CA ILE F 31 -21.64 -48.34 22.20
C ILE F 31 -21.93 -49.05 23.52
N ALA F 32 -21.91 -50.38 23.49
CA ALA F 32 -22.21 -51.15 24.70
C ALA F 32 -21.07 -51.08 25.70
N ILE F 33 -19.84 -51.17 25.23
CA ILE F 33 -18.64 -51.19 26.08
C ILE F 33 -17.76 -50.00 25.70
N PRO F 34 -17.89 -48.88 26.39
CA PRO F 34 -17.00 -47.74 26.13
C PRO F 34 -15.63 -47.83 26.79
N ALA F 35 -15.25 -49.01 27.29
CA ALA F 35 -13.95 -49.21 27.93
C ALA F 35 -13.76 -48.29 29.13
N HIS F 36 -14.86 -47.97 29.81
CA HIS F 36 -14.81 -47.09 30.98
C HIS F 36 -15.58 -47.71 32.14
N MET G 1 -32.29 21.01 -34.37
CA MET G 1 -31.18 22.00 -34.33
C MET G 1 -30.16 21.72 -35.43
N LYS G 2 -29.63 22.79 -36.02
CA LYS G 2 -28.63 22.67 -37.08
C LYS G 2 -28.07 24.05 -37.37
N PHE G 3 -26.78 24.12 -37.63
CA PHE G 3 -26.17 25.37 -38.08
C PHE G 3 -24.86 25.06 -38.77
N THR G 4 -24.30 26.08 -39.42
CA THR G 4 -23.06 25.94 -40.16
C THR G 4 -22.26 27.23 -40.02
N VAL G 5 -20.98 27.10 -39.67
CA VAL G 5 -20.09 28.23 -39.43
C VAL G 5 -18.71 27.89 -40.00
N GLU G 6 -17.77 28.80 -39.82
CA GLU G 6 -16.38 28.61 -40.23
C GLU G 6 -15.49 28.63 -38.99
N ARG G 7 -14.50 27.73 -38.96
CA ARG G 7 -13.63 27.64 -37.80
C ARG G 7 -12.85 28.94 -37.57
N GLU G 8 -12.67 29.75 -38.61
CA GLU G 8 -12.00 31.04 -38.41
C GLU G 8 -12.81 31.92 -37.47
N HIS G 9 -14.13 31.93 -37.61
CA HIS G 9 -14.98 32.74 -36.77
C HIS G 9 -15.14 32.17 -35.36
N LEU G 10 -14.90 30.87 -35.19
CA LEU G 10 -15.10 30.22 -33.90
C LEU G 10 -13.82 30.05 -33.09
N LEU G 11 -12.65 30.18 -33.71
CA LEU G 11 -11.41 29.99 -32.98
C LEU G 11 -11.26 31.02 -31.87
N LYS G 12 -11.60 32.29 -32.15
CA LYS G 12 -11.47 33.32 -31.13
C LYS G 12 -12.53 33.20 -30.04
N PRO G 13 -13.83 33.22 -30.35
CA PRO G 13 -14.82 33.16 -29.26
C PRO G 13 -14.71 31.90 -28.41
N LEU G 14 -14.38 30.76 -29.02
CA LEU G 14 -14.19 29.55 -28.23
C LEU G 14 -13.03 29.70 -27.27
N GLN G 15 -11.92 30.29 -27.73
CA GLN G 15 -10.79 30.55 -26.84
C GLN G 15 -11.19 31.49 -25.71
N GLN G 16 -11.99 32.51 -26.02
CA GLN G 16 -12.39 33.47 -24.99
C GLN G 16 -13.26 32.81 -23.93
N VAL G 17 -14.28 32.07 -24.35
CA VAL G 17 -15.20 31.46 -23.38
C VAL G 17 -14.49 30.36 -22.60
N SER G 18 -13.61 29.61 -23.24
CA SER G 18 -12.92 28.50 -22.61
C SER G 18 -11.66 28.93 -21.85
N GLY G 19 -11.31 30.21 -21.88
CA GLY G 19 -10.13 30.68 -21.20
C GLY G 19 -10.25 30.60 -19.69
N PRO G 20 -11.15 31.40 -19.12
CA PRO G 20 -11.33 31.35 -17.66
C PRO G 20 -11.74 29.97 -17.16
N LEU G 21 -12.53 29.23 -17.94
CA LEU G 21 -12.98 27.90 -17.55
C LEU G 21 -11.79 26.94 -17.61
N GLY G 22 -11.20 26.65 -16.44
CA GLY G 22 -10.06 25.77 -16.38
C GLY G 22 -10.12 24.90 -15.14
N GLY G 23 -9.35 23.81 -15.17
CA GLY G 23 -9.35 22.86 -14.08
C GLY G 23 -10.62 22.05 -14.07
N ARG G 24 -10.77 21.24 -13.02
CA ARG G 24 -11.97 20.44 -12.87
C ARG G 24 -13.14 21.34 -12.50
N PRO G 25 -14.35 21.00 -12.94
CA PRO G 25 -15.52 21.81 -12.57
C PRO G 25 -16.19 21.32 -11.30
N THR G 26 -16.79 22.26 -10.58
CA THR G 26 -17.51 21.91 -9.36
C THR G 26 -18.66 20.96 -9.67
N LEU G 27 -19.42 21.25 -10.73
CA LEU G 27 -20.44 20.37 -11.25
C LEU G 27 -20.06 19.89 -12.65
N PRO G 28 -20.39 18.66 -13.03
CA PRO G 28 -19.98 18.18 -14.36
C PRO G 28 -20.46 19.08 -15.49
N ILE G 29 -21.69 19.57 -15.42
CA ILE G 29 -22.22 20.39 -16.51
C ILE G 29 -21.47 21.72 -16.58
N LEU G 30 -20.97 22.21 -15.45
CA LEU G 30 -20.15 23.42 -15.47
C LEU G 30 -18.89 23.25 -16.30
N GLY G 31 -18.45 22.01 -16.51
CA GLY G 31 -17.34 21.76 -17.41
C GLY G 31 -17.69 21.82 -18.87
N ASN G 32 -18.97 22.04 -19.19
CA ASN G 32 -19.46 22.09 -20.56
C ASN G 32 -19.96 23.49 -20.87
N LEU G 33 -19.69 23.94 -22.09
CA LEU G 33 -20.20 25.23 -22.56
C LEU G 33 -21.56 25.00 -23.20
N LEU G 34 -22.45 25.98 -23.00
CA LEU G 34 -23.80 25.92 -23.57
C LEU G 34 -23.85 26.78 -24.81
N LEU G 35 -24.09 26.17 -25.97
CA LEU G 35 -24.21 26.86 -27.23
C LEU G 35 -25.65 26.84 -27.68
N GLN G 36 -26.17 28.01 -28.07
CA GLN G 36 -27.55 28.15 -28.51
C GLN G 36 -27.58 29.00 -29.77
N VAL G 37 -28.29 28.52 -30.78
CA VAL G 37 -28.49 29.24 -32.03
C VAL G 37 -29.93 29.71 -32.10
N ALA G 38 -30.12 30.99 -32.37
CA ALA G 38 -31.47 31.57 -32.44
C ALA G 38 -31.38 32.91 -33.13
N ASP G 39 -32.41 33.22 -33.92
CA ASP G 39 -32.55 34.51 -34.62
C ASP G 39 -31.25 34.94 -35.28
N GLY G 40 -30.60 34.01 -35.95
CA GLY G 40 -29.42 34.32 -36.73
C GLY G 40 -28.15 34.55 -35.94
N THR G 41 -28.14 34.20 -34.64
CA THR G 41 -26.98 34.39 -33.80
C THR G 41 -26.70 33.12 -33.01
N LEU G 42 -25.42 32.75 -32.93
CA LEU G 42 -24.96 31.62 -32.13
C LEU G 42 -24.22 32.17 -30.92
N SER G 43 -24.75 31.91 -29.73
CA SER G 43 -24.17 32.37 -28.48
C SER G 43 -23.63 31.16 -27.72
N LEU G 44 -22.35 31.22 -27.37
CA LEU G 44 -21.68 30.17 -26.61
C LEU G 44 -21.32 30.74 -25.25
N THR G 45 -21.81 30.10 -24.18
CA THR G 45 -21.57 30.54 -22.82
C THR G 45 -20.69 29.51 -22.13
N GLY G 46 -19.49 29.94 -21.71
CA GLY G 46 -18.59 29.11 -20.93
C GLY G 46 -18.77 29.34 -19.45
N THR G 47 -19.93 28.99 -18.91
CA THR G 47 -20.25 29.31 -17.54
C THR G 47 -19.25 28.69 -16.57
N ASP G 48 -18.90 29.46 -15.54
CA ASP G 48 -18.12 28.97 -14.40
C ASP G 48 -18.88 29.15 -13.10
N LEU G 49 -20.22 29.21 -13.16
CA LEU G 49 -21.06 29.46 -12.01
C LEU G 49 -20.82 30.86 -11.47
N GLU G 50 -19.62 31.10 -10.93
CA GLU G 50 -19.28 32.42 -10.43
C GLU G 50 -19.20 33.44 -11.57
N MET G 51 -18.68 33.02 -12.73
CA MET G 51 -18.53 33.90 -13.88
C MET G 51 -19.06 33.22 -15.13
N GLU G 52 -19.59 34.03 -16.04
CA GLU G 52 -20.15 33.55 -17.30
C GLU G 52 -19.63 34.43 -18.42
N MET G 53 -18.89 33.84 -19.35
CA MET G 53 -18.40 34.52 -20.54
C MET G 53 -19.19 34.01 -21.74
N VAL G 54 -19.90 34.91 -22.41
CA VAL G 54 -20.74 34.57 -23.56
C VAL G 54 -20.15 35.26 -24.79
N ALA G 55 -19.96 34.49 -25.85
CA ALA G 55 -19.48 35.01 -27.13
C ALA G 55 -20.55 34.75 -28.18
N ARG G 56 -20.90 35.79 -28.93
CA ARG G 56 -21.93 35.73 -29.94
C ARG G 56 -21.30 35.87 -31.32
N VAL G 57 -21.73 35.02 -32.25
CA VAL G 57 -21.25 35.05 -33.63
C VAL G 57 -22.47 35.05 -34.55
N ALA G 58 -22.28 35.59 -35.75
CA ALA G 58 -23.36 35.73 -36.72
C ALA G 58 -23.47 34.48 -37.59
N LEU G 59 -24.71 34.07 -37.84
CA LEU G 59 -25.02 32.92 -38.69
C LEU G 59 -25.73 33.39 -39.94
N VAL G 60 -25.19 33.03 -41.10
CA VAL G 60 -25.81 33.35 -42.38
C VAL G 60 -26.32 32.10 -43.10
N GLN G 61 -25.86 30.92 -42.75
CA GLN G 61 -26.31 29.69 -43.36
C GLN G 61 -27.72 29.33 -42.85
N PRO G 62 -28.45 28.49 -43.59
CA PRO G 62 -29.81 28.13 -43.13
C PRO G 62 -29.79 27.24 -41.91
N HIS G 63 -29.62 27.85 -40.74
CA HIS G 63 -29.54 27.12 -39.49
C HIS G 63 -30.94 26.75 -38.99
N GLU G 64 -31.00 26.17 -37.79
CA GLU G 64 -32.25 25.82 -37.14
C GLU G 64 -32.11 26.17 -35.66
N PRO G 65 -33.08 26.85 -35.05
CA PRO G 65 -32.93 27.23 -33.64
C PRO G 65 -32.76 26.03 -32.73
N GLY G 66 -32.00 26.22 -31.65
CA GLY G 66 -31.81 25.16 -30.68
C GLY G 66 -30.63 25.39 -29.75
N ALA G 67 -30.67 24.81 -28.56
CA ALA G 67 -29.63 24.98 -27.56
C ALA G 67 -29.19 23.63 -27.03
N THR G 68 -27.91 23.54 -26.64
CA THR G 68 -27.39 22.32 -26.06
C THR G 68 -26.04 22.61 -25.43
N THR G 69 -25.65 21.77 -24.48
CA THR G 69 -24.39 21.91 -23.77
C THR G 69 -23.44 20.79 -24.17
N VAL G 70 -22.16 21.13 -24.31
CA VAL G 70 -21.15 20.20 -24.78
C VAL G 70 -19.82 20.53 -24.12
N PRO G 71 -19.02 19.51 -23.80
CA PRO G 71 -17.72 19.78 -23.18
C PRO G 71 -16.89 20.73 -24.03
N ALA G 72 -16.28 21.72 -23.36
CA ALA G 72 -15.59 22.78 -24.08
C ALA G 72 -14.26 22.30 -24.65
N ARG G 73 -13.51 21.51 -23.88
CA ARG G 73 -12.14 21.18 -24.27
C ARG G 73 -12.12 20.39 -25.58
N LYS G 74 -12.90 19.31 -25.66
CA LYS G 74 -12.85 18.47 -26.85
C LYS G 74 -13.47 19.17 -28.05
N PHE G 75 -14.53 19.94 -27.84
CA PHE G 75 -15.11 20.69 -28.95
C PHE G 75 -14.12 21.71 -29.50
N PHE G 76 -13.40 22.42 -28.61
CA PHE G 76 -12.40 23.35 -29.06
C PHE G 76 -11.27 22.64 -29.79
N ASP G 77 -10.86 21.48 -29.29
CA ASP G 77 -9.83 20.71 -29.98
C ASP G 77 -10.29 20.29 -31.38
N ILE G 78 -11.54 19.87 -31.50
CA ILE G 78 -12.07 19.47 -32.80
C ILE G 78 -12.08 20.67 -33.75
N CYS G 79 -12.53 21.82 -33.26
CA CYS G 79 -12.58 23.00 -34.13
C CYS G 79 -11.19 23.43 -34.55
N ARG G 80 -10.21 23.35 -33.64
CA ARG G 80 -8.87 23.81 -33.95
C ARG G 80 -8.13 22.84 -34.87
N GLY G 81 -8.38 21.53 -34.71
CA GLY G 81 -7.63 20.54 -35.46
C GLY G 81 -8.01 20.40 -36.92
N LEU G 82 -9.15 20.94 -37.33
CA LEU G 82 -9.58 20.82 -38.71
C LEU G 82 -8.70 21.69 -39.61
N PRO G 83 -8.70 21.42 -40.92
CA PRO G 83 -7.91 22.24 -41.83
C PRO G 83 -8.35 23.70 -41.81
N GLU G 84 -7.38 24.59 -41.97
CA GLU G 84 -7.68 26.02 -41.98
C GLU G 84 -8.64 26.34 -43.12
N GLY G 85 -9.67 27.12 -42.80
CA GLY G 85 -10.68 27.50 -43.77
C GLY G 85 -11.82 26.51 -43.92
N ALA G 86 -11.75 25.35 -43.25
CA ALA G 86 -12.81 24.37 -43.36
C ALA G 86 -14.06 24.83 -42.63
N GLU G 87 -15.22 24.56 -43.21
CA GLU G 87 -16.49 24.93 -42.62
C GLU G 87 -17.02 23.77 -41.76
N ILE G 88 -17.54 24.11 -40.59
CA ILE G 88 -18.06 23.15 -39.64
C ILE G 88 -19.58 23.24 -39.64
N ALA G 89 -20.23 22.11 -39.90
CA ALA G 89 -21.69 22.00 -39.83
C ALA G 89 -22.04 21.15 -38.62
N VAL G 90 -22.85 21.71 -37.72
CA VAL G 90 -23.21 21.05 -36.47
C VAL G 90 -24.70 20.73 -36.52
N GLN G 91 -25.04 19.50 -36.13
CA GLN G 91 -26.42 19.07 -36.04
C GLN G 91 -26.61 18.27 -34.75
N LEU G 92 -27.85 18.13 -34.32
CA LEU G 92 -28.19 17.32 -33.16
C LEU G 92 -29.04 16.14 -33.61
N GLU G 93 -28.56 14.93 -33.32
CA GLU G 93 -29.30 13.70 -33.57
C GLU G 93 -29.43 12.96 -32.24
N GLY G 94 -30.67 12.66 -31.86
CA GLY G 94 -30.88 12.05 -30.56
C GLY G 94 -30.33 12.93 -29.46
N GLU G 95 -29.49 12.35 -28.61
CA GLU G 95 -28.82 13.07 -27.54
C GLU G 95 -27.36 13.40 -27.88
N ARG G 96 -26.98 13.27 -29.14
CA ARG G 96 -25.59 13.48 -29.57
C ARG G 96 -25.53 14.60 -30.60
N MET G 97 -24.35 15.18 -30.71
CA MET G 97 -24.07 16.25 -31.67
C MET G 97 -23.12 15.73 -32.74
N LEU G 98 -23.49 15.92 -33.99
CA LEU G 98 -22.70 15.49 -35.14
C LEU G 98 -22.03 16.71 -35.77
N VAL G 99 -20.72 16.62 -35.98
CA VAL G 99 -19.91 17.69 -36.55
C VAL G 99 -19.36 17.18 -37.88
N ARG G 100 -19.67 17.90 -38.96
CA ARG G 100 -19.21 17.56 -40.29
C ARG G 100 -18.30 18.65 -40.82
N SER G 101 -17.18 18.24 -41.42
CA SER G 101 -16.25 19.18 -42.04
C SER G 101 -15.68 18.48 -43.27
N GLY G 102 -16.22 18.82 -44.44
CA GLY G 102 -15.78 18.19 -45.66
C GLY G 102 -15.97 16.69 -45.64
N ARG G 103 -14.87 15.95 -45.55
CA ARG G 103 -14.90 14.49 -45.54
C ARG G 103 -14.78 13.92 -44.14
N SER G 104 -14.80 14.75 -43.10
CA SER G 104 -14.58 14.32 -41.73
C SER G 104 -15.87 14.44 -40.92
N ARG G 105 -16.11 13.47 -40.04
CA ARG G 105 -17.28 13.44 -39.19
C ARG G 105 -16.87 13.12 -37.77
N PHE G 106 -17.55 13.76 -36.81
CA PHE G 106 -17.32 13.53 -35.38
C PHE G 106 -18.65 13.47 -34.66
N SER G 107 -18.68 12.74 -33.55
CA SER G 107 -19.85 12.63 -32.70
C SER G 107 -19.47 12.95 -31.27
N LEU G 108 -20.31 13.74 -30.60
CA LEU G 108 -20.05 14.18 -29.23
C LEU G 108 -21.29 13.95 -28.38
N SER G 109 -21.05 13.60 -27.12
CA SER G 109 -22.13 13.42 -26.16
C SER G 109 -22.54 14.77 -25.58
N THR G 110 -23.85 15.02 -25.53
CA THR G 110 -24.38 16.30 -25.08
C THR G 110 -25.36 16.08 -23.93
N LEU G 111 -25.19 16.85 -22.87
CA LEU G 111 -26.15 16.87 -21.78
C LEU G 111 -27.34 17.75 -22.12
N PRO G 112 -28.50 17.53 -21.50
CA PRO G 112 -29.65 18.40 -21.77
C PRO G 112 -29.38 19.82 -21.33
N ALA G 113 -29.96 20.78 -22.07
CA ALA G 113 -29.78 22.18 -21.75
C ALA G 113 -30.57 22.60 -20.51
N ALA G 114 -31.61 21.85 -20.14
CA ALA G 114 -32.40 22.20 -18.97
C ALA G 114 -31.55 22.15 -17.70
N ASP G 115 -30.71 21.12 -17.55
CA ASP G 115 -29.87 20.99 -16.38
C ASP G 115 -28.81 22.07 -16.30
N PHE G 116 -28.57 22.80 -17.39
CA PHE G 116 -27.58 23.87 -17.36
C PHE G 116 -28.00 24.94 -16.34
N PRO G 117 -27.07 25.49 -15.55
CA PRO G 117 -27.47 26.52 -14.59
C PRO G 117 -28.01 27.75 -15.31
N ASN G 118 -29.31 28.00 -15.16
CA ASN G 118 -29.97 29.07 -15.88
C ASN G 118 -29.54 30.42 -15.34
N LEU G 119 -29.31 31.37 -16.24
CA LEU G 119 -29.05 32.75 -15.85
C LEU G 119 -30.37 33.37 -15.41
N ASP G 120 -30.48 33.66 -14.12
CA ASP G 120 -31.72 34.18 -13.58
C ASP G 120 -32.14 35.46 -14.31
N ASP G 121 -33.44 35.75 -14.24
CA ASP G 121 -34.03 36.87 -14.94
C ASP G 121 -33.92 38.17 -14.15
N TRP G 122 -32.94 38.28 -13.25
CA TRP G 122 -32.75 39.50 -12.47
C TRP G 122 -32.58 40.69 -13.40
N GLN G 123 -33.33 41.75 -13.13
CA GLN G 123 -33.25 42.97 -13.91
C GLN G 123 -32.12 43.84 -13.38
N SER G 124 -31.32 44.38 -14.29
CA SER G 124 -30.20 45.24 -13.89
C SER G 124 -30.72 46.44 -13.11
N GLU G 125 -30.11 46.69 -11.96
CA GLU G 125 -30.51 47.84 -11.15
C GLU G 125 -30.13 49.14 -11.84
N VAL G 126 -28.94 49.19 -12.44
CA VAL G 126 -28.44 50.40 -13.11
C VAL G 126 -27.74 49.98 -14.38
N GLU G 127 -28.30 50.34 -15.53
CA GLU G 127 -27.73 50.02 -16.83
C GLU G 127 -27.29 51.33 -17.51
N PHE G 128 -26.09 51.32 -18.08
CA PHE G 128 -25.58 52.55 -18.69
C PHE G 128 -24.43 52.22 -19.63
N THR G 129 -24.36 52.95 -20.74
CA THR G 129 -23.23 52.85 -21.65
C THR G 129 -22.05 53.67 -21.14
N LEU G 130 -20.86 53.36 -21.66
CA LEU G 130 -19.65 54.04 -21.23
C LEU G 130 -18.55 53.73 -22.25
N PRO G 131 -17.68 54.69 -22.58
CA PRO G 131 -16.55 54.37 -23.45
C PRO G 131 -15.51 53.53 -22.74
N GLN G 132 -14.71 52.82 -23.54
CA GLN G 132 -13.69 51.96 -22.99
C GLN G 132 -12.58 52.74 -22.29
N ALA G 133 -12.25 53.93 -22.79
CA ALA G 133 -11.11 54.67 -22.25
C ALA G 133 -11.35 55.02 -20.78
N THR G 134 -12.54 55.50 -20.44
CA THR G 134 -12.82 55.87 -19.06
C THR G 134 -12.75 54.65 -18.15
N MET G 135 -13.32 53.53 -18.57
CA MET G 135 -13.27 52.33 -17.75
C MET G 135 -11.83 51.86 -17.54
N LYS G 136 -11.03 51.87 -18.61
CA LYS G 136 -9.64 51.45 -18.48
C LYS G 136 -8.87 52.38 -17.55
N ARG G 137 -9.12 53.69 -17.65
CA ARG G 137 -8.46 54.62 -16.74
C ARG G 137 -8.86 54.35 -15.30
N LEU G 138 -10.14 54.11 -15.05
CA LEU G 138 -10.59 53.82 -13.69
C LEU G 138 -9.92 52.56 -13.16
N ILE G 139 -9.87 51.51 -13.97
CA ILE G 139 -9.26 50.25 -13.54
C ILE G 139 -7.79 50.47 -13.22
N GLU G 140 -7.08 51.18 -14.10
CA GLU G 140 -5.66 51.42 -13.87
C GLU G 140 -5.43 52.24 -12.62
N ALA G 141 -6.31 53.22 -12.35
CA ALA G 141 -6.13 54.08 -11.19
C ALA G 141 -6.48 53.38 -9.89
N THR G 142 -7.41 52.41 -9.92
CA THR G 142 -7.91 51.77 -8.71
C THR G 142 -7.77 50.26 -8.80
N GLN G 143 -6.57 49.78 -9.15
CA GLN G 143 -6.27 48.36 -9.12
C GLN G 143 -4.99 48.02 -8.38
N PHE G 144 -4.07 48.97 -8.20
CA PHE G 144 -2.84 48.69 -7.48
C PHE G 144 -3.03 48.67 -5.97
N SER G 145 -4.14 49.22 -5.46
CA SER G 145 -4.33 49.37 -4.03
C SER G 145 -5.17 48.24 -3.41
N MET G 146 -5.91 47.48 -4.21
CA MET G 146 -6.74 46.41 -3.66
C MET G 146 -5.86 45.30 -3.09
N ALA G 147 -6.27 44.76 -1.95
CA ALA G 147 -5.51 43.70 -1.31
C ALA G 147 -5.60 42.41 -2.13
N HIS G 148 -4.45 41.78 -2.37
CA HIS G 148 -4.45 40.54 -3.13
C HIS G 148 -4.95 39.37 -2.28
N GLN G 149 -4.54 39.32 -1.01
CA GLN G 149 -4.95 38.26 -0.09
C GLN G 149 -5.15 38.88 1.29
N ASP G 150 -6.40 39.06 1.69
CA ASP G 150 -6.74 39.64 2.97
C ASP G 150 -7.85 38.82 3.61
N VAL G 151 -7.84 38.77 4.95
CA VAL G 151 -8.89 38.06 5.67
C VAL G 151 -10.24 38.70 5.39
N ARG G 152 -10.28 40.03 5.28
CA ARG G 152 -11.49 40.74 4.93
C ARG G 152 -11.77 40.50 3.45
N TYR G 153 -12.70 39.58 3.16
CA TYR G 153 -12.97 39.21 1.78
C TYR G 153 -13.47 40.39 0.96
N TYR G 154 -14.15 41.34 1.60
CA TYR G 154 -14.71 42.46 0.88
C TYR G 154 -13.64 43.43 0.38
N LEU G 155 -12.44 43.40 0.95
CA LEU G 155 -11.35 44.26 0.50
C LEU G 155 -10.55 43.67 -0.66
N ASN G 156 -10.75 42.39 -0.98
CA ASN G 156 -10.04 41.81 -2.11
C ASN G 156 -10.42 42.50 -3.41
N GLY G 157 -11.70 42.79 -3.58
CA GLY G 157 -12.19 43.53 -4.73
C GLY G 157 -12.14 45.02 -4.50
N MET G 158 -12.87 45.75 -5.32
CA MET G 158 -13.00 47.20 -5.15
C MET G 158 -14.44 47.61 -5.38
N LEU G 159 -14.81 48.75 -4.79
CA LEU G 159 -16.20 49.16 -4.72
C LEU G 159 -16.49 50.21 -5.79
N PHE G 160 -17.47 49.92 -6.64
CA PHE G 160 -18.01 50.88 -7.61
C PHE G 160 -19.28 51.49 -7.06
N GLU G 161 -19.32 52.81 -6.99
CA GLU G 161 -20.48 53.56 -6.54
C GLU G 161 -20.93 54.48 -7.65
N THR G 162 -22.16 54.30 -8.11
CA THR G 162 -22.77 55.18 -9.11
C THR G 162 -23.72 56.12 -8.39
N GLU G 163 -23.55 57.43 -8.64
CA GLU G 163 -24.39 58.45 -8.05
C GLU G 163 -24.64 59.54 -9.09
N GLY G 164 -25.91 59.84 -9.34
CA GLY G 164 -26.24 60.82 -10.34
C GLY G 164 -25.60 60.49 -11.67
N GLU G 165 -25.03 61.50 -12.31
CA GLU G 165 -24.24 61.29 -13.53
C GLU G 165 -22.76 61.14 -13.20
N GLU G 166 -22.44 60.21 -12.30
CA GLU G 166 -21.07 60.01 -11.88
C GLU G 166 -20.86 58.55 -11.49
N LEU G 167 -19.71 58.00 -11.87
CA LEU G 167 -19.30 56.66 -11.47
C LEU G 167 -17.95 56.77 -10.79
N ARG G 168 -17.83 56.19 -9.60
CA ARG G 168 -16.62 56.27 -8.80
C ARG G 168 -16.17 54.87 -8.44
N THR G 169 -14.86 54.66 -8.42
CA THR G 169 -14.26 53.40 -8.02
C THR G 169 -13.30 53.67 -6.88
N VAL G 170 -13.41 52.88 -5.81
CA VAL G 170 -12.55 53.02 -4.64
C VAL G 170 -11.93 51.66 -4.33
N ALA G 171 -10.61 51.64 -4.15
CA ALA G 171 -9.88 50.43 -3.83
C ALA G 171 -8.95 50.69 -2.66
N THR G 172 -8.76 49.67 -1.83
CA THR G 172 -7.92 49.81 -0.65
C THR G 172 -7.44 48.43 -0.21
N ASP G 173 -6.40 48.44 0.64
CA ASP G 173 -5.89 47.22 1.23
C ASP G 173 -5.56 47.41 2.71
N GLY G 174 -6.24 48.35 3.36
CA GLY G 174 -6.08 48.59 4.78
C GLY G 174 -5.16 49.73 5.15
N HIS G 175 -4.35 50.22 4.20
CA HIS G 175 -3.42 51.31 4.47
C HIS G 175 -3.60 52.50 3.55
N ARG G 176 -3.88 52.27 2.27
CA ARG G 176 -4.11 53.33 1.30
C ARG G 176 -5.47 53.12 0.63
N LEU G 177 -6.10 54.23 0.28
CA LEU G 177 -7.35 54.21 -0.48
C LEU G 177 -7.16 55.08 -1.72
N ALA G 178 -7.39 54.49 -2.88
CA ALA G 178 -7.35 55.18 -4.16
C ALA G 178 -8.77 55.28 -4.69
N VAL G 179 -9.22 56.50 -4.96
CA VAL G 179 -10.58 56.77 -5.42
C VAL G 179 -10.52 57.57 -6.71
N CYS G 180 -11.23 57.11 -7.73
CA CYS G 180 -11.24 57.77 -9.03
C CYS G 180 -12.68 57.90 -9.52
N SER G 181 -13.05 59.11 -9.94
CA SER G 181 -14.42 59.42 -10.37
C SER G 181 -14.42 59.86 -11.82
N MET G 182 -15.53 59.57 -12.51
CA MET G 182 -15.72 59.97 -13.89
C MET G 182 -17.19 60.31 -14.10
N PRO G 183 -17.52 61.48 -14.66
CA PRO G 183 -18.94 61.78 -14.96
C PRO G 183 -19.45 60.90 -16.08
N ILE G 184 -20.50 60.13 -15.79
CA ILE G 184 -21.12 59.30 -16.82
C ILE G 184 -21.79 60.16 -17.88
N GLY G 185 -22.48 61.22 -17.44
CA GLY G 185 -23.26 62.06 -18.32
C GLY G 185 -24.75 61.79 -18.28
N GLN G 186 -25.18 60.70 -17.64
CA GLN G 186 -26.59 60.35 -17.50
C GLN G 186 -26.89 60.11 -16.02
N SER G 187 -27.95 60.74 -15.53
CA SER G 187 -28.32 60.58 -14.13
C SER G 187 -28.78 59.15 -13.86
N LEU G 188 -28.31 58.58 -12.76
CA LEU G 188 -28.63 57.22 -12.38
C LEU G 188 -28.89 57.15 -10.88
N PRO G 189 -29.66 56.16 -10.42
CA PRO G 189 -29.89 56.04 -8.98
C PRO G 189 -28.60 55.69 -8.24
N SER G 190 -28.53 56.12 -6.99
CA SER G 190 -27.37 55.81 -6.15
C SER G 190 -27.31 54.30 -5.90
N HIS G 191 -26.10 53.73 -6.05
CA HIS G 191 -25.93 52.31 -5.81
C HIS G 191 -24.46 51.97 -5.70
N SER G 192 -24.12 51.14 -4.72
CA SER G 192 -22.74 50.71 -4.47
C SER G 192 -22.66 49.20 -4.53
N VAL G 193 -21.63 48.69 -5.19
CA VAL G 193 -21.43 47.24 -5.35
C VAL G 193 -19.94 46.96 -5.41
N ILE G 194 -19.52 45.87 -4.78
CA ILE G 194 -18.11 45.47 -4.73
C ILE G 194 -17.88 44.42 -5.81
N VAL G 195 -16.92 44.68 -6.69
CA VAL G 195 -16.53 43.77 -7.75
C VAL G 195 -15.26 43.04 -7.32
N PRO G 196 -15.20 41.72 -7.42
CA PRO G 196 -14.01 40.99 -6.93
C PRO G 196 -12.81 41.20 -7.84
N ARG G 197 -11.65 40.79 -7.32
CA ARG G 197 -10.40 40.97 -8.04
C ARG G 197 -10.41 40.22 -9.37
N LYS G 198 -10.84 38.96 -9.35
CA LYS G 198 -10.86 38.18 -10.58
C LYS G 198 -11.81 38.79 -11.61
N GLY G 199 -12.96 39.29 -11.15
CA GLY G 199 -13.90 39.91 -12.07
C GLY G 199 -13.31 41.11 -12.78
N VAL G 200 -12.67 42.00 -12.02
CA VAL G 200 -12.07 43.18 -12.64
C VAL G 200 -10.91 42.79 -13.53
N ILE G 201 -10.14 41.77 -13.15
CA ILE G 201 -9.05 41.32 -14.00
C ILE G 201 -9.59 40.82 -15.34
N GLU G 202 -10.64 40.02 -15.31
CA GLU G 202 -11.24 39.54 -16.54
C GLU G 202 -11.80 40.70 -17.35
N LEU G 203 -12.42 41.67 -16.68
CA LEU G 203 -12.98 42.83 -17.39
C LEU G 203 -11.89 43.60 -18.11
N MET G 204 -10.79 43.91 -17.41
CA MET G 204 -9.71 44.66 -18.05
C MET G 204 -9.05 43.83 -19.15
N ARG G 205 -9.03 42.50 -19.00
CA ARG G 205 -8.56 41.65 -20.08
C ARG G 205 -9.45 41.80 -21.31
N MET G 206 -10.76 41.87 -21.10
CA MET G 206 -11.69 42.03 -22.22
C MET G 206 -11.46 43.35 -22.95
N LEU G 207 -11.10 44.40 -22.22
CA LEU G 207 -10.89 45.70 -22.85
C LEU G 207 -9.78 45.60 -23.89
N ASP G 208 -10.03 46.18 -25.08
CA ASP G 208 -9.08 46.13 -26.17
C ASP G 208 -8.95 47.46 -26.89
N GLY G 209 -9.40 48.55 -26.29
CA GLY G 209 -9.30 49.85 -26.93
C GLY G 209 -10.11 49.97 -28.20
N GLY G 210 -11.31 49.39 -28.22
CA GLY G 210 -12.17 49.45 -29.37
C GLY G 210 -13.17 50.60 -29.29
N ASP G 211 -13.92 50.76 -30.37
CA ASP G 211 -14.95 51.80 -30.46
C ASP G 211 -16.32 51.32 -30.02
N ASN G 212 -16.47 50.04 -29.69
CA ASN G 212 -17.75 49.52 -29.24
C ASN G 212 -18.11 50.14 -27.90
N PRO G 213 -19.31 50.70 -27.73
CA PRO G 213 -19.68 51.27 -26.43
C PRO G 213 -19.87 50.16 -25.40
N LEU G 214 -19.09 50.22 -24.32
CA LEU G 214 -19.16 49.20 -23.28
C LEU G 214 -20.35 49.48 -22.39
N ARG G 215 -21.31 48.56 -22.36
CA ARG G 215 -22.53 48.73 -21.56
C ARG G 215 -22.40 47.97 -20.26
N VAL G 216 -22.53 48.67 -19.14
CA VAL G 216 -22.41 48.10 -17.81
C VAL G 216 -23.79 48.01 -17.18
N GLN G 217 -24.11 46.84 -16.65
CA GLN G 217 -25.37 46.57 -15.96
C GLN G 217 -25.05 46.09 -14.55
N ILE G 218 -25.45 46.87 -13.55
CA ILE G 218 -25.23 46.55 -12.15
C ILE G 218 -26.55 46.03 -11.59
N GLY G 219 -26.52 44.80 -11.07
CA GLY G 219 -27.68 44.17 -10.48
C GLY G 219 -27.57 44.06 -8.97
N SER G 220 -28.50 43.29 -8.39
CA SER G 220 -28.50 43.09 -6.95
C SER G 220 -27.21 42.40 -6.49
N ASN G 221 -26.80 41.35 -7.21
CA ASN G 221 -25.58 40.64 -6.86
C ASN G 221 -24.75 40.24 -8.08
N ASN G 222 -25.03 40.81 -9.25
CA ASN G 222 -24.32 40.46 -10.47
C ASN G 222 -24.01 41.71 -11.27
N ILE G 223 -22.82 41.73 -11.87
CA ILE G 223 -22.38 42.81 -12.74
C ILE G 223 -22.11 42.23 -14.12
N ARG G 224 -22.68 42.84 -15.14
CA ARG G 224 -22.57 42.37 -16.51
C ARG G 224 -22.01 43.47 -17.39
N ALA G 225 -21.15 43.08 -18.32
CA ALA G 225 -20.51 44.01 -19.24
C ALA G 225 -20.67 43.51 -20.67
N HIS G 226 -21.22 44.35 -21.53
CA HIS G 226 -21.41 44.06 -22.95
C HIS G 226 -20.39 44.87 -23.73
N VAL G 227 -19.54 44.18 -24.49
CA VAL G 227 -18.57 44.80 -25.39
C VAL G 227 -18.84 44.23 -26.78
N GLY G 228 -19.40 45.07 -27.65
CA GLY G 228 -19.75 44.61 -28.98
C GLY G 228 -20.71 43.45 -28.95
N ASP G 229 -20.22 42.26 -29.29
CA ASP G 229 -21.01 41.04 -29.27
C ASP G 229 -20.47 40.03 -28.26
N PHE G 230 -19.96 40.52 -27.14
CA PHE G 230 -19.42 39.69 -26.08
C PHE G 230 -19.98 40.14 -24.73
N ILE G 231 -20.28 39.18 -23.86
CA ILE G 231 -20.89 39.44 -22.57
C ILE G 231 -20.02 38.81 -21.49
N PHE G 232 -19.77 39.56 -20.42
CA PHE G 232 -19.04 39.05 -19.26
C PHE G 232 -19.85 39.33 -18.01
N THR G 233 -20.28 38.27 -17.32
CA THR G 233 -21.10 38.39 -16.13
C THR G 233 -20.32 37.83 -14.95
N SER G 234 -20.32 38.57 -13.83
CA SER G 234 -19.64 38.16 -12.62
C SER G 234 -20.57 38.38 -11.43
N LYS G 235 -20.32 37.61 -10.36
CA LYS G 235 -21.09 37.73 -9.14
C LYS G 235 -20.39 38.69 -8.19
N LEU G 236 -21.10 39.73 -7.78
CA LEU G 236 -20.52 40.73 -6.90
C LEU G 236 -20.19 40.13 -5.55
N VAL G 237 -18.98 40.43 -5.05
CA VAL G 237 -18.60 39.96 -3.72
C VAL G 237 -19.41 40.70 -2.67
N ASP G 238 -19.93 39.97 -1.70
CA ASP G 238 -20.83 40.54 -0.70
C ASP G 238 -20.00 41.28 0.36
N GLY G 239 -20.65 41.67 1.44
CA GLY G 239 -20.04 42.44 2.49
C GLY G 239 -20.48 43.88 2.47
N ARG G 240 -19.63 44.75 3.01
CA ARG G 240 -19.90 46.19 3.02
C ARG G 240 -18.56 46.92 3.00
N PHE G 241 -18.24 47.52 1.88
CA PHE G 241 -16.99 48.26 1.75
C PHE G 241 -17.01 49.46 2.69
N PRO G 242 -15.94 49.70 3.46
CA PRO G 242 -15.97 50.86 4.37
C PRO G 242 -16.11 52.17 3.60
N ASP G 243 -16.86 53.09 4.19
CA ASP G 243 -17.09 54.38 3.54
C ASP G 243 -15.77 55.13 3.40
N TYR G 244 -15.54 55.67 2.20
CA TYR G 244 -14.32 56.44 1.94
C TYR G 244 -14.43 57.88 2.38
N ARG G 245 -15.65 58.37 2.64
CA ARG G 245 -15.83 59.77 3.01
C ARG G 245 -15.11 60.11 4.31
N ARG G 246 -15.21 59.23 5.31
CA ARG G 246 -14.52 59.48 6.57
C ARG G 246 -13.01 59.40 6.41
N VAL G 247 -12.53 58.59 5.47
CA VAL G 247 -11.09 58.40 5.32
C VAL G 247 -10.43 59.67 4.81
N LEU G 248 -11.10 60.39 3.92
CA LEU G 248 -10.51 61.57 3.31
C LEU G 248 -10.26 62.65 4.36
N PRO G 249 -9.04 63.14 4.52
CA PRO G 249 -8.83 64.25 5.47
C PRO G 249 -9.59 65.50 5.05
N LYS G 250 -10.01 66.27 6.05
CA LYS G 250 -10.80 67.48 5.78
C LYS G 250 -9.91 68.60 5.24
N ASN G 251 -8.94 69.05 6.03
CA ASN G 251 -8.11 70.21 5.69
C ASN G 251 -6.64 69.85 5.88
N PRO G 252 -6.04 69.15 4.91
CA PRO G 252 -4.59 68.94 4.97
C PRO G 252 -3.83 70.20 4.59
N ASP G 253 -3.64 71.08 5.56
CA ASP G 253 -3.10 72.41 5.26
C ASP G 253 -1.70 72.32 4.64
N LYS G 254 -0.85 71.45 5.17
CA LYS G 254 0.51 71.35 4.63
C LYS G 254 0.48 70.75 3.23
N HIS G 255 1.21 71.38 2.31
CA HIS G 255 1.23 70.96 0.92
C HIS G 255 2.68 70.77 0.46
N LEU G 256 2.87 69.86 -0.50
CA LEU G 256 4.20 69.59 -1.04
C LEU G 256 4.02 69.25 -2.51
N GLU G 257 4.43 70.17 -3.39
CA GLU G 257 4.39 69.96 -4.83
C GLU G 257 5.80 69.69 -5.33
N ALA G 258 5.97 68.61 -6.09
CA ALA G 258 7.29 68.24 -6.57
C ALA G 258 7.17 67.49 -7.89
N GLY G 259 8.26 67.52 -8.66
CA GLY G 259 8.32 66.80 -9.91
C GLY G 259 8.12 65.31 -9.72
N CYS G 260 7.15 64.75 -10.44
CA CYS G 260 6.86 63.32 -10.30
C CYS G 260 8.06 62.47 -10.73
N ASP G 261 8.74 62.87 -11.79
CA ASP G 261 9.90 62.10 -12.26
C ASP G 261 11.02 62.11 -11.24
N LEU G 262 11.24 63.25 -10.58
CA LEU G 262 12.29 63.33 -9.56
C LEU G 262 11.99 62.37 -8.41
N LEU G 263 10.75 62.36 -7.92
CA LEU G 263 10.39 61.45 -6.85
C LEU G 263 10.48 60.01 -7.32
N LYS G 264 10.07 59.73 -8.55
CA LYS G 264 10.15 58.37 -9.08
C LYS G 264 11.60 57.87 -9.09
N GLN G 265 12.52 58.68 -9.63
CA GLN G 265 13.91 58.24 -9.70
C GLN G 265 14.53 58.16 -8.30
N ALA G 266 14.15 59.07 -7.40
CA ALA G 266 14.67 58.99 -6.04
C ALA G 266 14.22 57.70 -5.35
N PHE G 267 12.93 57.36 -5.49
CA PHE G 267 12.43 56.13 -4.89
C PHE G 267 13.06 54.90 -5.52
N ALA G 268 13.26 54.93 -6.84
CA ALA G 268 13.92 53.80 -7.50
C ALA G 268 15.35 53.62 -7.00
N ARG G 269 16.08 54.72 -6.85
CA ARG G 269 17.44 54.64 -6.34
C ARG G 269 17.45 54.11 -4.91
N ALA G 270 16.52 54.60 -4.08
CA ALA G 270 16.44 54.10 -2.70
C ALA G 270 16.14 52.60 -2.68
N ALA G 271 15.20 52.15 -3.52
CA ALA G 271 14.81 50.75 -3.51
C ALA G 271 15.96 49.86 -3.98
N ILE G 272 16.62 50.25 -5.08
CA ILE G 272 17.71 49.42 -5.60
C ILE G 272 18.88 49.41 -4.61
N LEU G 273 19.14 50.54 -3.96
CA LEU G 273 20.18 50.62 -2.95
C LEU G 273 19.72 50.16 -1.58
N SER G 274 18.45 49.82 -1.41
CA SER G 274 17.89 49.30 -0.17
C SER G 274 17.03 48.08 -0.44
N ASN G 275 17.56 47.14 -1.22
CA ASN G 275 16.81 45.94 -1.58
C ASN G 275 16.46 45.09 -0.37
N GLU G 276 17.13 45.30 0.76
CA GLU G 276 16.81 44.55 1.97
C GLU G 276 15.36 44.76 2.36
N LYS G 277 14.68 43.67 2.70
CA LYS G 277 13.27 43.74 3.08
C LYS G 277 13.13 44.38 4.47
N PHE G 278 11.89 44.64 4.85
CA PHE G 278 11.58 45.29 6.12
C PHE G 278 12.20 46.69 6.16
N ARG G 279 12.12 47.36 7.30
CA ARG G 279 12.84 48.61 7.55
C ARG G 279 12.46 49.67 6.52
N GLY G 280 11.19 50.08 6.59
CA GLY G 280 10.68 51.12 5.71
C GLY G 280 11.52 52.38 5.73
N VAL G 281 11.77 52.95 4.56
CA VAL G 281 12.70 54.08 4.44
C VAL G 281 12.13 55.31 5.15
N ARG G 282 13.00 56.05 5.82
CA ARG G 282 12.64 57.27 6.52
C ARG G 282 13.06 58.47 5.69
N LEU G 283 12.10 59.32 5.34
CA LEU G 283 12.37 60.52 4.57
C LEU G 283 12.24 61.74 5.48
N TYR G 284 13.30 62.54 5.53
CA TYR G 284 13.30 63.82 6.23
C TYR G 284 13.15 64.91 5.18
N VAL G 285 12.02 65.61 5.23
CA VAL G 285 11.74 66.70 4.30
C VAL G 285 11.96 68.01 5.04
N SER G 286 12.67 68.94 4.39
CA SER G 286 12.96 70.25 4.94
C SER G 286 12.95 71.24 3.79
N GLU G 287 13.18 72.52 4.13
CA GLU G 287 13.14 73.58 3.13
C GLU G 287 14.08 73.26 1.98
N ASN G 288 13.51 72.99 0.80
CA ASN G 288 14.29 72.67 -0.39
C ASN G 288 15.25 71.52 -0.14
N GLN G 289 14.77 70.49 0.55
CA GLN G 289 15.61 69.33 0.83
C GLN G 289 14.73 68.12 1.13
N LEU G 290 15.16 66.95 0.64
CA LEU G 290 14.50 65.69 0.95
C LEU G 290 15.57 64.62 1.04
N LYS G 291 15.80 64.10 2.24
CA LYS G 291 16.82 63.10 2.49
C LYS G 291 16.14 61.78 2.84
N ILE G 292 16.28 60.79 1.96
CA ILE G 292 15.71 59.46 2.15
C ILE G 292 16.82 58.56 2.68
N THR G 293 16.58 57.94 3.84
CA THR G 293 17.56 57.10 4.52
C THR G 293 16.98 55.72 4.75
N ALA G 294 17.83 54.70 4.63
CA ALA G 294 17.42 53.33 4.89
C ALA G 294 17.29 53.10 6.38
N ASN G 295 16.16 52.55 6.81
CA ASN G 295 15.94 52.24 8.21
C ASN G 295 16.72 51.03 8.68
N ASN G 296 17.35 50.29 7.77
CA ASN G 296 18.10 49.09 8.11
C ASN G 296 19.12 49.39 9.20
N PRO G 297 18.93 48.89 10.44
CA PRO G 297 19.94 49.14 11.48
C PRO G 297 21.28 48.46 11.19
N GLU G 298 21.31 47.45 10.35
CA GLU G 298 22.53 46.71 10.03
C GLU G 298 23.17 47.21 8.74
N GLN G 299 22.41 47.26 7.65
CA GLN G 299 22.94 47.73 6.39
C GLN G 299 23.31 49.21 6.47
N GLU G 300 24.38 49.57 5.77
CA GLU G 300 24.82 50.96 5.76
C GLU G 300 23.71 51.87 5.25
N GLU G 301 23.56 53.02 5.90
CA GLU G 301 22.51 53.97 5.55
C GLU G 301 22.81 54.58 4.18
N ALA G 302 22.06 54.16 3.16
CA ALA G 302 22.23 54.68 1.81
C ALA G 302 21.41 55.97 1.66
N GLU G 303 21.85 57.00 2.38
CA GLU G 303 21.15 58.27 2.37
C GLU G 303 21.23 58.92 1.00
N GLU G 304 20.10 59.43 0.51
CA GLU G 304 20.03 60.10 -0.79
C GLU G 304 19.35 61.45 -0.60
N ILE G 305 19.98 62.49 -1.10
CA ILE G 305 19.51 63.88 -0.92
C ILE G 305 19.02 64.40 -2.27
N LEU G 306 17.81 64.96 -2.27
CA LEU G 306 17.23 65.58 -3.46
C LEU G 306 16.77 66.99 -3.10
N ASP G 307 16.74 67.86 -4.11
CA ASP G 307 16.34 69.25 -3.94
C ASP G 307 14.90 69.40 -4.43
N VAL G 308 13.95 69.16 -3.53
CA VAL G 308 12.53 69.31 -3.85
C VAL G 308 12.15 70.77 -3.76
N THR G 309 10.96 71.12 -4.24
CA THR G 309 10.46 72.48 -4.23
C THR G 309 9.69 72.81 -2.95
N TYR G 310 9.89 72.05 -1.88
CA TYR G 310 9.17 72.28 -0.64
C TYR G 310 9.86 73.33 0.20
N SER G 311 9.07 74.20 0.84
CA SER G 311 9.60 75.29 1.65
C SER G 311 8.80 75.46 2.94
N GLY G 312 8.18 74.40 3.44
CA GLY G 312 7.40 74.43 4.65
C GLY G 312 8.16 73.88 5.84
N ALA G 313 7.40 73.46 6.85
CA ALA G 313 7.99 72.91 8.06
C ALA G 313 8.69 71.59 7.75
N GLU G 314 9.74 71.30 8.51
CA GLU G 314 10.57 70.13 8.29
C GLU G 314 10.19 69.02 9.25
N MET G 315 10.16 67.78 8.75
CA MET G 315 9.84 66.63 9.59
C MET G 315 10.32 65.36 8.91
N GLU G 316 10.46 64.31 9.72
CA GLU G 316 10.92 63.00 9.25
C GLU G 316 9.78 61.99 9.43
N ILE G 317 9.47 61.27 8.37
CA ILE G 317 8.39 60.29 8.36
C ILE G 317 8.95 58.96 7.86
N GLY G 318 8.62 57.88 8.57
CA GLY G 318 9.08 56.55 8.22
C GLY G 318 8.16 55.81 7.26
N PHE G 319 8.21 56.16 5.98
CA PHE G 319 7.31 55.55 5.01
C PHE G 319 7.88 54.21 4.53
N ASN G 320 7.03 53.47 3.82
CA ASN G 320 7.44 52.24 3.15
C ASN G 320 7.79 52.56 1.70
N VAL G 321 9.01 52.20 1.30
CA VAL G 321 9.49 52.58 -0.03
C VAL G 321 8.63 51.95 -1.11
N SER G 322 8.27 50.67 -0.95
CA SER G 322 7.48 49.98 -1.96
C SER G 322 6.11 50.64 -2.11
N TYR G 323 5.49 51.01 -1.00
CA TYR G 323 4.15 51.61 -1.06
C TYR G 323 4.17 52.91 -1.83
N VAL G 324 5.07 53.82 -1.47
CA VAL G 324 5.15 55.11 -2.15
C VAL G 324 5.54 54.93 -3.60
N LEU G 325 6.45 54.00 -3.88
CA LEU G 325 6.86 53.75 -5.25
C LEU G 325 5.68 53.29 -6.11
N ASP G 326 4.88 52.35 -5.58
CA ASP G 326 3.71 51.88 -6.32
C ASP G 326 2.69 53.00 -6.50
N VAL G 327 2.47 53.79 -5.46
CA VAL G 327 1.49 54.87 -5.56
C VAL G 327 1.91 55.89 -6.62
N LEU G 328 3.19 56.24 -6.64
CA LEU G 328 3.67 57.18 -7.65
C LEU G 328 3.65 56.57 -9.05
N ASN G 329 3.91 55.26 -9.16
CA ASN G 329 3.79 54.59 -10.45
C ASN G 329 2.36 54.67 -10.96
N ALA G 330 1.37 54.48 -10.07
CA ALA G 330 -0.02 54.58 -10.48
C ALA G 330 -0.36 55.95 -11.02
N LEU G 331 0.36 56.98 -10.58
CA LEU G 331 0.15 58.36 -11.03
C LEU G 331 1.33 58.73 -11.93
N LYS G 332 1.17 58.46 -13.23
CA LYS G 332 2.23 58.70 -14.20
C LYS G 332 2.02 60.10 -14.79
N CYS G 333 2.83 61.05 -14.34
CA CYS G 333 2.76 62.43 -14.82
C CYS G 333 4.11 63.08 -14.56
N GLU G 334 4.16 64.41 -14.68
CA GLU G 334 5.38 65.17 -14.48
C GLU G 334 5.47 65.83 -13.10
N ASN G 335 4.32 66.16 -12.49
CA ASN G 335 4.30 66.82 -11.20
C ASN G 335 3.24 66.17 -10.33
N VAL G 336 3.45 66.24 -9.01
CA VAL G 336 2.56 65.59 -8.06
C VAL G 336 2.52 66.42 -6.78
N ARG G 337 1.33 66.51 -6.18
CA ARG G 337 1.09 67.28 -4.97
C ARG G 337 0.59 66.35 -3.88
N MET G 338 1.25 66.41 -2.72
CA MET G 338 0.86 65.64 -1.54
C MET G 338 0.43 66.61 -0.45
N MET G 339 -0.75 66.37 0.12
CA MET G 339 -1.32 67.22 1.15
C MET G 339 -1.45 66.44 2.44
N LEU G 340 -0.97 67.02 3.54
CA LEU G 340 -1.03 66.38 4.85
C LEU G 340 -1.41 67.41 5.89
N THR G 341 -1.85 66.91 7.04
CA THR G 341 -2.28 67.75 8.16
C THR G 341 -1.18 67.90 9.20
N ASP G 342 -0.67 66.78 9.72
CA ASP G 342 0.37 66.81 10.74
C ASP G 342 1.20 65.53 10.63
N SER G 343 2.00 65.26 11.66
CA SER G 343 2.85 64.07 11.64
C SER G 343 2.01 62.80 11.56
N VAL G 344 0.90 62.75 12.32
CA VAL G 344 0.02 61.59 12.31
C VAL G 344 -1.27 61.94 11.59
N SER G 345 -1.30 61.65 10.28
CA SER G 345 -2.46 61.91 9.45
C SER G 345 -2.27 61.18 8.14
N SER G 346 -3.35 61.10 7.35
CA SER G 346 -3.33 60.40 6.07
C SER G 346 -2.94 61.40 4.98
N VAL G 347 -1.71 61.27 4.47
CA VAL G 347 -1.27 62.12 3.37
C VAL G 347 -2.00 61.72 2.10
N GLN G 348 -2.59 62.70 1.43
CA GLN G 348 -3.34 62.47 0.20
C GLN G 348 -2.49 62.90 -0.99
N ILE G 349 -2.27 61.97 -1.94
CA ILE G 349 -1.49 62.26 -3.13
C ILE G 349 -2.44 62.51 -4.29
N GLU G 350 -2.09 63.48 -5.14
CA GLU G 350 -2.86 63.80 -6.33
C GLU G 350 -1.93 64.37 -7.38
N ASP G 351 -2.41 64.39 -8.62
CA ASP G 351 -1.68 65.07 -9.68
C ASP G 351 -1.78 66.57 -9.50
N ALA G 352 -0.66 67.27 -9.70
CA ALA G 352 -0.65 68.71 -9.57
C ALA G 352 -1.60 69.39 -10.55
N ALA G 353 -1.90 68.75 -11.68
CA ALA G 353 -2.81 69.29 -12.67
C ALA G 353 -4.23 68.78 -12.48
N SER G 354 -4.41 67.46 -12.47
CA SER G 354 -5.71 66.84 -12.32
C SER G 354 -5.93 66.43 -10.87
N GLN G 355 -7.21 66.48 -10.45
CA GLN G 355 -7.59 66.14 -9.08
C GLN G 355 -8.76 65.16 -9.03
N SER G 356 -9.13 64.57 -10.16
CA SER G 356 -10.22 63.60 -10.15
C SER G 356 -9.87 62.38 -9.32
N ALA G 357 -8.64 61.90 -9.42
CA ALA G 357 -8.17 60.73 -8.70
C ALA G 357 -7.42 61.15 -7.45
N ALA G 358 -7.76 60.54 -6.32
CA ALA G 358 -7.11 60.79 -5.05
C ALA G 358 -6.47 59.51 -4.53
N TYR G 359 -5.36 59.67 -3.83
CA TYR G 359 -4.47 58.58 -3.40
C TYR G 359 -4.17 58.77 -1.92
N VAL G 360 -5.20 58.69 -1.09
CA VAL G 360 -5.02 58.92 0.35
C VAL G 360 -4.30 57.73 0.97
N VAL G 361 -3.00 57.89 1.17
CA VAL G 361 -2.19 56.91 1.86
C VAL G 361 -1.93 57.43 3.27
N MET G 362 -1.38 56.57 4.13
CA MET G 362 -1.02 56.97 5.48
C MET G 362 0.41 56.56 5.77
N PRO G 363 1.11 57.29 6.64
CA PRO G 363 2.50 56.92 6.95
C PRO G 363 2.57 55.67 7.80
N MET G 364 3.71 54.99 7.70
CA MET G 364 3.99 53.82 8.53
C MET G 364 4.63 54.29 9.83
N ARG G 365 3.95 54.05 10.95
CA ARG G 365 4.42 54.54 12.23
C ARG G 365 5.82 54.03 12.55
N LEU G 366 6.65 54.92 13.07
CA LEU G 366 8.03 54.58 13.43
C LEU G 366 8.30 54.93 14.88
N MET H 1 57.12 21.26 -15.14
CA MET H 1 55.76 20.90 -15.63
C MET H 1 54.75 21.99 -15.28
N LYS H 2 54.49 22.87 -16.22
CA LYS H 2 53.54 23.97 -16.05
C LYS H 2 52.37 23.79 -17.00
N PHE H 3 51.16 23.90 -16.46
CA PHE H 3 49.93 23.79 -17.24
C PHE H 3 49.35 25.19 -17.44
N THR H 4 49.47 25.70 -18.66
CA THR H 4 48.88 26.99 -19.06
C THR H 4 47.66 26.70 -19.92
N VAL H 5 46.50 27.22 -19.51
CA VAL H 5 45.24 26.94 -20.17
C VAL H 5 44.50 28.25 -20.42
N GLU H 6 43.74 28.28 -21.52
CA GLU H 6 42.91 29.42 -21.88
C GLU H 6 41.47 29.11 -21.51
N ARG H 7 40.80 30.06 -20.86
CA ARG H 7 39.44 29.83 -20.40
C ARG H 7 38.49 29.56 -21.56
N GLU H 8 38.61 30.35 -22.64
CA GLU H 8 37.71 30.19 -23.77
C GLU H 8 37.84 28.81 -24.40
N HIS H 9 39.09 28.35 -24.61
CA HIS H 9 39.29 27.02 -25.16
C HIS H 9 39.02 25.94 -24.12
N LEU H 10 39.24 26.24 -22.84
CA LEU H 10 38.93 25.28 -21.79
C LEU H 10 37.44 24.96 -21.77
N LEU H 11 36.59 25.98 -21.94
CA LEU H 11 35.16 25.76 -21.97
C LEU H 11 34.77 24.94 -23.19
N LYS H 12 33.88 23.95 -22.98
CA LYS H 12 33.28 23.01 -23.94
C LYS H 12 33.61 21.58 -23.53
N PRO H 13 34.88 21.12 -23.59
CA PRO H 13 35.14 19.75 -23.14
C PRO H 13 34.80 19.53 -21.67
N LEU H 14 35.04 20.54 -20.83
CA LEU H 14 34.70 20.41 -19.41
C LEU H 14 33.20 20.23 -19.22
N GLN H 15 32.40 21.03 -19.92
CA GLN H 15 30.95 20.90 -19.83
C GLN H 15 30.50 19.54 -20.36
N GLN H 16 31.08 19.10 -21.48
CA GLN H 16 30.67 17.82 -22.05
C GLN H 16 30.97 16.67 -21.11
N VAL H 17 32.15 16.67 -20.49
CA VAL H 17 32.50 15.58 -19.58
C VAL H 17 31.68 15.67 -18.29
N SER H 18 31.43 16.88 -17.80
CA SER H 18 30.67 17.03 -16.56
C SER H 18 29.18 16.75 -16.75
N GLY H 19 28.69 16.78 -17.98
CA GLY H 19 27.31 16.47 -18.27
C GLY H 19 26.86 15.17 -17.62
N PRO H 20 27.43 14.04 -18.06
CA PRO H 20 27.03 12.75 -17.45
C PRO H 20 27.31 12.68 -15.97
N LEU H 21 28.37 13.34 -15.48
CA LEU H 21 28.68 13.30 -14.06
C LEU H 21 27.56 13.95 -13.25
N GLY H 22 27.20 13.31 -12.14
CA GLY H 22 26.16 13.78 -11.26
C GLY H 22 26.70 14.38 -9.97
N GLY H 23 25.76 14.84 -9.14
CA GLY H 23 26.14 15.44 -7.88
C GLY H 23 26.81 14.46 -6.94
N ARG H 24 26.27 13.23 -6.86
CA ARG H 24 26.79 12.19 -5.99
C ARG H 24 27.22 11.00 -6.85
N PRO H 25 28.50 10.92 -7.23
CA PRO H 25 28.95 9.74 -8.00
C PRO H 25 28.82 8.43 -7.25
N THR H 26 28.66 8.48 -5.92
CA THR H 26 28.57 7.34 -5.00
C THR H 26 29.96 6.76 -4.70
N LEU H 27 31.02 7.24 -5.32
CA LEU H 27 32.38 6.86 -4.99
C LEU H 27 33.23 8.10 -4.79
N PRO H 28 34.29 8.01 -3.99
CA PRO H 28 35.11 9.21 -3.75
C PRO H 28 35.74 9.79 -5.00
N ILE H 29 36.09 8.95 -5.98
CA ILE H 29 36.90 9.37 -7.12
C ILE H 29 36.19 9.22 -8.45
N LEU H 30 34.97 8.66 -8.47
CA LEU H 30 34.29 8.44 -9.74
C LEU H 30 34.01 9.77 -10.45
N GLY H 31 33.58 10.78 -9.71
CA GLY H 31 33.32 12.08 -10.29
C GLY H 31 34.56 12.87 -10.67
N ASN H 32 35.73 12.42 -10.22
CA ASN H 32 36.97 13.10 -10.56
C ASN H 32 37.26 12.97 -12.05
N LEU H 33 37.99 13.93 -12.59
CA LEU H 33 38.34 13.99 -14.00
C LEU H 33 39.82 13.64 -14.15
N LEU H 34 40.12 12.72 -15.07
CA LEU H 34 41.50 12.30 -15.32
C LEU H 34 42.10 13.18 -16.42
N LEU H 35 43.11 13.96 -16.08
CA LEU H 35 43.82 14.80 -17.04
C LEU H 35 45.18 14.18 -17.30
N GLN H 36 45.43 13.83 -18.57
CA GLN H 36 46.70 13.25 -18.97
C GLN H 36 47.29 14.06 -20.11
N VAL H 37 48.62 14.06 -20.20
CA VAL H 37 49.35 14.75 -21.24
C VAL H 37 50.34 13.78 -21.86
N ALA H 38 50.33 13.69 -23.18
CA ALA H 38 51.25 12.82 -23.91
C ALA H 38 51.68 13.53 -25.18
N ASP H 39 52.98 13.42 -25.50
CA ASP H 39 53.53 14.04 -26.70
C ASP H 39 53.22 15.53 -26.70
N GLY H 40 52.30 15.97 -27.55
CA GLY H 40 51.92 17.37 -27.63
C GLY H 40 50.43 17.59 -27.50
N THR H 41 49.76 16.68 -26.79
CA THR H 41 48.32 16.74 -26.62
C THR H 41 47.96 16.40 -25.18
N LEU H 42 46.77 16.81 -24.76
CA LEU H 42 46.24 16.47 -23.45
C LEU H 42 44.82 15.95 -23.60
N SER H 43 44.50 14.91 -22.84
CA SER H 43 43.20 14.28 -22.84
C SER H 43 42.56 14.45 -21.47
N LEU H 44 41.32 14.94 -21.47
CA LEU H 44 40.49 15.04 -20.27
C LEU H 44 39.42 13.97 -20.35
N THR H 45 39.40 13.07 -19.37
CA THR H 45 38.56 11.87 -19.42
C THR H 45 37.65 11.82 -18.20
N GLY H 46 36.40 11.40 -18.45
CA GLY H 46 35.44 11.18 -17.38
C GLY H 46 34.69 9.88 -17.56
N THR H 47 34.44 9.18 -16.45
CA THR H 47 33.79 7.88 -16.48
C THR H 47 32.73 7.82 -15.38
N ASP H 48 31.73 6.96 -15.60
CA ASP H 48 30.66 6.72 -14.64
C ASP H 48 30.45 5.24 -14.41
N LEU H 49 31.50 4.43 -14.57
CA LEU H 49 31.52 2.99 -14.41
C LEU H 49 30.81 2.25 -15.53
N GLU H 50 30.18 2.95 -16.47
CA GLU H 50 29.56 2.32 -17.63
C GLU H 50 29.84 3.04 -18.94
N MET H 51 30.56 4.17 -18.92
CA MET H 51 30.93 4.89 -20.12
C MET H 51 32.25 5.61 -19.86
N GLU H 52 32.93 5.98 -20.94
CA GLU H 52 34.10 6.83 -20.85
C GLU H 52 34.06 7.87 -21.96
N MET H 53 34.08 9.15 -21.59
CA MET H 53 34.08 10.26 -22.52
C MET H 53 35.38 11.03 -22.35
N VAL H 54 36.16 11.14 -23.41
CA VAL H 54 37.47 11.77 -23.36
C VAL H 54 37.57 12.80 -24.48
N ALA H 55 37.98 14.00 -24.12
CA ALA H 55 38.23 15.09 -25.07
C ALA H 55 39.72 15.32 -25.16
N ARG H 56 40.27 15.25 -26.36
CA ARG H 56 41.70 15.42 -26.61
C ARG H 56 41.94 16.73 -27.35
N VAL H 57 42.84 17.55 -26.83
CA VAL H 57 43.15 18.86 -27.40
C VAL H 57 44.65 19.02 -27.45
N ALA H 58 45.15 19.60 -28.54
CA ALA H 58 46.58 19.79 -28.73
C ALA H 58 47.05 21.03 -27.97
N LEU H 59 48.35 21.31 -28.06
CA LEU H 59 48.94 22.47 -27.42
C LEU H 59 50.13 22.94 -28.24
N VAL H 60 50.61 24.14 -27.92
CA VAL H 60 51.78 24.72 -28.56
C VAL H 60 52.95 24.84 -27.59
N GLN H 61 52.67 25.21 -26.34
CA GLN H 61 53.72 25.37 -25.36
C GLN H 61 54.33 24.01 -25.00
N PRO H 62 55.62 23.98 -24.65
CA PRO H 62 56.25 22.71 -24.28
C PRO H 62 55.72 22.18 -22.96
N HIS H 63 55.79 20.86 -22.81
CA HIS H 63 55.37 20.19 -21.59
C HIS H 63 56.00 18.81 -21.56
N GLU H 64 55.66 18.04 -20.53
CA GLU H 64 56.19 16.69 -20.35
C GLU H 64 55.03 15.72 -20.13
N PRO H 65 55.22 14.44 -20.48
CA PRO H 65 54.14 13.48 -20.28
C PRO H 65 53.78 13.32 -18.81
N GLY H 66 52.51 13.04 -18.55
CA GLY H 66 52.06 12.82 -17.19
C GLY H 66 50.59 12.50 -17.15
N ALA H 67 50.11 12.26 -15.93
CA ALA H 67 48.70 11.97 -15.70
C ALA H 67 48.36 12.28 -14.26
N THR H 68 47.16 12.81 -14.03
CA THR H 68 46.72 13.17 -12.69
C THR H 68 45.19 13.20 -12.67
N THR H 69 44.63 13.40 -11.47
CA THR H 69 43.20 13.43 -11.26
C THR H 69 42.83 14.71 -10.53
N VAL H 70 41.72 15.32 -10.96
CA VAL H 70 41.29 16.60 -10.38
C VAL H 70 39.79 16.52 -10.07
N PRO H 71 39.35 16.96 -8.89
CA PRO H 71 37.89 16.96 -8.63
C PRO H 71 37.16 17.86 -9.61
N ALA H 72 35.99 17.39 -10.05
CA ALA H 72 35.23 18.13 -11.05
C ALA H 72 34.56 19.36 -10.45
N ARG H 73 33.96 19.22 -9.27
CA ARG H 73 33.22 20.33 -8.67
C ARG H 73 34.15 21.49 -8.32
N LYS H 74 35.25 21.20 -7.63
CA LYS H 74 36.17 22.26 -7.25
C LYS H 74 36.81 22.90 -8.48
N PHE H 75 37.15 22.09 -9.49
CA PHE H 75 37.72 22.65 -10.71
C PHE H 75 36.74 23.57 -11.41
N PHE H 76 35.47 23.16 -11.50
CA PHE H 76 34.46 24.00 -12.11
C PHE H 76 34.26 25.29 -11.32
N ASP H 77 34.26 25.19 -9.99
CA ASP H 77 34.12 26.39 -9.17
C ASP H 77 35.29 27.34 -9.38
N ILE H 78 36.51 26.81 -9.46
CA ILE H 78 37.68 27.65 -9.70
C ILE H 78 37.59 28.31 -11.05
N CYS H 79 37.17 27.57 -12.08
CA CYS H 79 37.01 28.16 -13.41
C CYS H 79 35.97 29.27 -13.39
N ARG H 80 34.84 29.04 -12.71
CA ARG H 80 33.80 30.05 -12.64
C ARG H 80 34.30 31.30 -11.92
N GLY H 81 35.05 31.13 -10.83
CA GLY H 81 35.51 32.27 -10.07
C GLY H 81 36.45 33.17 -10.86
N LEU H 82 37.29 32.57 -11.71
CA LEU H 82 38.25 33.35 -12.46
C LEU H 82 37.54 34.30 -13.44
N PRO H 83 38.11 35.47 -13.70
CA PRO H 83 37.52 36.35 -14.72
C PRO H 83 37.53 35.69 -16.08
N GLU H 84 36.50 35.99 -16.87
CA GLU H 84 36.39 35.43 -18.21
C GLU H 84 37.53 35.92 -19.09
N GLY H 85 38.04 35.03 -19.94
CA GLY H 85 39.12 35.37 -20.84
C GLY H 85 40.50 35.38 -20.22
N ALA H 86 40.62 34.96 -18.96
CA ALA H 86 41.90 34.97 -18.27
C ALA H 86 42.68 33.70 -18.59
N GLU H 87 43.84 33.55 -17.95
CA GLU H 87 44.71 32.40 -18.12
C GLU H 87 44.74 31.60 -16.82
N ILE H 88 44.76 30.27 -16.95
CA ILE H 88 44.77 29.36 -15.81
C ILE H 88 46.14 28.70 -15.74
N ALA H 89 46.77 28.77 -14.57
CA ALA H 89 48.08 28.20 -14.33
C ALA H 89 47.97 27.11 -13.26
N VAL H 90 48.31 25.89 -13.64
CA VAL H 90 48.22 24.72 -12.78
C VAL H 90 49.60 24.06 -12.70
N GLN H 91 50.00 23.67 -11.50
CA GLN H 91 51.30 23.07 -11.25
C GLN H 91 51.14 21.82 -10.40
N LEU H 92 51.84 20.75 -10.79
CA LEU H 92 51.85 19.49 -10.06
C LEU H 92 53.00 19.54 -9.07
N GLU H 93 52.72 20.04 -7.87
CA GLU H 93 53.73 20.22 -6.82
C GLU H 93 53.31 19.37 -5.62
N GLY H 94 54.00 18.23 -5.44
CA GLY H 94 53.71 17.38 -4.31
C GLY H 94 52.35 16.70 -4.43
N GLU H 95 51.80 16.34 -3.28
CA GLU H 95 50.53 15.63 -3.21
C GLU H 95 49.33 16.53 -3.50
N ARG H 96 49.51 17.85 -3.52
CA ARG H 96 48.43 18.80 -3.74
C ARG H 96 48.75 19.67 -4.95
N MET H 97 47.81 19.75 -5.89
CA MET H 97 47.99 20.61 -7.04
C MET H 97 47.91 22.08 -6.63
N LEU H 98 48.67 22.92 -7.31
CA LEU H 98 48.74 24.34 -7.00
C LEU H 98 48.21 25.13 -8.19
N VAL H 99 47.15 25.91 -7.97
CA VAL H 99 46.55 26.74 -9.01
C VAL H 99 46.83 28.20 -8.67
N ARG H 100 47.36 28.94 -9.64
CA ARG H 100 47.73 30.33 -9.46
C ARG H 100 46.70 31.22 -10.16
N SER H 101 45.86 31.86 -9.35
CA SER H 101 44.85 32.81 -9.85
C SER H 101 45.40 34.21 -9.58
N GLY H 102 46.05 34.78 -10.60
CA GLY H 102 46.67 36.08 -10.41
C GLY H 102 47.73 36.02 -9.34
N ARG H 103 47.61 36.89 -8.35
CA ARG H 103 48.52 36.92 -7.22
C ARG H 103 48.16 35.94 -6.12
N SER H 104 47.06 35.20 -6.27
CA SER H 104 46.60 34.25 -5.26
C SER H 104 47.02 32.83 -5.64
N ARG H 105 47.33 32.03 -4.63
CA ARG H 105 47.69 30.63 -4.80
C ARG H 105 46.71 29.78 -4.01
N PHE H 106 46.21 28.71 -4.62
CA PHE H 106 45.25 27.82 -3.98
C PHE H 106 45.70 26.38 -4.16
N SER H 107 45.47 25.57 -3.12
CA SER H 107 45.86 24.17 -3.09
C SER H 107 44.63 23.30 -3.28
N LEU H 108 44.72 22.32 -4.18
CA LEU H 108 43.63 21.42 -4.50
C LEU H 108 44.07 19.98 -4.27
N SER H 109 43.19 19.18 -3.68
CA SER H 109 43.50 17.79 -3.40
C SER H 109 43.71 17.02 -4.70
N THR H 110 44.67 16.10 -4.67
CA THR H 110 45.01 15.28 -5.83
C THR H 110 44.99 13.82 -5.43
N LEU H 111 44.66 12.96 -6.38
CA LEU H 111 44.58 11.53 -6.18
C LEU H 111 45.34 10.80 -7.28
N PRO H 112 45.87 9.60 -7.01
CA PRO H 112 46.67 8.91 -8.01
C PRO H 112 45.87 8.63 -9.28
N ALA H 113 46.55 8.73 -10.42
CA ALA H 113 45.91 8.47 -11.71
C ALA H 113 45.78 7.00 -12.02
N ALA H 114 46.54 6.14 -11.34
CA ALA H 114 46.43 4.70 -11.57
C ALA H 114 45.12 4.12 -11.06
N ASP H 115 44.37 4.87 -10.26
CA ASP H 115 43.11 4.40 -9.70
C ASP H 115 41.91 4.76 -10.56
N PHE H 116 42.11 5.47 -11.67
CA PHE H 116 41.00 5.89 -12.51
C PHE H 116 40.55 4.73 -13.40
N PRO H 117 39.27 4.34 -13.39
CA PRO H 117 38.84 3.24 -14.28
C PRO H 117 38.80 3.67 -15.74
N ASN H 118 39.97 3.67 -16.39
CA ASN H 118 40.07 3.98 -17.81
C ASN H 118 40.87 2.88 -18.50
N LEU H 119 40.50 2.62 -19.75
CA LEU H 119 41.15 1.56 -20.52
C LEU H 119 42.59 1.96 -20.85
N ASP H 120 43.52 1.03 -20.61
CA ASP H 120 44.92 1.24 -20.98
C ASP H 120 45.21 0.77 -22.40
N ASP H 121 44.55 -0.30 -22.83
CA ASP H 121 44.68 -0.82 -24.18
C ASP H 121 43.29 -1.12 -24.73
N TRP H 122 43.14 -0.94 -26.04
CA TRP H 122 41.87 -1.18 -26.72
C TRP H 122 42.07 -2.11 -27.90
N GLN H 123 41.14 -3.04 -28.07
CA GLN H 123 41.13 -3.96 -29.20
C GLN H 123 39.81 -3.78 -29.96
N SER H 124 39.90 -3.68 -31.28
CA SER H 124 38.75 -3.45 -32.14
C SER H 124 38.49 -4.69 -32.99
N GLU H 125 37.22 -5.07 -33.08
CA GLU H 125 36.82 -6.22 -33.89
C GLU H 125 36.40 -5.80 -35.29
N VAL H 126 35.58 -4.75 -35.39
CA VAL H 126 35.22 -4.17 -36.68
C VAL H 126 35.30 -2.65 -36.56
N GLU H 127 36.07 -2.03 -37.43
CA GLU H 127 36.26 -0.58 -37.41
C GLU H 127 35.95 0.00 -38.77
N PHE H 128 35.45 1.23 -38.77
CA PHE H 128 35.11 1.93 -40.00
C PHE H 128 34.92 3.41 -39.69
N THR H 129 34.66 4.19 -40.73
CA THR H 129 34.42 5.62 -40.60
C THR H 129 33.22 5.99 -41.46
N LEU H 130 32.50 7.03 -41.03
CA LEU H 130 31.29 7.47 -41.72
C LEU H 130 31.07 8.95 -41.46
N PRO H 131 30.42 9.68 -42.37
CA PRO H 131 30.00 11.04 -42.05
C PRO H 131 28.95 11.03 -40.95
N GLN H 132 28.92 12.12 -40.17
CA GLN H 132 27.95 12.22 -39.09
C GLN H 132 26.52 12.20 -39.63
N ALA H 133 26.33 12.60 -40.88
CA ALA H 133 24.98 12.61 -41.47
C ALA H 133 24.41 11.20 -41.53
N THR H 134 25.24 10.21 -41.90
CA THR H 134 24.76 8.84 -41.98
C THR H 134 24.25 8.35 -40.63
N MET H 135 25.06 8.51 -39.58
CA MET H 135 24.65 8.05 -38.26
C MET H 135 23.43 8.82 -37.78
N LYS H 136 23.40 10.13 -38.01
CA LYS H 136 22.25 10.91 -37.58
C LYS H 136 20.97 10.44 -38.26
N ARG H 137 21.04 10.18 -39.58
CA ARG H 137 19.86 9.71 -40.30
C ARG H 137 19.42 8.34 -39.77
N LEU H 138 20.37 7.43 -39.59
CA LEU H 138 20.02 6.09 -39.12
C LEU H 138 19.36 6.14 -37.74
N ILE H 139 19.94 6.92 -36.82
CA ILE H 139 19.38 6.99 -35.48
C ILE H 139 18.01 7.67 -35.51
N GLU H 140 17.88 8.78 -36.25
CA GLU H 140 16.58 9.43 -36.35
C GLU H 140 15.53 8.49 -36.92
N ALA H 141 15.93 7.59 -37.81
CA ALA H 141 14.97 6.66 -38.40
C ALA H 141 14.58 5.55 -37.45
N THR H 142 15.53 5.06 -36.64
CA THR H 142 15.32 3.81 -35.90
C THR H 142 15.04 4.00 -34.41
N GLN H 143 15.50 5.09 -33.79
CA GLN H 143 15.53 5.15 -32.33
C GLN H 143 14.13 5.25 -31.73
N PHE H 144 13.20 5.93 -32.41
CA PHE H 144 11.90 6.18 -31.80
C PHE H 144 11.15 4.90 -31.45
N SER H 145 11.49 3.78 -32.09
CA SER H 145 10.89 2.49 -31.78
C SER H 145 11.61 1.75 -30.65
N MET H 146 12.68 2.33 -30.11
CA MET H 146 13.42 1.68 -29.04
C MET H 146 12.58 1.58 -27.77
N ALA H 147 12.65 0.43 -27.12
CA ALA H 147 11.94 0.23 -25.86
C ALA H 147 12.68 0.93 -24.72
N HIS H 148 11.91 1.45 -23.77
CA HIS H 148 12.46 2.19 -22.65
C HIS H 148 12.80 1.26 -21.48
N GLN H 149 11.80 0.56 -20.95
CA GLN H 149 11.99 -0.37 -19.83
C GLN H 149 11.11 -1.59 -20.09
N ASP H 150 11.73 -2.69 -20.48
CA ASP H 150 11.05 -3.95 -20.73
C ASP H 150 11.80 -5.07 -20.06
N VAL H 151 11.06 -6.09 -19.61
CA VAL H 151 11.69 -7.24 -18.98
C VAL H 151 12.63 -7.93 -19.97
N ARG H 152 12.29 -7.89 -21.26
CA ARG H 152 13.17 -8.39 -22.30
C ARG H 152 14.34 -7.44 -22.48
N TYR H 153 15.45 -7.71 -21.80
CA TYR H 153 16.56 -6.76 -21.79
C TYR H 153 17.11 -6.54 -23.21
N TYR H 154 17.13 -7.58 -24.04
CA TYR H 154 17.66 -7.46 -25.38
C TYR H 154 16.85 -6.54 -26.28
N LEU H 155 15.64 -6.16 -25.88
CA LEU H 155 14.75 -5.35 -26.70
C LEU H 155 14.77 -3.88 -26.33
N ASN H 156 15.63 -3.46 -25.39
CA ASN H 156 15.68 -2.08 -24.93
C ASN H 156 16.85 -1.31 -25.54
N GLY H 157 17.43 -1.80 -26.62
CA GLY H 157 18.54 -1.12 -27.27
C GLY H 157 18.36 -1.04 -28.77
N MET H 158 19.45 -0.76 -29.49
CA MET H 158 19.46 -0.69 -30.93
C MET H 158 20.49 -1.65 -31.49
N LEU H 159 20.09 -2.44 -32.48
CA LEU H 159 20.97 -3.41 -33.11
C LEU H 159 21.68 -2.75 -34.28
N PHE H 160 23.01 -2.64 -34.17
CA PHE H 160 23.85 -2.23 -35.29
C PHE H 160 24.31 -3.49 -36.02
N GLU H 161 24.03 -3.56 -37.32
CA GLU H 161 24.36 -4.72 -38.14
C GLU H 161 25.16 -4.24 -39.34
N THR H 162 26.41 -4.70 -39.42
CA THR H 162 27.29 -4.37 -40.54
C THR H 162 27.48 -5.63 -41.37
N GLU H 163 27.00 -5.60 -42.61
CA GLU H 163 27.13 -6.74 -43.53
C GLU H 163 27.66 -6.22 -44.85
N GLY H 164 28.91 -6.56 -45.16
CA GLY H 164 29.52 -6.09 -46.39
C GLY H 164 29.52 -4.58 -46.44
N GLU H 165 29.00 -4.04 -47.55
CA GLU H 165 28.93 -2.59 -47.73
C GLU H 165 27.73 -1.96 -47.03
N GLU H 166 26.84 -2.76 -46.45
CA GLU H 166 25.60 -2.26 -45.87
C GLU H 166 25.73 -2.09 -44.36
N LEU H 167 25.21 -0.98 -43.85
CA LEU H 167 25.09 -0.73 -42.42
C LEU H 167 23.62 -0.53 -42.10
N ARG H 168 23.16 -1.15 -41.01
CA ARG H 168 21.75 -1.17 -40.66
C ARG H 168 21.59 -0.94 -39.16
N THR H 169 20.51 -0.26 -38.81
CA THR H 169 20.09 -0.07 -37.42
C THR H 169 18.67 -0.58 -37.27
N VAL H 170 18.44 -1.40 -36.25
CA VAL H 170 17.14 -2.01 -36.00
C VAL H 170 16.74 -1.74 -34.56
N ALA H 171 15.45 -1.44 -34.36
CA ALA H 171 14.94 -1.23 -33.00
C ALA H 171 13.50 -1.72 -32.94
N THR H 172 13.07 -2.13 -31.75
CA THR H 172 11.70 -2.57 -31.55
C THR H 172 11.42 -2.65 -30.06
N ASP H 173 10.13 -2.73 -29.73
CA ASP H 173 9.68 -2.86 -28.35
C ASP H 173 8.62 -3.93 -28.19
N GLY H 174 8.49 -4.81 -29.19
CA GLY H 174 7.48 -5.85 -29.19
C GLY H 174 6.17 -5.46 -29.84
N HIS H 175 5.93 -4.16 -30.05
CA HIS H 175 4.74 -3.68 -30.72
C HIS H 175 5.03 -2.96 -32.02
N ARG H 176 6.26 -2.48 -32.23
CA ARG H 176 6.62 -1.76 -33.44
C ARG H 176 8.10 -2.00 -33.71
N LEU H 177 8.44 -2.12 -34.98
CA LEU H 177 9.82 -2.31 -35.43
C LEU H 177 10.18 -1.20 -36.40
N ALA H 178 11.40 -0.68 -36.25
CA ALA H 178 11.96 0.31 -37.17
C ALA H 178 13.32 -0.18 -37.63
N VAL H 179 13.50 -0.28 -38.95
CA VAL H 179 14.75 -0.73 -39.54
C VAL H 179 15.19 0.30 -40.56
N CYS H 180 16.48 0.64 -40.54
CA CYS H 180 17.04 1.62 -41.48
C CYS H 180 18.41 1.11 -41.91
N SER H 181 18.56 0.79 -43.19
CA SER H 181 19.80 0.26 -43.73
C SER H 181 20.18 1.02 -44.98
N MET H 182 21.48 1.15 -45.21
CA MET H 182 21.98 1.77 -46.44
C MET H 182 23.47 1.46 -46.56
N PRO H 183 24.03 1.59 -47.76
CA PRO H 183 25.46 1.31 -47.94
C PRO H 183 26.33 2.38 -47.29
N ILE H 184 27.56 1.98 -46.97
CA ILE H 184 28.55 2.86 -46.38
C ILE H 184 29.76 3.10 -47.28
N GLY H 185 29.95 2.30 -48.33
CA GLY H 185 31.02 2.50 -49.28
C GLY H 185 32.20 1.56 -49.12
N GLN H 186 32.31 0.87 -47.99
CA GLN H 186 33.40 -0.07 -47.74
C GLN H 186 32.85 -1.37 -47.18
N SER H 187 33.47 -2.48 -47.59
CA SER H 187 33.02 -3.79 -47.13
C SER H 187 33.46 -4.02 -45.68
N LEU H 188 32.60 -4.70 -44.93
CA LEU H 188 32.86 -5.01 -43.52
C LEU H 188 32.40 -6.44 -43.25
N PRO H 189 32.96 -7.09 -42.22
CA PRO H 189 32.48 -8.42 -41.85
C PRO H 189 31.05 -8.37 -41.33
N SER H 190 30.37 -9.50 -41.46
CA SER H 190 28.98 -9.63 -40.99
C SER H 190 28.98 -9.69 -39.47
N HIS H 191 28.76 -8.54 -38.83
CA HIS H 191 28.80 -8.43 -37.38
C HIS H 191 27.59 -7.67 -36.87
N SER H 192 26.96 -8.18 -35.82
CA SER H 192 25.79 -7.58 -35.21
C SER H 192 26.05 -7.36 -33.73
N VAL H 193 25.72 -6.16 -33.23
CA VAL H 193 25.88 -5.81 -31.82
C VAL H 193 24.69 -4.99 -31.38
N ILE H 194 24.56 -4.83 -30.06
CA ILE H 194 23.45 -4.11 -29.45
C ILE H 194 24.02 -2.97 -28.61
N VAL H 195 23.55 -1.76 -28.86
CA VAL H 195 23.93 -0.58 -28.09
C VAL H 195 22.77 -0.21 -27.17
N PRO H 196 23.00 0.02 -25.87
CA PRO H 196 21.88 0.26 -24.96
C PRO H 196 21.22 1.63 -25.15
N ARG H 197 20.21 1.92 -24.33
CA ARG H 197 19.52 3.21 -24.40
C ARG H 197 20.49 4.36 -24.19
N LYS H 198 21.28 4.28 -23.11
CA LYS H 198 22.15 5.39 -22.75
C LYS H 198 23.17 5.68 -23.84
N GLY H 199 23.74 4.63 -24.44
CA GLY H 199 24.72 4.86 -25.50
C GLY H 199 24.16 5.63 -26.66
N VAL H 200 22.97 5.23 -27.14
CA VAL H 200 22.36 5.91 -28.28
C VAL H 200 21.97 7.33 -27.91
N ILE H 201 21.41 7.52 -26.71
CA ILE H 201 21.01 8.86 -26.30
C ILE H 201 22.22 9.78 -26.21
N GLU H 202 23.32 9.29 -25.62
CA GLU H 202 24.52 10.09 -25.53
C GLU H 202 25.09 10.40 -26.91
N LEU H 203 25.08 9.41 -27.80
CA LEU H 203 25.56 9.66 -29.16
C LEU H 203 24.73 10.75 -29.85
N MET H 204 23.41 10.69 -29.70
CA MET H 204 22.56 11.69 -30.33
C MET H 204 22.81 13.08 -29.74
N ARG H 205 22.80 13.19 -28.41
CA ARG H 205 22.98 14.50 -27.79
C ARG H 205 24.40 15.03 -27.98
N MET H 206 25.35 14.16 -28.33
CA MET H 206 26.71 14.60 -28.61
C MET H 206 26.95 14.86 -30.09
N LEU H 207 26.24 14.16 -30.97
CA LEU H 207 26.41 14.36 -32.40
C LEU H 207 25.91 15.75 -32.79
N ASP H 208 26.65 16.40 -33.70
CA ASP H 208 26.31 17.74 -34.16
C ASP H 208 26.06 17.82 -35.66
N GLY H 209 26.10 16.70 -36.37
CA GLY H 209 25.86 16.73 -37.81
C GLY H 209 26.87 17.58 -38.56
N GLY H 210 28.13 17.53 -38.16
CA GLY H 210 29.16 18.29 -38.82
C GLY H 210 29.67 17.61 -40.07
N ASP H 211 30.57 18.31 -40.77
CA ASP H 211 31.17 17.78 -41.99
C ASP H 211 32.34 16.85 -41.72
N ASN H 212 32.87 16.83 -40.50
CA ASN H 212 34.00 15.97 -40.19
C ASN H 212 33.50 14.55 -39.91
N PRO H 213 33.93 13.55 -40.69
CA PRO H 213 33.46 12.18 -40.42
C PRO H 213 34.00 11.64 -39.10
N LEU H 214 33.25 10.71 -38.52
CA LEU H 214 33.62 10.08 -37.27
C LEU H 214 33.93 8.61 -37.50
N ARG H 215 34.85 8.08 -36.70
CA ARG H 215 35.26 6.69 -36.79
C ARG H 215 34.61 5.90 -35.66
N VAL H 216 34.03 4.75 -36.00
CA VAL H 216 33.39 3.85 -35.05
C VAL H 216 34.11 2.52 -35.09
N GLN H 217 34.52 2.04 -33.92
CA GLN H 217 35.16 0.74 -33.78
C GLN H 217 34.45 -0.05 -32.68
N ILE H 218 34.07 -1.27 -33.00
CA ILE H 218 33.32 -2.14 -32.10
C ILE H 218 34.21 -3.33 -31.79
N GLY H 219 34.49 -3.53 -30.50
CA GLY H 219 35.29 -4.64 -30.04
C GLY H 219 34.45 -5.82 -29.61
N SER H 220 35.04 -6.67 -28.77
CA SER H 220 34.32 -7.85 -28.29
C SER H 220 33.12 -7.45 -27.45
N ASN H 221 33.28 -6.44 -26.58
CA ASN H 221 32.24 -6.07 -25.62
C ASN H 221 31.79 -4.62 -25.73
N ASN H 222 32.64 -3.71 -26.21
CA ASN H 222 32.37 -2.29 -26.17
C ASN H 222 32.31 -1.71 -27.58
N ILE H 223 31.79 -0.48 -27.65
CA ILE H 223 31.73 0.30 -28.88
C ILE H 223 32.28 1.69 -28.60
N ARG H 224 33.22 2.14 -29.43
CA ARG H 224 33.86 3.43 -29.28
C ARG H 224 33.66 4.24 -30.55
N ALA H 225 33.38 5.54 -30.39
CA ALA H 225 33.20 6.44 -31.51
C ALA H 225 33.98 7.72 -31.25
N HIS H 226 34.82 8.08 -32.22
CA HIS H 226 35.61 9.31 -32.17
C HIS H 226 35.11 10.25 -33.26
N VAL H 227 34.65 11.43 -32.84
CA VAL H 227 34.23 12.49 -33.76
C VAL H 227 35.01 13.75 -33.39
N GLY H 228 35.70 14.32 -34.36
CA GLY H 228 36.52 15.49 -34.12
C GLY H 228 37.52 15.26 -33.00
N ASP H 229 37.34 15.96 -31.89
CA ASP H 229 38.24 15.86 -30.74
C ASP H 229 37.63 15.08 -29.58
N PHE H 230 36.41 14.57 -29.72
CA PHE H 230 35.74 13.81 -28.68
C PHE H 230 35.75 12.33 -29.01
N ILE H 231 35.88 11.50 -27.97
CA ILE H 231 35.78 10.05 -28.10
C ILE H 231 34.90 9.54 -26.97
N PHE H 232 33.82 8.84 -27.32
CA PHE H 232 32.91 8.27 -26.34
C PHE H 232 32.86 6.76 -26.55
N THR H 233 33.02 6.01 -25.46
CA THR H 233 32.98 4.56 -25.51
C THR H 233 31.99 4.05 -24.47
N SER H 234 31.14 3.12 -24.90
CA SER H 234 30.18 2.46 -24.03
C SER H 234 30.35 0.95 -24.15
N LYS H 235 29.69 0.22 -23.25
CA LYS H 235 29.78 -1.23 -23.21
C LYS H 235 28.46 -1.84 -23.70
N LEU H 236 28.56 -2.81 -24.59
CA LEU H 236 27.39 -3.41 -25.22
C LEU H 236 26.74 -4.41 -24.26
N VAL H 237 25.65 -5.04 -24.72
CA VAL H 237 24.91 -6.02 -23.94
C VAL H 237 24.94 -7.39 -24.58
N ASP H 238 24.82 -7.46 -25.91
CA ASP H 238 24.84 -8.72 -26.66
C ASP H 238 23.74 -9.66 -26.15
N GLY H 239 22.51 -9.16 -26.20
CA GLY H 239 21.36 -9.94 -25.77
C GLY H 239 20.73 -10.75 -26.89
N ARG H 240 21.45 -10.94 -28.00
CA ARG H 240 20.97 -11.75 -29.12
C ARG H 240 19.66 -11.18 -29.67
N PHE H 241 19.78 -9.99 -30.25
CA PHE H 241 18.62 -9.29 -30.78
C PHE H 241 17.87 -10.19 -31.77
N PRO H 242 16.54 -10.23 -31.71
CA PRO H 242 15.80 -11.11 -32.64
C PRO H 242 16.05 -10.72 -34.09
N ASP H 243 16.06 -11.74 -34.96
CA ASP H 243 16.22 -11.50 -36.38
C ASP H 243 15.07 -10.65 -36.89
N TYR H 244 15.41 -9.59 -37.64
CA TYR H 244 14.39 -8.66 -38.12
C TYR H 244 13.71 -9.16 -39.39
N ARG H 245 14.28 -10.13 -40.10
CA ARG H 245 13.65 -10.62 -41.32
C ARG H 245 12.32 -11.31 -41.02
N ARG H 246 12.29 -12.13 -39.97
CA ARG H 246 11.08 -12.89 -39.67
C ARG H 246 9.91 -11.98 -39.29
N VAL H 247 10.18 -10.96 -38.46
CA VAL H 247 9.10 -10.11 -37.98
C VAL H 247 8.45 -9.36 -39.14
N LEU H 248 9.21 -9.08 -40.20
CA LEU H 248 8.62 -8.44 -41.36
C LEU H 248 7.57 -9.36 -41.98
N PRO H 249 6.51 -8.81 -42.56
CA PRO H 249 5.49 -9.66 -43.19
C PRO H 249 6.09 -10.47 -44.33
N LYS H 250 5.63 -11.71 -44.46
CA LYS H 250 6.12 -12.62 -45.48
C LYS H 250 5.25 -12.48 -46.73
N ASN H 251 5.77 -11.76 -47.73
CA ASN H 251 5.07 -11.56 -48.99
C ASN H 251 3.72 -10.92 -48.74
N PRO H 252 3.67 -9.66 -48.29
CA PRO H 252 2.37 -8.99 -48.10
C PRO H 252 1.75 -8.64 -49.45
N ASP H 253 0.59 -9.23 -49.73
CA ASP H 253 -0.04 -9.07 -51.03
C ASP H 253 -0.72 -7.72 -51.18
N LYS H 254 -1.34 -7.21 -50.12
CA LYS H 254 -2.18 -6.01 -50.23
C LYS H 254 -1.31 -4.77 -50.01
N HIS H 255 -1.06 -4.02 -51.08
CA HIS H 255 -0.25 -2.82 -51.04
C HIS H 255 -1.11 -1.62 -51.37
N LEU H 256 -0.99 -0.56 -50.57
CA LEU H 256 -1.75 0.67 -50.77
C LEU H 256 -0.82 1.87 -50.63
N GLU H 257 -0.90 2.80 -51.57
CA GLU H 257 -0.09 4.01 -51.57
C GLU H 257 -0.95 5.20 -51.15
N ALA H 258 -0.35 6.12 -50.40
CA ALA H 258 -1.06 7.29 -49.91
C ALA H 258 -0.09 8.45 -49.80
N GLY H 259 -0.66 9.66 -49.71
CA GLY H 259 0.15 10.84 -49.49
C GLY H 259 0.52 10.96 -48.03
N CYS H 260 1.80 11.20 -47.76
CA CYS H 260 2.27 11.26 -46.38
C CYS H 260 1.60 12.39 -45.61
N ASP H 261 1.50 13.57 -46.23
CA ASP H 261 0.89 14.71 -45.54
C ASP H 261 -0.58 14.44 -45.26
N LEU H 262 -1.33 13.98 -46.27
CA LEU H 262 -2.76 13.71 -46.08
C LEU H 262 -2.96 12.64 -45.01
N LEU H 263 -2.18 11.56 -45.07
CA LEU H 263 -2.33 10.47 -44.12
C LEU H 263 -2.02 10.94 -42.70
N LYS H 264 -0.92 11.69 -42.53
CA LYS H 264 -0.56 12.16 -41.21
C LYS H 264 -1.61 13.12 -40.65
N GLN H 265 -2.13 14.01 -41.49
CA GLN H 265 -3.18 14.92 -41.05
C GLN H 265 -4.42 14.16 -40.64
N ALA H 266 -4.81 13.14 -41.43
CA ALA H 266 -5.99 12.36 -41.08
C ALA H 266 -5.80 11.63 -39.76
N PHE H 267 -4.64 11.02 -39.56
CA PHE H 267 -4.40 10.31 -38.31
C PHE H 267 -4.38 11.28 -37.11
N ALA H 268 -3.77 12.46 -37.30
CA ALA H 268 -3.76 13.44 -36.22
C ALA H 268 -5.17 13.88 -35.88
N ARG H 269 -6.00 14.12 -36.89
CA ARG H 269 -7.39 14.53 -36.64
C ARG H 269 -8.18 13.41 -35.97
N ALA H 270 -7.90 12.15 -36.30
CA ALA H 270 -8.60 11.04 -35.65
C ALA H 270 -8.14 10.87 -34.21
N ALA H 271 -6.87 11.14 -33.92
CA ALA H 271 -6.32 10.86 -32.60
C ALA H 271 -6.95 11.69 -31.50
N ILE H 272 -7.57 12.82 -31.82
CA ILE H 272 -8.11 13.70 -30.78
C ILE H 272 -9.22 13.00 -30.01
N LEU H 273 -10.11 12.30 -30.70
CA LEU H 273 -11.24 11.64 -30.08
C LEU H 273 -10.96 10.18 -29.73
N SER H 274 -9.76 9.67 -30.03
CA SER H 274 -9.44 8.30 -29.70
C SER H 274 -9.17 8.16 -28.20
N ASN H 275 -9.14 6.91 -27.74
CA ASN H 275 -8.89 6.63 -26.34
C ASN H 275 -7.55 7.22 -25.92
N GLU H 276 -7.59 8.14 -24.96
CA GLU H 276 -6.38 8.86 -24.57
C GLU H 276 -5.32 7.95 -23.96
N LYS H 277 -5.72 6.77 -23.46
CA LYS H 277 -4.78 5.81 -22.89
C LYS H 277 -4.45 4.69 -23.86
N PHE H 278 -5.47 4.03 -24.42
CA PHE H 278 -5.24 2.96 -25.37
C PHE H 278 -4.79 3.50 -26.72
N ARG H 279 -5.37 4.64 -27.15
CA ARG H 279 -4.98 5.29 -28.40
C ARG H 279 -5.12 4.34 -29.58
N GLY H 280 -6.23 3.60 -29.63
CA GLY H 280 -6.49 2.65 -30.69
C GLY H 280 -7.43 3.22 -31.74
N VAL H 281 -7.16 2.89 -33.00
CA VAL H 281 -7.98 3.33 -34.12
C VAL H 281 -8.22 2.14 -35.04
N ARG H 282 -9.30 2.25 -35.83
CA ARG H 282 -9.68 1.24 -36.80
C ARG H 282 -9.60 1.81 -38.20
N LEU H 283 -9.10 1.00 -39.14
CA LEU H 283 -8.94 1.40 -40.53
C LEU H 283 -9.72 0.42 -41.39
N TYR H 284 -10.79 0.90 -42.02
CA TYR H 284 -11.52 0.13 -43.02
C TYR H 284 -10.92 0.47 -44.38
N VAL H 285 -10.14 -0.45 -44.93
CA VAL H 285 -9.48 -0.26 -46.21
C VAL H 285 -10.28 -0.96 -47.28
N SER H 286 -10.63 -0.23 -48.34
CA SER H 286 -11.39 -0.75 -49.46
C SER H 286 -10.86 -0.13 -50.74
N GLU H 287 -11.50 -0.45 -51.87
CA GLU H 287 -11.01 -0.01 -53.17
C GLU H 287 -10.87 1.50 -53.21
N ASN H 288 -9.63 1.99 -53.25
CA ASN H 288 -9.35 3.42 -53.30
C ASN H 288 -10.07 4.17 -52.18
N GLN H 289 -10.08 3.58 -50.99
CA GLN H 289 -10.80 4.18 -49.87
C GLN H 289 -10.15 3.75 -48.55
N LEU H 290 -9.98 4.70 -47.65
CA LEU H 290 -9.45 4.42 -46.32
C LEU H 290 -10.31 5.18 -45.31
N LYS H 291 -11.13 4.48 -44.55
CA LYS H 291 -11.98 5.08 -43.54
C LYS H 291 -11.35 4.88 -42.18
N ILE H 292 -10.96 5.97 -41.53
CA ILE H 292 -10.34 5.93 -40.21
C ILE H 292 -11.41 6.24 -39.18
N THR H 293 -11.54 5.37 -38.18
CA THR H 293 -12.53 5.52 -37.12
C THR H 293 -11.84 5.42 -35.78
N ALA H 294 -12.36 6.18 -34.81
CA ALA H 294 -11.83 6.19 -33.46
C ALA H 294 -12.98 6.32 -32.47
N ASN H 295 -12.83 5.67 -31.32
CA ASN H 295 -13.83 5.69 -30.26
C ASN H 295 -13.15 6.03 -28.94
N ASN H 296 -13.98 6.40 -27.97
CA ASN H 296 -13.55 6.83 -26.65
C ASN H 296 -14.34 6.05 -25.61
N PRO H 297 -13.83 5.95 -24.37
CA PRO H 297 -14.63 5.32 -23.32
C PRO H 297 -15.96 6.00 -23.09
N GLU H 298 -16.06 7.30 -23.39
CA GLU H 298 -17.32 8.02 -23.36
C GLU H 298 -18.15 7.79 -24.61
N GLN H 299 -17.72 6.89 -25.50
CA GLN H 299 -18.44 6.59 -26.74
C GLN H 299 -18.49 7.82 -27.64
N GLU H 300 -17.32 8.41 -27.88
CA GLU H 300 -17.17 9.56 -28.77
C GLU H 300 -16.60 9.04 -30.10
N GLU H 301 -17.42 9.06 -31.14
CA GLU H 301 -17.06 8.49 -32.43
C GLU H 301 -16.49 9.57 -33.34
N ALA H 302 -15.32 9.30 -33.91
CA ALA H 302 -14.69 10.19 -34.87
C ALA H 302 -14.42 9.39 -36.14
N GLU H 303 -14.95 9.85 -37.27
CA GLU H 303 -14.84 9.15 -38.55
C GLU H 303 -14.32 10.10 -39.61
N GLU H 304 -13.47 9.59 -40.49
CA GLU H 304 -13.01 10.36 -41.63
C GLU H 304 -12.68 9.42 -42.78
N ILE H 305 -12.71 9.97 -43.99
CA ILE H 305 -12.52 9.20 -45.21
C ILE H 305 -11.40 9.83 -46.01
N LEU H 306 -10.51 8.98 -46.53
CA LEU H 306 -9.37 9.42 -47.33
C LEU H 306 -9.34 8.63 -48.63
N ASP H 307 -8.99 9.31 -49.72
CA ASP H 307 -8.91 8.70 -51.03
C ASP H 307 -7.45 8.32 -51.29
N VAL H 308 -7.22 7.04 -51.57
CA VAL H 308 -5.90 6.50 -51.83
C VAL H 308 -5.98 5.58 -53.04
N THR H 309 -4.86 4.94 -53.37
CA THR H 309 -4.78 3.96 -54.44
C THR H 309 -4.66 2.58 -53.81
N TYR H 310 -5.58 1.68 -54.18
CA TYR H 310 -5.60 0.35 -53.59
C TYR H 310 -6.50 -0.57 -54.40
N SER H 311 -6.00 -1.74 -54.79
CA SER H 311 -6.71 -2.66 -55.66
C SER H 311 -7.10 -3.96 -54.95
N GLY H 312 -6.98 -4.02 -53.62
CA GLY H 312 -7.31 -5.22 -52.88
C GLY H 312 -8.77 -5.27 -52.46
N ALA H 313 -9.08 -6.25 -51.63
CA ALA H 313 -10.43 -6.44 -51.12
C ALA H 313 -10.67 -5.45 -49.97
N GLU H 314 -11.76 -5.66 -49.24
CA GLU H 314 -12.10 -4.82 -48.10
C GLU H 314 -11.70 -5.52 -46.81
N MET H 315 -11.04 -4.78 -45.91
CA MET H 315 -10.60 -5.36 -44.64
C MET H 315 -10.60 -4.27 -43.57
N GLU H 316 -10.57 -4.73 -42.31
CA GLU H 316 -10.55 -3.84 -41.15
C GLU H 316 -9.31 -4.17 -40.31
N ILE H 317 -8.50 -3.16 -40.03
CA ILE H 317 -7.25 -3.33 -39.30
C ILE H 317 -7.22 -2.39 -38.11
N GLY H 318 -6.88 -2.92 -36.94
CA GLY H 318 -6.70 -2.09 -35.75
C GLY H 318 -5.25 -1.67 -35.61
N PHE H 319 -5.06 -0.45 -35.11
CA PHE H 319 -3.72 0.11 -34.96
C PHE H 319 -3.66 0.98 -33.70
N ASN H 320 -2.44 1.22 -33.25
CA ASN H 320 -2.16 2.24 -32.23
C ASN H 320 -1.81 3.52 -32.97
N VAL H 321 -2.64 4.55 -32.81
CA VAL H 321 -2.47 5.77 -33.60
C VAL H 321 -1.15 6.45 -33.25
N SER H 322 -0.71 6.36 -31.99
CA SER H 322 0.54 7.01 -31.60
C SER H 322 1.73 6.42 -32.35
N TYR H 323 1.78 5.09 -32.48
CA TYR H 323 2.89 4.47 -33.20
C TYR H 323 2.87 4.84 -34.68
N VAL H 324 1.69 4.86 -35.30
CA VAL H 324 1.60 5.25 -36.70
C VAL H 324 2.05 6.69 -36.88
N LEU H 325 1.64 7.58 -35.96
CA LEU H 325 2.06 8.97 -36.04
C LEU H 325 3.56 9.10 -35.90
N ASP H 326 4.16 8.34 -34.97
CA ASP H 326 5.61 8.37 -34.82
C ASP H 326 6.32 7.89 -36.08
N VAL H 327 5.81 6.82 -36.68
CA VAL H 327 6.41 6.30 -37.91
C VAL H 327 6.33 7.34 -39.02
N LEU H 328 5.17 7.97 -39.17
CA LEU H 328 5.02 8.99 -40.21
C LEU H 328 5.94 10.18 -39.95
N ASN H 329 6.06 10.60 -38.68
CA ASN H 329 6.95 11.71 -38.36
C ASN H 329 8.40 11.37 -38.67
N ALA H 330 8.82 10.15 -38.35
CA ALA H 330 10.18 9.73 -38.66
C ALA H 330 10.38 9.42 -40.13
N LEU H 331 9.30 9.32 -40.92
CA LEU H 331 9.42 8.99 -42.33
C LEU H 331 9.90 10.19 -43.14
N LYS H 332 9.14 11.29 -43.11
CA LYS H 332 9.50 12.52 -43.81
C LYS H 332 9.70 12.27 -45.30
N CYS H 333 8.62 11.85 -45.95
CA CYS H 333 8.63 11.61 -47.39
C CYS H 333 7.30 12.09 -47.98
N GLU H 334 7.22 12.07 -49.29
CA GLU H 334 6.02 12.54 -50.00
C GLU H 334 4.99 11.44 -50.19
N ASN H 335 5.42 10.18 -50.21
CA ASN H 335 4.53 9.05 -50.45
C ASN H 335 4.79 7.97 -49.41
N VAL H 336 3.74 7.24 -49.03
CA VAL H 336 3.83 6.18 -48.05
C VAL H 336 3.13 4.94 -48.61
N ARG H 337 3.83 3.81 -48.58
CA ARG H 337 3.29 2.54 -49.03
C ARG H 337 3.08 1.64 -47.82
N MET H 338 1.86 1.12 -47.68
CA MET H 338 1.51 0.22 -46.60
C MET H 338 1.22 -1.16 -47.18
N MET H 339 1.91 -2.17 -46.67
CA MET H 339 1.76 -3.55 -47.11
C MET H 339 1.16 -4.37 -45.98
N LEU H 340 0.18 -5.21 -46.31
CA LEU H 340 -0.48 -6.02 -45.31
C LEU H 340 -1.07 -7.25 -45.97
N THR H 341 -1.38 -8.24 -45.13
CA THR H 341 -1.98 -9.51 -45.56
C THR H 341 -3.41 -9.67 -45.06
N ASP H 342 -3.63 -9.49 -43.77
CA ASP H 342 -4.96 -9.66 -43.19
C ASP H 342 -5.02 -8.86 -41.89
N SER H 343 -6.20 -8.82 -41.28
CA SER H 343 -6.42 -8.01 -40.09
C SER H 343 -5.62 -8.50 -38.88
N VAL H 344 -5.11 -9.74 -38.92
CA VAL H 344 -4.44 -10.33 -37.77
C VAL H 344 -2.97 -10.52 -38.07
N SER H 345 -2.41 -9.65 -38.92
CA SER H 345 -1.00 -9.72 -39.28
C SER H 345 -0.36 -8.34 -39.19
N SER H 346 0.95 -8.33 -38.94
CA SER H 346 1.68 -7.08 -38.87
C SER H 346 1.65 -6.36 -40.21
N VAL H 347 1.61 -5.04 -40.16
CA VAL H 347 1.52 -4.19 -41.34
C VAL H 347 2.81 -3.40 -41.49
N GLN H 348 3.37 -3.42 -42.70
CA GLN H 348 4.65 -2.78 -42.98
C GLN H 348 4.42 -1.44 -43.66
N ILE H 349 5.30 -0.48 -43.35
CA ILE H 349 5.22 0.87 -43.89
C ILE H 349 6.58 1.22 -44.49
N GLU H 350 6.58 1.71 -45.72
CA GLU H 350 7.81 2.08 -46.41
C GLU H 350 7.52 3.30 -47.30
N ASP H 351 8.51 3.70 -48.08
CA ASP H 351 8.40 4.79 -49.04
C ASP H 351 8.64 4.25 -50.44
N ALA H 352 7.86 4.76 -51.40
CA ALA H 352 8.05 4.35 -52.78
C ALA H 352 9.35 4.92 -53.35
N ALA H 353 9.72 6.14 -52.92
CA ALA H 353 10.92 6.76 -53.45
C ALA H 353 12.18 5.96 -53.10
N SER H 354 12.29 5.50 -51.86
CA SER H 354 13.47 4.78 -51.42
C SER H 354 13.08 3.80 -50.32
N GLN H 355 13.55 2.56 -50.44
CA GLN H 355 13.28 1.51 -49.47
C GLN H 355 14.42 1.34 -48.47
N SER H 356 15.24 2.37 -48.28
CA SER H 356 16.35 2.27 -47.33
C SER H 356 15.85 2.05 -45.90
N ALA H 357 14.61 2.43 -45.60
CA ALA H 357 14.05 2.28 -44.27
C ALA H 357 12.67 1.64 -44.37
N ALA H 358 12.30 0.91 -43.33
CA ALA H 358 11.00 0.25 -43.25
C ALA H 358 10.57 0.19 -41.80
N TYR H 359 9.26 0.05 -41.60
CA TYR H 359 8.69 -0.05 -40.28
C TYR H 359 7.60 -1.11 -40.28
N VAL H 360 7.34 -1.67 -39.11
CA VAL H 360 6.32 -2.70 -38.94
C VAL H 360 5.51 -2.38 -37.69
N VAL H 361 4.19 -2.50 -37.80
CA VAL H 361 3.27 -2.23 -36.71
C VAL H 361 2.42 -3.47 -36.48
N MET H 362 2.33 -3.89 -35.21
CA MET H 362 1.49 -5.03 -34.82
C MET H 362 0.06 -4.56 -34.59
N PRO H 363 -0.95 -5.15 -35.23
CA PRO H 363 -2.31 -4.63 -35.11
C PRO H 363 -2.90 -4.86 -33.72
N MET H 364 -4.16 -4.45 -33.54
CA MET H 364 -4.86 -4.60 -32.28
C MET H 364 -5.88 -5.73 -32.39
N ARG H 365 -5.87 -6.63 -31.42
CA ARG H 365 -6.84 -7.71 -31.32
C ARG H 365 -7.68 -7.51 -30.08
N LEU H 366 -9.00 -7.57 -30.25
CA LEU H 366 -9.93 -7.38 -29.13
C LEU H 366 -10.75 -8.64 -28.91
PG AGS I . -25.72 9.29 6.00
S1G AGS I . -24.37 8.14 6.80
O2G AGS I . -25.55 9.30 4.46
O3G AGS I . -25.56 10.74 6.54
PB AGS I . -28.32 9.81 6.54
O1B AGS I . -28.34 10.33 7.92
O2B AGS I . -28.08 10.89 5.49
O3B AGS I . -27.14 8.77 6.36
PA AGS I . -30.64 9.93 5.14
O1A AGS I . -31.13 11.20 5.73
O2A AGS I . -29.81 10.12 3.86
O3A AGS I . -29.71 9.15 6.16
O5' AGS I . -31.87 8.98 4.89
C5' AGS I . -32.10 8.41 3.59
C4' AGS I . -33.58 8.06 3.49
O4' AGS I . -33.97 7.32 4.66
C3' AGS I . -34.51 9.26 3.42
O3' AGS I . -34.71 9.67 2.07
C2' AGS I . -35.79 8.71 4.05
O2' AGS I . -36.59 7.99 3.11
C1' AGS I . -35.23 7.76 5.12
N9 AGS I . -35.05 8.39 6.43
C8 AGS I . -33.88 8.51 7.12
N7 AGS I . -34.00 9.12 8.28
C5 AGS I . -35.35 9.42 8.34
C6 AGS I . -36.13 10.08 9.31
N6 AGS I . -35.63 10.56 10.46
N1 AGS I . -37.45 10.23 9.06
C2 AGS I . -37.95 9.75 7.92
N3 AGS I . -37.31 9.11 6.93
C4 AGS I . -36.00 8.98 7.20
H5'1 AGS I . -31.57 7.59 3.48
H5'2 AGS I . -31.87 9.04 2.90
H4' AGS I . -33.70 7.51 2.70
H3' AGS I . -34.16 9.98 3.96
HO3' AGS I . -34.12 9.28 1.55
H2' AGS I . -36.30 9.43 4.46
HO2' AGS I . -36.36 8.24 2.29
H1' AGS I . -35.83 7.00 5.21
H8 AGS I . -33.03 8.17 6.81
HN61 AGS I . -34.75 10.48 10.64
HN62 AGS I . -36.19 10.97 11.06
H2 AGS I . -38.90 9.88 7.79
MG MG J . -26.31 11.25 4.41
ZN ZN K . -40.88 27.42 0.19
PG AGS L . -15.79 -14.34 -8.94
S1G AGS L . -14.15 -15.01 -8.13
O2G AGS L . -15.60 -12.84 -9.31
O3G AGS L . -16.95 -14.49 -7.92
PB AGS L . -17.62 -15.46 -10.58
O1B AGS L . -18.40 -15.75 -9.37
O2B AGS L . -18.10 -14.23 -11.35
O3B AGS L . -16.11 -15.18 -10.20
PA AGS L . -18.61 -16.58 -12.87
O1A AGS L . -19.92 -15.98 -12.53
O2A AGS L . -17.83 -15.81 -13.94
O3A AGS L . -17.68 -16.66 -11.60
O5' AGS L . -18.85 -18.07 -13.31
C5' AGS L . -17.79 -18.87 -13.85
C4' AGS L . -18.36 -19.96 -14.72
O4' AGS L . -18.77 -21.07 -13.89
C3' AGS L . -19.58 -19.58 -15.54
O3' AGS L . -19.19 -19.13 -16.84
C2' AGS L . -20.38 -20.89 -15.60
O2' AGS L . -19.91 -21.73 -16.64
C1' AGS L . -20.08 -21.49 -14.23
N9 AGS L . -20.98 -21.06 -13.16
C8 AGS L . -20.63 -20.49 -11.97
N7 AGS L . -21.64 -20.20 -11.19
C5 AGS L . -22.75 -20.60 -11.94
C6 AGS L . -24.12 -20.56 -11.67
N6 AGS L . -24.65 -20.08 -10.54
N1 AGS L . -24.96 -21.03 -12.62
C2 AGS L . -24.44 -21.51 -13.75
N3 AGS L . -23.15 -21.61 -14.12
C4 AGS L . -22.35 -21.13 -13.15
H5'1 AGS L . -17.28 -19.27 -13.12
H5'2 AGS L . -17.19 -18.31 -14.37
H4' AGS L . -17.65 -20.27 -15.32
H3' AGS L . -20.11 -18.90 -15.09
HO3' AGS L . -18.88 -18.30 -16.79
H2' AGS L . -21.32 -20.71 -15.70
HO2' AGS L . -19.46 -21.26 -17.24
H1' AGS L . -20.10 -22.45 -14.29
H8 AGS L . -19.70 -20.33 -11.71
HN61 AGS L . -24.29 -19.35 -10.15
HN62 AGS L . -25.38 -20.48 -10.17
H2 AGS L . -25.08 -21.84 -14.40
MG MG M . -16.97 -12.26 -10.70
ZN ZN N . -32.67 -9.08 -26.14
PG AGS O . 12.48 -23.69 -9.25
S1G AGS O . 13.69 -23.40 -7.75
O2G AGS O . 12.47 -22.44 -10.16
O3G AGS O . 11.04 -23.95 -8.71
PB AGS O . 11.97 -25.68 -11.03
O1B AGS O . 10.82 -26.24 -10.29
O2B AGS O . 11.55 -24.65 -12.08
O3B AGS O . 12.97 -24.94 -10.06
PA AGS O . 13.79 -26.46 -12.93
O1A AGS O . 13.51 -27.18 -14.19
O2A AGS O . 13.79 -24.93 -13.07
O3A AGS O . 12.71 -26.83 -11.83
O5' AGS O . 15.18 -26.98 -12.36
C5' AGS O . 16.44 -26.56 -12.94
C4' AGS O . 17.13 -27.75 -13.55
O4' AGS O . 16.88 -28.92 -12.75
C3' AGS O . 16.66 -28.12 -14.96
O3' AGS O . 17.37 -27.39 -15.95
C2' AGS O . 16.98 -29.62 -15.01
O2' AGS O . 18.33 -29.86 -15.36
C1' AGS O . 16.69 -30.06 -13.58
N9 AGS O . 15.34 -30.56 -13.35
C8 AGS O . 14.46 -30.16 -12.38
N7 AGS O . 13.32 -30.79 -12.41
C5 AGS O . 13.44 -31.66 -13.48
C6 AGS O . 12.56 -32.61 -14.04
N6 AGS O . 11.33 -32.84 -13.58
N1 AGS O . 13.00 -33.32 -15.10
C2 AGS O . 14.23 -33.10 -15.56
N3 AGS O . 15.14 -32.23 -15.12
C4 AGS O . 14.69 -31.54 -14.07
H5'1 AGS O . 17.02 -26.19 -12.24
H5'2 AGS O . 16.28 -25.89 -13.62
H4' AGS O . 18.09 -27.58 -13.57
H3' AGS O . 15.71 -27.97 -15.03
HO3' AGS O . 17.95 -26.84 -15.56
H2' AGS O . 16.38 -30.06 -15.63
HO2' AGS O . 18.63 -29.21 -15.89
H1' AGS O . 17.34 -30.75 -13.33
H8 AGS O . 14.67 -29.48 -11.73
HN61 AGS O . 10.72 -32.17 -13.56
HN62 AGS O . 11.10 -33.67 -13.28
H2 AGS O . 14.50 -33.63 -16.32
MG MG P . 11.92 -22.30 -12.11
ZN ZN Q . 9.57 -26.36 -34.00
ZN ZN R . 46.44 -8.82 -11.70
#